data_4X0O
#
_entry.id   4X0O
#
_cell.length_a   61.763
_cell.length_b   86.980
_cell.length_c   157.342
_cell.angle_alpha   90.060
_cell.angle_beta   89.960
_cell.angle_gamma   90.080
#
_symmetry.space_group_name_H-M   'P 1'
#
loop_
_entity.id
_entity.type
_entity.pdbx_description
1 polymer '3-oxoacyl-[acyl-carrier-protein] synthase 3 protein 2'
2 polymer '3-oxoacyl-[acyl-carrier-protein] synthase 3 protein 2'
3 non-polymer 'COENZYME A'
4 non-polymer 'SODIUM ION'
5 non-polymer 'MALONATE ION'
6 water water
#
loop_
_entity_poly.entity_id
_entity_poly.type
_entity_poly.pdbx_seq_one_letter_code
_entity_poly.pdbx_strand_id
1 'polypeptide(L)'
;MTQCYAEITGWGKCLPPATLSNHDLSTFLDTSDEWIQSRTGIEQRRISHVNTSDLATVAAQHAIACAGVSVEEIDLIIVA
TCSPDSLIPNIASRVQQNLGIPSAAAFDLNAA(SCY)TGFLYGLETATRLMQASHYRHALVIGAERLSFYLDWTKRDTAV
LFGDGAGAVVLSKTEQKVGLQDAQIGCDAQGRDILAVPKFGTAMDRFDADNGYWAFDFVGKEIFKRAVRGMGAAAQQVLA
RSGLSTEEIDVVIPHQANIRIIQTLCDLAGIAQDKAFVNIHRYGNTSAATVPIALCEALEQGKIKPHDDLLVAAFGAGLT
WGAGHIRWGERITPLGKSDAQLPSCDHTALDLLSKAIEHCKRHQSE
;
A,B,C,E,F,G,H
2 'polypeptide(L)'
;MTQCYAEITGWGKCLPPATLSNHDLSTFLDTSDEWIQSRTGIEQRRISHVNTSDLATVAAQHAIACAGVSVEEIDLIIVA
TCSPDSLIPNIASRVQQNLGIPSAAAFDLNAACTGFLYGLETATRLMQASHYRHALVIGAERLSFYLDWTKRDTAVLFGD
GAGAVVLSKTEQKVGLQDAQIGCDAQGRDILAVPKFGTAMDRFDADNGYWAFDFVGKEIFKRAVRGMGAAAQQVLARSGL
STEEIDVVIPHQANIRIIQTLCDLAGIAQDKAFVNIHRYGNTSAATVPIALCEALEQGKIKPHDDLLVAAFGAGLTWGAG
HIRWGERITPLGKSDAQLPSCDHTALDLLSKAIEHCKRHQSE
;
D
#
loop_
_chem_comp.id
_chem_comp.type
_chem_comp.name
_chem_comp.formula
COA non-polymer 'COENZYME A' 'C21 H36 N7 O16 P3 S'
MLI non-polymer 'MALONATE ION' 'C3 H2 O4 -2'
NA non-polymer 'SODIUM ION' 'Na 1'
#
# COMPACT_ATOMS: atom_id res chain seq x y z
N THR A 2 -24.00 -25.22 -18.11
CA THR A 2 -23.88 -26.66 -18.50
C THR A 2 -24.76 -27.00 -19.73
N GLN A 3 -24.15 -27.63 -20.74
CA GLN A 3 -24.81 -27.88 -22.02
C GLN A 3 -25.83 -29.01 -21.93
N CYS A 4 -27.04 -28.75 -22.41
CA CYS A 4 -28.13 -29.72 -22.36
C CYS A 4 -28.70 -29.96 -23.74
N TYR A 5 -29.52 -30.99 -23.85
CA TYR A 5 -30.06 -31.43 -25.13
C TYR A 5 -31.49 -31.90 -24.98
N ALA A 6 -32.23 -31.88 -26.08
CA ALA A 6 -33.62 -32.37 -26.09
C ALA A 6 -33.71 -33.65 -26.91
N GLU A 7 -33.69 -34.78 -26.22
CA GLU A 7 -33.73 -36.09 -26.87
C GLU A 7 -35.15 -36.44 -27.29
N ILE A 8 -35.28 -37.03 -28.46
CA ILE A 8 -36.57 -37.45 -28.93
C ILE A 8 -36.82 -38.82 -28.32
N THR A 9 -37.67 -38.85 -27.30
CA THR A 9 -37.93 -40.08 -26.56
C THR A 9 -39.29 -40.70 -26.89
N GLY A 10 -40.13 -39.99 -27.63
CA GLY A 10 -41.44 -40.51 -28.01
C GLY A 10 -41.84 -40.02 -29.39
N TRP A 11 -42.54 -40.88 -30.11
CA TRP A 11 -43.01 -40.60 -31.47
C TRP A 11 -44.38 -41.23 -31.66
N GLY A 12 -45.19 -40.64 -32.53
CA GLY A 12 -46.57 -41.09 -32.70
C GLY A 12 -47.21 -40.42 -33.88
N LYS A 13 -48.26 -41.04 -34.39
CA LYS A 13 -48.93 -40.54 -35.59
C LYS A 13 -50.44 -40.77 -35.48
N CYS A 14 -51.20 -40.02 -36.26
CA CYS A 14 -52.64 -40.26 -36.39
C CYS A 14 -53.01 -39.94 -37.81
N LEU A 15 -53.34 -40.99 -38.55
CA LEU A 15 -53.86 -40.87 -39.90
C LEU A 15 -55.32 -41.22 -39.86
N PRO A 16 -56.19 -40.32 -40.33
CA PRO A 16 -57.61 -40.71 -40.39
C PRO A 16 -57.85 -41.80 -41.43
N PRO A 17 -58.89 -42.61 -41.25
CA PRO A 17 -59.06 -43.83 -42.08
C PRO A 17 -59.59 -43.59 -43.50
N ALA A 18 -60.43 -42.57 -43.71
CA ALA A 18 -61.04 -42.35 -45.04
C ALA A 18 -59.97 -41.98 -46.07
N THR A 19 -59.91 -42.76 -47.15
CA THR A 19 -58.82 -42.68 -48.12
C THR A 19 -59.33 -42.16 -49.46
N LEU A 20 -58.71 -41.10 -49.95
CA LEU A 20 -59.02 -40.54 -51.27
C LEU A 20 -57.95 -40.98 -52.27
N SER A 21 -58.35 -41.83 -53.21
CA SER A 21 -57.45 -42.38 -54.21
C SER A 21 -57.34 -41.42 -55.39
N ASN A 22 -56.35 -41.65 -56.24
CA ASN A 22 -56.17 -40.86 -57.45
C ASN A 22 -57.37 -41.05 -58.39
N HIS A 23 -57.87 -42.28 -58.45
CA HIS A 23 -59.06 -42.57 -59.25
C HIS A 23 -60.29 -41.83 -58.73
N ASP A 24 -60.44 -41.77 -57.41
CA ASP A 24 -61.53 -40.98 -56.78
C ASP A 24 -61.54 -39.54 -57.28
N LEU A 25 -60.37 -38.92 -57.32
CA LEU A 25 -60.23 -37.56 -57.84
C LEU A 25 -60.54 -37.47 -59.33
N SER A 26 -60.24 -38.56 -60.04
CA SER A 26 -60.44 -38.64 -61.48
C SER A 26 -61.91 -38.60 -61.91
N THR A 27 -62.83 -38.90 -60.98
CA THR A 27 -64.25 -38.93 -61.29
C THR A 27 -64.89 -37.54 -61.36
N PHE A 28 -64.33 -36.56 -60.65
CA PHE A 28 -64.90 -35.20 -60.63
C PHE A 28 -63.91 -34.13 -61.11
N LEU A 29 -62.81 -34.55 -61.71
CA LEU A 29 -61.72 -33.64 -62.07
C LEU A 29 -60.98 -34.13 -63.33
N ASP A 30 -60.52 -33.21 -64.18
CA ASP A 30 -59.76 -33.59 -65.38
C ASP A 30 -58.31 -33.97 -65.04
N THR A 31 -58.17 -35.13 -64.40
CA THR A 31 -56.87 -35.64 -64.00
C THR A 31 -56.87 -37.17 -64.00
N SER A 32 -55.72 -37.75 -63.74
CA SER A 32 -55.57 -39.21 -63.80
C SER A 32 -54.53 -39.70 -62.78
N ASP A 33 -54.67 -40.97 -62.39
CA ASP A 33 -53.69 -41.66 -61.55
C ASP A 33 -52.30 -41.63 -62.20
N GLU A 34 -52.26 -41.79 -63.53
CA GLU A 34 -50.99 -41.76 -64.28
C GLU A 34 -50.26 -40.43 -64.13
N TRP A 35 -50.99 -39.32 -64.32
CA TRP A 35 -50.38 -38.00 -64.22
C TRP A 35 -49.92 -37.70 -62.79
N ILE A 36 -50.80 -37.97 -61.83
CA ILE A 36 -50.53 -37.64 -60.43
C ILE A 36 -49.36 -38.45 -59.87
N GLN A 37 -49.38 -39.76 -60.12
CA GLN A 37 -48.34 -40.63 -59.58
C GLN A 37 -46.98 -40.36 -60.21
N SER A 38 -46.96 -40.06 -61.51
CA SER A 38 -45.69 -39.79 -62.20
C SER A 38 -45.10 -38.40 -61.88
N ARG A 39 -45.95 -37.40 -61.70
CA ARG A 39 -45.47 -36.02 -61.42
C ARG A 39 -45.18 -35.81 -59.94
N THR A 40 -45.95 -36.43 -59.06
CA THR A 40 -45.88 -36.17 -57.61
C THR A 40 -45.45 -37.36 -56.75
N GLY A 41 -45.69 -38.58 -57.22
CA GLY A 41 -45.51 -39.79 -56.42
C GLY A 41 -46.72 -40.18 -55.57
N ILE A 42 -47.73 -39.31 -55.49
CA ILE A 42 -48.87 -39.55 -54.59
C ILE A 42 -49.82 -40.54 -55.24
N GLU A 43 -50.31 -41.49 -54.45
CA GLU A 43 -51.35 -42.44 -54.89
C GLU A 43 -52.63 -42.31 -54.06
N GLN A 44 -52.46 -42.05 -52.75
CA GLN A 44 -53.58 -41.89 -51.84
C GLN A 44 -53.30 -40.74 -50.87
N ARG A 45 -54.37 -40.18 -50.32
CA ARG A 45 -54.26 -39.30 -49.14
C ARG A 45 -55.41 -39.59 -48.22
N ARG A 46 -55.28 -39.13 -46.99
CA ARG A 46 -56.32 -39.33 -46.00
C ARG A 46 -57.14 -38.05 -45.84
N ILE A 47 -58.42 -38.23 -45.55
CA ILE A 47 -59.35 -37.13 -45.40
C ILE A 47 -59.99 -37.31 -44.06
N SER A 48 -59.87 -36.28 -43.21
CA SER A 48 -60.29 -36.40 -41.83
C SER A 48 -61.80 -36.15 -41.67
N HIS A 49 -62.41 -36.95 -40.79
CA HIS A 49 -63.80 -36.79 -40.39
C HIS A 49 -63.89 -36.07 -39.04
N VAL A 50 -62.73 -35.72 -38.49
CA VAL A 50 -62.62 -35.00 -37.22
C VAL A 50 -61.78 -33.74 -37.39
N ASN A 51 -61.79 -32.90 -36.37
CA ASN A 51 -61.02 -31.67 -36.37
C ASN A 51 -59.51 -31.87 -36.19
N THR A 52 -58.75 -30.85 -36.51
CA THR A 52 -57.29 -30.93 -36.42
C THR A 52 -56.84 -31.31 -35.01
N SER A 53 -57.44 -30.68 -34.00
CA SER A 53 -57.10 -30.95 -32.61
C SER A 53 -57.28 -32.44 -32.21
N ASP A 54 -58.26 -33.11 -32.81
CA ASP A 54 -58.48 -34.53 -32.53
C ASP A 54 -57.36 -35.40 -33.10
N LEU A 55 -56.95 -35.13 -34.33
CA LEU A 55 -55.80 -35.82 -34.95
C LEU A 55 -54.55 -35.58 -34.09
N ALA A 56 -54.35 -34.33 -33.69
CA ALA A 56 -53.19 -33.97 -32.86
C ALA A 56 -53.17 -34.68 -31.51
N THR A 57 -54.35 -34.87 -30.93
CA THR A 57 -54.52 -35.49 -29.64
C THR A 57 -54.14 -36.97 -29.66
N VAL A 58 -54.55 -37.68 -30.71
CA VAL A 58 -54.27 -39.11 -30.82
C VAL A 58 -52.76 -39.34 -31.05
N ALA A 59 -52.15 -38.52 -31.89
CA ALA A 59 -50.72 -38.66 -32.16
C ALA A 59 -49.92 -38.42 -30.89
N ALA A 60 -50.33 -37.40 -30.14
CA ALA A 60 -49.67 -37.05 -28.88
C ALA A 60 -49.82 -38.14 -27.86
N GLN A 61 -51.03 -38.65 -27.70
CA GLN A 61 -51.24 -39.86 -26.89
C GLN A 61 -50.29 -41.03 -27.27
N HIS A 62 -50.09 -41.29 -28.54
CA HIS A 62 -49.19 -42.39 -28.94
C HIS A 62 -47.73 -42.05 -28.58
N ALA A 63 -47.36 -40.78 -28.74
CA ALA A 63 -46.01 -40.35 -28.44
C ALA A 63 -45.66 -40.42 -26.97
N ILE A 64 -46.63 -40.01 -26.14
CA ILE A 64 -46.49 -40.04 -24.68
C ILE A 64 -46.31 -41.47 -24.17
N ALA A 65 -47.15 -42.39 -24.68
CA ALA A 65 -47.01 -43.80 -24.38
C ALA A 65 -45.66 -44.32 -24.87
N CYS A 66 -45.26 -43.87 -26.04
CA CYS A 66 -43.98 -44.31 -26.60
C CYS A 66 -42.79 -43.82 -25.76
N ALA A 67 -42.88 -42.59 -25.21
CA ALA A 67 -41.86 -42.08 -24.30
C ALA A 67 -41.96 -42.58 -22.86
N GLY A 68 -43.12 -43.08 -22.45
CA GLY A 68 -43.31 -43.55 -21.08
C GLY A 68 -43.38 -42.41 -20.07
N VAL A 69 -43.67 -41.21 -20.55
CA VAL A 69 -43.77 -40.02 -19.67
C VAL A 69 -45.21 -39.85 -19.18
N SER A 70 -45.36 -39.30 -17.98
CA SER A 70 -46.68 -38.98 -17.44
C SER A 70 -47.06 -37.58 -17.85
N VAL A 71 -48.37 -37.37 -18.00
CA VAL A 71 -48.89 -36.06 -18.43
C VAL A 71 -48.45 -34.91 -17.53
N GLU A 72 -48.20 -35.17 -16.24
CA GLU A 72 -47.75 -34.15 -15.30
C GLU A 72 -46.28 -33.75 -15.49
N GLU A 73 -45.53 -34.47 -16.31
CA GLU A 73 -44.13 -34.14 -16.61
C GLU A 73 -44.00 -33.19 -17.80
N ILE A 74 -45.05 -33.07 -18.60
CA ILE A 74 -45.01 -32.26 -19.83
C ILE A 74 -45.06 -30.80 -19.43
N ASP A 75 -44.06 -30.02 -19.86
CA ASP A 75 -43.91 -28.59 -19.52
C ASP A 75 -44.22 -27.65 -20.68
N LEU A 76 -44.38 -28.20 -21.88
CA LEU A 76 -44.45 -27.40 -23.07
C LEU A 76 -45.14 -28.19 -24.17
N ILE A 77 -46.07 -27.56 -24.85
CA ILE A 77 -46.79 -28.20 -25.94
C ILE A 77 -46.80 -27.23 -27.08
N ILE A 78 -46.26 -27.64 -28.21
CA ILE A 78 -46.30 -26.83 -29.41
C ILE A 78 -47.05 -27.64 -30.46
N VAL A 79 -48.05 -27.00 -31.05
CA VAL A 79 -48.75 -27.60 -32.17
C VAL A 79 -48.44 -26.78 -33.38
N ALA A 80 -47.76 -27.40 -34.35
CA ALA A 80 -47.52 -26.78 -35.61
C ALA A 80 -48.69 -27.10 -36.53
N THR A 81 -49.40 -26.07 -36.97
CA THR A 81 -50.52 -26.22 -37.88
C THR A 81 -50.79 -24.91 -38.59
N CYS A 82 -51.34 -25.01 -39.79
CA CYS A 82 -51.92 -23.88 -40.49
C CYS A 82 -53.42 -24.15 -40.76
N SER A 83 -54.01 -25.12 -40.03
CA SER A 83 -55.42 -25.43 -40.17
C SER A 83 -56.05 -25.69 -38.82
N PRO A 84 -55.88 -24.75 -37.87
CA PRO A 84 -56.40 -24.96 -36.53
C PRO A 84 -57.94 -24.87 -36.47
N ASP A 85 -58.54 -25.72 -35.64
CA ASP A 85 -60.00 -25.71 -35.39
C ASP A 85 -60.47 -24.28 -35.12
N SER A 86 -59.72 -23.58 -34.28
CA SER A 86 -60.04 -22.25 -33.83
C SER A 86 -58.79 -21.45 -33.62
N LEU A 87 -58.94 -20.13 -33.62
CA LEU A 87 -57.85 -19.20 -33.37
C LEU A 87 -57.92 -18.64 -31.98
N ILE A 88 -59.14 -18.48 -31.46
CA ILE A 88 -59.36 -18.18 -30.04
C ILE A 88 -60.23 -19.29 -29.42
N PRO A 89 -59.65 -20.10 -28.52
CA PRO A 89 -58.24 -20.19 -28.15
C PRO A 89 -57.42 -21.00 -29.16
N ASN A 90 -56.14 -21.19 -28.86
CA ASN A 90 -55.29 -22.00 -29.67
C ASN A 90 -55.63 -23.49 -29.50
N ILE A 91 -55.27 -24.31 -30.47
CA ILE A 91 -55.52 -25.74 -30.33
C ILE A 91 -54.47 -26.53 -29.53
N ALA A 92 -53.29 -25.96 -29.25
CA ALA A 92 -52.37 -26.59 -28.29
C ALA A 92 -53.06 -26.72 -26.93
N SER A 93 -53.86 -25.73 -26.55
CA SER A 93 -54.64 -25.79 -25.29
C SER A 93 -55.79 -26.84 -25.29
N ARG A 94 -56.37 -27.07 -26.47
CA ARG A 94 -57.34 -28.14 -26.62
C ARG A 94 -56.69 -29.49 -26.44
N VAL A 95 -55.54 -29.70 -27.08
CA VAL A 95 -54.77 -30.94 -26.88
C VAL A 95 -54.42 -31.11 -25.39
N GLN A 96 -53.98 -30.04 -24.76
CA GLN A 96 -53.69 -30.03 -23.33
C GLN A 96 -54.89 -30.42 -22.49
N GLN A 97 -56.03 -29.83 -22.81
CA GLN A 97 -57.27 -30.13 -22.13
C GLN A 97 -57.66 -31.60 -22.33
N ASN A 98 -57.57 -32.10 -23.55
CA ASN A 98 -57.92 -33.51 -23.83
C ASN A 98 -57.05 -34.49 -23.07
N LEU A 99 -55.76 -34.19 -22.94
CA LEU A 99 -54.84 -35.10 -22.27
C LEU A 99 -54.76 -34.91 -20.76
N GLY A 100 -55.35 -33.84 -20.23
CA GLY A 100 -55.24 -33.57 -18.80
C GLY A 100 -53.82 -33.20 -18.37
N ILE A 101 -53.07 -32.54 -19.25
CA ILE A 101 -51.75 -32.01 -18.86
C ILE A 101 -51.95 -30.70 -18.08
N PRO A 102 -51.47 -30.63 -16.83
CA PRO A 102 -51.59 -29.38 -16.08
C PRO A 102 -50.48 -28.38 -16.41
N SER A 103 -50.84 -27.10 -16.46
CA SER A 103 -49.92 -25.94 -16.36
C SER A 103 -48.95 -25.68 -17.52
N ALA A 104 -48.67 -26.68 -18.37
CA ALA A 104 -47.70 -26.53 -19.44
C ALA A 104 -47.93 -25.31 -20.32
N ALA A 105 -46.85 -24.66 -20.74
CA ALA A 105 -46.94 -23.69 -21.80
C ALA A 105 -47.50 -24.39 -23.03
N ALA A 106 -48.42 -23.72 -23.72
CA ALA A 106 -49.07 -24.31 -24.89
C ALA A 106 -49.37 -23.27 -25.95
N PHE A 107 -48.75 -23.40 -27.11
CA PHE A 107 -49.03 -22.50 -28.23
C PHE A 107 -49.07 -23.19 -29.55
N ASP A 108 -49.75 -22.54 -30.49
CA ASP A 108 -49.73 -22.95 -31.89
C ASP A 108 -48.66 -22.17 -32.62
N LEU A 109 -48.00 -22.82 -33.55
CA LEU A 109 -46.98 -22.20 -34.35
C LEU A 109 -47.36 -22.38 -35.81
N ASN A 110 -47.30 -21.31 -36.56
CA ASN A 110 -47.61 -21.38 -37.99
C ASN A 110 -46.42 -20.94 -38.85
N ALA A 111 -45.81 -21.92 -39.49
CA ALA A 111 -44.83 -21.74 -40.54
C ALA A 111 -45.17 -22.71 -41.70
N ALA A 112 -46.45 -22.96 -41.90
CA ALA A 112 -46.94 -23.83 -42.96
C ALA A 112 -46.22 -25.17 -42.94
N SCY A 113 -45.78 -25.66 -44.09
CA SCY A 113 -45.23 -27.02 -44.20
CB SCY A 113 -45.09 -27.36 -45.67
SG SCY A 113 -46.61 -27.64 -46.54
CD SCY A 113 -47.10 -26.20 -47.19
OCD SCY A 113 -46.57 -25.18 -46.86
CE SCY A 113 -48.24 -26.20 -48.18
C SCY A 113 -43.90 -27.19 -43.47
O SCY A 113 -43.52 -28.31 -43.14
N THR A 114 -43.23 -26.09 -43.15
CA THR A 114 -41.99 -26.17 -42.39
C THR A 114 -42.25 -26.16 -40.89
N GLY A 115 -43.53 -26.11 -40.50
CA GLY A 115 -43.91 -25.92 -39.11
C GLY A 115 -43.31 -26.89 -38.08
N PHE A 116 -43.16 -28.16 -38.44
CA PHE A 116 -42.64 -29.13 -37.47
C PHE A 116 -41.17 -28.91 -37.16
N LEU A 117 -40.41 -28.57 -38.19
CA LEU A 117 -39.03 -28.17 -38.00
C LEU A 117 -38.86 -26.96 -37.15
N TYR A 118 -39.67 -25.95 -37.43
CA TYR A 118 -39.71 -24.73 -36.61
C TYR A 118 -40.02 -25.05 -35.19
N GLY A 119 -40.96 -25.97 -35.01
CA GLY A 119 -41.42 -26.35 -33.67
C GLY A 119 -40.41 -27.18 -32.90
N LEU A 120 -39.71 -28.06 -33.59
CA LEU A 120 -38.66 -28.88 -33.01
C LEU A 120 -37.47 -28.01 -32.59
N GLU A 121 -37.07 -27.12 -33.47
CA GLU A 121 -36.08 -26.09 -33.16
C GLU A 121 -36.45 -25.27 -31.92
N THR A 122 -37.67 -24.75 -31.94
CA THR A 122 -38.13 -23.85 -30.88
C THR A 122 -38.19 -24.58 -29.55
N ALA A 123 -38.76 -25.75 -29.54
CA ALA A 123 -38.86 -26.56 -28.34
C ALA A 123 -37.47 -26.92 -27.83
N THR A 124 -36.59 -27.29 -28.76
CA THR A 124 -35.24 -27.69 -28.38
C THR A 124 -34.51 -26.54 -27.72
N ARG A 125 -34.61 -25.34 -28.29
CA ARG A 125 -33.92 -24.19 -27.72
C ARG A 125 -34.51 -23.74 -26.41
N LEU A 126 -35.85 -23.81 -26.30
CA LEU A 126 -36.50 -23.49 -25.04
C LEU A 126 -36.01 -24.39 -23.94
N MET A 127 -35.89 -25.68 -24.23
CA MET A 127 -35.39 -26.65 -23.27
C MET A 127 -33.93 -26.45 -22.89
N GLN A 128 -33.09 -26.02 -23.82
CA GLN A 128 -31.67 -25.87 -23.58
C GLN A 128 -31.37 -24.64 -22.76
N ALA A 129 -32.16 -23.59 -22.98
CA ALA A 129 -31.90 -22.28 -22.38
C ALA A 129 -32.71 -22.03 -21.14
N SER A 130 -33.70 -22.87 -20.86
CA SER A 130 -34.54 -22.60 -19.71
C SER A 130 -35.05 -23.88 -19.10
N HIS A 131 -36.04 -23.73 -18.24
CA HIS A 131 -36.56 -24.82 -17.39
C HIS A 131 -37.80 -25.48 -18.00
N TYR A 132 -37.61 -26.21 -19.09
CA TYR A 132 -38.62 -27.06 -19.66
C TYR A 132 -37.93 -28.40 -19.78
N ARG A 133 -38.43 -29.40 -19.08
CA ARG A 133 -37.77 -30.71 -19.01
C ARG A 133 -38.36 -31.70 -19.99
N HIS A 134 -39.63 -31.55 -20.33
CA HIS A 134 -40.26 -32.44 -21.32
C HIS A 134 -41.22 -31.63 -22.18
N ALA A 135 -41.19 -31.89 -23.49
CA ALA A 135 -41.98 -31.12 -24.43
C ALA A 135 -42.75 -32.07 -25.31
N LEU A 136 -43.89 -31.60 -25.79
CA LEU A 136 -44.67 -32.31 -26.79
C LEU A 136 -44.73 -31.41 -28.00
N VAL A 137 -44.24 -31.91 -29.15
CA VAL A 137 -44.23 -31.14 -30.40
C VAL A 137 -45.01 -31.93 -31.44
N ILE A 138 -46.01 -31.29 -32.03
CA ILE A 138 -47.01 -31.98 -32.83
C ILE A 138 -47.16 -31.21 -34.09
N GLY A 139 -47.14 -31.90 -35.22
CA GLY A 139 -47.53 -31.32 -36.48
C GLY A 139 -48.88 -31.93 -36.82
N ALA A 140 -49.88 -31.09 -37.05
CA ALA A 140 -51.25 -31.58 -37.29
C ALA A 140 -52.01 -30.72 -38.28
N GLU A 141 -52.64 -31.36 -39.26
CA GLU A 141 -53.28 -30.63 -40.33
C GLU A 141 -54.55 -31.31 -40.82
N ARG A 142 -55.50 -30.47 -41.19
CA ARG A 142 -56.69 -30.89 -41.88
C ARG A 142 -56.81 -29.96 -43.09
N LEU A 143 -55.92 -30.18 -44.06
CA LEU A 143 -55.85 -29.32 -45.25
C LEU A 143 -57.06 -29.51 -46.17
N SER A 144 -57.77 -30.64 -46.05
CA SER A 144 -58.96 -30.85 -46.84
C SER A 144 -59.99 -29.73 -46.64
N PHE A 145 -60.00 -29.11 -45.47
CA PHE A 145 -60.83 -27.89 -45.24
C PHE A 145 -60.67 -26.81 -46.30
N TYR A 146 -59.43 -26.63 -46.78
CA TYR A 146 -59.07 -25.50 -47.64
C TYR A 146 -59.28 -25.69 -49.14
N LEU A 147 -59.37 -26.94 -49.61
CA LEU A 147 -59.18 -27.20 -51.03
C LEU A 147 -60.31 -26.69 -51.94
N ASP A 148 -59.92 -26.25 -53.13
CA ASP A 148 -60.84 -25.85 -54.17
C ASP A 148 -61.03 -27.10 -55.04
N TRP A 149 -62.20 -27.72 -54.90
CA TRP A 149 -62.48 -28.99 -55.55
C TRP A 149 -62.73 -28.89 -57.08
N THR A 150 -62.65 -27.67 -57.63
CA THR A 150 -62.64 -27.48 -59.09
C THR A 150 -61.22 -27.30 -59.65
N LYS A 151 -60.21 -27.22 -58.77
CA LYS A 151 -58.85 -26.90 -59.17
C LYS A 151 -57.92 -28.09 -58.99
N ARG A 152 -57.67 -28.77 -60.09
CA ARG A 152 -56.85 -29.98 -60.10
C ARG A 152 -55.39 -29.78 -59.66
N ASP A 153 -54.85 -28.59 -59.87
CA ASP A 153 -53.45 -28.33 -59.60
C ASP A 153 -53.11 -28.55 -58.13
N THR A 154 -54.01 -28.16 -57.24
CA THR A 154 -53.80 -28.26 -55.80
C THR A 154 -54.64 -29.36 -55.13
N ALA A 155 -55.81 -29.68 -55.68
CA ALA A 155 -56.73 -30.62 -55.04
C ALA A 155 -56.19 -32.04 -54.90
N VAL A 156 -55.18 -32.39 -55.69
CA VAL A 156 -54.61 -33.72 -55.69
C VAL A 156 -53.34 -33.86 -54.83
N LEU A 157 -52.89 -32.75 -54.24
CA LEU A 157 -51.57 -32.71 -53.59
C LEU A 157 -51.61 -32.91 -52.07
N PHE A 158 -52.74 -32.58 -51.45
CA PHE A 158 -52.79 -32.38 -50.02
C PHE A 158 -53.70 -33.36 -49.27
N GLY A 159 -53.29 -33.69 -48.05
CA GLY A 159 -54.03 -34.61 -47.22
C GLY A 159 -54.10 -34.16 -45.77
N ASP A 160 -54.71 -34.98 -44.94
CA ASP A 160 -54.90 -34.68 -43.53
C ASP A 160 -54.08 -35.66 -42.69
N GLY A 161 -53.68 -35.22 -41.51
CA GLY A 161 -52.99 -36.09 -40.55
C GLY A 161 -52.26 -35.34 -39.46
N ALA A 162 -51.75 -36.09 -38.48
CA ALA A 162 -50.92 -35.55 -37.41
C ALA A 162 -49.74 -36.47 -37.07
N GLY A 163 -48.60 -35.88 -36.72
CA GLY A 163 -47.50 -36.59 -36.11
C GLY A 163 -46.99 -35.85 -34.88
N ALA A 164 -46.50 -36.58 -33.88
CA ALA A 164 -46.01 -35.96 -32.64
C ALA A 164 -44.68 -36.54 -32.19
N VAL A 165 -43.90 -35.73 -31.48
CA VAL A 165 -42.79 -36.25 -30.69
C VAL A 165 -42.86 -35.79 -29.25
N VAL A 166 -42.26 -36.57 -28.36
CA VAL A 166 -42.01 -36.14 -27.00
C VAL A 166 -40.50 -35.94 -26.88
N LEU A 167 -40.11 -34.81 -26.31
CA LEU A 167 -38.72 -34.47 -26.10
C LEU A 167 -38.42 -34.51 -24.62
N SER A 168 -37.25 -35.06 -24.26
CA SER A 168 -36.82 -35.17 -22.87
C SER A 168 -35.42 -34.58 -22.71
N LYS A 169 -35.28 -33.71 -21.72
CA LYS A 169 -34.01 -33.02 -21.50
C LYS A 169 -32.94 -34.00 -20.98
N THR A 170 -31.72 -33.86 -21.49
CA THR A 170 -30.63 -34.75 -21.12
C THR A 170 -29.29 -34.04 -21.34
N GLU A 171 -28.24 -34.58 -20.73
CA GLU A 171 -26.87 -34.11 -20.98
C GLU A 171 -26.19 -34.86 -22.11
N GLN A 172 -26.75 -36.00 -22.53
CA GLN A 172 -26.21 -36.70 -23.68
C GLN A 172 -26.46 -35.91 -24.95
N LYS A 173 -25.49 -35.98 -25.86
CA LYS A 173 -25.52 -35.21 -27.10
C LYS A 173 -26.41 -35.88 -28.16
N VAL A 174 -27.72 -35.73 -27.97
CA VAL A 174 -28.72 -36.38 -28.80
C VAL A 174 -29.84 -35.36 -29.14
N GLY A 175 -30.75 -35.77 -30.02
CA GLY A 175 -31.82 -34.90 -30.44
C GLY A 175 -31.33 -33.94 -31.50
N LEU A 176 -32.07 -32.87 -31.72
CA LEU A 176 -31.70 -31.85 -32.69
C LEU A 176 -30.42 -31.13 -32.28
N GLN A 177 -29.46 -31.13 -33.20
CA GLN A 177 -28.14 -30.53 -33.00
C GLN A 177 -28.19 -29.15 -33.68
N ASP A 178 -27.47 -28.96 -34.78
CA ASP A 178 -27.60 -27.70 -35.49
C ASP A 178 -28.86 -27.72 -36.36
N ALA A 179 -29.44 -26.55 -36.54
CA ALA A 179 -30.61 -26.38 -37.37
C ALA A 179 -30.51 -25.04 -38.08
N GLN A 180 -30.98 -25.00 -39.31
CA GLN A 180 -31.03 -23.80 -40.07
C GLN A 180 -32.43 -23.63 -40.62
N ILE A 181 -33.18 -22.68 -40.06
CA ILE A 181 -34.53 -22.41 -40.54
C ILE A 181 -34.60 -20.99 -41.02
N GLY A 182 -35.50 -20.73 -41.96
CA GLY A 182 -35.59 -19.42 -42.53
C GLY A 182 -36.83 -19.22 -43.36
N CYS A 183 -36.87 -18.12 -44.09
CA CYS A 183 -38.00 -17.80 -44.94
C CYS A 183 -37.52 -16.88 -46.04
N ASP A 184 -37.91 -17.23 -47.26
CA ASP A 184 -37.65 -16.45 -48.45
C ASP A 184 -38.96 -15.75 -48.80
N ALA A 185 -39.11 -14.56 -48.21
CA ALA A 185 -40.40 -13.87 -48.23
C ALA A 185 -40.76 -13.25 -49.58
N GLN A 186 -39.78 -13.03 -50.45
CA GLN A 186 -40.09 -12.40 -51.73
C GLN A 186 -40.95 -13.30 -52.61
N GLY A 187 -40.89 -14.61 -52.38
CA GLY A 187 -41.72 -15.56 -53.11
C GLY A 187 -43.00 -15.96 -52.40
N ARG A 188 -43.47 -15.12 -51.49
CA ARG A 188 -44.61 -15.42 -50.65
C ARG A 188 -45.91 -15.65 -51.43
N ASP A 189 -46.05 -15.01 -52.57
CA ASP A 189 -47.34 -14.98 -53.28
C ASP A 189 -47.62 -16.24 -54.12
N ILE A 190 -46.63 -17.10 -54.30
CA ILE A 190 -46.77 -18.24 -55.21
C ILE A 190 -47.41 -19.45 -54.54
N LEU A 191 -47.65 -19.37 -53.23
CA LEU A 191 -48.26 -20.45 -52.48
C LEU A 191 -49.03 -19.87 -51.29
N ALA A 192 -50.33 -19.69 -51.50
CA ALA A 192 -51.15 -18.86 -50.63
C ALA A 192 -52.63 -19.10 -50.78
N VAL A 193 -53.34 -19.01 -49.66
CA VAL A 193 -54.79 -18.87 -49.62
C VAL A 193 -55.05 -17.50 -48.96
N PRO A 194 -54.97 -16.41 -49.73
CA PRO A 194 -55.01 -15.08 -49.10
C PRO A 194 -56.32 -14.70 -48.40
N LYS A 195 -57.42 -15.36 -48.76
CA LYS A 195 -58.74 -14.94 -48.28
C LYS A 195 -59.40 -15.92 -47.32
N PHE A 196 -58.59 -16.73 -46.63
CA PHE A 196 -59.06 -17.32 -45.38
C PHE A 196 -58.24 -16.77 -44.24
N GLY A 197 -58.92 -16.10 -43.32
CA GLY A 197 -58.32 -15.38 -42.22
C GLY A 197 -59.03 -14.05 -42.06
N THR A 198 -58.45 -13.13 -41.31
CA THR A 198 -59.12 -11.87 -40.98
C THR A 198 -59.15 -10.89 -42.17
N ALA A 199 -58.45 -11.23 -43.26
CA ALA A 199 -58.55 -10.47 -44.50
C ALA A 199 -59.85 -10.76 -45.26
N MET A 200 -60.55 -11.84 -44.90
CA MET A 200 -61.75 -12.23 -45.62
C MET A 200 -62.95 -11.39 -45.21
N ASP A 201 -63.90 -11.24 -46.12
CA ASP A 201 -65.16 -10.55 -45.83
CA ASP A 201 -65.18 -10.56 -45.86
C ASP A 201 -66.02 -11.53 -45.05
N ARG A 202 -66.21 -11.22 -43.78
CA ARG A 202 -66.89 -12.10 -42.84
C ARG A 202 -68.37 -12.34 -43.17
N PHE A 203 -69.02 -11.38 -43.80
CA PHE A 203 -70.45 -11.44 -44.05
C PHE A 203 -70.81 -11.61 -45.52
N ASP A 204 -69.82 -11.88 -46.36
CA ASP A 204 -70.07 -12.22 -47.74
C ASP A 204 -70.41 -13.70 -47.81
N ALA A 205 -71.54 -14.02 -48.45
CA ALA A 205 -72.01 -15.42 -48.55
C ALA A 205 -71.13 -16.27 -49.47
N ASP A 206 -70.39 -15.61 -50.38
CA ASP A 206 -69.43 -16.30 -51.25
C ASP A 206 -68.00 -16.37 -50.66
N ASN A 207 -67.82 -16.01 -49.40
CA ASN A 207 -66.46 -15.94 -48.83
C ASN A 207 -65.76 -17.30 -48.68
N GLY A 208 -66.53 -18.38 -48.83
CA GLY A 208 -65.98 -19.73 -48.85
C GLY A 208 -65.31 -20.14 -50.15
N TYR A 209 -65.55 -19.42 -51.22
CA TYR A 209 -65.04 -19.78 -52.54
C TYR A 209 -63.73 -19.07 -52.84
N TRP A 210 -62.71 -19.33 -52.01
CA TRP A 210 -61.45 -18.61 -52.05
C TRP A 210 -60.47 -19.24 -53.04
N ALA A 211 -59.54 -18.43 -53.53
CA ALA A 211 -58.49 -18.90 -54.43
C ALA A 211 -57.34 -19.54 -53.65
N PHE A 212 -56.82 -20.64 -54.19
CA PHE A 212 -55.61 -21.28 -53.70
C PHE A 212 -54.52 -21.07 -54.77
N ASP A 213 -53.80 -19.96 -54.65
CA ASP A 213 -52.73 -19.61 -55.56
C ASP A 213 -51.57 -20.59 -55.39
N PHE A 214 -51.07 -21.07 -56.53
CA PHE A 214 -50.11 -22.16 -56.53
C PHE A 214 -49.36 -22.22 -57.85
N VAL A 215 -48.12 -21.76 -57.86
CA VAL A 215 -47.29 -21.79 -59.06
C VAL A 215 -46.31 -22.95 -58.91
N GLY A 216 -46.79 -24.13 -59.29
CA GLY A 216 -46.09 -25.39 -59.04
C GLY A 216 -44.62 -25.39 -59.38
N LYS A 217 -44.30 -24.82 -60.55
CA LYS A 217 -42.96 -24.87 -61.12
C LYS A 217 -41.95 -24.00 -60.34
N GLU A 218 -42.38 -22.79 -59.98
CA GLU A 218 -41.55 -21.89 -59.15
C GLU A 218 -41.36 -22.47 -57.75
N ILE A 219 -42.43 -23.04 -57.19
CA ILE A 219 -42.38 -23.69 -55.89
C ILE A 219 -41.37 -24.83 -55.91
N PHE A 220 -41.47 -25.65 -56.96
CA PHE A 220 -40.57 -26.79 -57.11
C PHE A 220 -39.14 -26.28 -57.05
N LYS A 221 -38.82 -25.28 -57.87
CA LYS A 221 -37.44 -24.79 -58.02
C LYS A 221 -36.91 -24.19 -56.73
N ARG A 222 -37.66 -23.28 -56.14
CA ARG A 222 -37.27 -22.62 -54.89
C ARG A 222 -37.13 -23.57 -53.70
N ALA A 223 -37.96 -24.61 -53.66
CA ALA A 223 -37.91 -25.60 -52.60
C ALA A 223 -36.61 -26.41 -52.64
N VAL A 224 -36.22 -26.83 -53.82
CA VAL A 224 -34.97 -27.56 -54.00
C VAL A 224 -33.79 -26.71 -53.52
N ARG A 225 -33.78 -25.45 -53.94
CA ARG A 225 -32.71 -24.49 -53.61
C ARG A 225 -32.70 -24.11 -52.14
N GLY A 226 -33.88 -23.89 -51.58
CA GLY A 226 -34.02 -23.51 -50.17
C GLY A 226 -33.62 -24.62 -49.20
N MET A 227 -34.20 -25.79 -49.38
CA MET A 227 -33.84 -26.94 -48.58
C MET A 227 -32.37 -27.29 -48.78
N GLY A 228 -31.91 -27.26 -50.02
CA GLY A 228 -30.56 -27.63 -50.37
C GLY A 228 -29.55 -26.80 -49.62
N ALA A 229 -29.71 -25.48 -49.72
CA ALA A 229 -28.83 -24.53 -49.04
C ALA A 229 -28.85 -24.70 -47.53
N ALA A 230 -30.03 -24.91 -46.99
CA ALA A 230 -30.18 -25.10 -45.57
C ALA A 230 -29.45 -26.37 -45.11
N ALA A 231 -29.63 -27.46 -45.85
CA ALA A 231 -28.99 -28.72 -45.53
C ALA A 231 -27.47 -28.59 -45.57
N GLN A 232 -26.96 -27.91 -46.58
CA GLN A 232 -25.54 -27.66 -46.70
C GLN A 232 -24.98 -26.91 -45.50
N GLN A 233 -25.70 -25.87 -45.05
CA GLN A 233 -25.29 -25.11 -43.87
C GLN A 233 -25.27 -25.98 -42.64
N VAL A 234 -26.28 -26.82 -42.48
CA VAL A 234 -26.32 -27.74 -41.37
C VAL A 234 -25.14 -28.72 -41.41
N LEU A 235 -24.92 -29.34 -42.57
CA LEU A 235 -23.84 -30.31 -42.68
C LEU A 235 -22.47 -29.66 -42.48
N ALA A 236 -22.29 -28.46 -43.04
CA ALA A 236 -21.04 -27.75 -42.95
C ALA A 236 -20.71 -27.37 -41.50
N ARG A 237 -21.66 -26.73 -40.83
CA ARG A 237 -21.46 -26.28 -39.45
C ARG A 237 -21.16 -27.43 -38.49
N SER A 238 -21.79 -28.58 -38.74
CA SER A 238 -21.63 -29.76 -37.89
C SER A 238 -20.37 -30.62 -38.18
N GLY A 239 -19.62 -30.30 -39.22
CA GLY A 239 -18.39 -31.02 -39.56
C GLY A 239 -18.61 -32.46 -40.02
N LEU A 240 -19.81 -32.73 -40.57
CA LEU A 240 -20.17 -34.07 -40.99
C LEU A 240 -19.88 -34.21 -42.47
N SER A 241 -19.39 -35.37 -42.87
CA SER A 241 -19.37 -35.70 -44.29
C SER A 241 -20.76 -36.21 -44.63
N THR A 242 -21.11 -36.15 -45.91
CA THR A 242 -22.44 -36.53 -46.38
C THR A 242 -22.70 -38.03 -46.20
N GLU A 243 -21.68 -38.86 -46.39
CA GLU A 243 -21.80 -40.31 -46.14
C GLU A 243 -22.13 -40.65 -44.67
N GLU A 244 -21.87 -39.73 -43.74
CA GLU A 244 -22.20 -39.95 -42.34
C GLU A 244 -23.69 -39.80 -42.01
N ILE A 245 -24.47 -39.19 -42.91
CA ILE A 245 -25.91 -39.13 -42.77
C ILE A 245 -26.48 -40.52 -43.05
N ASP A 246 -27.28 -41.02 -42.10
CA ASP A 246 -27.80 -42.36 -42.24
C ASP A 246 -29.20 -42.36 -42.80
N VAL A 247 -30.00 -41.35 -42.49
CA VAL A 247 -31.39 -41.31 -42.92
C VAL A 247 -31.74 -39.86 -43.19
N VAL A 248 -32.49 -39.65 -44.27
CA VAL A 248 -33.10 -38.37 -44.52
C VAL A 248 -34.59 -38.52 -44.28
N ILE A 249 -35.15 -37.63 -43.45
CA ILE A 249 -36.58 -37.54 -43.22
C ILE A 249 -37.04 -36.21 -43.82
N PRO A 250 -37.50 -36.23 -45.06
CA PRO A 250 -37.85 -34.98 -45.65
C PRO A 250 -39.35 -34.66 -45.55
N HIS A 251 -39.67 -33.39 -45.74
CA HIS A 251 -41.04 -32.99 -46.04
C HIS A 251 -41.49 -33.71 -47.31
N GLN A 252 -42.76 -34.08 -47.35
CA GLN A 252 -43.29 -34.94 -48.40
C GLN A 252 -44.27 -34.13 -49.25
N ALA A 253 -43.73 -33.29 -50.12
CA ALA A 253 -44.55 -32.46 -51.01
C ALA A 253 -44.58 -33.01 -52.43
N ASN A 254 -43.45 -33.58 -52.86
CA ASN A 254 -43.30 -34.15 -54.20
C ASN A 254 -42.12 -35.09 -54.19
N ILE A 255 -42.29 -36.31 -54.68
CA ILE A 255 -41.19 -37.27 -54.64
C ILE A 255 -39.99 -36.76 -55.44
N ARG A 256 -40.25 -36.02 -56.51
CA ARG A 256 -39.19 -35.50 -57.37
C ARG A 256 -38.38 -34.40 -56.70
N ILE A 257 -39.00 -33.65 -55.79
CA ILE A 257 -38.28 -32.66 -54.97
C ILE A 257 -37.32 -33.38 -54.03
N ILE A 258 -37.78 -34.46 -53.41
CA ILE A 258 -36.98 -35.26 -52.49
C ILE A 258 -35.79 -35.89 -53.21
N GLN A 259 -36.06 -36.44 -54.39
CA GLN A 259 -35.00 -37.07 -55.20
C GLN A 259 -33.96 -36.05 -55.66
N THR A 260 -34.42 -34.88 -56.09
CA THR A 260 -33.52 -33.84 -56.57
C THR A 260 -32.64 -33.32 -55.42
N LEU A 261 -33.25 -33.11 -54.26
CA LEU A 261 -32.54 -32.73 -53.05
C LEU A 261 -31.38 -33.72 -52.73
N CYS A 262 -31.67 -35.01 -52.75
CA CYS A 262 -30.65 -36.00 -52.45
C CYS A 262 -29.57 -36.00 -53.51
N ASP A 263 -30.02 -35.96 -54.77
CA ASP A 263 -29.10 -35.99 -55.91
C ASP A 263 -28.10 -34.85 -55.84
N LEU A 264 -28.57 -33.64 -55.64
CA LEU A 264 -27.70 -32.47 -55.65
C LEU A 264 -26.79 -32.40 -54.41
N ALA A 265 -27.23 -32.98 -53.30
CA ALA A 265 -26.39 -33.08 -52.10
C ALA A 265 -25.43 -34.27 -52.14
N GLY A 266 -25.66 -35.21 -53.05
CA GLY A 266 -24.83 -36.42 -53.13
C GLY A 266 -25.19 -37.43 -52.06
N ILE A 267 -26.42 -37.35 -51.57
CA ILE A 267 -26.94 -38.34 -50.62
C ILE A 267 -27.63 -39.44 -51.43
N ALA A 268 -27.34 -40.70 -51.08
CA ALA A 268 -27.92 -41.85 -51.78
C ALA A 268 -29.44 -41.89 -51.61
N GLN A 269 -30.15 -42.17 -52.70
CA GLN A 269 -31.63 -42.05 -52.73
C GLN A 269 -32.31 -42.95 -51.72
N ASP A 270 -31.74 -44.12 -51.49
CA ASP A 270 -32.32 -45.10 -50.59
C ASP A 270 -32.22 -44.71 -49.10
N LYS A 271 -31.52 -43.61 -48.78
CA LYS A 271 -31.51 -43.08 -47.42
C LYS A 271 -32.71 -42.19 -47.11
N ALA A 272 -33.43 -41.75 -48.13
CA ALA A 272 -34.61 -40.90 -47.89
C ALA A 272 -35.81 -41.76 -47.52
N PHE A 273 -36.42 -41.49 -46.38
CA PHE A 273 -37.72 -42.12 -46.07
C PHE A 273 -38.83 -41.39 -46.81
N VAL A 274 -39.64 -42.17 -47.53
CA VAL A 274 -40.72 -41.61 -48.34
C VAL A 274 -42.01 -42.36 -48.01
N ASN A 275 -43.03 -41.61 -47.61
CA ASN A 275 -44.40 -42.13 -47.48
C ASN A 275 -45.44 -41.25 -48.20
N ILE A 276 -44.99 -40.42 -49.11
CA ILE A 276 -45.90 -39.53 -49.82
C ILE A 276 -46.95 -40.28 -50.65
N HIS A 277 -46.61 -41.48 -51.12
CA HIS A 277 -47.55 -42.28 -51.90
C HIS A 277 -48.84 -42.60 -51.13
N ARG A 278 -48.73 -42.76 -49.82
CA ARG A 278 -49.86 -43.12 -48.97
C ARG A 278 -50.68 -41.91 -48.45
N TYR A 279 -50.01 -40.80 -48.15
CA TYR A 279 -50.62 -39.72 -47.39
C TYR A 279 -50.71 -38.39 -48.11
N GLY A 280 -49.91 -38.21 -49.16
CA GLY A 280 -49.83 -36.94 -49.84
C GLY A 280 -49.09 -35.94 -48.99
N ASN A 281 -49.26 -34.66 -49.32
CA ASN A 281 -48.66 -33.58 -48.53
C ASN A 281 -49.60 -33.21 -47.39
N THR A 282 -49.20 -33.57 -46.16
CA THR A 282 -49.95 -33.25 -44.94
C THR A 282 -49.34 -32.06 -44.15
N SER A 283 -48.67 -31.17 -44.87
CA SER A 283 -48.05 -29.97 -44.31
C SER A 283 -47.20 -30.26 -43.04
N ALA A 284 -47.49 -29.61 -41.91
CA ALA A 284 -46.65 -29.73 -40.73
C ALA A 284 -46.53 -31.19 -40.23
N ALA A 285 -47.47 -32.03 -40.63
CA ALA A 285 -47.48 -33.39 -40.19
C ALA A 285 -46.49 -34.29 -40.94
N THR A 286 -46.04 -33.90 -42.13
CA THR A 286 -45.25 -34.81 -42.93
C THR A 286 -44.02 -35.38 -42.20
N VAL A 287 -43.23 -34.52 -41.59
CA VAL A 287 -41.97 -34.93 -41.00
C VAL A 287 -42.16 -35.88 -39.84
N PRO A 288 -43.01 -35.52 -38.87
CA PRO A 288 -43.14 -36.39 -37.70
C PRO A 288 -43.87 -37.70 -38.00
N ILE A 289 -44.76 -37.71 -38.99
CA ILE A 289 -45.34 -38.99 -39.42
C ILE A 289 -44.26 -39.84 -40.05
N ALA A 290 -43.50 -39.25 -40.98
CA ALA A 290 -42.42 -39.95 -41.63
C ALA A 290 -41.38 -40.46 -40.64
N LEU A 291 -41.03 -39.65 -39.64
CA LEU A 291 -40.13 -40.09 -38.59
C LEU A 291 -40.72 -41.26 -37.82
N CYS A 292 -41.99 -41.14 -37.44
CA CYS A 292 -42.66 -42.16 -36.70
C CYS A 292 -42.64 -43.48 -37.46
N GLU A 293 -42.93 -43.44 -38.75
CA GLU A 293 -43.00 -44.63 -39.54
C GLU A 293 -41.61 -45.19 -39.87
N ALA A 294 -40.61 -44.32 -40.02
CA ALA A 294 -39.24 -44.78 -40.20
C ALA A 294 -38.83 -45.63 -39.01
N LEU A 295 -39.15 -45.16 -37.81
CA LEU A 295 -38.86 -45.91 -36.59
C LEU A 295 -39.64 -47.23 -36.51
N GLU A 296 -40.94 -47.20 -36.85
CA GLU A 296 -41.81 -48.39 -36.87
C GLU A 296 -41.30 -49.44 -37.83
N GLN A 297 -40.75 -48.98 -38.97
CA GLN A 297 -40.29 -49.87 -40.00
C GLN A 297 -38.80 -50.23 -39.90
N GLY A 298 -38.13 -49.83 -38.83
CA GLY A 298 -36.74 -50.28 -38.57
C GLY A 298 -35.69 -49.62 -39.43
N LYS A 299 -35.97 -48.40 -39.87
CA LYS A 299 -35.08 -47.68 -40.77
C LYS A 299 -34.03 -46.87 -40.02
N ILE A 300 -34.25 -46.65 -38.73
CA ILE A 300 -33.34 -45.87 -37.92
C ILE A 300 -32.71 -46.77 -36.84
N LYS A 301 -31.39 -46.60 -36.66
CA LYS A 301 -30.63 -47.36 -35.70
C LYS A 301 -30.16 -46.44 -34.60
N PRO A 302 -29.78 -47.02 -33.45
CA PRO A 302 -29.28 -46.21 -32.35
C PRO A 302 -28.07 -45.44 -32.82
N HIS A 303 -27.96 -44.17 -32.40
CA HIS A 303 -26.84 -43.29 -32.78
C HIS A 303 -26.82 -42.82 -34.25
N ASP A 304 -27.87 -43.07 -35.02
CA ASP A 304 -27.87 -42.63 -36.42
C ASP A 304 -27.89 -41.10 -36.49
N ASP A 305 -27.35 -40.57 -37.59
CA ASP A 305 -27.44 -39.15 -37.89
C ASP A 305 -28.57 -38.95 -38.91
N LEU A 306 -29.54 -38.14 -38.55
CA LEU A 306 -30.70 -37.89 -39.41
C LEU A 306 -30.55 -36.51 -39.97
N LEU A 307 -30.88 -36.36 -41.24
CA LEU A 307 -31.08 -35.05 -41.86
C LEU A 307 -32.57 -34.85 -42.07
N VAL A 308 -33.07 -33.74 -41.53
CA VAL A 308 -34.44 -33.35 -41.74
C VAL A 308 -34.41 -32.07 -42.59
N ALA A 309 -35.40 -31.93 -43.45
CA ALA A 309 -35.50 -30.84 -44.37
C ALA A 309 -36.96 -30.60 -44.72
N ALA A 310 -37.35 -29.34 -44.78
CA ALA A 310 -38.74 -29.02 -45.10
C ALA A 310 -38.82 -27.67 -45.77
N PHE A 311 -39.96 -27.42 -46.37
CA PHE A 311 -40.22 -26.18 -47.08
C PHE A 311 -41.72 -25.93 -47.08
N GLY A 312 -42.11 -24.68 -47.26
CA GLY A 312 -43.54 -24.37 -47.25
C GLY A 312 -43.90 -22.96 -47.62
N ALA A 313 -45.20 -22.67 -47.58
CA ALA A 313 -45.70 -21.35 -47.82
C ALA A 313 -44.91 -20.35 -46.99
N GLY A 314 -44.62 -19.19 -47.56
CA GLY A 314 -43.86 -18.18 -46.82
C GLY A 314 -42.93 -17.32 -47.63
N LEU A 315 -42.01 -17.90 -48.39
CA LEU A 315 -41.70 -19.31 -48.42
C LEU A 315 -40.77 -19.76 -47.29
N THR A 316 -41.30 -20.49 -46.34
CA THR A 316 -40.50 -20.96 -45.20
C THR A 316 -39.66 -22.14 -45.62
N TRP A 317 -38.53 -22.30 -44.92
CA TRP A 317 -37.62 -23.38 -45.21
C TRP A 317 -36.78 -23.75 -44.00
N GLY A 318 -36.22 -24.94 -44.06
CA GLY A 318 -35.44 -25.40 -42.94
C GLY A 318 -34.80 -26.74 -43.15
N ALA A 319 -33.71 -26.94 -42.41
CA ALA A 319 -33.06 -28.24 -42.31
C ALA A 319 -32.47 -28.39 -40.93
N GLY A 320 -32.26 -29.64 -40.53
CA GLY A 320 -31.76 -29.93 -39.19
C GLY A 320 -31.06 -31.27 -39.14
N HIS A 321 -30.11 -31.36 -38.20
CA HIS A 321 -29.40 -32.60 -37.93
C HIS A 321 -29.86 -33.09 -36.57
N ILE A 322 -30.38 -34.31 -36.56
CA ILE A 322 -30.77 -34.98 -35.33
C ILE A 322 -29.83 -36.17 -35.14
N ARG A 323 -29.25 -36.26 -33.96
CA ARG A 323 -28.43 -37.40 -33.58
C ARG A 323 -29.34 -38.27 -32.71
N TRP A 324 -29.62 -39.48 -33.16
CA TRP A 324 -30.50 -40.36 -32.39
C TRP A 324 -29.74 -40.95 -31.19
N GLY A 325 -30.49 -41.29 -30.16
CA GLY A 325 -29.97 -41.89 -28.95
C GLY A 325 -29.98 -43.40 -29.02
N GLU A 326 -30.19 -44.02 -27.87
CA GLU A 326 -30.05 -45.47 -27.72
C GLU A 326 -31.29 -46.26 -28.09
N ARG A 327 -32.46 -45.64 -28.02
CA ARG A 327 -33.70 -46.40 -28.07
C ARG A 327 -34.54 -46.09 -29.30
N ILE A 328 -34.84 -47.12 -30.08
CA ILE A 328 -35.67 -47.00 -31.28
C ILE A 328 -37.00 -47.75 -31.13
N THR A 329 -37.29 -48.18 -29.91
CA THR A 329 -38.48 -48.95 -29.58
C THR A 329 -39.32 -48.18 -28.58
N PRO A 330 -40.66 -48.28 -28.68
CA PRO A 330 -41.54 -47.60 -27.71
C PRO A 330 -41.42 -48.20 -26.32
N LEU A 331 -41.51 -47.39 -25.28
CA LEU A 331 -41.63 -47.96 -23.93
C LEU A 331 -43.03 -48.54 -23.74
N GLY A 332 -44.07 -47.85 -24.22
CA GLY A 332 -45.44 -48.38 -24.13
C GLY A 332 -46.25 -48.11 -25.37
N LYS A 333 -47.38 -48.81 -25.47
CA LYS A 333 -48.35 -48.60 -26.54
C LYS A 333 -49.61 -47.93 -26.00
N SER A 334 -50.31 -47.24 -26.89
CA SER A 334 -51.57 -46.57 -26.56
C SER A 334 -52.64 -47.19 -27.45
N ASP A 335 -53.78 -47.52 -26.86
CA ASP A 335 -54.94 -47.94 -27.64
C ASP A 335 -55.81 -46.76 -28.11
N ALA A 336 -55.30 -45.54 -27.94
CA ALA A 336 -56.02 -44.34 -28.37
C ALA A 336 -56.33 -44.38 -29.86
N GLN A 337 -57.58 -44.08 -30.19
CA GLN A 337 -58.07 -44.15 -31.57
C GLN A 337 -59.01 -43.00 -31.83
N LEU A 338 -59.16 -42.66 -33.11
CA LEU A 338 -60.24 -41.78 -33.53
C LEU A 338 -61.58 -42.52 -33.46
N PRO A 339 -62.69 -41.78 -33.34
CA PRO A 339 -64.00 -42.41 -33.47
C PRO A 339 -64.15 -43.03 -34.85
N SER A 340 -64.88 -44.13 -34.92
CA SER A 340 -65.08 -44.85 -36.17
C SER A 340 -65.74 -43.94 -37.22
N CYS A 341 -65.42 -44.22 -38.48
CA CYS A 341 -65.91 -43.45 -39.60
C CYS A 341 -66.55 -44.43 -40.59
N ASP A 342 -67.87 -44.35 -40.72
CA ASP A 342 -68.60 -45.25 -41.63
C ASP A 342 -68.89 -44.52 -42.94
N HIS A 343 -67.90 -43.77 -43.43
CA HIS A 343 -68.01 -42.98 -44.67
C HIS A 343 -66.74 -43.11 -45.50
N THR A 344 -66.90 -42.98 -46.82
CA THR A 344 -65.76 -42.91 -47.72
C THR A 344 -65.24 -41.48 -47.74
N ALA A 345 -64.09 -41.29 -48.37
CA ALA A 345 -63.52 -39.96 -48.54
C ALA A 345 -64.40 -39.11 -49.45
N LEU A 346 -64.90 -39.70 -50.54
CA LEU A 346 -65.89 -39.03 -51.41
C LEU A 346 -67.15 -38.62 -50.65
N ASP A 347 -67.70 -39.51 -49.83
CA ASP A 347 -68.81 -39.20 -48.93
C ASP A 347 -68.56 -37.94 -48.08
N LEU A 348 -67.39 -37.89 -47.44
CA LEU A 348 -67.01 -36.75 -46.60
C LEU A 348 -66.89 -35.43 -47.36
N LEU A 349 -66.35 -35.50 -48.58
CA LEU A 349 -66.13 -34.31 -49.38
C LEU A 349 -67.35 -33.92 -50.21
N SER A 350 -68.34 -34.81 -50.26
CA SER A 350 -69.54 -34.66 -51.08
C SER A 350 -70.09 -33.22 -51.12
N LYS A 351 -70.43 -32.69 -49.95
CA LYS A 351 -70.99 -31.35 -49.86
C LYS A 351 -70.06 -30.29 -50.43
N ALA A 352 -68.80 -30.32 -49.98
CA ALA A 352 -67.79 -29.34 -50.41
C ALA A 352 -67.59 -29.37 -51.93
N ILE A 353 -67.47 -30.57 -52.48
CA ILE A 353 -67.34 -30.75 -53.93
C ILE A 353 -68.55 -30.16 -54.67
N GLU A 354 -69.75 -30.52 -54.21
CA GLU A 354 -71.02 -30.02 -54.81
C GLU A 354 -71.10 -28.49 -54.83
N HIS A 355 -70.72 -27.86 -53.72
CA HIS A 355 -70.72 -26.41 -53.62
C HIS A 355 -69.69 -25.76 -54.55
N CYS A 356 -68.49 -26.34 -54.60
CA CYS A 356 -67.42 -25.80 -55.45
C CYS A 356 -67.80 -25.90 -56.93
N LYS A 357 -68.42 -27.01 -57.33
CA LYS A 357 -68.86 -27.19 -58.71
C LYS A 357 -70.05 -26.28 -59.07
N ARG A 358 -71.04 -26.21 -58.18
CA ARG A 358 -72.23 -25.38 -58.40
C ARG A 358 -71.89 -23.89 -58.49
N HIS A 359 -70.90 -23.44 -57.73
CA HIS A 359 -70.50 -22.03 -57.72
C HIS A 359 -69.75 -21.63 -59.00
N GLN A 360 -69.00 -22.57 -59.58
CA GLN A 360 -68.24 -22.33 -60.81
C GLN A 360 -69.15 -22.01 -62.00
N THR B 2 44.05 -33.84 20.71
CA THR B 2 44.16 -35.27 20.32
C THR B 2 43.24 -35.62 19.13
N GLN B 3 43.82 -36.25 18.11
CA GLN B 3 43.13 -36.50 16.84
C GLN B 3 42.11 -37.62 16.96
N CYS B 4 40.88 -37.35 16.50
CA CYS B 4 39.79 -38.30 16.57
C CYS B 4 39.18 -38.52 15.21
N TYR B 5 38.35 -39.56 15.12
CA TYR B 5 37.79 -40.04 13.86
C TYR B 5 36.38 -40.55 14.03
N ALA B 6 35.62 -40.50 12.94
CA ALA B 6 34.22 -40.94 12.98
C ALA B 6 34.08 -42.22 12.15
N GLU B 7 34.10 -43.35 12.83
CA GLU B 7 34.05 -44.65 12.18
C GLU B 7 32.63 -44.98 11.78
N ILE B 8 32.47 -45.56 10.60
CA ILE B 8 31.17 -45.99 10.17
C ILE B 8 30.92 -47.36 10.77
N THR B 9 30.11 -47.41 11.81
CA THR B 9 29.87 -48.62 12.55
C THR B 9 28.50 -49.24 12.24
N GLY B 10 27.67 -48.53 11.50
CA GLY B 10 26.33 -49.04 11.19
C GLY B 10 25.86 -48.55 9.85
N TRP B 11 25.14 -49.42 9.13
CA TRP B 11 24.66 -49.14 7.78
C TRP B 11 23.30 -49.77 7.58
N GLY B 12 22.47 -49.17 6.74
CA GLY B 12 21.08 -49.59 6.62
C GLY B 12 20.41 -48.90 5.46
N LYS B 13 19.33 -49.51 4.97
CA LYS B 13 18.64 -48.98 3.81
C LYS B 13 17.12 -49.18 3.99
N CYS B 14 16.35 -48.44 3.24
CA CYS B 14 14.90 -48.71 3.14
C CYS B 14 14.49 -48.40 1.71
N LEU B 15 14.15 -49.44 0.97
CA LEU B 15 13.59 -49.32 -0.35
C LEU B 15 12.11 -49.67 -0.28
N PRO B 16 11.23 -48.77 -0.76
CA PRO B 16 9.81 -49.13 -0.73
C PRO B 16 9.53 -50.21 -1.76
N PRO B 17 8.50 -51.03 -1.54
CA PRO B 17 8.29 -52.22 -2.38
C PRO B 17 7.72 -51.98 -3.78
N ALA B 18 6.88 -50.96 -3.96
CA ALA B 18 6.24 -50.75 -5.27
C ALA B 18 7.28 -50.37 -6.31
N THR B 19 7.31 -51.14 -7.40
CA THR B 19 8.36 -51.06 -8.41
C THR B 19 7.82 -50.54 -9.74
N LEU B 20 8.45 -49.47 -10.25
CA LEU B 20 8.10 -48.90 -11.55
C LEU B 20 9.12 -49.34 -12.57
N SER B 21 8.70 -50.19 -13.50
CA SER B 21 9.58 -50.72 -14.54
C SER B 21 9.65 -49.76 -15.73
N ASN B 22 10.62 -49.99 -16.60
CA ASN B 22 10.75 -49.17 -17.80
C ASN B 22 9.54 -49.35 -18.71
N HIS B 23 9.03 -50.58 -18.78
CA HIS B 23 7.81 -50.87 -19.54
C HIS B 23 6.60 -50.13 -18.97
N ASP B 24 6.48 -50.07 -17.63
CA ASP B 24 5.43 -49.30 -16.98
C ASP B 24 5.39 -47.85 -17.46
N LEU B 25 6.56 -47.22 -17.52
CA LEU B 25 6.69 -45.86 -18.05
C LEU B 25 6.33 -45.77 -19.53
N SER B 26 6.60 -46.85 -20.26
CA SER B 26 6.37 -46.91 -21.69
C SER B 26 4.88 -46.87 -22.07
N THR B 27 4.00 -47.18 -21.13
CA THR B 27 2.57 -47.21 -21.39
C THR B 27 1.91 -45.82 -21.42
N PHE B 28 2.50 -44.85 -20.71
CA PHE B 28 1.93 -43.50 -20.68
C PHE B 28 2.89 -42.42 -21.18
N LEU B 29 3.97 -42.84 -21.86
CA LEU B 29 4.99 -41.91 -22.32
C LEU B 29 5.73 -42.39 -23.56
N ASP B 30 6.18 -41.46 -24.39
CA ASP B 30 6.93 -41.82 -25.59
C ASP B 30 8.38 -42.20 -25.28
N THR B 31 8.56 -43.35 -24.63
CA THR B 31 9.88 -43.88 -24.28
C THR B 31 9.87 -45.41 -24.30
N SER B 32 11.03 -46.01 -24.08
CA SER B 32 11.18 -47.46 -24.15
C SER B 32 12.24 -47.97 -23.18
N ASP B 33 12.12 -49.25 -22.80
CA ASP B 33 13.13 -49.93 -22.00
C ASP B 33 14.50 -49.91 -22.69
N GLU B 34 14.50 -50.05 -24.03
CA GLU B 34 15.74 -50.03 -24.81
C GLU B 34 16.47 -48.69 -24.69
N TRP B 35 15.75 -47.58 -24.83
CA TRP B 35 16.36 -46.26 -24.71
C TRP B 35 16.88 -45.99 -23.30
N ILE B 36 16.02 -46.26 -22.32
CA ILE B 36 16.33 -45.94 -20.92
C ILE B 36 17.50 -46.75 -20.38
N GLN B 37 17.47 -48.06 -20.63
CA GLN B 37 18.53 -48.94 -20.15
C GLN B 37 19.87 -48.64 -20.82
N SER B 38 19.85 -48.33 -22.12
CA SER B 38 21.10 -48.07 -22.85
C SER B 38 21.72 -46.70 -22.51
N ARG B 39 20.88 -45.69 -22.31
CA ARG B 39 21.36 -44.33 -22.04
C ARG B 39 21.71 -44.12 -20.56
N THR B 40 20.95 -44.75 -19.67
CA THR B 40 21.07 -44.50 -18.22
C THR B 40 21.49 -45.69 -17.37
N GLY B 41 21.23 -46.90 -17.85
CA GLY B 41 21.45 -48.12 -17.07
C GLY B 41 20.26 -48.53 -16.20
N ILE B 42 19.25 -47.66 -16.08
CA ILE B 42 18.14 -47.89 -15.14
C ILE B 42 17.16 -48.88 -15.78
N GLU B 43 16.70 -49.84 -14.98
CA GLU B 43 15.66 -50.78 -15.39
C GLU B 43 14.41 -50.64 -14.53
N GLN B 44 14.61 -50.41 -13.24
CA GLN B 44 13.52 -50.26 -12.29
C GLN B 44 13.83 -49.12 -11.34
N ARG B 45 12.77 -48.56 -10.74
CA ARG B 45 12.91 -47.69 -9.55
C ARG B 45 11.80 -48.01 -8.60
N ARG B 46 11.97 -47.57 -7.36
CA ARG B 46 10.95 -47.75 -6.35
C ARG B 46 10.14 -46.46 -6.18
N ILE B 47 8.87 -46.64 -5.85
CA ILE B 47 7.94 -45.52 -5.66
C ILE B 47 7.32 -45.69 -4.31
N SER B 48 7.48 -44.69 -3.46
CA SER B 48 7.09 -44.81 -2.07
C SER B 48 5.59 -44.58 -1.88
N HIS B 49 5.00 -45.38 -1.00
CA HIS B 49 3.62 -45.22 -0.54
C HIS B 49 3.59 -44.52 0.83
N VAL B 50 4.78 -44.17 1.34
CA VAL B 50 4.91 -43.45 2.61
C VAL B 50 5.73 -42.17 2.41
N ASN B 51 5.74 -41.33 3.43
CA ASN B 51 6.52 -40.11 3.42
C ASN B 51 8.05 -40.33 3.56
N THR B 52 8.81 -39.31 3.19
CA THR B 52 10.26 -39.38 3.27
C THR B 52 10.74 -39.77 4.67
N SER B 53 10.18 -39.14 5.69
CA SER B 53 10.57 -39.43 7.08
C SER B 53 10.40 -40.91 7.46
N ASP B 54 9.39 -41.58 6.89
CA ASP B 54 9.17 -43.00 7.16
C ASP B 54 10.26 -43.89 6.55
N LEU B 55 10.64 -43.59 5.29
CA LEU B 55 11.78 -44.27 4.68
C LEU B 55 13.05 -44.03 5.52
N ALA B 56 13.28 -42.79 5.92
CA ALA B 56 14.45 -42.42 6.70
C ALA B 56 14.53 -43.13 8.05
N THR B 57 13.36 -43.30 8.66
CA THR B 57 13.23 -43.96 9.96
C THR B 57 13.59 -45.45 9.87
N VAL B 58 13.17 -46.13 8.83
CA VAL B 58 13.43 -47.62 8.71
C VAL B 58 14.90 -47.88 8.43
N ALA B 59 15.50 -47.06 7.57
CA ALA B 59 16.92 -47.15 7.30
C ALA B 59 17.79 -46.90 8.53
N ALA B 60 17.42 -45.88 9.30
CA ALA B 60 18.10 -45.56 10.54
C ALA B 60 17.98 -46.67 11.55
N GLN B 61 16.77 -47.18 11.74
CA GLN B 61 16.56 -48.39 12.55
C GLN B 61 17.48 -49.56 12.17
N HIS B 62 17.64 -49.81 10.89
CA HIS B 62 18.54 -50.89 10.45
C HIS B 62 20.01 -50.55 10.78
N ALA B 63 20.38 -49.28 10.64
CA ALA B 63 21.74 -48.85 10.88
C ALA B 63 22.12 -48.91 12.34
N ILE B 64 21.19 -48.52 13.20
CA ILE B 64 21.36 -48.56 14.66
C ILE B 64 21.55 -50.01 15.13
N ALA B 65 20.71 -50.92 14.65
CA ALA B 65 20.85 -52.35 14.95
C ALA B 65 22.15 -52.88 14.41
N CYS B 66 22.55 -52.43 13.23
CA CYS B 66 23.79 -52.85 12.66
C CYS B 66 24.99 -52.36 13.49
N ALA B 67 24.94 -51.13 14.04
CA ALA B 67 25.98 -50.63 14.91
C ALA B 67 25.92 -51.14 16.35
N GLY B 68 24.78 -51.65 16.78
CA GLY B 68 24.61 -52.11 18.15
C GLY B 68 24.58 -50.97 19.16
N VAL B 69 24.28 -49.77 18.70
CA VAL B 69 24.20 -48.59 19.59
C VAL B 69 22.78 -48.42 20.13
N SER B 70 22.67 -47.86 21.33
CA SER B 70 21.37 -47.56 21.90
C SER B 70 20.98 -46.15 21.51
N VAL B 71 19.67 -45.93 21.38
CA VAL B 71 19.13 -44.64 20.98
C VAL B 71 19.60 -43.48 21.89
N GLU B 72 19.87 -43.76 23.16
CA GLU B 72 20.38 -42.73 24.08
C GLU B 72 21.83 -42.30 23.83
N GLU B 73 22.55 -43.04 23.00
CA GLU B 73 23.94 -42.72 22.69
C GLU B 73 24.05 -41.77 21.49
N ILE B 74 22.97 -41.63 20.72
CA ILE B 74 22.99 -40.82 19.51
C ILE B 74 22.94 -39.34 19.90
N ASP B 75 23.92 -38.56 19.43
CA ASP B 75 24.09 -37.14 19.80
C ASP B 75 23.76 -36.20 18.67
N LEU B 76 23.60 -36.74 17.46
CA LEU B 76 23.48 -35.94 16.28
C LEU B 76 22.79 -36.70 15.18
N ILE B 77 21.82 -36.06 14.55
CA ILE B 77 21.06 -36.70 13.48
C ILE B 77 21.01 -35.72 12.35
N ILE B 78 21.55 -36.13 11.20
CA ILE B 78 21.47 -35.34 10.00
C ILE B 78 20.68 -36.12 8.97
N VAL B 79 19.65 -35.48 8.42
CA VAL B 79 18.92 -36.08 7.31
C VAL B 79 19.19 -35.25 6.09
N ALA B 80 19.86 -35.86 5.12
CA ALA B 80 20.09 -35.24 3.85
C ALA B 80 18.87 -35.54 2.95
N THR B 81 18.19 -34.50 2.51
CA THR B 81 17.04 -34.66 1.65
C THR B 81 16.75 -33.37 0.95
N CYS B 82 16.15 -33.47 -0.21
CA CYS B 82 15.54 -32.33 -0.89
C CYS B 82 14.04 -32.60 -1.13
N SER B 83 13.46 -33.57 -0.40
CA SER B 83 12.04 -33.87 -0.49
C SER B 83 11.44 -34.12 0.87
N PRO B 84 11.62 -33.19 1.83
CA PRO B 84 11.15 -33.42 3.18
C PRO B 84 9.63 -33.34 3.27
N ASP B 85 9.04 -34.18 4.13
CA ASP B 85 7.60 -34.16 4.42
C ASP B 85 7.14 -32.74 4.71
N SER B 86 7.91 -32.05 5.54
CA SER B 86 7.57 -30.71 6.01
C SER B 86 8.85 -29.90 6.19
N LEU B 87 8.69 -28.59 6.17
CA LEU B 87 9.78 -27.65 6.41
C LEU B 87 9.74 -27.12 7.80
N ILE B 88 8.54 -27.00 8.36
CA ILE B 88 8.35 -26.70 9.77
C ILE B 88 7.52 -27.79 10.41
N PRO B 89 8.14 -28.62 11.27
CA PRO B 89 9.57 -28.69 11.61
C PRO B 89 10.35 -29.45 10.57
N ASN B 90 11.64 -29.65 10.83
CA ASN B 90 12.47 -30.49 10.00
C ASN B 90 12.12 -31.97 10.20
N ILE B 91 12.46 -32.80 9.22
CA ILE B 91 12.21 -34.23 9.36
C ILE B 91 13.27 -35.01 10.12
N ALA B 92 14.45 -34.46 10.36
CA ALA B 92 15.40 -35.10 11.28
C ALA B 92 14.75 -35.26 12.65
N SER B 93 13.95 -34.27 13.06
CA SER B 93 13.24 -34.34 14.36
C SER B 93 12.12 -35.38 14.37
N ARG B 94 11.50 -35.61 13.21
CA ARG B 94 10.49 -36.64 13.09
C ARG B 94 11.14 -38.02 13.23
N VAL B 95 12.27 -38.22 12.55
CA VAL B 95 13.04 -39.45 12.73
C VAL B 95 13.41 -39.63 14.21
N GLN B 96 13.86 -38.56 14.84
CA GLN B 96 14.21 -38.57 16.25
C GLN B 96 13.03 -38.98 17.11
N GLN B 97 11.87 -38.40 16.81
CA GLN B 97 10.64 -38.68 17.54
C GLN B 97 10.25 -40.15 17.34
N ASN B 98 10.35 -40.64 16.11
CA ASN B 98 9.99 -42.03 15.84
C ASN B 98 10.88 -43.01 16.57
N LEU B 99 12.17 -42.71 16.67
CA LEU B 99 13.10 -43.63 17.32
C LEU B 99 13.20 -43.46 18.82
N GLY B 100 12.64 -42.40 19.39
CA GLY B 100 12.79 -42.14 20.80
C GLY B 100 14.23 -41.79 21.18
N ILE B 101 14.96 -41.13 20.30
CA ILE B 101 16.27 -40.57 20.65
C ILE B 101 16.09 -39.27 21.45
N PRO B 102 16.61 -39.21 22.69
CA PRO B 102 16.52 -37.95 23.43
C PRO B 102 17.62 -36.95 23.07
N SER B 103 17.27 -35.68 23.05
CA SER B 103 18.19 -34.53 23.14
C SER B 103 19.12 -34.25 21.95
N ALA B 104 19.39 -35.25 21.10
CA ALA B 104 20.33 -35.07 20.00
C ALA B 104 20.07 -33.85 19.14
N ALA B 105 21.14 -33.22 18.67
CA ALA B 105 21.04 -32.22 17.63
C ALA B 105 20.46 -32.89 16.40
N ALA B 106 19.53 -32.22 15.74
CA ALA B 106 18.83 -32.81 14.60
C ALA B 106 18.51 -31.74 13.57
N PHE B 107 19.11 -31.86 12.39
CA PHE B 107 18.78 -30.99 11.29
C PHE B 107 18.71 -31.67 9.95
N ASP B 108 18.00 -31.04 9.04
CA ASP B 108 17.97 -31.45 7.65
C ASP B 108 19.01 -30.65 6.87
N LEU B 109 19.63 -31.29 5.90
CA LEU B 109 20.65 -30.67 5.09
C LEU B 109 20.23 -30.85 3.67
N ASN B 110 20.28 -29.79 2.92
CA ASN B 110 19.95 -29.82 1.49
C ASN B 110 21.13 -29.38 0.63
N ALA B 111 21.71 -30.38 -0.03
CA ALA B 111 22.67 -30.20 -1.11
C ALA B 111 22.28 -31.16 -2.26
N ALA B 112 20.98 -31.40 -2.43
CA ALA B 112 20.47 -32.25 -3.49
C ALA B 112 21.18 -33.59 -3.48
N SCY B 113 21.59 -34.09 -4.65
CA SCY B 113 22.13 -35.44 -4.79
CB SCY B 113 22.23 -35.76 -6.27
SG SCY B 113 20.67 -36.03 -7.08
CD SCY B 113 20.17 -34.59 -7.73
OCD SCY B 113 20.71 -33.57 -7.40
CE SCY B 113 19.00 -34.59 -8.67
C SCY B 113 23.47 -35.60 -4.12
O SCY B 113 23.86 -36.73 -3.79
N THR B 114 24.16 -34.49 -3.81
CA THR B 114 25.43 -34.59 -3.05
C THR B 114 25.20 -34.57 -1.53
N GLY B 115 23.94 -34.53 -1.12
CA GLY B 115 23.58 -34.38 0.27
C GLY B 115 24.16 -35.34 1.29
N PHE B 116 24.31 -36.60 0.92
CA PHE B 116 24.88 -37.57 1.86
C PHE B 116 26.37 -37.36 2.11
N LEU B 117 27.10 -37.06 1.07
CA LEU B 117 28.50 -36.67 1.22
C LEU B 117 28.70 -35.42 2.07
N TYR B 118 27.89 -34.41 1.80
CA TYR B 118 27.87 -33.17 2.66
C TYR B 118 27.58 -33.49 4.08
N GLY B 119 26.66 -34.44 4.30
CA GLY B 119 26.22 -34.83 5.62
C GLY B 119 27.24 -35.67 6.37
N LEU B 120 27.91 -36.54 5.65
CA LEU B 120 28.98 -37.34 6.21
C LEU B 120 30.16 -36.47 6.62
N GLU B 121 30.56 -35.58 5.73
CA GLU B 121 31.60 -34.57 6.01
C GLU B 121 31.26 -33.75 7.23
N THR B 122 30.05 -33.20 7.22
CA THR B 122 29.61 -32.35 8.32
C THR B 122 29.59 -33.09 9.66
N ALA B 123 29.00 -34.27 9.68
CA ALA B 123 28.94 -35.08 10.88
C ALA B 123 30.35 -35.45 11.34
N THR B 124 31.19 -35.85 10.42
CA THR B 124 32.57 -36.23 10.74
C THR B 124 33.36 -35.09 11.36
N ARG B 125 33.21 -33.88 10.82
CA ARG B 125 33.89 -32.71 11.38
C ARG B 125 33.34 -32.25 12.69
N LEU B 126 32.03 -32.29 12.82
CA LEU B 126 31.39 -32.02 14.12
C LEU B 126 31.94 -32.93 15.18
N MET B 127 32.03 -34.24 14.89
CA MET B 127 32.53 -35.21 15.84
C MET B 127 34.01 -35.01 16.19
N GLN B 128 34.81 -34.59 15.23
CA GLN B 128 36.25 -34.44 15.45
C GLN B 128 36.57 -33.20 16.26
N ALA B 129 35.77 -32.16 16.08
CA ALA B 129 36.07 -30.86 16.66
C ALA B 129 35.30 -30.61 17.93
N SER B 130 34.33 -31.45 18.24
CA SER B 130 33.50 -31.19 19.41
C SER B 130 32.99 -32.48 20.01
N HIS B 131 32.03 -32.35 20.92
CA HIS B 131 31.53 -33.42 21.76
C HIS B 131 30.25 -34.03 21.18
N TYR B 132 30.41 -34.75 20.07
CA TYR B 132 29.38 -35.60 19.53
C TYR B 132 30.07 -36.95 19.39
N ARG B 133 29.57 -37.95 20.11
CA ARG B 133 30.22 -39.28 20.16
C ARG B 133 29.63 -40.27 19.18
N HIS B 134 28.34 -40.14 18.88
CA HIS B 134 27.69 -41.00 17.90
C HIS B 134 26.75 -40.16 17.06
N ALA B 135 26.76 -40.40 15.74
CA ALA B 135 25.92 -39.65 14.83
C ALA B 135 25.11 -40.60 13.97
N LEU B 136 23.96 -40.12 13.53
CA LEU B 136 23.16 -40.82 12.54
C LEU B 136 23.05 -39.92 11.34
N VAL B 137 23.51 -40.42 10.17
CA VAL B 137 23.49 -39.64 8.93
C VAL B 137 22.68 -40.43 7.92
N ILE B 138 21.66 -39.79 7.36
CA ILE B 138 20.64 -40.49 6.57
C ILE B 138 20.45 -39.70 5.31
N GLY B 139 20.47 -40.38 4.18
CA GLY B 139 20.02 -39.78 2.94
C GLY B 139 18.67 -40.37 2.65
N ALA B 140 17.66 -39.55 2.44
CA ALA B 140 16.28 -40.02 2.23
C ALA B 140 15.52 -39.16 1.25
N GLU B 141 14.86 -39.80 0.29
CA GLU B 141 14.16 -39.06 -0.75
C GLU B 141 12.88 -39.72 -1.20
N ARG B 142 11.93 -38.88 -1.55
CA ARG B 142 10.71 -39.30 -2.21
C ARG B 142 10.56 -38.37 -3.40
N LEU B 143 11.42 -38.57 -4.38
CA LEU B 143 11.46 -37.72 -5.57
C LEU B 143 10.22 -37.90 -6.46
N SER B 144 9.51 -39.02 -6.32
CA SER B 144 8.27 -39.23 -7.07
C SER B 144 7.25 -38.12 -6.83
N PHE B 145 7.28 -37.48 -5.66
CA PHE B 145 6.48 -36.27 -5.40
C PHE B 145 6.61 -35.19 -6.46
N TYR B 146 7.83 -35.00 -6.98
CA TYR B 146 8.16 -33.86 -7.83
C TYR B 146 7.91 -34.05 -9.32
N LEU B 147 7.82 -35.28 -9.79
CA LEU B 147 7.96 -35.53 -11.22
C LEU B 147 6.81 -35.01 -12.08
N ASP B 148 7.15 -34.56 -13.27
CA ASP B 148 6.21 -34.17 -14.30
C ASP B 148 5.98 -35.41 -15.17
N TRP B 149 4.82 -36.02 -15.00
CA TRP B 149 4.53 -37.29 -15.66
C TRP B 149 4.23 -37.18 -17.16
N THR B 150 4.30 -35.96 -17.71
CA THR B 150 4.26 -35.75 -19.15
C THR B 150 5.66 -35.57 -19.76
N LYS B 151 6.68 -35.51 -18.91
CA LYS B 151 8.05 -35.18 -19.34
C LYS B 151 8.98 -36.37 -19.21
N ARG B 152 9.21 -37.05 -20.32
CA ARG B 152 10.01 -38.27 -20.36
C ARG B 152 11.47 -38.08 -19.96
N ASP B 153 12.01 -36.88 -20.19
CA ASP B 153 13.43 -36.63 -19.95
C ASP B 153 13.81 -36.88 -18.50
N THR B 154 12.93 -36.50 -17.58
CA THR B 154 13.19 -36.60 -16.15
C THR B 154 12.40 -37.70 -15.47
N ALA B 155 11.20 -37.99 -15.98
CA ALA B 155 10.28 -38.93 -15.33
C ALA B 155 10.83 -40.36 -15.20
N VAL B 156 11.82 -40.71 -16.02
CA VAL B 156 12.39 -42.06 -16.04
C VAL B 156 13.68 -42.20 -15.22
N LEU B 157 14.15 -41.09 -14.62
CA LEU B 157 15.48 -41.07 -14.02
C LEU B 157 15.48 -41.32 -12.52
N PHE B 158 14.37 -40.99 -11.85
CA PHE B 158 14.38 -40.79 -10.43
C PHE B 158 13.51 -41.78 -9.69
N GLY B 159 13.95 -42.13 -8.48
CA GLY B 159 13.22 -43.02 -7.61
C GLY B 159 13.20 -42.57 -6.17
N ASP B 160 12.60 -43.39 -5.33
CA ASP B 160 12.45 -43.09 -3.92
C ASP B 160 13.30 -44.07 -3.11
N GLY B 161 13.76 -43.64 -1.95
CA GLY B 161 14.45 -44.52 -1.01
C GLY B 161 15.23 -43.76 0.06
N ALA B 162 15.75 -44.51 1.01
CA ALA B 162 16.59 -43.97 2.08
C ALA B 162 17.78 -44.93 2.40
N GLY B 163 18.92 -44.35 2.71
CA GLY B 163 20.06 -45.05 3.29
C GLY B 163 20.60 -44.30 4.50
N ALA B 164 21.12 -45.03 5.47
CA ALA B 164 21.64 -44.42 6.69
C ALA B 164 22.99 -45.02 7.10
N VAL B 165 23.76 -44.24 7.83
CA VAL B 165 24.89 -44.77 8.59
C VAL B 165 24.85 -44.31 10.02
N VAL B 166 25.50 -45.09 10.87
CA VAL B 166 25.79 -44.65 12.23
C VAL B 166 27.31 -44.44 12.28
N LEU B 167 27.71 -43.31 12.86
CA LEU B 167 29.10 -43.00 13.06
C LEU B 167 29.43 -43.07 14.54
N SER B 168 30.61 -43.63 14.86
CA SER B 168 31.08 -43.72 16.24
C SER B 168 32.47 -43.13 16.37
N LYS B 169 32.65 -42.30 17.38
CA LYS B 169 33.92 -41.61 17.58
C LYS B 169 35.00 -42.59 18.07
N THR B 170 36.21 -42.43 17.55
CA THR B 170 37.32 -43.32 17.89
C THR B 170 38.65 -42.62 17.61
N GLU B 171 39.72 -43.17 18.19
CA GLU B 171 41.08 -42.70 17.91
C GLU B 171 41.70 -43.45 16.76
N GLN B 172 41.13 -44.57 16.35
CA GLN B 172 41.64 -45.28 15.19
C GLN B 172 41.38 -44.47 13.93
N LYS B 173 42.31 -44.56 12.99
CA LYS B 173 42.25 -43.78 11.76
C LYS B 173 41.33 -44.45 10.73
N VAL B 174 40.03 -44.30 10.95
CA VAL B 174 39.00 -44.93 10.14
C VAL B 174 37.90 -43.93 9.83
N GLY B 175 36.97 -44.32 8.97
CA GLY B 175 35.88 -43.44 8.57
C GLY B 175 36.37 -42.46 7.51
N LEU B 176 35.62 -41.40 7.30
CA LEU B 176 35.97 -40.37 6.33
C LEU B 176 37.26 -39.65 6.71
N GLN B 177 38.20 -39.63 5.77
CA GLN B 177 39.52 -39.04 5.95
C GLN B 177 39.46 -37.67 5.27
N ASP B 178 40.13 -37.48 4.15
CA ASP B 178 39.98 -36.23 3.45
C ASP B 178 38.70 -36.22 2.61
N ALA B 179 38.11 -35.04 2.47
CA ALA B 179 36.92 -34.87 1.66
C ALA B 179 37.04 -33.55 0.96
N GLN B 180 36.55 -33.51 -0.26
CA GLN B 180 36.47 -32.27 -1.01
C GLN B 180 35.03 -32.11 -1.51
N ILE B 181 34.30 -31.15 -0.94
CA ILE B 181 32.94 -30.87 -1.38
C ILE B 181 32.86 -29.43 -1.86
N GLY B 182 31.94 -29.16 -2.78
CA GLY B 182 31.84 -27.86 -3.34
C GLY B 182 30.57 -27.65 -4.13
N CYS B 183 30.52 -26.54 -4.85
CA CYS B 183 29.37 -26.21 -5.68
C CYS B 183 29.82 -25.28 -6.80
N ASP B 184 29.41 -25.64 -8.01
CA ASP B 184 29.62 -24.85 -9.19
C ASP B 184 28.29 -24.15 -9.46
N ALA B 185 28.15 -22.96 -8.88
CA ALA B 185 26.86 -22.28 -8.85
C ALA B 185 26.46 -21.64 -10.18
N GLN B 186 27.41 -21.41 -11.09
CA GLN B 186 27.09 -20.75 -12.33
C GLN B 186 26.17 -21.66 -13.19
N GLY B 187 26.24 -22.96 -12.98
CA GLY B 187 25.39 -23.91 -13.70
C GLY B 187 24.12 -24.31 -12.97
N ARG B 188 23.69 -23.48 -12.01
CA ARG B 188 22.57 -23.77 -11.15
C ARG B 188 21.24 -23.99 -11.89
N ASP B 189 21.07 -23.33 -13.03
CA ASP B 189 19.77 -23.31 -13.71
C ASP B 189 19.46 -24.55 -14.55
N ILE B 190 20.45 -25.42 -14.77
CA ILE B 190 20.29 -26.57 -15.67
C ILE B 190 19.68 -27.80 -14.98
N LEU B 191 19.47 -27.72 -13.67
CA LEU B 191 18.86 -28.80 -12.91
C LEU B 191 18.13 -28.23 -11.71
N ALA B 192 16.81 -28.04 -11.86
CA ALA B 192 16.03 -27.22 -10.97
C ALA B 192 14.53 -27.46 -11.08
N VAL B 193 13.86 -27.38 -9.93
CA VAL B 193 12.41 -27.22 -9.86
C VAL B 193 12.17 -25.85 -9.17
N PRO B 194 12.23 -24.75 -9.94
CA PRO B 194 12.22 -23.43 -9.29
C PRO B 194 10.92 -23.05 -8.55
N LYS B 195 9.81 -23.70 -8.89
CA LYS B 195 8.51 -23.29 -8.36
C LYS B 195 7.87 -24.28 -7.40
N PHE B 196 8.70 -25.12 -6.75
CA PHE B 196 8.26 -25.70 -5.50
C PHE B 196 9.10 -25.17 -4.35
N GLY B 197 8.42 -24.50 -3.41
CA GLY B 197 9.07 -23.81 -2.31
C GLY B 197 8.36 -22.50 -2.10
N THR B 198 8.98 -21.56 -1.37
CA THR B 198 8.34 -20.32 -1.02
C THR B 198 8.27 -19.33 -2.20
N ALA B 199 8.93 -19.65 -3.31
CA ALA B 199 8.82 -18.88 -4.55
C ALA B 199 7.51 -19.16 -5.29
N MET B 200 6.80 -20.23 -4.90
CA MET B 200 5.58 -20.62 -5.61
C MET B 200 4.41 -19.76 -5.15
N ASP B 201 3.42 -19.60 -6.03
CA ASP B 201 2.17 -18.92 -5.69
C ASP B 201 1.33 -19.90 -4.89
N ARG B 202 1.16 -19.60 -3.61
CA ARG B 202 0.53 -20.51 -2.65
C ARG B 202 -0.95 -20.76 -2.94
N PHE B 203 -1.62 -19.78 -3.53
CA PHE B 203 -3.07 -19.83 -3.73
C PHE B 203 -3.48 -19.99 -5.20
N ASP B 204 -2.51 -20.23 -6.07
CA ASP B 204 -2.81 -20.57 -7.46
C ASP B 204 -3.16 -22.05 -7.53
N ALA B 205 -4.31 -22.37 -8.13
CA ALA B 205 -4.78 -23.76 -8.25
C ALA B 205 -3.93 -24.60 -9.21
N ASP B 206 -3.23 -23.93 -10.13
CA ASP B 206 -2.29 -24.60 -11.04
C ASP B 206 -0.85 -24.68 -10.51
N ASN B 207 -0.62 -24.33 -9.24
CA ASN B 207 0.76 -24.27 -8.72
C ASN B 207 1.46 -25.63 -8.63
N GLY B 208 0.68 -26.71 -8.74
CA GLY B 208 1.23 -28.06 -8.79
C GLY B 208 1.86 -28.47 -10.10
N TYR B 209 1.59 -27.72 -11.16
CA TYR B 209 2.05 -28.08 -12.50
C TYR B 209 3.35 -27.35 -12.82
N TRP B 210 4.37 -27.62 -12.02
CA TRP B 210 5.66 -26.91 -12.11
C TRP B 210 6.61 -27.53 -13.13
N ALA B 211 7.52 -26.72 -13.65
CA ALA B 211 8.56 -27.21 -14.56
C ALA B 211 9.73 -27.86 -13.81
N PHE B 212 10.22 -28.96 -14.37
CA PHE B 212 11.44 -29.61 -13.94
C PHE B 212 12.49 -29.38 -15.03
N ASP B 213 13.22 -28.26 -14.92
CA ASP B 213 14.29 -27.92 -15.85
C ASP B 213 15.44 -28.91 -15.74
N PHE B 214 15.92 -29.40 -16.88
CA PHE B 214 16.88 -30.49 -16.92
C PHE B 214 17.59 -30.52 -18.27
N VAL B 215 18.82 -30.07 -18.30
CA VAL B 215 19.63 -30.09 -19.53
C VAL B 215 20.59 -31.27 -19.39
N GLY B 216 20.10 -32.45 -19.76
CA GLY B 216 20.82 -33.71 -19.55
C GLY B 216 22.29 -33.69 -19.93
N LYS B 217 22.58 -33.12 -21.10
CA LYS B 217 23.91 -33.19 -21.70
C LYS B 217 24.92 -32.33 -20.94
N GLU B 218 24.51 -31.12 -20.57
CA GLU B 218 25.37 -30.24 -19.77
C GLU B 218 25.60 -30.79 -18.36
N ILE B 219 24.54 -31.36 -17.78
CA ILE B 219 24.64 -32.02 -16.48
C ILE B 219 25.63 -33.18 -16.55
N PHE B 220 25.51 -34.00 -17.60
CA PHE B 220 26.40 -35.13 -17.77
C PHE B 220 27.85 -34.64 -17.76
N LYS B 221 28.13 -33.64 -18.59
CA LYS B 221 29.49 -33.14 -18.76
C LYS B 221 30.08 -32.53 -17.49
N ARG B 222 29.35 -31.62 -16.87
CA ARG B 222 29.78 -30.99 -15.64
C ARG B 222 29.94 -31.95 -14.44
N ALA B 223 29.12 -32.99 -14.39
CA ALA B 223 29.20 -34.01 -13.35
C ALA B 223 30.51 -34.81 -13.44
N VAL B 224 30.86 -35.21 -14.64
CA VAL B 224 32.12 -35.94 -14.86
C VAL B 224 33.30 -35.10 -14.41
N ARG B 225 33.30 -33.84 -14.82
CA ARG B 225 34.38 -32.89 -14.51
C ARG B 225 34.45 -32.54 -13.05
N GLY B 226 33.28 -32.31 -12.45
CA GLY B 226 33.20 -31.95 -11.05
C GLY B 226 33.64 -33.07 -10.10
N MET B 227 33.05 -34.24 -10.29
CA MET B 227 33.41 -35.39 -9.48
C MET B 227 34.86 -35.75 -9.71
N GLY B 228 35.28 -35.70 -10.96
CA GLY B 228 36.63 -36.07 -11.36
C GLY B 228 37.66 -35.25 -10.64
N ALA B 229 37.51 -33.92 -10.75
CA ALA B 229 38.41 -32.99 -10.08
C ALA B 229 38.42 -33.18 -8.58
N ALA B 230 37.24 -33.37 -8.01
CA ALA B 230 37.13 -33.57 -6.57
C ALA B 230 37.86 -34.83 -6.11
N ALA B 231 37.63 -35.94 -6.83
CA ALA B 231 38.29 -37.18 -6.55
C ALA B 231 39.83 -37.05 -6.65
N GLN B 232 40.32 -36.38 -7.69
CA GLN B 232 41.75 -36.13 -7.85
C GLN B 232 42.35 -35.35 -6.67
N GLN B 233 41.65 -34.31 -6.20
CA GLN B 233 42.09 -33.58 -5.01
C GLN B 233 42.16 -34.49 -3.80
N VAL B 234 41.15 -35.30 -3.60
CA VAL B 234 41.11 -36.22 -2.47
C VAL B 234 42.27 -37.21 -2.54
N LEU B 235 42.46 -37.82 -3.70
CA LEU B 235 43.54 -38.79 -3.85
C LEU B 235 44.90 -38.14 -3.67
N ALA B 236 45.06 -36.95 -4.23
CA ALA B 236 46.34 -36.22 -4.19
C ALA B 236 46.73 -35.84 -2.77
N ARG B 237 45.79 -35.24 -2.05
CA ARG B 237 46.03 -34.79 -0.68
C ARG B 237 46.35 -35.95 0.26
N SER B 238 45.70 -37.10 0.04
CA SER B 238 45.88 -38.26 0.87
C SER B 238 47.14 -39.12 0.56
N GLY B 239 47.87 -38.80 -0.50
CA GLY B 239 49.09 -39.53 -0.87
C GLY B 239 48.82 -40.97 -1.31
N LEU B 240 47.63 -41.22 -1.83
CA LEU B 240 47.25 -42.56 -2.27
C LEU B 240 47.50 -42.69 -3.75
N SER B 241 47.97 -43.87 -4.16
CA SER B 241 47.96 -44.18 -5.58
C SER B 241 46.54 -44.68 -5.89
N THR B 242 46.16 -44.59 -7.15
CA THR B 242 44.83 -44.99 -7.59
C THR B 242 44.57 -46.50 -7.42
N GLU B 243 45.59 -47.33 -7.62
CA GLU B 243 45.46 -48.77 -7.38
C GLU B 243 45.17 -49.12 -5.91
N GLU B 244 45.44 -48.20 -4.98
CA GLU B 244 45.16 -48.43 -3.56
C GLU B 244 43.68 -48.26 -3.20
N ILE B 245 42.90 -47.63 -4.06
CA ILE B 245 41.45 -47.60 -3.90
C ILE B 245 40.88 -48.98 -4.16
N ASP B 246 40.11 -49.51 -3.20
CA ASP B 246 39.57 -50.83 -3.35
C ASP B 246 38.15 -50.82 -3.88
N VAL B 247 37.38 -49.81 -3.53
CA VAL B 247 35.97 -49.78 -3.92
C VAL B 247 35.60 -48.35 -4.20
N VAL B 248 34.83 -48.13 -5.26
CA VAL B 248 34.20 -46.81 -5.49
C VAL B 248 32.72 -46.95 -5.21
N ILE B 249 32.19 -46.09 -4.36
CA ILE B 249 30.77 -45.99 -4.09
C ILE B 249 30.27 -44.66 -4.66
N PRO B 250 29.77 -44.68 -5.89
CA PRO B 250 29.44 -43.40 -6.47
C PRO B 250 27.95 -43.09 -6.36
N HIS B 251 27.62 -41.83 -6.54
CA HIS B 251 26.24 -41.43 -6.78
C HIS B 251 25.74 -42.13 -8.03
N GLN B 252 24.48 -42.50 -8.03
CA GLN B 252 23.91 -43.35 -9.07
C GLN B 252 22.91 -42.53 -9.89
N ALA B 253 23.43 -41.70 -10.80
CA ALA B 253 22.58 -40.88 -11.65
C ALA B 253 22.52 -41.41 -13.07
N ASN B 254 23.63 -41.97 -13.53
CA ASN B 254 23.74 -42.53 -14.89
C ASN B 254 24.93 -43.46 -14.90
N ILE B 255 24.75 -44.68 -15.40
CA ILE B 255 25.84 -45.62 -15.40
C ILE B 255 27.04 -45.11 -16.23
N ARG B 256 26.74 -44.35 -17.28
CA ARG B 256 27.78 -43.84 -18.16
C ARG B 256 28.62 -42.75 -17.52
N ILE B 257 28.02 -42.01 -16.58
CA ILE B 257 28.76 -41.04 -15.78
C ILE B 257 29.76 -41.77 -14.86
N ILE B 258 29.30 -42.85 -14.24
CA ILE B 258 30.13 -43.65 -13.35
C ILE B 258 31.30 -44.28 -14.10
N GLN B 259 31.01 -44.83 -15.27
CA GLN B 259 32.03 -45.45 -16.11
C GLN B 259 33.07 -44.44 -16.58
N THR B 260 32.60 -43.26 -17.01
CA THR B 260 33.49 -42.23 -17.49
C THR B 260 34.40 -41.72 -16.37
N LEU B 261 33.83 -41.53 -15.18
CA LEU B 261 34.58 -41.16 -13.99
C LEU B 261 35.73 -42.13 -13.70
N CYS B 262 35.43 -43.43 -13.73
CA CYS B 262 36.46 -44.42 -13.45
C CYS B 262 37.50 -44.43 -14.55
N ASP B 263 37.03 -44.38 -15.78
CA ASP B 263 37.92 -44.40 -16.94
C ASP B 263 38.94 -43.26 -16.89
N LEU B 264 38.46 -42.04 -16.67
CA LEU B 264 39.34 -40.86 -16.70
C LEU B 264 40.28 -40.80 -15.49
N ALA B 265 39.85 -41.38 -14.38
CA ALA B 265 40.73 -41.50 -13.19
C ALA B 265 41.71 -42.69 -13.26
N GLY B 266 41.46 -43.62 -14.19
CA GLY B 266 42.26 -44.82 -14.27
C GLY B 266 41.94 -45.82 -13.19
N ILE B 267 40.72 -45.76 -12.67
CA ILE B 267 40.22 -46.76 -11.73
C ILE B 267 39.51 -47.86 -12.52
N ALA B 268 39.81 -49.12 -12.21
CA ALA B 268 39.21 -50.29 -12.89
C ALA B 268 37.70 -50.33 -12.67
N GLN B 269 36.96 -50.61 -13.74
CA GLN B 269 35.47 -50.48 -13.74
C GLN B 269 34.83 -51.35 -12.69
N ASP B 270 35.41 -52.52 -12.49
CA ASP B 270 34.83 -53.51 -11.59
C ASP B 270 34.97 -53.14 -10.10
N LYS B 271 35.68 -52.05 -9.80
CA LYS B 271 35.71 -51.51 -8.44
C LYS B 271 34.51 -50.62 -8.09
N ALA B 272 33.76 -50.18 -9.10
CA ALA B 272 32.59 -49.32 -8.84
C ALA B 272 31.39 -50.16 -8.46
N PHE B 273 30.82 -49.92 -7.29
CA PHE B 273 29.55 -50.56 -6.94
C PHE B 273 28.41 -49.83 -7.66
N VAL B 274 27.58 -50.58 -8.36
CA VAL B 274 26.50 -50.03 -9.14
C VAL B 274 25.20 -50.76 -8.79
N ASN B 275 24.19 -50.02 -8.35
CA ASN B 275 22.83 -50.56 -8.18
C ASN B 275 21.77 -49.67 -8.87
N ILE B 276 22.19 -48.83 -9.81
CA ILE B 276 21.26 -47.94 -10.47
C ILE B 276 20.16 -48.67 -11.26
N HIS B 277 20.48 -49.86 -11.75
CA HIS B 277 19.54 -50.66 -12.52
C HIS B 277 18.28 -51.01 -11.72
N ARG B 278 18.43 -51.19 -10.42
CA ARG B 278 17.32 -51.53 -9.53
C ARG B 278 16.52 -50.33 -8.98
N TYR B 279 17.20 -49.22 -8.70
CA TYR B 279 16.60 -48.13 -7.92
C TYR B 279 16.50 -46.79 -8.63
N GLY B 280 17.29 -46.61 -9.68
CA GLY B 280 17.34 -45.33 -10.36
C GLY B 280 18.10 -44.33 -9.53
N ASN B 281 17.92 -43.06 -9.84
CA ASN B 281 18.54 -41.98 -9.06
C ASN B 281 17.64 -41.60 -7.90
N THR B 282 18.07 -41.96 -6.69
CA THR B 282 17.38 -41.64 -5.43
C THR B 282 18.00 -40.46 -4.66
N SER B 283 18.64 -39.56 -5.39
CA SER B 283 19.28 -38.39 -4.84
C SER B 283 20.18 -38.68 -3.61
N ALA B 284 19.93 -38.03 -2.48
CA ALA B 284 20.80 -38.15 -1.31
C ALA B 284 20.92 -39.61 -0.83
N ALA B 285 19.98 -40.46 -1.21
CA ALA B 285 19.98 -41.83 -0.78
C ALA B 285 20.94 -42.72 -1.55
N THR B 286 21.36 -42.33 -2.75
CA THR B 286 22.12 -43.24 -3.58
C THR B 286 23.38 -43.79 -2.90
N VAL B 287 24.19 -42.92 -2.29
CA VAL B 287 25.46 -43.35 -1.74
C VAL B 287 25.30 -44.31 -0.58
N PRO B 288 24.48 -43.93 0.43
CA PRO B 288 24.36 -44.84 1.58
C PRO B 288 23.63 -46.15 1.29
N ILE B 289 22.70 -46.16 0.34
CA ILE B 289 22.11 -47.43 -0.08
C ILE B 289 23.16 -48.28 -0.75
N ALA B 290 23.87 -47.69 -1.70
CA ALA B 290 24.97 -48.38 -2.38
C ALA B 290 26.05 -48.90 -1.42
N LEU B 291 26.40 -48.10 -0.43
CA LEU B 291 27.35 -48.54 0.61
C LEU B 291 26.77 -49.71 1.40
N CYS B 292 25.52 -49.58 1.81
CA CYS B 292 24.85 -50.62 2.56
C CYS B 292 24.88 -51.94 1.78
N GLU B 293 24.54 -51.90 0.50
CA GLU B 293 24.45 -53.09 -0.29
C GLU B 293 25.82 -53.66 -0.65
N ALA B 294 26.83 -52.79 -0.84
CA ALA B 294 28.19 -53.24 -1.06
C ALA B 294 28.62 -54.11 0.13
N LEU B 295 28.32 -53.64 1.33
CA LEU B 295 28.65 -54.39 2.54
C LEU B 295 27.86 -55.71 2.64
N GLU B 296 26.56 -55.65 2.33
CA GLU B 296 25.68 -56.85 2.33
C GLU B 296 26.19 -57.90 1.35
N GLN B 297 26.69 -57.44 0.20
CA GLN B 297 27.12 -58.33 -0.85
C GLN B 297 28.61 -58.69 -0.78
N GLY B 298 29.29 -58.30 0.29
CA GLY B 298 30.68 -58.77 0.51
C GLY B 298 31.71 -58.11 -0.36
N LYS B 299 31.45 -56.88 -0.78
CA LYS B 299 32.32 -56.17 -1.71
C LYS B 299 33.40 -55.39 -0.99
N ILE B 300 33.21 -55.17 0.31
CA ILE B 300 34.13 -54.36 1.10
C ILE B 300 34.78 -55.23 2.16
N LYS B 301 36.09 -55.08 2.29
CA LYS B 301 36.90 -55.88 3.22
C LYS B 301 37.39 -54.96 4.33
N PRO B 302 37.80 -55.54 5.47
CA PRO B 302 38.35 -54.74 6.55
C PRO B 302 39.56 -53.99 6.06
N HIS B 303 39.69 -52.73 6.50
CA HIS B 303 40.78 -51.84 6.06
C HIS B 303 40.78 -51.42 4.60
N ASP B 304 39.70 -51.64 3.86
CA ASP B 304 39.65 -51.15 2.47
C ASP B 304 39.64 -49.62 2.41
N ASP B 305 40.14 -49.08 1.31
CA ASP B 305 40.04 -47.68 1.00
C ASP B 305 38.88 -47.46 0.02
N LEU B 306 37.93 -46.64 0.42
CA LEU B 306 36.74 -46.37 -0.41
C LEU B 306 36.86 -44.98 -0.98
N LEU B 307 36.51 -44.84 -2.26
CA LEU B 307 36.32 -43.53 -2.86
C LEU B 307 34.82 -43.33 -3.03
N VAL B 308 34.34 -42.23 -2.46
CA VAL B 308 32.97 -41.82 -2.66
C VAL B 308 32.99 -40.54 -3.51
N ALA B 309 31.97 -40.39 -4.34
CA ALA B 309 31.84 -39.29 -5.24
C ALA B 309 30.37 -39.04 -5.54
N ALA B 310 29.99 -37.78 -5.58
CA ALA B 310 28.58 -37.44 -5.87
C ALA B 310 28.51 -36.09 -6.53
N PHE B 311 27.34 -35.83 -7.09
CA PHE B 311 27.06 -34.60 -7.79
C PHE B 311 25.57 -34.34 -7.78
N GLY B 312 25.17 -33.09 -7.92
CA GLY B 312 23.74 -32.76 -7.85
C GLY B 312 23.37 -31.35 -8.21
N ALA B 313 22.06 -31.07 -8.12
CA ALA B 313 21.55 -29.73 -8.33
C ALA B 313 22.37 -28.72 -7.51
N GLY B 314 22.66 -27.57 -8.09
CA GLY B 314 23.46 -26.59 -7.37
C GLY B 314 24.37 -25.71 -8.20
N LEU B 315 25.27 -26.29 -9.01
CA LEU B 315 25.57 -27.70 -9.09
C LEU B 315 26.53 -28.17 -7.98
N THR B 316 26.02 -28.93 -7.01
CA THR B 316 26.86 -29.37 -5.89
C THR B 316 27.71 -30.56 -6.33
N TRP B 317 28.85 -30.72 -5.67
CA TRP B 317 29.73 -31.80 -6.00
C TRP B 317 30.61 -32.17 -4.82
N GLY B 318 31.16 -33.36 -4.88
CA GLY B 318 31.96 -33.84 -3.80
C GLY B 318 32.60 -35.17 -4.04
N ALA B 319 33.71 -35.39 -3.33
CA ALA B 319 34.35 -36.69 -3.25
C ALA B 319 34.96 -36.86 -1.86
N GLY B 320 35.17 -38.12 -1.47
CA GLY B 320 35.73 -38.41 -0.16
C GLY B 320 36.45 -39.74 -0.14
N HIS B 321 37.42 -39.84 0.76
CA HIS B 321 38.13 -41.08 1.04
C HIS B 321 37.70 -41.60 2.39
N ILE B 322 37.19 -42.82 2.42
CA ILE B 322 36.82 -43.47 3.66
C ILE B 322 37.75 -44.67 3.82
N ARG B 323 38.35 -44.79 4.99
CA ARG B 323 39.16 -45.92 5.36
C ARG B 323 38.28 -46.79 6.24
N TRP B 324 37.97 -48.02 5.79
CA TRP B 324 37.14 -48.90 6.56
C TRP B 324 37.91 -49.48 7.72
N GLY B 325 37.19 -49.82 8.77
CA GLY B 325 37.75 -50.42 9.98
C GLY B 325 37.72 -51.94 9.91
N GLU B 326 37.54 -52.56 11.08
CA GLU B 326 37.69 -54.02 11.23
C GLU B 326 36.44 -54.83 10.88
N ARG B 327 35.28 -54.22 10.98
CA ARG B 327 34.03 -54.98 10.94
C ARG B 327 33.20 -54.64 9.70
N ILE B 328 32.90 -55.66 8.90
CA ILE B 328 32.00 -55.53 7.74
C ILE B 328 30.67 -56.27 7.93
N THR B 329 30.40 -56.69 9.16
CA THR B 329 29.21 -57.45 9.50
C THR B 329 28.41 -56.66 10.49
N PRO B 330 27.07 -56.72 10.40
CA PRO B 330 26.22 -56.10 11.44
C PRO B 330 26.37 -56.72 12.81
N LEU B 331 26.26 -55.92 13.88
CA LEU B 331 26.18 -56.49 15.22
C LEU B 331 24.79 -57.06 15.46
N GLY B 332 23.74 -56.38 15.01
CA GLY B 332 22.38 -56.91 15.13
C GLY B 332 21.54 -56.62 13.92
N LYS B 333 20.41 -57.32 13.83
CA LYS B 333 19.43 -57.09 12.78
C LYS B 333 18.18 -56.43 13.37
N SER B 334 17.46 -55.73 12.51
CA SER B 334 16.22 -55.06 12.86
C SER B 334 15.12 -55.67 12.03
N ASP B 335 13.99 -55.97 12.66
CA ASP B 335 12.80 -56.41 11.92
C ASP B 335 11.94 -55.24 11.44
N ALA B 336 12.45 -54.01 11.60
CA ALA B 336 11.72 -52.82 11.20
C ALA B 336 11.37 -52.83 9.72
N GLN B 337 10.12 -52.54 9.42
CA GLN B 337 9.59 -52.61 8.07
C GLN B 337 8.65 -51.45 7.84
N LEU B 338 8.46 -51.10 6.57
CA LEU B 338 7.36 -50.24 6.18
C LEU B 338 6.02 -50.97 6.30
N PRO B 339 4.92 -50.23 6.49
CA PRO B 339 3.60 -50.86 6.38
C PRO B 339 3.40 -51.45 4.99
N SER B 340 2.68 -52.56 4.93
CA SER B 340 2.44 -53.26 3.68
C SER B 340 1.76 -52.36 2.67
N CYS B 341 2.04 -52.64 1.41
CA CYS B 341 1.51 -51.86 0.30
C CYS B 341 0.85 -52.82 -0.68
N ASP B 342 -0.48 -52.75 -0.78
CA ASP B 342 -1.24 -53.62 -1.66
C ASP B 342 -1.56 -52.91 -2.97
N HIS B 343 -0.57 -52.16 -3.48
CA HIS B 343 -0.73 -51.38 -4.71
C HIS B 343 0.51 -51.50 -5.57
N THR B 344 0.33 -51.36 -6.88
CA THR B 344 1.44 -51.27 -7.83
C THR B 344 1.97 -49.85 -7.86
N ALA B 345 3.10 -49.65 -8.52
CA ALA B 345 3.67 -48.33 -8.69
C ALA B 345 2.77 -47.48 -9.57
N LEU B 346 2.23 -48.07 -10.64
CA LEU B 346 1.22 -47.38 -11.48
C LEU B 346 -0.03 -46.97 -10.69
N ASP B 347 -0.55 -47.88 -9.87
CA ASP B 347 -1.64 -47.56 -8.93
C ASP B 347 -1.35 -46.31 -8.08
N LEU B 348 -0.17 -46.27 -7.47
CA LEU B 348 0.24 -45.13 -6.63
C LEU B 348 0.36 -43.81 -7.38
N LEU B 349 0.87 -43.87 -8.62
CA LEU B 349 1.05 -42.67 -9.41
C LEU B 349 -0.20 -42.28 -10.21
N SER B 350 -1.19 -43.17 -10.24
CA SER B 350 -2.41 -42.99 -11.02
C SER B 350 -2.96 -41.55 -11.03
N LYS B 351 -3.27 -41.03 -9.84
CA LYS B 351 -3.83 -39.68 -9.69
C LYS B 351 -2.90 -38.61 -10.28
N ALA B 352 -1.64 -38.66 -9.88
CA ALA B 352 -0.63 -37.69 -10.35
C ALA B 352 -0.48 -37.70 -11.87
N ILE B 353 -0.37 -38.90 -12.45
CA ILE B 353 -0.28 -39.06 -13.89
C ILE B 353 -1.53 -38.47 -14.59
N GLU B 354 -2.72 -38.84 -14.10
CA GLU B 354 -4.00 -38.32 -14.64
C GLU B 354 -4.06 -36.79 -14.65
N HIS B 355 -3.64 -36.18 -13.56
CA HIS B 355 -3.64 -34.71 -13.43
C HIS B 355 -2.65 -34.07 -14.38
N CYS B 356 -1.45 -34.65 -14.47
CA CYS B 356 -0.42 -34.11 -15.36
C CYS B 356 -0.85 -34.19 -16.82
N LYS B 357 -1.48 -35.30 -17.22
CA LYS B 357 -1.96 -35.46 -18.59
C LYS B 357 -3.16 -34.55 -18.90
N ARG B 358 -4.12 -34.48 -17.98
CA ARG B 358 -5.31 -33.66 -18.15
C ARG B 358 -4.98 -32.17 -18.24
N HIS B 359 -3.97 -31.71 -17.51
CA HIS B 359 -3.57 -30.31 -17.51
C HIS B 359 -2.86 -29.91 -18.81
N GLN B 360 -2.13 -30.86 -19.42
CA GLN B 360 -1.41 -30.60 -20.67
C GLN B 360 -2.40 -30.34 -21.82
N THR C 2 -20.85 -20.28 -23.17
CA THR C 2 -20.83 -18.85 -22.73
C THR C 2 -22.25 -18.24 -22.71
N GLN C 3 -22.62 -17.63 -21.57
CA GLN C 3 -23.99 -17.16 -21.33
C GLN C 3 -24.30 -15.89 -22.11
N CYS C 4 -25.40 -15.90 -22.85
CA CYS C 4 -25.80 -14.77 -23.68
C CYS C 4 -27.20 -14.31 -23.32
N TYR C 5 -27.56 -13.14 -23.81
CA TYR C 5 -28.81 -12.50 -23.47
C TYR C 5 -29.41 -11.80 -24.67
N ALA C 6 -30.73 -11.59 -24.63
CA ALA C 6 -31.43 -10.87 -25.69
C ALA C 6 -31.92 -9.51 -25.17
N GLU C 7 -31.15 -8.47 -25.45
CA GLU C 7 -31.46 -7.13 -25.00
C GLU C 7 -32.55 -6.51 -25.87
N ILE C 8 -33.47 -5.80 -25.24
CA ILE C 8 -34.49 -5.08 -25.97
C ILE C 8 -33.91 -3.76 -26.40
N THR C 9 -33.56 -3.66 -27.66
CA THR C 9 -32.87 -2.49 -28.18
C THR C 9 -33.81 -1.59 -29.00
N GLY C 10 -35.00 -2.06 -29.30
CA GLY C 10 -35.91 -1.32 -30.14
C GLY C 10 -37.34 -1.58 -29.73
N TRP C 11 -38.17 -0.56 -29.83
CA TRP C 11 -39.57 -0.64 -29.43
C TRP C 11 -40.39 0.24 -30.37
N GLY C 12 -41.64 -0.13 -30.59
CA GLY C 12 -42.48 0.59 -31.54
C GLY C 12 -43.92 0.16 -31.44
N LYS C 13 -44.82 1.01 -31.92
CA LYS C 13 -46.26 0.75 -31.81
C LYS C 13 -46.96 1.24 -33.06
N CYS C 14 -48.15 0.71 -33.29
CA CYS C 14 -48.99 1.23 -34.36
C CYS C 14 -50.41 1.11 -33.87
N LEU C 15 -51.01 2.27 -33.62
CA LEU C 15 -52.41 2.36 -33.27
C LEU C 15 -53.13 2.97 -34.46
N PRO C 16 -54.17 2.28 -34.97
CA PRO C 16 -54.93 2.90 -36.05
C PRO C 16 -55.72 4.11 -35.54
N PRO C 17 -55.99 5.10 -36.43
CA PRO C 17 -56.55 6.38 -35.97
C PRO C 17 -58.04 6.39 -35.61
N ALA C 18 -58.86 5.56 -36.26
CA ALA C 18 -60.30 5.57 -36.01
C ALA C 18 -60.60 5.11 -34.59
N THR C 19 -61.31 5.95 -33.83
CA THR C 19 -61.51 5.77 -32.40
C THR C 19 -62.97 5.49 -32.08
N LEU C 20 -63.21 4.36 -31.39
CA LEU C 20 -64.54 3.99 -30.93
C LEU C 20 -64.67 4.34 -29.45
N SER C 21 -65.49 5.35 -29.15
CA SER C 21 -65.72 5.80 -27.78
C SER C 21 -66.79 4.95 -27.10
N ASN C 22 -66.88 5.07 -25.78
CA ASN C 22 -67.91 4.37 -25.03
C ASN C 22 -69.30 4.85 -25.43
N HIS C 23 -69.43 6.15 -25.67
CA HIS C 23 -70.68 6.73 -26.16
C HIS C 23 -71.06 6.16 -27.52
N ASP C 24 -70.09 5.99 -28.42
CA ASP C 24 -70.33 5.38 -29.73
C ASP C 24 -71.00 4.02 -29.59
N LEU C 25 -70.49 3.20 -28.67
CA LEU C 25 -71.08 1.90 -28.39
C LEU C 25 -72.48 2.02 -27.79
N SER C 26 -72.70 3.09 -27.03
CA SER C 26 -73.98 3.35 -26.34
C SER C 26 -75.13 3.58 -27.31
N THR C 27 -74.84 3.96 -28.55
CA THR C 27 -75.86 4.28 -29.53
C THR C 27 -76.52 3.04 -30.17
N PHE C 28 -75.80 1.91 -30.20
CA PHE C 28 -76.35 0.68 -30.80
C PHE C 28 -76.39 -0.51 -29.83
N LEU C 29 -76.19 -0.24 -28.54
CA LEU C 29 -76.04 -1.29 -27.54
C LEU C 29 -76.56 -0.83 -26.16
N ASP C 30 -77.17 -1.73 -25.39
CA ASP C 30 -77.65 -1.39 -24.05
C ASP C 30 -76.48 -1.32 -23.04
N THR C 31 -75.66 -0.29 -23.19
CA THR C 31 -74.53 -0.05 -22.30
C THR C 31 -74.26 1.46 -22.16
N SER C 32 -73.30 1.82 -21.31
CA SER C 32 -73.00 3.22 -21.03
C SER C 32 -71.52 3.42 -20.73
N ASP C 33 -71.05 4.65 -20.95
CA ASP C 33 -69.71 5.07 -20.55
C ASP C 33 -69.48 4.86 -19.06
N GLU C 34 -70.50 5.13 -18.25
CA GLU C 34 -70.40 4.95 -16.79
C GLU C 34 -70.10 3.49 -16.42
N TRP C 35 -70.84 2.56 -17.01
CA TRP C 35 -70.66 1.13 -16.68
C TRP C 35 -69.30 0.64 -17.15
N ILE C 36 -68.96 0.97 -18.39
CA ILE C 36 -67.74 0.49 -19.02
C ILE C 36 -66.49 1.02 -18.32
N GLN C 37 -66.46 2.32 -18.08
CA GLN C 37 -65.29 2.95 -17.46
C GLN C 37 -65.12 2.50 -16.01
N SER C 38 -66.21 2.34 -15.27
CA SER C 38 -66.10 1.90 -13.87
C SER C 38 -65.75 0.40 -13.71
N ARG C 39 -66.26 -0.46 -14.59
CA ARG C 39 -66.01 -1.91 -14.50
C ARG C 39 -64.68 -2.32 -15.12
N THR C 40 -64.29 -1.65 -16.21
CA THR C 40 -63.13 -2.05 -17.02
C THR C 40 -61.99 -1.04 -17.07
N GLY C 41 -62.29 0.24 -16.86
CA GLY C 41 -61.31 1.33 -17.07
C GLY C 41 -61.24 1.85 -18.51
N ILE C 42 -61.87 1.17 -19.46
CA ILE C 42 -61.75 1.52 -20.88
C ILE C 42 -62.65 2.70 -21.20
N GLU C 43 -62.10 3.67 -21.95
CA GLU C 43 -62.85 4.82 -22.43
C GLU C 43 -62.93 4.83 -23.96
N GLN C 44 -61.83 4.42 -24.61
CA GLN C 44 -61.74 4.39 -26.05
C GLN C 44 -61.00 3.14 -26.50
N ARG C 45 -61.25 2.73 -27.74
CA ARG C 45 -60.39 1.75 -28.42
C ARG C 45 -60.23 2.16 -29.85
N ARG C 46 -59.24 1.59 -30.50
CA ARG C 46 -58.98 1.86 -31.90
C ARG C 46 -59.55 0.74 -32.75
N ILE C 47 -60.00 1.13 -33.94
CA ILE C 47 -60.58 0.20 -34.88
C ILE C 47 -59.82 0.35 -36.18
N SER C 48 -59.25 -0.73 -36.66
CA SER C 48 -58.36 -0.67 -37.80
C SER C 48 -59.13 -0.64 -39.11
N HIS C 49 -58.62 0.17 -40.04
CA HIS C 49 -59.09 0.21 -41.44
C HIS C 49 -58.16 -0.62 -42.37
N VAL C 50 -57.13 -1.21 -41.77
CA VAL C 50 -56.17 -2.05 -42.48
C VAL C 50 -56.09 -3.43 -41.82
N ASN C 51 -55.42 -4.35 -42.50
CA ASN C 51 -55.19 -5.69 -41.99
C ASN C 51 -54.17 -5.78 -40.85
N THR C 52 -54.20 -6.87 -40.11
CA THR C 52 -53.29 -7.09 -38.99
C THR C 52 -51.82 -6.94 -39.41
N SER C 53 -51.46 -7.53 -40.54
CA SER C 53 -50.09 -7.43 -41.06
C SER C 53 -49.62 -6.00 -41.29
N ASP C 54 -50.53 -5.10 -41.68
CA ASP C 54 -50.17 -3.70 -41.89
C ASP C 54 -49.87 -2.98 -40.57
N LEU C 55 -50.69 -3.21 -39.55
CA LEU C 55 -50.40 -2.70 -38.20
C LEU C 55 -49.04 -3.24 -37.72
N ALA C 56 -48.82 -4.55 -37.88
CA ALA C 56 -47.58 -5.20 -37.46
C ALA C 56 -46.35 -4.63 -38.16
N THR C 57 -46.51 -4.30 -39.45
CA THR C 57 -45.45 -3.77 -40.28
C THR C 57 -44.99 -2.37 -39.81
N VAL C 58 -45.94 -1.51 -39.47
CA VAL C 58 -45.62 -0.15 -39.05
C VAL C 58 -44.93 -0.14 -37.68
N ALA C 59 -45.42 -0.97 -36.76
CA ALA C 59 -44.80 -1.09 -35.44
C ALA C 59 -43.37 -1.60 -35.54
N ALA C 60 -43.16 -2.58 -36.40
CA ALA C 60 -41.85 -3.16 -36.63
C ALA C 60 -40.90 -2.15 -37.22
N GLN C 61 -41.36 -1.43 -38.25
CA GLN C 61 -40.62 -0.30 -38.77
C GLN C 61 -40.18 0.70 -37.70
N HIS C 62 -41.04 1.03 -36.78
CA HIS C 62 -40.67 1.97 -35.71
C HIS C 62 -39.63 1.34 -34.80
N ALA C 63 -39.76 0.04 -34.53
CA ALA C 63 -38.86 -0.64 -33.61
C ALA C 63 -37.47 -0.78 -34.18
N ILE C 64 -37.40 -1.06 -35.48
CA ILE C 64 -36.13 -1.19 -36.21
C ILE C 64 -35.38 0.13 -36.23
N ALA C 65 -36.09 1.22 -36.54
CA ALA C 65 -35.51 2.56 -36.48
C ALA C 65 -35.09 2.90 -35.05
N CYS C 66 -35.88 2.50 -34.08
CA CYS C 66 -35.55 2.73 -32.69
C CYS C 66 -34.27 1.95 -32.27
N ALA C 67 -34.09 0.74 -32.77
CA ALA C 67 -32.89 -0.06 -32.52
C ALA C 67 -31.69 0.30 -33.39
N GLY C 68 -31.92 0.97 -34.50
CA GLY C 68 -30.84 1.35 -35.41
C GLY C 68 -30.26 0.15 -36.16
N VAL C 69 -31.02 -0.93 -36.22
CA VAL C 69 -30.58 -2.14 -36.91
C VAL C 69 -31.01 -2.10 -38.38
N SER C 70 -30.22 -2.73 -39.24
CA SER C 70 -30.57 -2.85 -40.64
C SER C 70 -31.38 -4.11 -40.85
N VAL C 71 -32.26 -4.08 -41.83
CA VAL C 71 -33.13 -5.22 -42.14
C VAL C 71 -32.35 -6.51 -42.41
N GLU C 72 -31.12 -6.42 -42.93
CA GLU C 72 -30.29 -7.60 -43.18
C GLU C 72 -29.72 -8.27 -41.91
N GLU C 73 -29.80 -7.58 -40.77
CA GLU C 73 -29.32 -8.11 -39.49
C GLU C 73 -30.40 -8.92 -38.77
N ILE C 74 -31.66 -8.79 -39.18
CA ILE C 74 -32.76 -9.51 -38.53
C ILE C 74 -32.73 -10.99 -38.94
N ASP C 75 -32.65 -11.90 -37.96
CA ASP C 75 -32.55 -13.34 -38.17
C ASP C 75 -33.83 -14.10 -37.85
N LEU C 76 -34.78 -13.43 -37.21
CA LEU C 76 -35.93 -14.09 -36.65
C LEU C 76 -37.05 -13.10 -36.53
N ILE C 77 -38.24 -13.49 -36.97
CA ILE C 77 -39.43 -12.63 -36.84
C ILE C 77 -40.53 -13.46 -36.28
N ILE C 78 -41.05 -13.06 -35.12
CA ILE C 78 -42.20 -13.71 -34.53
C ILE C 78 -43.32 -12.69 -34.50
N VAL C 79 -44.48 -13.06 -35.02
CA VAL C 79 -45.66 -12.28 -34.86
C VAL C 79 -46.59 -13.05 -33.96
N ALA C 80 -46.88 -12.50 -32.80
CA ALA C 80 -47.91 -13.01 -31.92
C ALA C 80 -49.26 -12.39 -32.30
N THR C 81 -50.19 -13.24 -32.70
CA THR C 81 -51.53 -12.79 -33.09
C THR C 81 -52.49 -13.97 -33.02
N CYS C 82 -53.75 -13.66 -32.77
CA CYS C 82 -54.84 -14.59 -32.96
C CYS C 82 -55.84 -14.03 -33.99
N SER C 83 -55.41 -13.04 -34.78
CA SER C 83 -56.27 -12.45 -35.82
C SER C 83 -55.48 -12.21 -37.09
N PRO C 84 -54.79 -13.25 -37.60
CA PRO C 84 -53.95 -13.08 -38.78
C PRO C 84 -54.76 -12.90 -40.06
N ASP C 85 -54.28 -12.04 -40.96
CA ASP C 85 -54.89 -11.81 -42.27
C ASP C 85 -55.20 -13.15 -42.94
N SER C 86 -54.21 -14.04 -42.89
CA SER C 86 -54.29 -15.32 -43.55
C SER C 86 -53.56 -16.35 -42.73
N LEU C 87 -53.90 -17.61 -42.96
CA LEU C 87 -53.24 -18.74 -42.31
C LEU C 87 -52.23 -19.38 -43.25
N ILE C 88 -52.50 -19.33 -44.55
CA ILE C 88 -51.58 -19.74 -45.57
C ILE C 88 -51.36 -18.56 -46.52
N PRO C 89 -50.16 -17.94 -46.47
CA PRO C 89 -49.04 -18.17 -45.55
C PRO C 89 -49.27 -17.45 -44.23
N ASN C 90 -48.29 -17.53 -43.34
CA ASN C 90 -48.32 -16.82 -42.10
C ASN C 90 -48.09 -15.31 -42.36
N ILE C 91 -48.50 -14.48 -41.41
CA ILE C 91 -48.28 -13.05 -41.57
C ILE C 91 -46.92 -12.54 -41.12
N ALA C 92 -46.13 -13.34 -40.38
CA ALA C 92 -44.74 -12.96 -40.14
C ALA C 92 -44.00 -12.84 -41.45
N SER C 93 -44.32 -13.70 -42.41
CA SER C 93 -43.71 -13.61 -43.75
C SER C 93 -44.15 -12.38 -44.55
N ARG C 94 -45.39 -11.93 -44.33
CA ARG C 94 -45.89 -10.72 -44.97
C ARG C 94 -45.15 -9.52 -44.42
N VAL C 95 -44.98 -9.46 -43.09
CA VAL C 95 -44.16 -8.41 -42.48
C VAL C 95 -42.73 -8.44 -43.05
N GLN C 96 -42.17 -9.63 -43.16
CA GLN C 96 -40.85 -9.83 -43.75
C GLN C 96 -40.77 -9.30 -45.17
N GLN C 97 -41.78 -9.63 -45.96
CA GLN C 97 -41.87 -9.20 -47.36
C GLN C 97 -41.99 -7.68 -47.43
N ASN C 98 -42.83 -7.09 -46.57
CA ASN C 98 -42.99 -5.64 -46.56
C ASN C 98 -41.70 -4.92 -46.22
N LEU C 99 -40.92 -5.47 -45.29
CA LEU C 99 -39.71 -4.78 -44.84
C LEU C 99 -38.49 -5.09 -45.67
N GLY C 100 -38.56 -6.09 -46.55
CA GLY C 100 -37.40 -6.51 -47.31
C GLY C 100 -36.32 -7.19 -46.46
N ILE C 101 -36.73 -7.88 -45.40
CA ILE C 101 -35.78 -8.67 -44.59
C ILE C 101 -35.50 -9.99 -45.31
N PRO C 102 -34.23 -10.26 -45.67
CA PRO C 102 -33.91 -11.53 -46.31
C PRO C 102 -33.75 -12.67 -45.30
N SER C 103 -34.22 -13.86 -45.68
CA SER C 103 -33.83 -15.16 -45.10
C SER C 103 -34.30 -15.48 -43.68
N ALA C 104 -34.64 -14.47 -42.86
CA ALA C 104 -34.96 -14.71 -41.48
C ALA C 104 -36.02 -15.78 -41.27
N ALA C 105 -35.87 -16.56 -40.21
CA ALA C 105 -36.96 -17.41 -39.74
C ALA C 105 -38.14 -16.54 -39.41
N ALA C 106 -39.32 -16.97 -39.81
CA ALA C 106 -40.54 -16.16 -39.63
C ALA C 106 -41.75 -17.03 -39.36
N PHE C 107 -42.32 -16.90 -38.15
CA PHE C 107 -43.54 -17.61 -37.83
C PHE C 107 -44.50 -16.81 -36.99
N ASP C 108 -45.76 -17.23 -37.06
CA ASP C 108 -46.81 -16.69 -36.22
C ASP C 108 -46.95 -17.58 -35.03
N LEU C 109 -47.19 -16.96 -33.89
CA LEU C 109 -47.39 -17.68 -32.67
C LEU C 109 -48.78 -17.29 -32.14
N ASN C 110 -49.56 -18.29 -31.76
CA ASN C 110 -50.87 -18.05 -31.13
C ASN C 110 -50.95 -18.60 -29.71
N ALA C 111 -50.94 -17.68 -28.75
CA ALA C 111 -51.27 -17.93 -27.35
C ALA C 111 -52.22 -16.82 -26.89
N ALA C 112 -53.07 -16.33 -27.79
CA ALA C 112 -54.05 -15.30 -27.47
C ALA C 112 -53.38 -14.11 -26.79
N SCY C 113 -53.98 -13.60 -25.71
CA SCY C 113 -53.50 -12.37 -25.09
CB SCY C 113 -54.57 -11.92 -24.07
SG SCY C 113 -56.09 -11.30 -24.80
CD SCY C 113 -57.15 -12.56 -24.97
OCD SCY C 113 -56.75 -13.69 -24.81
CE SCY C 113 -58.57 -12.26 -25.31
C SCY C 113 -52.15 -12.51 -24.43
O SCY C 113 -51.48 -11.50 -24.20
N THR C 114 -51.72 -13.74 -24.15
CA THR C 114 -50.40 -13.94 -23.58
C THR C 114 -49.31 -14.04 -24.68
N GLY C 115 -49.73 -13.90 -25.94
CA GLY C 115 -48.87 -14.13 -27.09
C GLY C 115 -47.54 -13.40 -27.13
N PHE C 116 -47.52 -12.16 -26.67
CA PHE C 116 -46.28 -11.41 -26.71
C PHE C 116 -45.25 -11.94 -25.71
N LEU C 117 -45.72 -12.28 -24.52
CA LEU C 117 -44.86 -12.92 -23.51
C LEU C 117 -44.29 -14.22 -24.01
N TYR C 118 -45.15 -15.05 -24.58
CA TYR C 118 -44.72 -16.30 -25.22
C TYR C 118 -43.68 -16.08 -26.30
N GLY C 119 -43.88 -15.02 -27.07
CA GLY C 119 -43.01 -14.67 -28.17
C GLY C 119 -41.67 -14.12 -27.73
N LEU C 120 -41.69 -13.31 -26.67
CA LEU C 120 -40.49 -12.76 -26.09
C LEU C 120 -39.63 -13.87 -25.47
N GLU C 121 -40.28 -14.75 -24.72
CA GLU C 121 -39.64 -15.95 -24.15
C GLU C 121 -39.01 -16.82 -25.23
N THR C 122 -39.80 -17.11 -26.24
CA THR C 122 -39.36 -17.98 -27.34
C THR C 122 -38.18 -17.38 -28.13
N ALA C 123 -38.29 -16.11 -28.49
CA ALA C 123 -37.22 -15.44 -29.17
C ALA C 123 -35.98 -15.38 -28.28
N THR C 124 -36.16 -15.07 -27.01
CA THR C 124 -35.03 -14.96 -26.09
C THR C 124 -34.27 -16.28 -25.95
N ARG C 125 -35.02 -17.37 -25.81
CA ARG C 125 -34.37 -18.69 -25.71
C ARG C 125 -33.74 -19.15 -27.01
N LEU C 126 -34.39 -18.87 -28.14
CA LEU C 126 -33.79 -19.13 -29.45
C LEU C 126 -32.45 -18.45 -29.59
N MET C 127 -32.39 -17.18 -29.20
CA MET C 127 -31.17 -16.40 -29.30
C MET C 127 -30.06 -16.92 -28.35
N GLN C 128 -30.44 -17.38 -27.16
CA GLN C 128 -29.46 -17.80 -26.16
C GLN C 128 -28.86 -19.17 -26.48
N ALA C 129 -29.66 -20.03 -27.09
CA ALA C 129 -29.26 -21.39 -27.38
C ALA C 129 -28.76 -21.59 -28.79
N SER C 130 -28.96 -20.63 -29.68
CA SER C 130 -28.56 -20.85 -31.08
C SER C 130 -28.13 -19.54 -31.72
N HIS C 131 -28.01 -19.57 -33.04
CA HIS C 131 -27.40 -18.51 -33.82
C HIS C 131 -28.49 -17.60 -34.42
N TYR C 132 -29.15 -16.83 -33.56
CA TYR C 132 -30.02 -15.76 -33.96
C TYR C 132 -29.48 -14.56 -33.21
N ARG C 133 -29.00 -13.56 -33.94
CA ARG C 133 -28.35 -12.39 -33.33
C ARG C 133 -29.29 -11.24 -33.12
N HIS C 134 -30.30 -11.11 -33.98
CA HIS C 134 -31.29 -10.04 -33.83
C HIS C 134 -32.66 -10.60 -34.15
N ALA C 135 -33.65 -10.25 -33.33
CA ALA C 135 -35.00 -10.75 -33.52
C ALA C 135 -35.98 -9.60 -33.55
N LEU C 136 -37.07 -9.81 -34.24
CA LEU C 136 -38.19 -8.89 -34.22
C LEU C 136 -39.36 -9.66 -33.64
N VAL C 137 -39.92 -9.16 -32.54
CA VAL C 137 -41.07 -9.79 -31.89
C VAL C 137 -42.22 -8.78 -31.84
N ILE C 138 -43.36 -9.16 -32.39
CA ILE C 138 -44.45 -8.24 -32.67
C ILE C 138 -45.71 -8.86 -32.12
N GLY C 139 -46.47 -8.09 -31.35
CA GLY C 139 -47.83 -8.47 -31.00
C GLY C 139 -48.73 -7.59 -31.86
N ALA C 140 -49.61 -8.20 -32.62
CA ALA C 140 -50.49 -7.46 -33.53
C ALA C 140 -51.88 -8.07 -33.58
N GLU C 141 -52.91 -7.24 -33.47
CA GLU C 141 -54.28 -7.73 -33.48
C GLU C 141 -55.25 -6.79 -34.17
N ARG C 142 -56.23 -7.41 -34.82
CA ARG C 142 -57.40 -6.72 -35.34
C ARG C 142 -58.60 -7.51 -34.83
N LEU C 143 -58.83 -7.39 -33.54
CA LEU C 143 -59.91 -8.11 -32.87
C LEU C 143 -61.30 -7.62 -33.30
N SER C 144 -61.38 -6.40 -33.85
CA SER C 144 -62.67 -5.90 -34.34
C SER C 144 -63.26 -6.83 -35.41
N PHE C 145 -62.43 -7.56 -36.15
CA PHE C 145 -62.93 -8.61 -37.06
C PHE C 145 -63.90 -9.60 -36.41
N TYR C 146 -63.62 -9.97 -35.16
CA TYR C 146 -64.33 -11.05 -34.47
C TYR C 146 -65.63 -10.69 -33.77
N LEU C 147 -65.83 -9.41 -33.45
CA LEU C 147 -66.82 -9.06 -32.44
C LEU C 147 -68.28 -9.25 -32.89
N ASP C 148 -69.11 -9.65 -31.92
CA ASP C 148 -70.54 -9.79 -32.10
C ASP C 148 -71.16 -8.48 -31.64
N TRP C 149 -71.59 -7.67 -32.61
CA TRP C 149 -72.01 -6.31 -32.34
C TRP C 149 -73.40 -6.23 -31.67
N THR C 150 -74.02 -7.38 -31.39
CA THR C 150 -75.23 -7.44 -30.58
C THR C 150 -74.94 -7.82 -29.12
N LYS C 151 -73.67 -8.15 -28.83
CA LYS C 151 -73.29 -8.68 -27.51
C LYS C 151 -72.42 -7.71 -26.75
N ARG C 152 -73.05 -6.98 -25.84
CA ARG C 152 -72.38 -5.93 -25.07
C ARG C 152 -71.26 -6.43 -24.15
N ASP C 153 -71.35 -7.67 -23.70
N ASP C 153 -71.34 -7.68 -23.71
CA ASP C 153 -70.39 -8.23 -22.76
CA ASP C 153 -70.38 -8.24 -22.75
C ASP C 153 -68.95 -8.19 -23.30
C ASP C 153 -68.95 -8.20 -23.30
N THR C 154 -68.80 -8.49 -24.58
CA THR C 154 -67.51 -8.55 -25.23
C THR C 154 -67.23 -7.40 -26.19
N ALA C 155 -68.27 -6.83 -26.80
CA ALA C 155 -68.11 -5.80 -27.82
C ALA C 155 -67.43 -4.52 -27.34
N VAL C 156 -67.46 -4.27 -26.02
CA VAL C 156 -66.88 -3.06 -25.44
C VAL C 156 -65.45 -3.23 -24.88
N LEU C 157 -64.91 -4.46 -24.96
CA LEU C 157 -63.66 -4.79 -24.28
C LEU C 157 -62.41 -4.72 -25.16
N PHE C 158 -62.59 -4.88 -26.47
CA PHE C 158 -61.51 -5.20 -27.36
C PHE C 158 -61.23 -4.16 -28.40
N GLY C 159 -59.97 -4.01 -28.74
CA GLY C 159 -59.55 -3.06 -29.76
C GLY C 159 -58.49 -3.63 -30.69
N ASP C 160 -58.00 -2.78 -31.58
CA ASP C 160 -57.04 -3.18 -32.59
C ASP C 160 -55.72 -2.45 -32.34
N GLY C 161 -54.61 -3.07 -32.74
CA GLY C 161 -53.30 -2.43 -32.65
C GLY C 161 -52.15 -3.40 -32.75
N ALA C 162 -50.94 -2.85 -32.83
CA ALA C 162 -49.71 -3.62 -32.84
C ALA C 162 -48.62 -2.96 -32.02
N GLY C 163 -47.80 -3.78 -31.37
CA GLY C 163 -46.56 -3.35 -30.74
C GLY C 163 -45.42 -4.28 -31.11
N ALA C 164 -44.21 -3.74 -31.23
CA ALA C 164 -43.05 -4.54 -31.59
C ALA C 164 -41.83 -4.23 -30.72
N VAL C 165 -40.98 -5.22 -30.59
CA VAL C 165 -39.61 -4.99 -30.10
C VAL C 165 -38.59 -5.57 -31.04
N VAL C 166 -37.40 -5.01 -30.98
CA VAL C 166 -36.22 -5.62 -31.61
C VAL C 166 -35.32 -6.09 -30.46
N LEU C 167 -34.83 -7.32 -30.60
CA LEU C 167 -33.93 -7.92 -29.62
C LEU C 167 -32.56 -8.05 -30.23
N SER C 168 -31.52 -7.74 -29.46
CA SER C 168 -30.13 -7.84 -29.90
C SER C 168 -29.32 -8.68 -28.93
N LYS C 169 -28.58 -9.65 -29.46
CA LYS C 169 -27.81 -10.56 -28.64
C LYS C 169 -26.63 -9.83 -27.98
N THR C 170 -26.40 -10.11 -26.70
CA THR C 170 -25.33 -9.50 -25.96
C THR C 170 -24.87 -10.42 -24.82
N GLU C 171 -23.69 -10.14 -24.29
CA GLU C 171 -23.20 -10.82 -23.07
C GLU C 171 -23.61 -10.10 -21.79
N GLN C 172 -24.06 -8.85 -21.91
CA GLN C 172 -24.56 -8.14 -20.73
C GLN C 172 -25.87 -8.78 -20.27
N LYS C 173 -26.05 -8.80 -18.95
CA LYS C 173 -27.21 -9.42 -18.31
C LYS C 173 -28.45 -8.52 -18.36
N VAL C 174 -29.07 -8.46 -19.54
CA VAL C 174 -30.18 -7.56 -19.81
C VAL C 174 -31.24 -8.31 -20.59
N GLY C 175 -32.38 -7.67 -20.80
CA GLY C 175 -33.49 -8.31 -21.50
C GLY C 175 -34.23 -9.24 -20.56
N LEU C 176 -35.03 -10.12 -21.12
CA LEU C 176 -35.78 -11.10 -20.36
C LEU C 176 -34.85 -12.08 -19.62
N GLN C 177 -35.05 -12.17 -18.31
CA GLN C 177 -34.26 -13.01 -17.42
C GLN C 177 -35.09 -14.27 -17.19
N ASP C 178 -35.60 -14.50 -16.00
CA ASP C 178 -36.47 -15.64 -15.83
C ASP C 178 -37.87 -15.32 -16.35
N ALA C 179 -38.56 -16.35 -16.82
CA ALA C 179 -39.91 -16.22 -17.30
C ALA C 179 -40.67 -17.49 -16.92
N GLN C 180 -41.94 -17.33 -16.60
CA GLN C 180 -42.81 -18.47 -16.27
C GLN C 180 -44.08 -18.32 -17.11
N ILE C 181 -44.21 -19.16 -18.12
CA ILE C 181 -45.40 -19.14 -18.97
C ILE C 181 -46.08 -20.49 -18.90
N GLY C 182 -47.40 -20.51 -19.10
CA GLY C 182 -48.13 -21.72 -18.97
C GLY C 182 -49.53 -21.59 -19.50
N CYS C 183 -50.36 -22.58 -19.18
CA CYS C 183 -51.73 -22.62 -19.64
C CYS C 183 -52.51 -23.52 -18.72
N ASP C 184 -53.66 -23.00 -18.26
CA ASP C 184 -54.60 -23.74 -17.42
C ASP C 184 -55.73 -24.14 -18.34
N ALA C 185 -55.57 -25.32 -18.94
CA ALA C 185 -56.41 -25.74 -20.05
C ALA C 185 -57.82 -26.16 -19.62
N GLN C 186 -58.02 -26.47 -18.36
CA GLN C 186 -59.33 -26.93 -17.93
C GLN C 186 -60.38 -25.81 -18.05
N GLY C 187 -59.94 -24.56 -18.00
CA GLY C 187 -60.82 -23.41 -18.15
C GLY C 187 -60.88 -22.85 -19.56
N ARG C 188 -60.54 -23.67 -20.54
CA ARG C 188 -60.46 -23.26 -21.93
C ARG C 188 -61.78 -22.75 -22.54
N ASP C 189 -62.91 -23.25 -22.05
CA ASP C 189 -64.20 -22.97 -22.68
C ASP C 189 -64.82 -21.62 -22.30
N ILE C 190 -64.25 -20.95 -21.30
CA ILE C 190 -64.85 -19.70 -20.79
C ILE C 190 -64.43 -18.45 -21.58
N LEU C 191 -63.54 -18.61 -22.54
CA LEU C 191 -63.08 -17.49 -23.38
C LEU C 191 -62.65 -18.01 -24.74
N ALA C 192 -63.58 -17.95 -25.69
CA ALA C 192 -63.47 -18.73 -26.93
C ALA C 192 -64.40 -18.22 -28.05
N VAL C 193 -63.89 -18.28 -29.27
CA VAL C 193 -64.69 -18.16 -30.47
C VAL C 193 -64.54 -19.51 -31.20
N PRO C 194 -65.33 -20.50 -30.81
CA PRO C 194 -65.05 -21.86 -31.33
C PRO C 194 -65.27 -22.05 -32.83
N LYS C 195 -66.06 -21.18 -33.45
CA LYS C 195 -66.48 -21.40 -34.84
C LYS C 195 -65.93 -20.40 -35.83
N PHE C 196 -64.78 -19.79 -35.50
CA PHE C 196 -63.92 -19.27 -36.54
C PHE C 196 -62.62 -20.05 -36.60
N GLY C 197 -62.39 -20.66 -37.76
CA GLY C 197 -61.26 -21.57 -37.97
C GLY C 197 -61.75 -22.75 -38.76
N THR C 198 -60.98 -23.84 -38.77
CA THR C 198 -61.31 -24.99 -39.61
C THR C 198 -62.46 -25.82 -39.05
N ALA C 199 -62.89 -25.52 -37.82
CA ALA C 199 -64.09 -26.14 -37.26
C ALA C 199 -65.39 -25.56 -37.83
N MET C 200 -65.30 -24.42 -38.53
CA MET C 200 -66.49 -23.76 -39.06
C MET C 200 -66.97 -24.42 -40.33
N ASP C 201 -68.27 -24.31 -40.61
CA ASP C 201 -68.85 -24.77 -41.88
C ASP C 201 -68.52 -23.73 -42.94
N ARG C 202 -67.65 -24.12 -43.87
CA ARG C 202 -67.08 -23.20 -44.85
C ARG C 202 -68.11 -22.67 -45.84
N PHE C 203 -69.15 -23.46 -46.11
CA PHE C 203 -70.13 -23.12 -47.13
C PHE C 203 -71.50 -22.75 -46.56
N ASP C 204 -71.60 -22.59 -45.26
CA ASP C 204 -72.82 -22.08 -44.64
C ASP C 204 -72.80 -20.54 -44.73
N ALA C 205 -73.89 -19.97 -45.25
CA ALA C 205 -73.99 -18.51 -45.41
C ALA C 205 -74.11 -17.76 -44.09
N ASP C 206 -74.54 -18.46 -43.04
CA ASP C 206 -74.61 -17.89 -41.69
C ASP C 206 -73.34 -18.12 -40.86
N ASN C 207 -72.26 -18.61 -41.46
CA ASN C 207 -71.07 -18.99 -40.68
C ASN C 207 -70.35 -17.81 -40.05
N GLY C 208 -70.69 -16.60 -40.48
CA GLY C 208 -70.16 -15.38 -39.90
C GLY C 208 -70.76 -14.99 -38.57
N TYR C 209 -71.91 -15.56 -38.22
CA TYR C 209 -72.63 -15.16 -37.01
C TYR C 209 -72.28 -16.08 -35.86
N TRP C 210 -71.00 -16.08 -35.49
CA TRP C 210 -70.44 -17.00 -34.49
C TRP C 210 -70.57 -16.46 -33.08
N ALA C 211 -70.60 -17.39 -32.12
CA ALA C 211 -70.66 -17.01 -30.71
C ALA C 211 -69.26 -16.66 -30.18
N PHE C 212 -69.23 -15.62 -29.35
CA PHE C 212 -68.05 -15.27 -28.59
C PHE C 212 -68.35 -15.58 -27.11
N ASP C 213 -68.04 -16.80 -26.71
CA ASP C 213 -68.24 -17.26 -25.31
C ASP C 213 -67.28 -16.52 -24.38
N PHE C 214 -67.83 -16.03 -23.27
CA PHE C 214 -67.11 -15.13 -22.40
C PHE C 214 -67.75 -15.09 -21.01
N VAL C 215 -67.13 -15.76 -20.05
CA VAL C 215 -67.64 -15.76 -18.67
C VAL C 215 -66.76 -14.80 -17.89
N GLY C 216 -67.11 -13.52 -17.94
CA GLY C 216 -66.30 -12.45 -17.39
C GLY C 216 -65.77 -12.68 -16.00
N LYS C 217 -66.62 -13.17 -15.12
CA LYS C 217 -66.33 -13.31 -13.71
C LYS C 217 -65.29 -14.39 -13.44
N GLU C 218 -65.44 -15.54 -14.10
CA GLU C 218 -64.48 -16.64 -13.96
C GLU C 218 -63.13 -16.26 -14.56
N ILE C 219 -63.17 -15.59 -15.71
CA ILE C 219 -61.98 -15.07 -16.36
C ILE C 219 -61.25 -14.12 -15.42
N PHE C 220 -61.99 -13.20 -14.81
CA PHE C 220 -61.40 -12.24 -13.90
C PHE C 220 -60.65 -12.99 -12.80
N LYS C 221 -61.31 -13.95 -12.16
CA LYS C 221 -60.76 -14.65 -11.00
C LYS C 221 -59.52 -15.48 -11.36
N ARG C 222 -59.63 -16.31 -12.40
CA ARG C 222 -58.52 -17.11 -12.85
C ARG C 222 -57.30 -16.30 -13.34
N ALA C 223 -57.55 -15.14 -13.93
CA ALA C 223 -56.47 -14.28 -14.41
C ALA C 223 -55.64 -13.73 -13.28
N VAL C 224 -56.32 -13.28 -12.22
CA VAL C 224 -55.62 -12.76 -11.04
C VAL C 224 -54.72 -13.84 -10.45
N ARG C 225 -55.28 -15.04 -10.30
CA ARG C 225 -54.60 -16.19 -9.69
C ARG C 225 -53.47 -16.72 -10.57
N GLY C 226 -53.71 -16.78 -11.87
CA GLY C 226 -52.72 -17.25 -12.81
C GLY C 226 -51.51 -16.32 -12.92
N MET C 227 -51.78 -15.06 -13.21
CA MET C 227 -50.71 -14.08 -13.31
C MET C 227 -49.98 -13.97 -11.98
N GLY C 228 -50.74 -13.97 -10.88
CA GLY C 228 -50.20 -13.79 -9.54
C GLY C 228 -49.20 -14.86 -9.19
N ALA C 229 -49.60 -16.11 -9.36
CA ALA C 229 -48.71 -17.25 -9.16
C ALA C 229 -47.47 -17.21 -10.05
N ALA C 230 -47.66 -16.85 -11.31
CA ALA C 230 -46.56 -16.80 -12.27
C ALA C 230 -45.54 -15.73 -11.86
N ALA C 231 -46.05 -14.56 -11.49
CA ALA C 231 -45.20 -13.46 -11.02
C ALA C 231 -44.39 -13.85 -9.76
N GLN C 232 -45.06 -14.49 -8.82
CA GLN C 232 -44.39 -14.98 -7.61
C GLN C 232 -43.24 -15.95 -7.92
N GLN C 233 -43.47 -16.89 -8.85
CA GLN C 233 -42.42 -17.81 -9.29
C GLN C 233 -41.26 -17.04 -9.89
N VAL C 234 -41.56 -16.07 -10.72
CA VAL C 234 -40.51 -15.28 -11.35
C VAL C 234 -39.72 -14.51 -10.29
N LEU C 235 -40.41 -13.84 -9.38
CA LEU C 235 -39.72 -13.08 -8.37
C LEU C 235 -38.88 -14.00 -7.47
N ALA C 236 -39.44 -15.15 -7.12
CA ALA C 236 -38.81 -16.07 -6.18
C ALA C 236 -37.53 -16.64 -6.76
N ARG C 237 -37.63 -17.14 -7.98
CA ARG C 237 -36.48 -17.74 -8.65
C ARG C 237 -35.34 -16.75 -8.88
N SER C 238 -35.69 -15.50 -9.13
CA SER C 238 -34.70 -14.44 -9.35
C SER C 238 -34.06 -13.81 -8.12
N GLY C 239 -34.55 -14.17 -6.93
CA GLY C 239 -34.01 -13.64 -5.67
C GLY C 239 -34.24 -12.15 -5.49
N LEU C 240 -35.30 -11.64 -6.11
CA LEU C 240 -35.62 -10.21 -6.04
C LEU C 240 -36.62 -9.99 -4.92
N SER C 241 -36.46 -8.88 -4.20
CA SER C 241 -37.53 -8.43 -3.33
C SER C 241 -38.50 -7.65 -4.20
N THR C 242 -39.74 -7.54 -3.75
CA THR C 242 -40.79 -6.89 -4.52
C THR C 242 -40.52 -5.39 -4.71
N GLU C 243 -39.95 -4.73 -3.70
CA GLU C 243 -39.58 -3.33 -3.81
C GLU C 243 -38.52 -3.07 -4.89
N GLU C 244 -37.79 -4.11 -5.31
CA GLU C 244 -36.78 -3.97 -6.38
C GLU C 244 -37.38 -3.91 -7.79
N ILE C 245 -38.63 -4.31 -7.95
CA ILE C 245 -39.36 -4.09 -9.19
C ILE C 245 -39.66 -2.59 -9.35
N ASP C 246 -39.25 -2.02 -10.48
CA ASP C 246 -39.43 -0.60 -10.71
C ASP C 246 -40.67 -0.30 -11.54
N VAL C 247 -41.05 -1.19 -12.46
CA VAL C 247 -42.19 -0.94 -13.33
C VAL C 247 -42.87 -2.26 -13.60
N VAL C 248 -44.20 -2.24 -13.57
CA VAL C 248 -44.98 -3.38 -14.03
C VAL C 248 -45.61 -2.99 -15.37
N ILE C 249 -45.42 -3.85 -16.37
CA ILE C 249 -46.04 -3.69 -17.67
C ILE C 249 -47.01 -4.84 -17.84
N PRO C 250 -48.28 -4.62 -17.49
CA PRO C 250 -49.18 -5.74 -17.54
C PRO C 250 -50.00 -5.79 -18.80
N HIS C 251 -50.57 -6.96 -19.05
CA HIS C 251 -51.61 -7.09 -20.05
C HIS C 251 -52.76 -6.16 -19.63
N GLN C 252 -53.43 -5.57 -20.60
CA GLN C 252 -54.44 -4.53 -20.35
C GLN C 252 -55.83 -5.09 -20.71
N ALA C 253 -56.39 -5.93 -19.85
CA ALA C 253 -57.71 -6.52 -20.07
C ALA C 253 -58.78 -5.87 -19.20
N ASN C 254 -58.39 -5.45 -18.00
CA ASN C 254 -59.29 -4.80 -17.06
C ASN C 254 -58.43 -4.10 -16.02
N ILE C 255 -58.70 -2.82 -15.78
CA ILE C 255 -57.90 -2.08 -14.81
C ILE C 255 -57.97 -2.73 -13.42
N ARG C 256 -59.11 -3.31 -13.08
CA ARG C 256 -59.30 -3.93 -11.77
C ARG C 256 -58.49 -5.21 -11.59
N ILE C 257 -58.25 -5.93 -12.69
CA ILE C 257 -57.35 -7.08 -12.68
C ILE C 257 -55.91 -6.65 -12.39
N ILE C 258 -55.49 -5.56 -13.03
CA ILE C 258 -54.16 -5.01 -12.83
C ILE C 258 -53.96 -4.54 -11.39
N GLN C 259 -54.96 -3.84 -10.87
CA GLN C 259 -54.90 -3.34 -9.49
C GLN C 259 -54.87 -4.48 -8.47
N THR C 260 -55.68 -5.50 -8.70
CA THR C 260 -55.75 -6.62 -7.79
C THR C 260 -54.41 -7.39 -7.79
N LEU C 261 -53.84 -7.58 -8.98
CA LEU C 261 -52.53 -8.19 -9.14
C LEU C 261 -51.45 -7.48 -8.32
N CYS C 262 -51.41 -6.15 -8.41
CA CYS C 262 -50.41 -5.40 -7.68
C CYS C 262 -50.68 -5.49 -6.19
N ASP C 263 -51.94 -5.34 -5.83
CA ASP C 263 -52.34 -5.38 -4.42
C ASP C 263 -51.92 -6.68 -3.74
N LEU C 264 -52.23 -7.81 -4.37
CA LEU C 264 -51.97 -9.11 -3.75
C LEU C 264 -50.47 -9.44 -3.74
N ALA C 265 -49.71 -8.88 -4.70
CA ALA C 265 -48.26 -9.05 -4.71
C ALA C 265 -47.53 -8.07 -3.78
N GLY C 266 -48.24 -7.03 -3.33
CA GLY C 266 -47.61 -5.99 -2.52
C GLY C 266 -46.77 -5.04 -3.35
N ILE C 267 -47.07 -4.93 -4.63
CA ILE C 267 -46.43 -3.94 -5.50
C ILE C 267 -47.29 -2.67 -5.48
N ALA C 268 -46.63 -1.52 -5.32
CA ALA C 268 -47.31 -0.21 -5.30
C ALA C 268 -48.02 0.07 -6.62
N GLN C 269 -49.25 0.57 -6.54
CA GLN C 269 -50.12 0.73 -7.73
C GLN C 269 -49.51 1.63 -8.79
N ASP C 270 -48.79 2.65 -8.34
CA ASP C 270 -48.23 3.63 -9.24
C ASP C 270 -47.05 3.11 -10.07
N LYS C 271 -46.61 1.87 -9.81
CA LYS C 271 -45.60 1.23 -10.64
C LYS C 271 -46.18 0.54 -11.88
N ALA C 272 -47.50 0.35 -11.92
CA ALA C 272 -48.12 -0.30 -13.07
C ALA C 272 -48.35 0.69 -14.17
N PHE C 273 -47.81 0.45 -15.37
CA PHE C 273 -48.17 1.27 -16.51
C PHE C 273 -49.53 0.83 -17.03
N VAL C 274 -50.43 1.78 -17.20
CA VAL C 274 -51.78 1.51 -17.66
C VAL C 274 -52.11 2.44 -18.83
N ASN C 275 -52.49 1.86 -19.96
CA ASN C 275 -53.06 2.63 -21.09
C ASN C 275 -54.37 2.03 -21.60
N ILE C 276 -55.01 1.19 -20.79
CA ILE C 276 -56.23 0.53 -21.21
C ILE C 276 -57.36 1.52 -21.53
N HIS C 277 -57.33 2.68 -20.89
CA HIS C 277 -58.35 3.71 -21.11
C HIS C 277 -58.39 4.18 -22.55
N ARG C 278 -57.23 4.20 -23.21
CA ARG C 278 -57.10 4.67 -24.58
C ARG C 278 -57.37 3.60 -25.65
N TYR C 279 -56.96 2.37 -25.38
CA TYR C 279 -56.90 1.36 -26.44
C TYR C 279 -57.76 0.12 -26.20
N GLY C 280 -58.19 -0.09 -24.96
CA GLY C 280 -58.91 -1.30 -24.63
C GLY C 280 -57.99 -2.50 -24.59
N ASN C 281 -58.57 -3.69 -24.66
CA ASN C 281 -57.79 -4.91 -24.74
C ASN C 281 -57.46 -5.25 -26.20
N THR C 282 -56.18 -5.09 -26.55
CA THR C 282 -55.66 -5.37 -27.90
C THR C 282 -54.89 -6.69 -27.96
N SER C 283 -55.27 -7.63 -27.09
CA SER C 283 -54.68 -8.95 -27.03
C SER C 283 -53.13 -8.94 -27.04
N ALA C 284 -52.50 -9.61 -28.00
CA ALA C 284 -51.04 -9.76 -27.99
C ALA C 284 -50.32 -8.43 -28.06
N ALA C 285 -51.03 -7.40 -28.50
CA ALA C 285 -50.43 -6.10 -28.62
C ALA C 285 -50.33 -5.32 -27.31
N THR C 286 -51.09 -5.67 -26.30
CA THR C 286 -51.14 -4.83 -25.11
C THR C 286 -49.77 -4.58 -24.47
N VAL C 287 -49.00 -5.63 -24.25
CA VAL C 287 -47.73 -5.50 -23.55
C VAL C 287 -46.72 -4.65 -24.30
N PRO C 288 -46.47 -4.96 -25.59
CA PRO C 288 -45.45 -4.17 -26.29
C PRO C 288 -45.87 -2.72 -26.61
N ILE C 289 -47.18 -2.46 -26.75
CA ILE C 289 -47.62 -1.06 -26.85
C ILE C 289 -47.40 -0.34 -25.53
N ALA C 290 -47.83 -0.97 -24.45
CA ALA C 290 -47.60 -0.43 -23.11
C ALA C 290 -46.10 -0.19 -22.81
N LEU C 291 -45.27 -1.14 -23.19
CA LEU C 291 -43.82 -0.99 -23.00
C LEU C 291 -43.32 0.19 -23.81
N CYS C 292 -43.75 0.25 -25.07
CA CYS C 292 -43.35 1.32 -25.97
C CYS C 292 -43.69 2.66 -25.37
N GLU C 293 -44.92 2.80 -24.87
CA GLU C 293 -45.39 4.09 -24.35
C GLU C 293 -44.80 4.41 -23.00
N ALA C 294 -44.53 3.39 -22.16
CA ALA C 294 -43.81 3.61 -20.91
C ALA C 294 -42.46 4.27 -21.20
N LEU C 295 -41.77 3.75 -22.21
CA LEU C 295 -40.48 4.33 -22.62
C LEU C 295 -40.59 5.74 -23.19
N GLU C 296 -41.60 5.96 -24.05
CA GLU C 296 -41.90 7.28 -24.64
C GLU C 296 -42.20 8.33 -23.55
N GLN C 297 -42.90 7.90 -22.49
CA GLN C 297 -43.32 8.79 -21.43
C GLN C 297 -42.34 8.89 -20.27
N GLY C 298 -41.15 8.28 -20.39
CA GLY C 298 -40.10 8.44 -19.38
C GLY C 298 -40.32 7.67 -18.08
N LYS C 299 -41.04 6.54 -18.16
CA LYS C 299 -41.39 5.79 -16.97
C LYS C 299 -40.32 4.76 -16.61
N ILE C 300 -39.44 4.47 -17.57
CA ILE C 300 -38.43 3.44 -17.37
C ILE C 300 -37.08 4.07 -17.41
N LYS C 301 -36.23 3.66 -16.49
CA LYS C 301 -34.88 4.20 -16.36
C LYS C 301 -33.90 3.11 -16.73
N PRO C 302 -32.66 3.51 -17.08
CA PRO C 302 -31.62 2.53 -17.32
C PRO C 302 -31.45 1.60 -16.12
N HIS C 303 -31.26 0.30 -16.39
CA HIS C 303 -31.11 -0.72 -15.35
C HIS C 303 -32.35 -1.01 -14.51
N ASP C 304 -33.53 -0.53 -14.90
CA ASP C 304 -34.74 -0.85 -14.12
C ASP C 304 -35.07 -2.35 -14.24
N ASP C 305 -35.76 -2.85 -13.23
CA ASP C 305 -36.32 -4.21 -13.25
C ASP C 305 -37.78 -4.12 -13.59
N LEU C 306 -38.19 -4.77 -14.67
CA LEU C 306 -39.57 -4.74 -15.13
C LEU C 306 -40.22 -6.07 -14.82
N LEU C 307 -41.47 -6.03 -14.34
CA LEU C 307 -42.28 -7.22 -14.24
C LEU C 307 -43.34 -7.16 -15.33
N VAL C 308 -43.39 -8.20 -16.15
CA VAL C 308 -44.39 -8.31 -17.17
C VAL C 308 -45.28 -9.46 -16.76
N ALA C 309 -46.56 -9.35 -17.07
CA ALA C 309 -47.56 -10.33 -16.73
C ALA C 309 -48.70 -10.29 -17.72
N ALA C 310 -49.19 -11.45 -18.12
CA ALA C 310 -50.28 -11.48 -19.08
C ALA C 310 -51.10 -12.73 -18.89
N PHE C 311 -52.27 -12.72 -19.51
N PHE C 311 -52.29 -12.72 -19.47
CA PHE C 311 -53.21 -13.82 -19.41
CA PHE C 311 -53.24 -13.83 -19.35
C PHE C 311 -54.12 -13.78 -20.63
C PHE C 311 -54.14 -13.78 -20.60
N GLY C 312 -54.70 -14.92 -20.98
CA GLY C 312 -55.53 -14.98 -22.18
C GLY C 312 -56.28 -16.26 -22.39
N ALA C 313 -57.00 -16.31 -23.50
CA ALA C 313 -57.73 -17.52 -23.89
C ALA C 313 -56.78 -18.71 -23.82
N GLY C 314 -57.28 -19.86 -23.35
CA GLY C 314 -56.44 -21.03 -23.25
C GLY C 314 -56.72 -21.97 -22.11
N LEU C 315 -56.72 -21.50 -20.87
CA LEU C 315 -56.32 -20.16 -20.49
C LEU C 315 -54.81 -20.00 -20.34
N THR C 316 -54.19 -19.28 -21.26
CA THR C 316 -52.76 -19.06 -21.22
C THR C 316 -52.40 -18.00 -20.19
N TRP C 317 -51.18 -18.10 -19.68
CA TRP C 317 -50.74 -17.20 -18.65
C TRP C 317 -49.22 -17.10 -18.65
N GLY C 318 -48.74 -16.02 -18.08
CA GLY C 318 -47.32 -15.82 -18.02
C GLY C 318 -46.91 -14.62 -17.22
N ALA C 319 -45.67 -14.68 -16.72
CA ALA C 319 -44.98 -13.54 -16.19
C ALA C 319 -43.49 -13.62 -16.51
N GLY C 320 -42.82 -12.48 -16.44
CA GLY C 320 -41.42 -12.40 -16.80
C GLY C 320 -40.74 -11.23 -16.12
N HIS C 321 -39.45 -11.39 -15.89
CA HIS C 321 -38.60 -10.32 -15.39
C HIS C 321 -37.67 -9.86 -16.52
N ILE C 322 -37.72 -8.57 -16.84
CA ILE C 322 -36.83 -7.97 -17.79
C ILE C 322 -35.95 -7.00 -17.03
N ARG C 323 -34.66 -7.11 -17.24
CA ARG C 323 -33.69 -6.16 -16.73
C ARG C 323 -33.33 -5.22 -17.88
N TRP C 324 -33.65 -3.93 -17.74
CA TRP C 324 -33.36 -2.98 -18.80
C TRP C 324 -31.89 -2.64 -18.82
N GLY C 325 -31.42 -2.27 -20.01
CA GLY C 325 -30.04 -1.92 -20.23
C GLY C 325 -29.82 -0.43 -20.08
N GLU C 326 -28.88 0.10 -20.86
CA GLU C 326 -28.42 1.48 -20.69
C GLU C 326 -29.28 2.52 -21.39
N ARG C 327 -30.00 2.12 -22.44
CA ARG C 327 -30.59 3.09 -23.34
C ARG C 327 -32.12 3.06 -23.30
N ILE C 328 -32.72 4.19 -22.99
CA ILE C 328 -34.18 4.35 -23.00
C ILE C 328 -34.68 5.30 -24.10
N THR C 329 -33.78 5.65 -25.00
CA THR C 329 -34.06 6.59 -26.09
C THR C 329 -33.86 5.86 -27.41
N PRO C 330 -34.71 6.16 -28.41
CA PRO C 330 -34.51 5.61 -29.78
C PRO C 330 -33.23 6.07 -30.44
N LEU C 331 -32.59 5.21 -31.21
CA LEU C 331 -31.45 5.65 -32.01
C LEU C 331 -31.97 6.46 -33.19
N GLY C 332 -33.06 6.02 -33.81
CA GLY C 332 -33.65 6.76 -34.91
C GLY C 332 -35.16 6.75 -34.87
N LYS C 333 -35.75 7.65 -35.65
CA LYS C 333 -37.19 7.69 -35.85
C LYS C 333 -37.56 7.22 -37.26
N SER C 334 -38.78 6.73 -37.37
CA SER C 334 -39.35 6.26 -38.63
C SER C 334 -40.56 7.12 -38.93
N ASP C 335 -40.66 7.60 -40.16
CA ASP C 335 -41.85 8.34 -40.59
C ASP C 335 -42.92 7.39 -41.14
N ALA C 336 -42.72 6.08 -40.94
CA ALA C 336 -43.68 5.08 -41.39
C ALA C 336 -45.05 5.29 -40.77
N GLN C 337 -46.07 5.26 -41.61
CA GLN C 337 -47.43 5.55 -41.21
C GLN C 337 -48.38 4.61 -41.92
N LEU C 338 -49.54 4.41 -41.34
CA LEU C 338 -50.66 3.81 -42.06
C LEU C 338 -51.21 4.77 -43.11
N PRO C 339 -51.86 4.23 -44.16
CA PRO C 339 -52.58 5.11 -45.10
C PRO C 339 -53.68 5.86 -44.36
N SER C 340 -53.93 7.09 -44.80
CA SER C 340 -54.93 7.94 -44.20
C SER C 340 -56.30 7.28 -44.19
N CYS C 341 -57.08 7.60 -43.17
CA CYS C 341 -58.40 7.04 -42.99
C CYS C 341 -59.39 8.21 -42.84
N ASP C 342 -60.25 8.37 -43.84
CA ASP C 342 -61.23 9.47 -43.83
C ASP C 342 -62.60 8.93 -43.36
N HIS C 343 -62.57 8.05 -42.35
CA HIS C 343 -63.78 7.43 -41.81
C HIS C 343 -63.72 7.41 -40.29
N THR C 344 -64.89 7.42 -39.66
CA THR C 344 -65.00 7.22 -38.23
C THR C 344 -64.99 5.73 -37.92
N ALA C 345 -64.90 5.39 -36.64
CA ALA C 345 -64.96 4.00 -36.19
C ALA C 345 -66.34 3.40 -36.47
N LEU C 346 -67.39 4.18 -36.20
CA LEU C 346 -68.77 3.78 -36.55
C LEU C 346 -68.95 3.55 -38.06
N ASP C 347 -68.43 4.45 -38.89
CA ASP C 347 -68.35 4.24 -40.35
C ASP C 347 -67.73 2.87 -40.75
N LEU C 348 -66.57 2.56 -40.18
CA LEU C 348 -65.87 1.29 -40.46
C LEU C 348 -66.65 0.05 -40.03
N LEU C 349 -67.33 0.14 -38.89
CA LEU C 349 -68.08 -1.00 -38.38
C LEU C 349 -69.50 -1.09 -38.93
N SER C 350 -69.92 -0.03 -39.61
CA SER C 350 -71.29 0.09 -40.13
C SER C 350 -71.87 -1.23 -40.68
N LYS C 351 -71.22 -1.79 -41.69
CA LYS C 351 -71.68 -3.02 -42.34
C LYS C 351 -71.80 -4.18 -41.35
N ALA C 352 -70.74 -4.41 -40.58
CA ALA C 352 -70.72 -5.49 -39.59
C ALA C 352 -71.82 -5.36 -38.54
N ILE C 353 -71.99 -4.15 -38.01
CA ILE C 353 -73.07 -3.87 -37.05
C ILE C 353 -74.44 -4.15 -37.66
N GLU C 354 -74.68 -3.63 -38.87
CA GLU C 354 -75.94 -3.88 -39.59
C GLU C 354 -76.27 -5.33 -39.79
N HIS C 355 -75.26 -6.12 -40.18
CA HIS C 355 -75.46 -7.55 -40.39
C HIS C 355 -75.75 -8.29 -39.08
N CYS C 356 -75.02 -7.93 -38.02
CA CYS C 356 -75.23 -8.55 -36.73
C CYS C 356 -76.63 -8.26 -36.18
N LYS C 357 -77.09 -7.02 -36.34
CA LYS C 357 -78.43 -6.64 -35.89
C LYS C 357 -79.53 -7.28 -36.74
N ARG C 358 -79.36 -7.26 -38.06
CA ARG C 358 -80.35 -7.84 -38.99
C ARG C 358 -80.51 -9.36 -38.80
N HIS C 359 -79.42 -10.04 -38.47
CA HIS C 359 -79.45 -11.50 -38.26
C HIS C 359 -80.16 -11.88 -36.95
N GLN C 360 -80.05 -11.04 -35.92
CA GLN C 360 -80.66 -11.30 -34.62
C GLN C 360 -82.20 -11.32 -34.71
N THR D 2 47.08 -28.96 15.60
CA THR D 2 47.11 -27.53 16.05
C THR D 2 45.69 -26.92 16.14
N GLN D 3 45.37 -26.32 17.27
CA GLN D 3 44.02 -25.82 17.57
C GLN D 3 43.71 -24.53 16.81
N CYS D 4 42.59 -24.52 16.11
CA CYS D 4 42.17 -23.37 15.29
C CYS D 4 40.79 -22.90 15.70
N TYR D 5 40.43 -21.72 15.23
CA TYR D 5 39.20 -21.08 15.60
C TYR D 5 38.56 -20.39 14.40
N ALA D 6 37.24 -20.19 14.48
CA ALA D 6 36.52 -19.43 13.44
C ALA D 6 36.09 -18.08 14.01
N GLU D 7 36.85 -17.04 13.72
CA GLU D 7 36.54 -15.70 14.17
C GLU D 7 35.42 -15.06 13.32
N ILE D 8 34.52 -14.35 13.97
CA ILE D 8 33.47 -13.64 13.26
C ILE D 8 34.04 -12.31 12.82
N THR D 9 34.37 -12.20 11.54
CA THR D 9 35.06 -11.05 11.00
C THR D 9 34.12 -10.16 10.18
N GLY D 10 32.90 -10.62 9.91
CA GLY D 10 31.94 -9.85 9.13
C GLY D 10 30.53 -10.13 9.56
N TRP D 11 29.70 -9.06 9.54
CA TRP D 11 28.32 -9.12 9.96
C TRP D 11 27.48 -8.26 9.05
N GLY D 12 26.22 -8.59 8.87
CA GLY D 12 25.36 -7.89 7.93
C GLY D 12 23.91 -8.29 8.10
N LYS D 13 22.99 -7.46 7.63
CA LYS D 13 21.56 -7.72 7.77
C LYS D 13 20.80 -7.20 6.54
N CYS D 14 19.62 -7.74 6.32
CA CYS D 14 18.74 -7.23 5.27
C CYS D 14 17.32 -7.37 5.78
N LEU D 15 16.73 -6.22 6.07
CA LEU D 15 15.35 -6.13 6.47
C LEU D 15 14.60 -5.53 5.30
N PRO D 16 13.56 -6.21 4.81
CA PRO D 16 12.75 -5.58 3.76
C PRO D 16 11.97 -4.37 4.29
N PRO D 17 11.65 -3.39 3.43
CA PRO D 17 11.13 -2.11 3.91
C PRO D 17 9.66 -2.10 4.33
N ALA D 18 8.82 -2.93 3.70
CA ALA D 18 7.37 -2.90 3.99
C ALA D 18 7.11 -3.37 5.42
N THR D 19 6.44 -2.52 6.19
CA THR D 19 6.29 -2.69 7.63
C THR D 19 4.83 -2.99 8.01
N LEU D 20 4.60 -4.11 8.69
CA LEU D 20 3.29 -4.47 9.18
C LEU D 20 3.20 -4.13 10.67
N SER D 21 2.36 -3.13 11.00
CA SER D 21 2.20 -2.68 12.37
C SER D 21 1.13 -3.49 13.08
N ASN D 22 1.09 -3.39 14.40
CA ASN D 22 0.11 -4.10 15.18
C ASN D 22 -1.30 -3.62 14.83
N HIS D 23 -1.42 -2.32 14.59
CA HIS D 23 -2.68 -1.74 14.15
C HIS D 23 -3.11 -2.30 12.80
N ASP D 24 -2.18 -2.44 11.86
CA ASP D 24 -2.46 -3.07 10.56
C ASP D 24 -3.14 -4.41 10.73
N LEU D 25 -2.60 -5.23 11.63
CA LEU D 25 -3.17 -6.55 11.92
C LEU D 25 -4.55 -6.44 12.54
N SER D 26 -4.74 -5.37 13.32
CA SER D 26 -5.99 -5.12 14.05
C SER D 26 -7.19 -4.85 13.13
N THR D 27 -6.92 -4.49 11.88
CA THR D 27 -7.98 -4.16 10.93
C THR D 27 -8.67 -5.40 10.32
N PHE D 28 -7.96 -6.52 10.24
CA PHE D 28 -8.54 -7.75 9.67
C PHE D 28 -8.55 -8.95 10.65
N LEU D 29 -8.31 -8.68 11.93
CA LEU D 29 -8.13 -9.73 12.92
C LEU D 29 -8.61 -9.28 14.31
N ASP D 30 -9.18 -10.19 15.08
CA ASP D 30 -9.61 -9.85 16.45
C ASP D 30 -8.42 -9.77 17.42
N THR D 31 -7.61 -8.74 17.26
CA THR D 31 -6.45 -8.50 18.11
C THR D 31 -6.18 -7.00 18.24
N SER D 32 -5.19 -6.65 19.06
CA SER D 32 -4.87 -5.25 19.34
C SER D 32 -3.37 -5.06 19.58
N ASP D 33 -2.90 -3.83 19.35
CA ASP D 33 -1.56 -3.40 19.71
C ASP D 33 -1.28 -3.62 21.20
N GLU D 34 -2.27 -3.36 22.04
CA GLU D 34 -2.11 -3.55 23.48
C GLU D 34 -1.83 -5.01 23.86
N TRP D 35 -2.60 -5.93 23.30
CA TRP D 35 -2.42 -7.36 23.60
C TRP D 35 -1.07 -7.86 23.07
N ILE D 36 -0.76 -7.53 21.81
CA ILE D 36 0.44 -8.02 21.16
C ILE D 36 1.71 -7.49 21.82
N GLN D 37 1.76 -6.19 22.07
CA GLN D 37 2.94 -5.57 22.66
C GLN D 37 3.16 -6.03 24.10
N SER D 38 2.10 -6.20 24.87
CA SER D 38 2.24 -6.63 26.26
C SER D 38 2.59 -8.13 26.41
N ARG D 39 2.05 -8.97 25.53
CA ARG D 39 2.31 -10.43 25.61
C ARG D 39 3.62 -10.84 24.93
N THR D 40 3.97 -10.17 23.84
CA THR D 40 5.10 -10.57 22.99
C THR D 40 6.25 -9.56 22.91
N GLY D 41 5.96 -8.28 23.13
CA GLY D 41 6.93 -7.21 22.91
C GLY D 41 6.97 -6.67 21.48
N ILE D 42 6.31 -7.35 20.54
CA ILE D 42 6.39 -6.99 19.12
C ILE D 42 5.49 -5.79 18.85
N GLU D 43 6.01 -4.82 18.09
CA GLU D 43 5.25 -3.68 17.62
C GLU D 43 5.14 -3.64 16.09
N GLN D 44 6.23 -4.01 15.42
CA GLN D 44 6.27 -4.06 13.96
C GLN D 44 6.98 -5.33 13.49
N ARG D 45 6.69 -5.73 12.25
CA ARG D 45 7.50 -6.76 11.56
C ARG D 45 7.60 -6.35 10.11
N ARG D 46 8.59 -6.92 9.42
CA ARG D 46 8.81 -6.63 8.03
C ARG D 46 8.23 -7.73 7.18
N ILE D 47 7.74 -7.35 6.00
CA ILE D 47 7.11 -8.28 5.09
C ILE D 47 7.82 -8.12 3.76
N SER D 48 8.38 -9.21 3.26
CA SER D 48 9.26 -9.15 2.10
C SER D 48 8.47 -9.12 0.80
N HIS D 49 8.95 -8.32 -0.13
CA HIS D 49 8.44 -8.26 -1.50
C HIS D 49 9.32 -9.08 -2.45
N VAL D 50 10.38 -9.67 -1.90
CA VAL D 50 11.32 -10.49 -2.65
C VAL D 50 11.45 -11.88 -1.99
N ASN D 51 12.08 -12.79 -2.69
CA ASN D 51 12.32 -14.14 -2.20
C ASN D 51 13.38 -14.24 -1.11
N THR D 52 13.37 -15.35 -0.39
CA THR D 52 14.31 -15.56 0.71
C THR D 52 15.75 -15.39 0.26
N SER D 53 16.08 -15.97 -0.89
CA SER D 53 17.45 -15.90 -1.44
C SER D 53 17.91 -14.45 -1.67
N ASP D 54 16.99 -13.56 -2.04
CA ASP D 54 17.34 -12.14 -2.24
C ASP D 54 17.69 -11.43 -0.94
N LEU D 55 16.90 -11.68 0.10
CA LEU D 55 17.23 -11.16 1.45
C LEU D 55 18.59 -11.70 1.90
N ALA D 56 18.81 -13.00 1.70
CA ALA D 56 20.06 -13.65 2.11
C ALA D 56 21.28 -13.08 1.37
N THR D 57 21.08 -12.75 0.09
CA THR D 57 22.13 -12.21 -0.76
C THR D 57 22.60 -10.82 -0.30
N VAL D 58 21.65 -9.96 0.09
CA VAL D 58 21.99 -8.60 0.52
C VAL D 58 22.72 -8.59 1.88
N ALA D 59 22.25 -9.42 2.81
CA ALA D 59 22.90 -9.55 4.09
C ALA D 59 24.34 -10.07 3.97
N ALA D 60 24.53 -11.07 3.10
CA ALA D 60 25.83 -11.63 2.80
C ALA D 60 26.78 -10.64 2.15
N GLN D 61 26.30 -9.93 1.14
CA GLN D 61 27.03 -8.78 0.60
C GLN D 61 27.49 -7.78 1.68
N HIS D 62 26.63 -7.45 2.63
CA HIS D 62 27.05 -6.52 3.70
C HIS D 62 28.15 -7.17 4.56
N ALA D 63 28.02 -8.49 4.81
CA ALA D 63 28.92 -9.17 5.73
C ALA D 63 30.31 -9.31 5.15
N ILE D 64 30.33 -9.60 3.85
CA ILE D 64 31.56 -9.70 3.07
C ILE D 64 32.32 -8.37 3.05
N ALA D 65 31.60 -7.28 2.78
CA ALA D 65 32.19 -5.93 2.82
C ALA D 65 32.67 -5.60 4.22
N CYS D 66 31.90 -6.02 5.21
CA CYS D 66 32.28 -5.80 6.57
C CYS D 66 33.57 -6.58 6.96
N ALA D 67 33.73 -7.83 6.47
CA ALA D 67 34.94 -8.61 6.68
C ALA D 67 36.10 -8.25 5.79
N GLY D 68 35.85 -7.59 4.67
CA GLY D 68 36.92 -7.21 3.75
C GLY D 68 37.47 -8.38 2.98
N VAL D 69 36.71 -9.46 2.94
CA VAL D 69 37.11 -10.67 2.21
C VAL D 69 36.63 -10.62 0.77
N SER D 70 37.38 -11.26 -0.11
CA SER D 70 37.00 -11.35 -1.50
C SER D 70 36.19 -12.62 -1.70
N VAL D 71 35.27 -12.57 -2.65
CA VAL D 71 34.40 -13.70 -2.94
C VAL D 71 35.16 -14.99 -3.24
N GLU D 72 36.37 -14.90 -3.79
CA GLU D 72 37.19 -16.09 -4.06
C GLU D 72 37.80 -16.76 -2.83
N GLU D 73 37.74 -16.10 -1.69
CA GLU D 73 38.26 -16.65 -0.43
C GLU D 73 37.20 -17.48 0.31
N ILE D 74 35.92 -17.32 -0.05
CA ILE D 74 34.85 -18.00 0.63
C ILE D 74 34.84 -19.48 0.21
N ASP D 75 34.95 -20.40 1.19
CA ASP D 75 35.06 -21.85 0.95
C ASP D 75 33.79 -22.61 1.34
N LEU D 76 32.86 -21.95 2.02
CA LEU D 76 31.71 -22.60 2.58
C LEU D 76 30.59 -21.61 2.79
N ILE D 77 29.38 -22.00 2.39
CA ILE D 77 28.22 -21.14 2.51
C ILE D 77 27.10 -21.96 3.08
N ILE D 78 26.62 -21.57 4.24
CA ILE D 78 25.49 -22.24 4.88
C ILE D 78 24.37 -21.21 4.97
N VAL D 79 23.22 -21.57 4.45
CA VAL D 79 22.05 -20.76 4.61
C VAL D 79 21.12 -21.52 5.54
N ALA D 80 20.86 -20.95 6.71
CA ALA D 80 19.87 -21.48 7.60
C ALA D 80 18.51 -20.87 7.25
N THR D 81 17.56 -21.71 6.86
CA THR D 81 16.22 -21.28 6.52
C THR D 81 15.24 -22.44 6.60
N CYS D 82 14.00 -22.12 6.90
CA CYS D 82 12.90 -23.05 6.74
C CYS D 82 11.87 -22.49 5.77
N SER D 83 12.27 -21.48 4.99
CA SER D 83 11.41 -20.91 3.98
C SER D 83 12.17 -20.66 2.68
N PRO D 84 12.84 -21.71 2.13
CA PRO D 84 13.63 -21.53 0.94
C PRO D 84 12.78 -21.34 -0.33
N ASP D 85 13.26 -20.50 -1.24
CA ASP D 85 12.61 -20.23 -2.53
C ASP D 85 12.27 -21.58 -3.21
N SER D 86 13.26 -22.47 -3.18
CA SER D 86 13.16 -23.76 -3.83
C SER D 86 13.91 -24.79 -3.03
N LEU D 87 13.57 -26.05 -3.27
CA LEU D 87 14.25 -27.18 -2.64
C LEU D 87 15.22 -27.79 -3.59
N ILE D 88 14.91 -27.72 -4.90
CA ILE D 88 15.82 -28.11 -5.96
C ILE D 88 16.01 -26.94 -6.90
N PRO D 89 17.22 -26.33 -6.91
CA PRO D 89 18.35 -26.57 -6.01
C PRO D 89 18.17 -25.86 -4.69
N ASN D 90 19.19 -25.93 -3.83
CA ASN D 90 19.18 -25.25 -2.58
C ASN D 90 19.40 -23.75 -2.81
N ILE D 91 19.02 -22.94 -1.85
CA ILE D 91 19.24 -21.49 -2.02
C ILE D 91 20.61 -21.00 -1.59
N ALA D 92 21.40 -21.80 -0.87
CA ALA D 92 22.82 -21.45 -0.67
C ALA D 92 23.52 -21.32 -2.00
N SER D 93 23.18 -22.18 -2.97
CA SER D 93 23.74 -22.06 -4.32
C SER D 93 23.28 -20.82 -5.10
N ARG D 94 22.05 -20.38 -4.85
CA ARG D 94 21.54 -19.16 -5.47
C ARG D 94 22.30 -17.95 -4.93
N VAL D 95 22.49 -17.89 -3.62
CA VAL D 95 23.34 -16.85 -3.01
C VAL D 95 24.75 -16.88 -3.62
N GLN D 96 25.31 -18.06 -3.74
CA GLN D 96 26.61 -18.25 -4.36
C GLN D 96 26.64 -17.72 -5.78
N GLN D 97 25.61 -18.06 -6.54
CA GLN D 97 25.50 -17.63 -7.94
C GLN D 97 25.38 -16.11 -8.00
N ASN D 98 24.57 -15.53 -7.13
CA ASN D 98 24.40 -14.05 -7.10
C ASN D 98 25.70 -13.33 -6.77
N LEU D 99 26.50 -13.89 -5.88
CA LEU D 99 27.73 -13.23 -5.45
C LEU D 99 28.93 -13.55 -6.29
N GLY D 100 28.83 -14.55 -7.18
CA GLY D 100 29.97 -14.95 -7.99
C GLY D 100 31.06 -15.63 -7.17
N ILE D 101 30.69 -16.34 -6.11
CA ILE D 101 31.66 -17.13 -5.34
C ILE D 101 31.93 -18.45 -6.09
N PRO D 102 33.20 -18.72 -6.47
CA PRO D 102 33.49 -19.99 -7.12
C PRO D 102 33.68 -21.14 -6.13
N SER D 103 33.19 -22.32 -6.49
CA SER D 103 33.60 -23.61 -5.92
C SER D 103 33.18 -23.95 -4.48
N ALA D 104 32.88 -22.96 -3.66
CA ALA D 104 32.55 -23.19 -2.27
C ALA D 104 31.49 -24.25 -2.05
N ALA D 105 31.68 -25.04 -0.99
CA ALA D 105 30.59 -25.89 -0.51
C ALA D 105 29.41 -24.99 -0.13
N ALA D 106 28.21 -25.41 -0.52
CA ALA D 106 27.01 -24.61 -0.30
C ALA D 106 25.81 -25.48 0.00
N PHE D 107 25.29 -25.39 1.22
CA PHE D 107 24.08 -26.09 1.58
C PHE D 107 23.13 -25.30 2.44
N ASP D 108 21.86 -25.72 2.40
CA ASP D 108 20.83 -25.15 3.26
C ASP D 108 20.71 -26.04 4.46
N LEU D 109 20.50 -25.43 5.60
CA LEU D 109 20.33 -26.17 6.81
C LEU D 109 18.98 -25.80 7.37
N ASN D 110 18.21 -26.78 7.80
CA ASN D 110 16.92 -26.54 8.47
C ASN D 110 16.86 -27.08 9.87
N ALA D 111 16.89 -26.15 10.83
CA ALA D 111 16.59 -26.41 12.23
C ALA D 111 15.68 -25.30 12.74
N ALA D 112 14.80 -24.80 11.87
CA ALA D 112 13.82 -23.80 12.21
C ALA D 112 14.49 -22.60 12.89
N CYS D 113 13.92 -22.07 13.97
CA CYS D 113 14.49 -20.80 14.51
C CYS D 113 15.82 -21.01 15.22
N THR D 114 16.24 -22.26 15.47
CA THR D 114 17.59 -22.47 16.00
C THR D 114 18.65 -22.54 14.87
N GLY D 115 18.20 -22.36 13.64
CA GLY D 115 19.03 -22.62 12.48
C GLY D 115 20.37 -21.90 12.41
N PHE D 116 20.40 -20.63 12.85
CA PHE D 116 21.64 -19.89 12.77
C PHE D 116 22.69 -20.42 13.74
N LEU D 117 22.25 -20.79 14.94
CA LEU D 117 23.15 -21.46 15.91
C LEU D 117 23.69 -22.76 15.42
N TYR D 118 22.80 -23.58 14.88
CA TYR D 118 23.21 -24.85 14.22
C TYR D 118 24.22 -24.59 13.14
N GLY D 119 24.02 -23.51 12.39
CA GLY D 119 24.87 -23.20 11.23
C GLY D 119 26.23 -22.65 11.65
N LEU D 120 26.24 -21.86 12.71
CA LEU D 120 27.45 -21.31 13.26
C LEU D 120 28.31 -22.44 13.83
N GLU D 121 27.69 -23.30 14.60
CA GLU D 121 28.33 -24.50 15.15
C GLU D 121 28.93 -25.37 14.03
N THR D 122 28.11 -25.66 13.04
CA THR D 122 28.51 -26.50 11.95
C THR D 122 29.69 -25.90 11.15
N ALA D 123 29.58 -24.64 10.79
CA ALA D 123 30.64 -23.96 10.07
C ALA D 123 31.91 -23.90 10.92
N THR D 124 31.75 -23.60 12.19
CA THR D 124 32.90 -23.50 13.09
C THR D 124 33.65 -24.82 13.22
N ARG D 125 32.91 -25.91 13.37
CA ARG D 125 33.53 -27.22 13.44
C ARG D 125 34.13 -27.70 12.13
N LEU D 126 33.46 -27.41 11.02
CA LEU D 126 34.03 -27.71 9.70
C LEU D 126 35.36 -27.02 9.54
N MET D 127 35.42 -25.73 9.91
CA MET D 127 36.64 -24.99 9.80
C MET D 127 37.78 -25.51 10.72
N GLN D 128 37.44 -25.98 11.92
CA GLN D 128 38.44 -26.38 12.89
C GLN D 128 39.03 -27.75 12.55
N ALA D 129 38.21 -28.61 11.96
CA ALA D 129 38.59 -29.98 11.66
C ALA D 129 39.03 -30.18 10.24
N SER D 130 38.84 -29.20 9.36
CA SER D 130 39.21 -29.42 7.98
C SER D 130 39.64 -28.13 7.32
N HIS D 131 39.74 -28.15 6.01
CA HIS D 131 40.32 -27.07 5.22
C HIS D 131 39.23 -26.16 4.64
N TYR D 132 38.59 -25.39 5.51
CA TYR D 132 37.71 -24.32 5.12
C TYR D 132 38.25 -23.11 5.86
N ARG D 133 38.70 -22.09 5.12
CA ARG D 133 39.38 -20.94 5.71
C ARG D 133 38.46 -19.77 5.95
N HIS D 134 37.44 -19.63 5.11
CA HIS D 134 36.45 -18.57 5.30
C HIS D 134 35.07 -19.12 5.00
N ALA D 135 34.10 -18.77 5.84
CA ALA D 135 32.75 -19.26 5.69
C ALA D 135 31.78 -18.12 5.68
N LEU D 136 30.67 -18.31 5.01
CA LEU D 136 29.53 -17.38 5.09
C LEU D 136 28.39 -18.16 5.70
N VAL D 137 27.86 -17.67 6.83
CA VAL D 137 26.71 -18.29 7.50
C VAL D 137 25.58 -17.30 7.55
N ILE D 138 24.43 -17.69 7.03
CA ILE D 138 23.33 -16.75 6.79
C ILE D 138 22.09 -17.34 7.39
N GLY D 139 21.36 -16.55 8.16
CA GLY D 139 20.01 -16.93 8.53
C GLY D 139 19.05 -16.06 7.74
N ALA D 140 18.13 -16.67 7.02
CA ALA D 140 17.23 -15.93 6.10
C ALA D 140 15.86 -16.55 6.06
N GLU D 141 14.84 -15.72 6.19
CA GLU D 141 13.48 -16.21 6.24
C GLU D 141 12.49 -15.28 5.58
N ARG D 142 11.49 -15.88 4.97
CA ARG D 142 10.31 -15.19 4.48
C ARG D 142 9.10 -15.98 5.03
N LEU D 143 8.91 -15.86 6.34
CA LEU D 143 7.85 -16.58 7.04
C LEU D 143 6.44 -16.10 6.63
N SER D 144 6.33 -14.89 6.09
CA SER D 144 5.05 -14.38 5.65
C SER D 144 4.40 -15.31 4.62
N PHE D 145 5.21 -16.02 3.84
CA PHE D 145 4.69 -17.06 2.93
C PHE D 145 3.73 -18.03 3.62
N TYR D 146 4.02 -18.40 4.87
CA TYR D 146 3.35 -19.50 5.56
C TYR D 146 2.07 -19.13 6.32
N LEU D 147 1.89 -17.87 6.65
CA LEU D 147 0.92 -17.52 7.69
C LEU D 147 -0.54 -17.73 7.29
N ASP D 148 -1.34 -18.12 8.28
CA ASP D 148 -2.79 -18.26 8.14
C ASP D 148 -3.37 -16.92 8.62
N TRP D 149 -3.83 -16.13 7.67
CA TRP D 149 -4.26 -14.76 7.97
C TRP D 149 -5.62 -14.67 8.67
N THR D 150 -6.24 -15.81 8.98
CA THR D 150 -7.42 -15.86 9.85
C THR D 150 -7.08 -16.23 11.30
N LYS D 151 -5.81 -16.56 11.55
CA LYS D 151 -5.38 -17.12 12.83
C LYS D 151 -4.48 -16.15 13.57
N ARG D 152 -5.08 -15.43 14.49
CA ARG D 152 -4.39 -14.39 15.26
C ARG D 152 -3.22 -14.90 16.13
N ASP D 153 -3.28 -16.16 16.55
CA ASP D 153 -2.31 -16.73 17.49
C ASP D 153 -0.90 -16.68 16.90
N THR D 154 -0.79 -16.96 15.60
CA THR D 154 0.48 -17.03 14.90
C THR D 154 0.73 -15.86 13.95
N ALA D 155 -0.33 -15.30 13.38
CA ALA D 155 -0.20 -14.27 12.35
C ALA D 155 0.48 -12.97 12.84
N VAL D 156 0.48 -12.73 14.13
CA VAL D 156 1.09 -11.52 14.71
C VAL D 156 2.55 -11.73 15.20
N LEU D 157 3.07 -12.95 15.11
CA LEU D 157 4.34 -13.28 15.75
C LEU D 157 5.56 -13.23 14.84
N PHE D 158 5.34 -13.39 13.54
CA PHE D 158 6.41 -13.71 12.62
C PHE D 158 6.65 -12.63 11.57
N GLY D 159 7.92 -12.49 11.20
CA GLY D 159 8.32 -11.55 10.15
C GLY D 159 9.33 -12.11 9.18
N ASP D 160 9.79 -11.27 8.27
CA ASP D 160 10.74 -11.66 7.25
C ASP D 160 12.06 -10.93 7.47
N GLY D 161 13.16 -11.56 7.02
CA GLY D 161 14.47 -10.92 7.08
C GLY D 161 15.63 -11.88 6.95
N ALA D 162 16.83 -11.33 6.85
CA ALA D 162 18.08 -12.09 6.78
C ALA D 162 19.20 -11.44 7.56
N GLY D 163 20.02 -12.26 8.21
CA GLY D 163 21.28 -11.82 8.81
C GLY D 163 22.41 -12.75 8.40
N ALA D 164 23.62 -12.21 8.27
CA ALA D 164 24.77 -13.03 7.86
C ALA D 164 26.01 -12.74 8.71
N VAL D 165 26.89 -13.73 8.81
CA VAL D 165 28.27 -13.51 9.28
C VAL D 165 29.27 -14.07 8.32
N VAL D 166 30.46 -13.50 8.32
CA VAL D 166 31.61 -14.11 7.65
C VAL D 166 32.54 -14.59 8.77
N LEU D 167 32.98 -15.83 8.64
CA LEU D 167 33.92 -16.43 9.59
C LEU D 167 35.28 -16.57 8.94
N SER D 168 36.35 -16.29 9.69
CA SER D 168 37.73 -16.39 9.21
C SER D 168 38.58 -17.23 10.16
N LYS D 169 39.29 -18.18 9.60
CA LYS D 169 40.07 -19.12 10.41
C LYS D 169 41.28 -18.42 11.03
N THR D 170 41.54 -18.73 12.30
CA THR D 170 42.63 -18.11 13.02
C THR D 170 43.11 -19.05 14.14
N GLU D 171 44.30 -18.78 14.66
CA GLU D 171 44.81 -19.46 15.86
C GLU D 171 44.43 -18.74 17.16
N GLN D 172 44.00 -17.48 17.07
CA GLN D 172 43.52 -16.76 18.25
C GLN D 172 42.23 -17.37 18.75
N LYS D 173 42.08 -17.41 20.06
CA LYS D 173 40.94 -18.07 20.72
C LYS D 173 39.68 -17.17 20.73
N VAL D 174 39.04 -17.10 19.57
CA VAL D 174 37.93 -16.18 19.30
C VAL D 174 36.85 -16.90 18.53
N GLY D 175 35.72 -16.24 18.37
CA GLY D 175 34.60 -16.86 17.70
C GLY D 175 33.88 -17.83 18.64
N LEU D 176 33.08 -18.72 18.08
CA LEU D 176 32.32 -19.67 18.86
C LEU D 176 33.26 -20.63 19.56
N GLN D 177 33.08 -20.75 20.88
CA GLN D 177 33.87 -21.61 21.75
C GLN D 177 33.05 -22.86 21.99
N ASP D 178 32.56 -23.08 23.20
CA ASP D 178 31.71 -24.24 23.41
C ASP D 178 30.29 -23.91 22.94
N ALA D 179 29.58 -24.93 22.47
CA ALA D 179 28.22 -24.81 22.02
C ALA D 179 27.49 -26.07 22.41
N GLN D 180 26.22 -25.90 22.77
CA GLN D 180 25.37 -27.00 23.08
C GLN D 180 24.08 -26.84 22.27
N ILE D 181 23.91 -27.69 21.25
CA ILE D 181 22.71 -27.67 20.44
C ILE D 181 22.02 -29.02 20.55
N GLY D 182 20.70 -29.02 20.39
CA GLY D 182 19.95 -30.25 20.53
C GLY D 182 18.54 -30.14 20.01
N CYS D 183 17.73 -31.13 20.34
CA CYS D 183 16.35 -31.16 19.93
C CYS D 183 15.58 -32.07 20.87
N ASP D 184 14.45 -31.54 21.35
CA ASP D 184 13.53 -32.24 22.20
CA ASP D 184 13.52 -32.27 22.21
C ASP D 184 12.38 -32.66 21.29
N ALA D 185 12.53 -33.84 20.68
CA ALA D 185 11.65 -34.27 19.64
C ALA D 185 10.24 -34.66 20.13
N GLN D 186 10.08 -34.96 21.41
CA GLN D 186 8.77 -35.43 21.87
C GLN D 186 7.73 -34.32 21.81
N GLY D 187 8.19 -33.06 21.83
CA GLY D 187 7.31 -31.92 21.69
C GLY D 187 7.22 -31.35 20.29
N ARG D 188 7.50 -32.18 19.30
CA ARG D 188 7.54 -31.76 17.90
C ARG D 188 6.21 -31.24 17.35
N ASP D 189 5.11 -31.76 17.86
CA ASP D 189 3.80 -31.47 17.27
C ASP D 189 3.19 -30.12 17.68
N ILE D 190 3.78 -29.45 18.67
CA ILE D 190 3.19 -28.22 19.20
C ILE D 190 3.58 -26.96 18.41
N LEU D 191 4.45 -27.12 17.41
CA LEU D 191 4.90 -26.01 16.57
C LEU D 191 5.28 -26.56 15.20
N ALA D 192 4.32 -26.49 14.27
CA ALA D 192 4.38 -27.22 13.03
C ALA D 192 3.44 -26.69 11.95
N VAL D 193 3.91 -26.75 10.71
CA VAL D 193 3.08 -26.63 9.52
C VAL D 193 3.22 -27.96 8.78
N PRO D 194 2.45 -28.97 9.21
CA PRO D 194 2.68 -30.33 8.66
C PRO D 194 2.42 -30.50 7.16
N LYS D 195 1.61 -29.63 6.56
CA LYS D 195 1.13 -29.84 5.20
C LYS D 195 1.67 -28.85 4.19
N PHE D 196 2.83 -28.26 4.48
CA PHE D 196 3.66 -27.72 3.42
C PHE D 196 4.96 -28.50 3.32
N GLY D 197 5.16 -29.11 2.15
CA GLY D 197 6.28 -30.00 1.90
C GLY D 197 5.73 -31.19 1.12
N THR D 198 6.50 -32.26 1.07
CA THR D 198 6.15 -33.42 0.21
C THR D 198 5.02 -34.26 0.82
N ALA D 199 4.64 -33.97 2.07
CA ALA D 199 3.45 -34.56 2.66
C ALA D 199 2.11 -33.97 2.14
N MET D 200 2.18 -32.83 1.46
CA MET D 200 0.98 -32.16 0.96
C MET D 200 0.46 -32.82 -0.29
N ASP D 201 -0.84 -32.71 -0.51
CA ASP D 201 -1.47 -33.17 -1.74
C ASP D 201 -1.19 -32.13 -2.82
N ARG D 202 -0.36 -32.50 -3.77
CA ARG D 202 0.17 -31.60 -4.78
C ARG D 202 -0.90 -31.06 -5.74
N PHE D 203 -1.96 -31.84 -5.96
CA PHE D 203 -2.99 -31.50 -6.94
C PHE D 203 -4.33 -31.11 -6.32
N ASP D 204 -4.37 -30.97 -5.00
CA ASP D 204 -5.56 -30.45 -4.33
C ASP D 204 -5.55 -28.92 -4.42
N ALA D 205 -6.65 -28.35 -4.89
CA ALA D 205 -6.77 -26.90 -5.06
C ALA D 205 -6.82 -26.14 -3.72
N ASP D 206 -7.23 -26.84 -2.66
CA ASP D 206 -7.23 -26.28 -1.30
C ASP D 206 -5.92 -26.52 -0.52
N ASN D 207 -4.87 -27.01 -1.18
CA ASN D 207 -3.65 -27.39 -0.45
C ASN D 207 -2.88 -26.20 0.15
N GLY D 208 -3.24 -24.99 -0.28
CA GLY D 208 -2.69 -23.76 0.30
C GLY D 208 -3.24 -23.37 1.65
N TYR D 209 -4.38 -23.93 2.04
CA TYR D 209 -5.06 -23.55 3.27
C TYR D 209 -4.66 -24.47 4.42
N TRP D 210 -3.35 -24.48 4.72
CA TRP D 210 -2.77 -25.42 5.70
C TRP D 210 -2.87 -24.90 7.14
N ALA D 211 -2.88 -25.82 8.08
CA ALA D 211 -2.89 -25.46 9.49
C ALA D 211 -1.47 -25.13 10.00
N PHE D 212 -1.40 -24.10 10.84
CA PHE D 212 -0.20 -23.74 11.55
C PHE D 212 -0.46 -24.05 13.03
N ASP D 213 -0.16 -25.28 13.42
CA ASP D 213 -0.31 -25.73 14.80
C ASP D 213 0.67 -24.99 15.70
N PHE D 214 0.17 -24.52 16.83
CA PHE D 214 0.92 -23.61 17.70
C PHE D 214 0.33 -23.57 19.09
N VAL D 215 0.96 -24.24 20.04
CA VAL D 215 0.50 -24.26 21.44
C VAL D 215 1.41 -23.31 22.20
N GLY D 216 1.05 -22.03 22.16
CA GLY D 216 1.87 -20.96 22.70
C GLY D 216 2.45 -21.21 24.07
N LYS D 217 1.61 -21.71 24.97
CA LYS D 217 1.96 -21.85 26.38
C LYS D 217 3.00 -22.95 26.61
N GLU D 218 2.82 -24.10 25.96
CA GLU D 218 3.78 -25.20 26.04
C GLU D 218 5.11 -24.81 25.39
N ILE D 219 5.03 -24.11 24.26
CA ILE D 219 6.20 -23.59 23.58
C ILE D 219 6.97 -22.66 24.50
N PHE D 220 6.25 -21.76 25.13
CA PHE D 220 6.87 -20.79 26.02
C PHE D 220 7.67 -21.53 27.09
N LYS D 221 7.00 -22.49 27.74
CA LYS D 221 7.59 -23.21 28.85
C LYS D 221 8.83 -24.01 28.44
N ARG D 222 8.69 -24.82 27.41
CA ARG D 222 9.79 -25.67 26.92
C ARG D 222 10.98 -24.86 26.39
N ALA D 223 10.72 -23.70 25.82
CA ALA D 223 11.78 -22.83 25.32
C ALA D 223 12.64 -22.27 26.45
N VAL D 224 12.01 -21.81 27.50
CA VAL D 224 12.72 -21.33 28.67
C VAL D 224 13.63 -22.42 29.25
N ARG D 225 13.07 -23.61 29.40
CA ARG D 225 13.79 -24.77 29.95
C ARG D 225 14.91 -25.26 29.05
N GLY D 226 14.62 -25.32 27.75
CA GLY D 226 15.58 -25.82 26.78
C GLY D 226 16.78 -24.90 26.61
N MET D 227 16.51 -23.64 26.35
CA MET D 227 17.57 -22.66 26.27
C MET D 227 18.33 -22.57 27.59
N GLY D 228 17.60 -22.57 28.69
CA GLY D 228 18.18 -22.40 30.01
C GLY D 228 19.20 -23.47 30.29
N ALA D 229 18.80 -24.74 30.12
CA ALA D 229 19.68 -25.87 30.32
C ALA D 229 20.89 -25.82 29.40
N ALA D 230 20.67 -25.44 28.15
CA ALA D 230 21.74 -25.38 27.19
C ALA D 230 22.77 -24.32 27.59
N ALA D 231 22.27 -23.15 27.99
CA ALA D 231 23.13 -22.06 28.43
C ALA D 231 23.96 -22.46 29.65
N GLN D 232 23.31 -23.14 30.60
CA GLN D 232 24.01 -23.63 31.78
C GLN D 232 25.16 -24.56 31.44
N GLN D 233 24.90 -25.50 30.52
CA GLN D 233 25.95 -26.42 30.05
C GLN D 233 27.09 -25.65 29.42
N VAL D 234 26.78 -24.67 28.60
CA VAL D 234 27.81 -23.88 27.96
C VAL D 234 28.63 -23.12 28.99
N LEU D 235 27.95 -22.45 29.92
CA LEU D 235 28.68 -21.71 30.94
C LEU D 235 29.53 -22.64 31.81
N ALA D 236 28.98 -23.78 32.18
CA ALA D 236 29.63 -24.71 33.09
C ALA D 236 30.89 -25.29 32.49
N ARG D 237 30.76 -25.79 31.27
CA ARG D 237 31.89 -26.39 30.57
C ARG D 237 33.03 -25.40 30.32
N SER D 238 32.68 -24.15 30.06
CA SER D 238 33.66 -23.11 29.78
C SER D 238 34.33 -22.46 31.02
N GLY D 239 33.88 -22.82 32.21
CA GLY D 239 34.46 -22.30 33.45
C GLY D 239 34.25 -20.81 33.66
N LEU D 240 33.17 -20.29 33.07
CA LEU D 240 32.84 -18.87 33.18
C LEU D 240 31.87 -18.65 34.32
N SER D 241 32.05 -17.55 35.04
CA SER D 241 31.01 -17.10 35.94
C SER D 241 30.02 -16.33 35.10
N THR D 242 28.79 -16.22 35.58
CA THR D 242 27.72 -15.56 34.85
C THR D 242 27.97 -14.05 34.69
N GLU D 243 28.58 -13.41 35.69
CA GLU D 243 28.97 -11.99 35.58
C GLU D 243 30.01 -11.73 34.47
N GLU D 244 30.72 -12.77 34.01
CA GLU D 244 31.68 -12.62 32.92
C GLU D 244 31.04 -12.54 31.52
N ILE D 245 29.77 -12.90 31.40
CA ILE D 245 29.03 -12.70 30.17
C ILE D 245 28.73 -11.22 30.02
N ASP D 246 29.11 -10.66 28.87
CA ASP D 246 28.94 -9.23 28.68
C ASP D 246 27.65 -8.93 27.90
N VAL D 247 27.26 -9.80 26.98
CA VAL D 247 26.11 -9.54 26.12
C VAL D 247 25.42 -10.86 25.86
N VAL D 248 24.10 -10.83 25.90
CA VAL D 248 23.30 -11.95 25.46
C VAL D 248 22.65 -11.56 24.14
N ILE D 249 22.81 -12.41 23.12
CA ILE D 249 22.17 -12.25 21.84
C ILE D 249 21.18 -13.41 21.70
N PRO D 250 19.92 -13.19 22.09
CA PRO D 250 19.03 -14.31 22.06
C PRO D 250 18.17 -14.35 20.81
N HIS D 251 17.61 -15.52 20.54
CA HIS D 251 16.52 -15.64 19.59
C HIS D 251 15.38 -14.72 20.06
N GLN D 252 14.67 -14.13 19.12
CA GLN D 252 13.68 -13.09 19.41
C GLN D 252 12.28 -13.61 19.09
N ALA D 253 11.76 -14.45 19.96
CA ALA D 253 10.42 -15.05 19.75
C ALA D 253 9.39 -14.40 20.65
N ASN D 254 9.82 -14.00 21.84
CA ASN D 254 8.94 -13.32 22.81
C ASN D 254 9.81 -12.62 23.82
N ILE D 255 9.55 -11.35 24.10
CA ILE D 255 10.40 -10.63 25.04
C ILE D 255 10.36 -11.27 26.44
N ARG D 256 9.23 -11.86 26.79
CA ARG D 256 9.07 -12.50 28.12
C ARG D 256 9.86 -13.79 28.25
N ILE D 257 10.07 -14.50 27.14
CA ILE D 257 10.97 -15.63 27.13
C ILE D 257 12.41 -15.19 27.40
N ILE D 258 12.83 -14.10 26.76
CA ILE D 258 14.16 -13.57 26.91
C ILE D 258 14.40 -13.09 28.33
N GLN D 259 13.42 -12.38 28.89
CA GLN D 259 13.51 -11.91 30.27
C GLN D 259 13.58 -13.07 31.27
N THR D 260 12.77 -14.08 31.05
CA THR D 260 12.71 -15.22 31.96
C THR D 260 14.03 -15.99 31.92
N LEU D 261 14.56 -16.17 30.73
CA LEU D 261 15.88 -16.79 30.53
C LEU D 261 16.98 -16.07 31.32
N CYS D 262 17.03 -14.75 31.24
CA CYS D 262 18.04 -13.99 31.97
C CYS D 262 17.80 -14.09 33.45
N ASP D 263 16.55 -13.95 33.85
CA ASP D 263 16.19 -14.01 35.25
C ASP D 263 16.63 -15.30 35.92
N LEU D 264 16.28 -16.43 35.30
CA LEU D 264 16.56 -17.73 35.90
C LEU D 264 18.07 -18.06 35.87
N ALA D 265 18.79 -17.50 34.91
CA ALA D 265 20.25 -17.66 34.86
C ALA D 265 21.00 -16.68 35.78
N GLY D 266 20.31 -15.65 36.25
CA GLY D 266 20.95 -14.62 37.05
C GLY D 266 21.79 -13.67 36.20
N ILE D 267 21.45 -13.55 34.92
CA ILE D 267 22.07 -12.57 34.04
C ILE D 267 21.23 -11.28 34.09
N ALA D 268 21.90 -10.14 34.23
CA ALA D 268 21.23 -8.82 34.27
C ALA D 268 20.49 -8.51 32.97
N GLN D 269 19.27 -8.01 33.09
CA GLN D 269 18.37 -7.85 31.92
C GLN D 269 18.94 -6.97 30.85
N ASP D 270 19.67 -5.95 31.28
CA ASP D 270 20.21 -4.97 30.38
C ASP D 270 21.38 -5.50 29.52
N LYS D 271 21.82 -6.73 29.78
CA LYS D 271 22.81 -7.37 28.90
C LYS D 271 22.19 -8.07 27.68
N ALA D 272 20.87 -8.24 27.66
CA ALA D 272 20.24 -8.87 26.53
C ALA D 272 19.98 -7.85 25.43
N PHE D 273 20.49 -8.11 24.22
CA PHE D 273 20.10 -7.30 23.08
C PHE D 273 18.74 -7.73 22.57
N VAL D 274 17.84 -6.76 22.42
CA VAL D 274 16.46 -7.03 22.02
C VAL D 274 16.09 -6.11 20.87
N ASN D 275 15.68 -6.69 19.75
CA ASN D 275 15.09 -5.93 18.64
C ASN D 275 13.74 -6.51 18.18
N ILE D 276 13.12 -7.34 19.00
CA ILE D 276 11.88 -8.00 18.61
C ILE D 276 10.76 -7.00 18.33
N HIS D 277 10.80 -5.84 18.99
CA HIS D 277 9.78 -4.81 18.81
C HIS D 277 9.70 -4.32 17.36
N ARG D 278 10.84 -4.31 16.68
CA ARG D 278 10.93 -3.83 15.30
C ARG D 278 10.65 -4.91 14.23
N TYR D 279 11.07 -6.15 14.47
CA TYR D 279 11.08 -7.15 13.42
C TYR D 279 10.22 -8.38 13.68
N GLY D 280 9.84 -8.61 14.93
CA GLY D 280 9.10 -9.80 15.29
C GLY D 280 10.03 -11.02 15.27
N ASN D 281 9.45 -12.20 15.18
CA ASN D 281 10.21 -13.42 15.10
C ASN D 281 10.52 -13.75 13.64
N THR D 282 11.78 -13.58 13.24
CA THR D 282 12.26 -13.87 11.89
C THR D 282 13.02 -15.23 11.79
N SER D 283 12.67 -16.16 12.67
CA SER D 283 13.25 -17.47 12.71
C SER D 283 14.81 -17.45 12.64
N ALA D 284 15.40 -18.15 11.67
CA ALA D 284 16.86 -18.29 11.64
C ALA D 284 17.58 -16.94 11.54
N ALA D 285 16.87 -15.92 11.10
CA ALA D 285 17.47 -14.60 11.00
C ALA D 285 17.62 -13.84 12.31
N THR D 286 16.89 -14.21 13.34
CA THR D 286 16.86 -13.37 14.55
C THR D 286 18.25 -13.11 15.15
N VAL D 287 19.02 -14.16 15.33
CA VAL D 287 20.31 -14.05 16.01
C VAL D 287 21.31 -13.19 15.24
N PRO D 288 21.52 -13.50 13.95
CA PRO D 288 22.51 -12.69 13.21
C PRO D 288 22.08 -11.24 12.92
N ILE D 289 20.78 -10.97 12.83
CA ILE D 289 20.34 -9.59 12.73
C ILE D 289 20.60 -8.88 14.06
N ALA D 290 20.19 -9.51 15.16
CA ALA D 290 20.46 -8.98 16.48
C ALA D 290 21.95 -8.76 16.77
N LEU D 291 22.79 -9.70 16.36
CA LEU D 291 24.25 -9.54 16.47
C LEU D 291 24.72 -8.35 15.64
N CYS D 292 24.24 -8.27 14.40
CA CYS D 292 24.64 -7.21 13.50
C CYS D 292 24.30 -5.86 14.10
N GLU D 293 23.10 -5.73 14.63
CA GLU D 293 22.67 -4.46 15.17
C GLU D 293 23.33 -4.16 16.50
N ALA D 294 23.60 -5.17 17.32
CA ALA D 294 24.34 -4.96 18.58
C ALA D 294 25.69 -4.32 18.27
N LEU D 295 26.33 -4.81 17.22
CA LEU D 295 27.62 -4.25 16.78
C LEU D 295 27.50 -2.82 16.23
N GLU D 296 26.47 -2.59 15.41
CA GLU D 296 26.15 -1.24 14.83
C GLU D 296 25.88 -0.22 15.94
N GLN D 297 25.21 -0.67 17.00
CA GLN D 297 24.82 0.21 18.09
C GLN D 297 25.82 0.29 19.23
N GLY D 298 27.00 -0.32 19.07
CA GLY D 298 28.09 -0.15 20.06
C GLY D 298 27.87 -0.91 21.35
N LYS D 299 27.14 -2.02 21.28
CA LYS D 299 26.83 -2.81 22.47
C LYS D 299 27.90 -3.85 22.79
N ILE D 300 28.76 -4.13 21.81
CA ILE D 300 29.78 -5.16 21.97
C ILE D 300 31.17 -4.55 21.88
N LYS D 301 32.03 -4.97 22.79
CA LYS D 301 33.38 -4.43 22.90
C LYS D 301 34.35 -5.51 22.51
N PRO D 302 35.58 -5.12 22.13
CA PRO D 302 36.59 -6.11 21.87
C PRO D 302 36.77 -7.05 23.06
N HIS D 303 36.95 -8.34 22.78
CA HIS D 303 37.14 -9.37 23.81
C HIS D 303 35.92 -9.67 24.69
N ASP D 304 34.74 -9.19 24.32
CA ASP D 304 33.55 -9.50 25.12
C ASP D 304 33.22 -10.98 25.01
N ASP D 305 32.56 -11.51 26.05
CA ASP D 305 31.99 -12.83 26.03
C ASP D 305 30.50 -12.72 25.73
N LEU D 306 30.06 -13.36 24.66
CA LEU D 306 28.67 -13.33 24.24
C LEU D 306 28.05 -14.66 24.57
N LEU D 307 26.81 -14.61 25.06
CA LEU D 307 26.00 -15.81 25.15
C LEU D 307 24.92 -15.72 24.07
N VAL D 308 24.84 -16.77 23.26
CA VAL D 308 23.80 -16.88 22.29
C VAL D 308 22.92 -18.05 22.70
N ALA D 309 21.63 -17.93 22.41
CA ALA D 309 20.64 -18.89 22.78
C ALA D 309 19.46 -18.84 21.83
N ALA D 310 18.96 -20.01 21.43
CA ALA D 310 17.86 -20.06 20.48
C ALA D 310 17.04 -21.30 20.70
N PHE D 311 15.84 -21.28 20.13
CA PHE D 311 14.91 -22.36 20.24
CA PHE D 311 14.88 -22.36 20.29
C PHE D 311 13.97 -22.32 19.05
N GLY D 312 13.37 -23.44 18.70
CA GLY D 312 12.52 -23.49 17.53
C GLY D 312 11.76 -24.79 17.33
N ALA D 313 11.00 -24.82 16.24
CA ALA D 313 10.24 -26.02 15.88
C ALA D 313 11.18 -27.23 15.91
N GLY D 314 10.70 -28.35 16.39
CA GLY D 314 11.53 -29.55 16.44
C GLY D 314 11.27 -30.49 17.59
N LEU D 315 11.30 -30.02 18.84
CA LEU D 315 11.72 -28.68 19.23
C LEU D 315 13.25 -28.52 19.33
N THR D 316 13.83 -27.80 18.38
CA THR D 316 15.27 -27.59 18.39
C THR D 316 15.66 -26.53 19.42
N TRP D 317 16.90 -26.65 19.91
CA TRP D 317 17.38 -25.74 20.89
C TRP D 317 18.92 -25.63 20.84
N GLY D 318 19.42 -24.56 21.44
CA GLY D 318 20.82 -24.37 21.47
C GLY D 318 21.26 -23.18 22.26
N ALA D 319 22.50 -23.24 22.72
CA ALA D 319 23.21 -22.10 23.26
C ALA D 319 24.69 -22.18 22.86
N GLY D 320 25.37 -21.03 22.90
CA GLY D 320 26.76 -20.97 22.54
C GLY D 320 27.45 -19.79 23.19
N HIS D 321 28.75 -19.95 23.39
CA HIS D 321 29.62 -18.90 23.90
C HIS D 321 30.50 -18.45 22.76
N ILE D 322 30.45 -17.15 22.46
CA ILE D 322 31.32 -16.55 21.48
C ILE D 322 32.23 -15.59 22.22
N ARG D 323 33.53 -15.72 21.97
CA ARG D 323 34.52 -14.78 22.48
C ARG D 323 34.85 -13.84 21.32
N TRP D 324 34.56 -12.55 21.47
CA TRP D 324 34.81 -11.59 20.43
C TRP D 324 36.28 -11.25 20.36
N GLY D 325 36.71 -10.87 19.16
CA GLY D 325 38.11 -10.54 18.89
C GLY D 325 38.34 -9.04 19.08
N GLU D 326 39.24 -8.50 18.28
CA GLU D 326 39.70 -7.14 18.43
C GLU D 326 38.80 -6.11 17.74
N ARG D 327 38.08 -6.51 16.69
CA ARG D 327 37.46 -5.53 15.82
C ARG D 327 35.94 -5.54 15.89
N ILE D 328 35.35 -4.38 16.23
CA ILE D 328 33.90 -4.23 16.25
C ILE D 328 33.36 -3.34 15.15
N THR D 329 34.23 -2.97 14.21
CA THR D 329 33.95 -2.02 13.15
CA THR D 329 33.91 -2.04 13.16
C THR D 329 34.12 -2.74 11.83
N PRO D 330 33.24 -2.44 10.85
CA PRO D 330 33.41 -2.95 9.49
C PRO D 330 34.70 -2.51 8.83
N LEU D 331 35.31 -3.38 8.03
CA LEU D 331 36.41 -2.91 7.20
C LEU D 331 35.86 -2.09 6.02
N GLY D 332 34.75 -2.52 5.42
CA GLY D 332 34.14 -1.77 4.33
C GLY D 332 32.63 -1.79 4.41
N LYS D 333 32.03 -0.90 3.65
CA LYS D 333 30.57 -0.82 3.51
C LYS D 333 30.15 -1.29 2.12
N SER D 334 28.90 -1.74 2.04
CA SER D 334 28.31 -2.19 0.80
C SER D 334 27.10 -1.30 0.55
N ASP D 335 26.96 -0.83 -0.67
CA ASP D 335 25.74 -0.11 -1.06
C ASP D 335 24.65 -1.06 -1.60
N ALA D 336 24.85 -2.38 -1.43
CA ALA D 336 23.88 -3.36 -1.85
C ALA D 336 22.53 -3.14 -1.18
N GLN D 337 21.48 -3.17 -2.00
CA GLN D 337 20.11 -2.89 -1.57
C GLN D 337 19.15 -3.82 -2.27
N LEU D 338 17.98 -4.03 -1.65
CA LEU D 338 16.85 -4.63 -2.33
C LEU D 338 16.25 -3.67 -3.37
N PRO D 339 15.59 -4.21 -4.40
CA PRO D 339 14.83 -3.34 -5.33
C PRO D 339 13.76 -2.59 -4.57
N SER D 340 13.50 -1.38 -4.99
CA SER D 340 12.50 -0.52 -4.33
C SER D 340 11.13 -1.21 -4.30
N CYS D 341 10.38 -0.88 -3.26
CA CYS D 341 9.05 -1.44 -3.05
C CYS D 341 8.07 -0.28 -2.88
N ASP D 342 7.19 -0.10 -3.86
CA ASP D 342 6.22 0.98 -3.82
C ASP D 342 4.87 0.44 -3.30
N HIS D 343 4.92 -0.42 -2.28
CA HIS D 343 3.72 -1.03 -1.71
C HIS D 343 3.82 -1.07 -0.20
N THR D 344 2.67 -1.06 0.46
CA THR D 344 2.60 -1.24 1.90
C THR D 344 2.63 -2.74 2.21
N ALA D 345 2.77 -3.08 3.48
CA ALA D 345 2.72 -4.45 3.92
C ALA D 345 1.33 -5.04 3.69
N LEU D 346 0.28 -4.27 4.00
CA LEU D 346 -1.11 -4.66 3.69
C LEU D 346 -1.32 -4.91 2.19
N ASP D 347 -0.82 -4.01 1.35
CA ASP D 347 -0.82 -4.21 -0.11
C ASP D 347 -0.24 -5.57 -0.51
N LEU D 348 0.95 -5.89 0.02
CA LEU D 348 1.64 -7.15 -0.30
C LEU D 348 0.87 -8.39 0.14
N LEU D 349 0.24 -8.30 1.31
CA LEU D 349 -0.50 -9.44 1.84
C LEU D 349 -1.94 -9.52 1.34
N SER D 350 -2.39 -8.46 0.67
CA SER D 350 -3.77 -8.32 0.18
C SER D 350 -4.38 -9.63 -0.35
N LYS D 351 -3.76 -10.19 -1.39
CA LYS D 351 -4.26 -11.41 -2.01
C LYS D 351 -4.36 -12.58 -1.03
N ALA D 352 -3.27 -12.81 -0.29
CA ALA D 352 -3.21 -13.91 0.69
C ALA D 352 -4.28 -13.77 1.76
N ILE D 353 -4.42 -12.57 2.31
CA ILE D 353 -5.47 -12.28 3.30
C ILE D 353 -6.86 -12.56 2.73
N GLU D 354 -7.13 -12.03 1.53
CA GLU D 354 -8.43 -12.24 0.83
C GLU D 354 -8.78 -13.72 0.64
N HIS D 355 -7.80 -14.51 0.23
CA HIS D 355 -7.99 -15.95 0.04
C HIS D 355 -8.25 -16.67 1.35
N CYS D 356 -7.49 -16.31 2.39
CA CYS D 356 -7.64 -16.95 3.70
C CYS D 356 -9.03 -16.65 4.31
N LYS D 357 -9.49 -15.41 4.17
CA LYS D 357 -10.82 -15.00 4.69
C LYS D 357 -11.97 -15.63 3.86
N ARG D 358 -11.84 -15.63 2.54
CA ARG D 358 -12.86 -16.23 1.66
C ARG D 358 -13.01 -17.75 1.85
N HIS D 359 -11.91 -18.43 2.13
CA HIS D 359 -11.94 -19.89 2.31
C HIS D 359 -12.58 -20.30 3.65
N GLN D 360 -12.43 -19.46 4.67
CA GLN D 360 -13.00 -19.73 6.00
C GLN D 360 -14.53 -19.71 6.01
N MET E 1 -45.76 33.02 -16.79
CA MET E 1 -44.61 33.73 -17.43
C MET E 1 -44.50 33.43 -18.94
N THR E 2 -44.18 34.47 -19.72
CA THR E 2 -43.74 34.32 -21.12
C THR E 2 -42.36 33.61 -21.17
N GLN E 3 -42.26 32.57 -22.00
CA GLN E 3 -41.10 31.67 -21.98
C GLN E 3 -39.87 32.30 -22.64
N CYS E 4 -38.75 32.30 -21.93
CA CYS E 4 -37.52 32.89 -22.41
C CYS E 4 -36.40 31.87 -22.41
N TYR E 5 -35.30 32.23 -23.08
CA TYR E 5 -34.17 31.32 -23.26
C TYR E 5 -32.86 32.07 -23.16
N ALA E 6 -31.78 31.33 -22.84
CA ALA E 6 -30.44 31.91 -22.74
C ALA E 6 -29.59 31.39 -23.87
N GLU E 7 -29.49 32.18 -24.93
CA GLU E 7 -28.72 31.80 -26.11
C GLU E 7 -27.23 32.00 -25.89
N ILE E 8 -26.44 31.06 -26.38
CA ILE E 8 -24.99 31.17 -26.26
C ILE E 8 -24.51 32.01 -27.42
N THR E 9 -24.20 33.28 -27.14
CA THR E 9 -23.87 34.23 -28.18
C THR E 9 -22.39 34.52 -28.24
N GLY E 10 -21.63 34.03 -27.25
CA GLY E 10 -20.20 34.28 -27.20
C GLY E 10 -19.47 33.10 -26.59
N TRP E 11 -18.28 32.85 -27.07
CA TRP E 11 -17.45 31.74 -26.61
C TRP E 11 -15.98 32.18 -26.67
N GLY E 12 -15.17 31.61 -25.80
CA GLY E 12 -13.77 32.00 -25.72
C GLY E 12 -12.98 31.07 -24.85
N LYS E 13 -11.65 31.08 -25.02
CA LYS E 13 -10.80 30.16 -24.29
C LYS E 13 -9.50 30.84 -23.92
N CYS E 14 -8.80 30.31 -22.92
CA CYS E 14 -7.45 30.76 -22.62
C CYS E 14 -6.66 29.55 -22.16
N LEU E 15 -5.71 29.15 -22.99
CA LEU E 15 -4.80 28.09 -22.67
C LEU E 15 -3.45 28.75 -22.43
N PRO E 16 -2.83 28.49 -21.26
CA PRO E 16 -1.47 29.02 -21.08
C PRO E 16 -0.46 28.30 -21.98
N PRO E 17 0.63 28.98 -22.35
CA PRO E 17 1.54 28.45 -23.37
C PRO E 17 2.48 27.32 -22.95
N ALA E 18 2.91 27.29 -21.69
CA ALA E 18 3.87 26.27 -21.23
C ALA E 18 3.25 24.88 -21.28
N THR E 19 3.89 23.97 -22.01
CA THR E 19 3.35 22.66 -22.34
C THR E 19 4.13 21.54 -21.66
N LEU E 20 3.41 20.71 -20.89
CA LEU E 20 4.00 19.54 -20.24
C LEU E 20 3.66 18.30 -21.05
N SER E 21 4.68 17.70 -21.68
CA SER E 21 4.52 16.51 -22.51
C SER E 21 4.57 15.25 -21.65
N ASN E 22 4.15 14.14 -22.22
CA ASN E 22 4.21 12.85 -21.53
C ASN E 22 5.66 12.45 -21.25
N HIS E 23 6.54 12.73 -22.20
CA HIS E 23 7.96 12.51 -22.00
C HIS E 23 8.52 13.35 -20.85
N ASP E 24 8.10 14.63 -20.75
CA ASP E 24 8.50 15.49 -19.62
C ASP E 24 8.21 14.83 -18.28
N LEU E 25 7.01 14.27 -18.15
CA LEU E 25 6.61 13.56 -16.93
C LEU E 25 7.44 12.30 -16.72
N SER E 26 7.86 11.68 -17.82
CA SER E 26 8.63 10.45 -17.80
C SER E 26 10.04 10.61 -17.20
N THR E 27 10.53 11.83 -17.15
CA THR E 27 11.87 12.09 -16.63
C THR E 27 11.95 12.09 -15.10
N PHE E 28 10.86 12.40 -14.41
CA PHE E 28 10.85 12.42 -12.93
C PHE E 28 9.83 11.46 -12.30
N LEU E 29 9.29 10.54 -13.11
CA LEU E 29 8.19 9.69 -12.67
C LEU E 29 8.23 8.33 -13.38
N ASP E 30 7.86 7.26 -12.68
CA ASP E 30 7.83 5.92 -13.29
C ASP E 30 6.61 5.75 -14.21
N THR E 31 6.62 6.45 -15.34
CA THR E 31 5.56 6.37 -16.33
C THR E 31 6.11 6.59 -17.74
N SER E 32 5.24 6.47 -18.74
CA SER E 32 5.65 6.58 -20.13
C SER E 32 4.54 7.18 -21.00
N ASP E 33 4.96 7.77 -22.12
CA ASP E 33 4.04 8.26 -23.15
C ASP E 33 3.12 7.14 -23.64
N GLU E 34 3.67 5.94 -23.79
CA GLU E 34 2.89 4.79 -24.24
C GLU E 34 1.74 4.45 -23.28
N TRP E 35 2.03 4.39 -21.99
CA TRP E 35 1.00 4.06 -21.00
C TRP E 35 -0.06 5.17 -20.92
N ILE E 36 0.39 6.41 -20.83
CA ILE E 36 -0.51 7.55 -20.67
C ILE E 36 -1.43 7.73 -21.87
N GLN E 37 -0.86 7.72 -23.07
CA GLN E 37 -1.64 7.94 -24.28
C GLN E 37 -2.64 6.79 -24.53
N SER E 38 -2.24 5.55 -24.24
CA SER E 38 -3.12 4.40 -24.48
C SER E 38 -4.24 4.27 -23.43
N ARG E 39 -3.95 4.60 -22.17
CA ARG E 39 -4.93 4.50 -21.09
C ARG E 39 -5.88 5.73 -21.03
N THR E 40 -5.35 6.92 -21.32
CA THR E 40 -6.08 8.19 -21.12
C THR E 40 -6.35 9.01 -22.40
N GLY E 41 -5.53 8.83 -23.43
CA GLY E 41 -5.58 9.66 -24.64
C GLY E 41 -4.78 10.96 -24.54
N ILE E 42 -4.26 11.29 -23.35
CA ILE E 42 -3.58 12.56 -23.15
C ILE E 42 -2.15 12.46 -23.69
N GLU E 43 -1.72 13.49 -24.41
CA GLU E 43 -0.34 13.61 -24.88
C GLU E 43 0.35 14.83 -24.28
N GLN E 44 -0.39 15.92 -24.12
CA GLN E 44 0.14 17.16 -23.56
C GLN E 44 -0.90 17.77 -22.62
N ARG E 45 -0.42 18.62 -21.69
CA ARG E 45 -1.30 19.53 -20.94
C ARG E 45 -0.59 20.84 -20.79
N ARG E 46 -1.36 21.87 -20.45
CA ARG E 46 -0.81 23.19 -20.25
C ARG E 46 -0.64 23.45 -18.76
N ILE E 47 0.40 24.21 -18.43
CA ILE E 47 0.73 24.54 -17.06
C ILE E 47 0.80 26.06 -16.99
N SER E 48 0.00 26.64 -16.11
CA SER E 48 -0.15 28.08 -16.07
C SER E 48 0.97 28.75 -15.28
N HIS E 49 1.42 29.90 -15.79
CA HIS E 49 2.37 30.77 -15.11
C HIS E 49 1.66 31.95 -14.43
N VAL E 50 0.32 31.97 -14.57
CA VAL E 50 -0.52 32.98 -13.96
C VAL E 50 -1.61 32.33 -13.10
N ASN E 51 -2.30 33.15 -12.34
CA ASN E 51 -3.41 32.69 -11.50
C ASN E 51 -4.67 32.31 -12.25
N THR E 52 -5.55 31.56 -11.60
CA THR E 52 -6.80 31.13 -12.21
C THR E 52 -7.60 32.32 -12.75
N SER E 53 -7.72 33.38 -11.96
CA SER E 53 -8.48 34.56 -12.36
C SER E 53 -7.97 35.19 -13.66
N ASP E 54 -6.65 35.11 -13.89
CA ASP E 54 -6.08 35.65 -15.13
C ASP E 54 -6.49 34.83 -16.35
N LEU E 55 -6.44 33.51 -16.24
CA LEU E 55 -6.93 32.63 -17.32
C LEU E 55 -8.42 32.90 -17.58
N ALA E 56 -9.21 33.00 -16.51
CA ALA E 56 -10.64 33.27 -16.62
C ALA E 56 -10.94 34.63 -17.30
N THR E 57 -10.09 35.62 -17.02
CA THR E 57 -10.25 36.96 -17.54
C THR E 57 -10.04 37.02 -19.06
N VAL E 58 -9.01 36.32 -19.54
CA VAL E 58 -8.72 36.31 -20.96
C VAL E 58 -9.80 35.57 -21.75
N ALA E 59 -10.26 34.44 -21.23
CA ALA E 59 -11.32 33.68 -21.90
C ALA E 59 -12.61 34.50 -21.99
N ALA E 60 -12.93 35.22 -20.92
CA ALA E 60 -14.11 36.07 -20.85
C ALA E 60 -14.00 37.20 -21.85
N GLN E 61 -12.84 37.86 -21.88
CA GLN E 61 -12.56 38.86 -22.90
C GLN E 61 -12.79 38.37 -24.34
N HIS E 62 -12.36 37.14 -24.64
CA HIS E 62 -12.60 36.59 -25.96
C HIS E 62 -14.09 36.35 -26.19
N ALA E 63 -14.80 35.89 -25.17
CA ALA E 63 -16.22 35.58 -25.29
C ALA E 63 -17.07 36.81 -25.50
N ILE E 64 -16.72 37.89 -24.79
CA ILE E 64 -17.42 39.18 -24.87
C ILE E 64 -17.27 39.79 -26.25
N ALA E 65 -16.04 39.77 -26.77
CA ALA E 65 -15.78 40.19 -28.13
C ALA E 65 -16.53 39.32 -29.13
N CYS E 66 -16.58 38.03 -28.85
CA CYS E 66 -17.26 37.09 -29.74
C CYS E 66 -18.78 37.35 -29.75
N ALA E 67 -19.35 37.71 -28.60
CA ALA E 67 -20.78 38.08 -28.50
C ALA E 67 -21.10 39.52 -28.92
N GLY E 68 -20.09 40.39 -28.97
CA GLY E 68 -20.31 41.78 -29.36
C GLY E 68 -21.06 42.57 -28.28
N VAL E 69 -21.05 42.06 -27.05
CA VAL E 69 -21.73 42.72 -25.94
C VAL E 69 -20.79 43.67 -25.23
N SER E 70 -21.34 44.75 -24.69
CA SER E 70 -20.56 45.69 -23.92
C SER E 70 -20.57 45.26 -22.46
N VAL E 71 -19.48 45.58 -21.77
CA VAL E 71 -19.32 45.19 -20.37
C VAL E 71 -20.47 45.68 -19.48
N GLU E 72 -21.10 46.81 -19.83
CA GLU E 72 -22.25 47.32 -19.07
C GLU E 72 -23.55 46.52 -19.23
N GLU E 73 -23.60 45.62 -20.19
CA GLU E 73 -24.78 44.78 -20.43
C GLU E 73 -24.74 43.49 -19.60
N ILE E 74 -23.56 43.15 -19.06
CA ILE E 74 -23.41 41.89 -18.31
C ILE E 74 -24.02 42.05 -16.93
N ASP E 75 -24.97 41.17 -16.59
CA ASP E 75 -25.74 41.22 -15.35
C ASP E 75 -25.37 40.13 -14.35
N LEU E 76 -24.56 39.17 -14.78
CA LEU E 76 -24.30 38.00 -14.00
C LEU E 76 -23.00 37.37 -14.45
N ILE E 77 -22.14 37.04 -13.51
CA ILE E 77 -20.86 36.41 -13.79
C ILE E 77 -20.73 35.22 -12.89
N ILE E 78 -20.64 34.03 -13.48
CA ILE E 78 -20.39 32.82 -12.72
C ILE E 78 -19.04 32.23 -13.16
N VAL E 79 -18.16 31.98 -12.18
CA VAL E 79 -16.90 31.33 -12.45
C VAL E 79 -16.96 29.98 -11.78
N ALA E 80 -16.95 28.93 -12.61
CA ALA E 80 -16.86 27.59 -12.13
C ALA E 80 -15.38 27.23 -11.97
N THR E 81 -14.98 26.95 -10.73
CA THR E 81 -13.62 26.58 -10.42
C THR E 81 -13.55 25.86 -9.08
N CYS E 82 -12.56 24.99 -8.97
CA CYS E 82 -12.19 24.40 -7.69
C CYS E 82 -10.74 24.75 -7.37
N SER E 83 -10.19 25.75 -8.08
CA SER E 83 -8.82 26.21 -7.82
C SER E 83 -8.74 27.72 -7.84
N PRO E 84 -9.58 28.38 -7.03
CA PRO E 84 -9.59 29.84 -7.05
C PRO E 84 -8.36 30.44 -6.39
N ASP E 85 -7.89 31.58 -6.93
CA ASP E 85 -6.78 32.37 -6.38
C ASP E 85 -6.98 32.59 -4.88
N SER E 86 -8.20 32.96 -4.55
CA SER E 86 -8.57 33.30 -3.19
C SER E 86 -10.00 32.89 -2.92
N LEU E 87 -10.34 32.75 -1.64
CA LEU E 87 -11.69 32.47 -1.20
C LEU E 87 -12.37 33.72 -0.70
N ILE E 88 -11.58 34.64 -0.13
CA ILE E 88 -12.06 35.97 0.24
C ILE E 88 -11.21 37.03 -0.46
N PRO E 89 -11.78 37.74 -1.45
CA PRO E 89 -13.09 37.56 -2.06
C PRO E 89 -13.09 36.43 -3.11
N ASN E 90 -14.21 36.26 -3.78
CA ASN E 90 -14.35 35.28 -4.83
C ASN E 90 -13.62 35.78 -6.07
N ILE E 91 -13.28 34.87 -6.97
CA ILE E 91 -12.60 35.29 -8.19
C ILE E 91 -13.51 35.71 -9.34
N ALA E 92 -14.81 35.46 -9.25
CA ALA E 92 -15.75 36.11 -10.18
C ALA E 92 -15.65 37.63 -10.06
N SER E 93 -15.49 38.14 -8.84
CA SER E 93 -15.34 39.59 -8.63
C SER E 93 -14.02 40.15 -9.14
N ARG E 94 -12.97 39.35 -9.11
CA ARG E 94 -11.69 39.72 -9.72
C ARG E 94 -11.84 39.83 -11.23
N VAL E 95 -12.47 38.85 -11.86
CA VAL E 95 -12.75 38.92 -13.31
C VAL E 95 -13.57 40.19 -13.61
N GLN E 96 -14.57 40.43 -12.79
CA GLN E 96 -15.42 41.63 -12.91
C GLN E 96 -14.61 42.91 -12.83
N GLN E 97 -13.73 42.97 -11.83
CA GLN E 97 -12.84 44.10 -11.63
C GLN E 97 -11.91 44.27 -12.83
N ASN E 98 -11.35 43.17 -13.32
CA ASN E 98 -10.43 43.25 -14.50
C ASN E 98 -11.13 43.76 -15.74
N LEU E 99 -12.38 43.37 -15.94
CA LEU E 99 -13.10 43.76 -17.17
C LEU E 99 -13.85 45.08 -17.05
N GLY E 100 -13.95 45.64 -15.84
CA GLY E 100 -14.70 46.88 -15.66
C GLY E 100 -16.20 46.69 -15.84
N ILE E 101 -16.74 45.51 -15.50
CA ILE E 101 -18.18 45.29 -15.51
C ILE E 101 -18.80 45.86 -14.24
N PRO E 102 -19.76 46.80 -14.38
CA PRO E 102 -20.36 47.38 -13.18
C PRO E 102 -21.52 46.53 -12.68
N SER E 103 -21.64 46.43 -11.37
N SER E 103 -21.64 46.43 -11.37
CA SER E 103 -22.88 46.01 -10.65
CA SER E 103 -22.89 46.02 -10.69
C SER E 103 -23.32 44.54 -10.77
C SER E 103 -23.31 44.53 -10.78
N ALA E 104 -22.86 43.82 -11.79
CA ALA E 104 -23.31 42.42 -12.00
C ALA E 104 -23.18 41.53 -10.77
N ALA E 105 -24.16 40.65 -10.58
CA ALA E 105 -24.02 39.56 -9.63
C ALA E 105 -22.81 38.72 -10.04
N ALA E 106 -22.00 38.33 -9.07
CA ALA E 106 -20.74 37.63 -9.35
C ALA E 106 -20.43 36.63 -8.25
N PHE E 107 -20.46 35.35 -8.60
CA PHE E 107 -20.08 34.32 -7.66
C PHE E 107 -19.28 33.20 -8.28
N ASP E 108 -18.54 32.50 -7.42
CA ASP E 108 -17.85 31.29 -7.78
C ASP E 108 -18.72 30.11 -7.44
N LEU E 109 -18.67 29.11 -8.31
CA LEU E 109 -19.44 27.90 -8.11
C LEU E 109 -18.46 26.73 -8.11
N ASN E 110 -18.58 25.87 -7.12
CA ASN E 110 -17.74 24.69 -7.04
C ASN E 110 -18.53 23.38 -7.10
N ALA E 111 -18.47 22.73 -8.25
CA ALA E 111 -18.94 21.37 -8.46
C ALA E 111 -17.86 20.57 -9.17
N ALA E 112 -16.60 20.91 -8.90
CA ALA E 112 -15.45 20.23 -9.52
C ALA E 112 -15.59 20.18 -11.05
N SCY E 113 -15.34 19.02 -11.65
CA SCY E 113 -15.28 18.92 -13.11
CB SCY E 113 -14.67 17.56 -13.47
SG SCY E 113 -12.93 17.40 -13.12
CD SCY E 113 -12.76 16.78 -11.59
OCD SCY E 113 -13.72 16.72 -10.86
CE SCY E 113 -11.41 16.31 -11.14
C SCY E 113 -16.62 19.13 -13.78
O SCY E 113 -16.68 19.44 -14.96
N THR E 114 -17.71 18.99 -13.04
CA THR E 114 -19.05 19.25 -13.58
C THR E 114 -19.44 20.73 -13.46
N GLY E 115 -18.52 21.55 -12.93
CA GLY E 115 -18.80 22.95 -12.65
C GLY E 115 -19.35 23.80 -13.77
N PHE E 116 -18.88 23.60 -15.00
CA PHE E 116 -19.37 24.42 -16.11
C PHE E 116 -20.83 24.11 -16.45
N LEU E 117 -21.17 22.83 -16.42
CA LEU E 117 -22.56 22.42 -16.60
C LEU E 117 -23.51 22.95 -15.56
N TYR E 118 -23.10 22.81 -14.31
CA TYR E 118 -23.79 23.44 -13.19
C TYR E 118 -23.98 24.93 -13.39
N GLY E 119 -22.94 25.59 -13.88
CA GLY E 119 -22.94 27.04 -14.05
C GLY E 119 -23.78 27.51 -15.23
N LEU E 120 -23.78 26.73 -16.31
CA LEU E 120 -24.62 26.97 -17.45
C LEU E 120 -26.11 26.81 -17.08
N GLU E 121 -26.41 25.71 -16.41
CA GLU E 121 -27.77 25.44 -15.88
C GLU E 121 -28.24 26.58 -14.97
N THR E 122 -27.40 26.93 -14.00
CA THR E 122 -27.74 27.95 -13.05
C THR E 122 -27.97 29.33 -13.71
N ALA E 123 -27.06 29.74 -14.57
CA ALA E 123 -27.19 30.98 -15.26
C ALA E 123 -28.46 30.94 -16.14
N THR E 124 -28.68 29.85 -16.85
CA THR E 124 -29.81 29.75 -17.72
C THR E 124 -31.13 29.92 -16.95
N ARG E 125 -31.23 29.27 -15.79
CA ARG E 125 -32.46 29.32 -15.01
C ARG E 125 -32.64 30.68 -14.34
N LEU E 126 -31.55 31.30 -13.91
CA LEU E 126 -31.59 32.66 -13.40
C LEU E 126 -32.15 33.59 -14.44
N MET E 127 -31.67 33.48 -15.68
CA MET E 127 -32.13 34.32 -16.77
C MET E 127 -33.60 34.09 -17.14
N GLN E 128 -34.06 32.85 -17.06
CA GLN E 128 -35.41 32.50 -17.51
C GLN E 128 -36.43 32.92 -16.47
N ALA E 129 -36.06 32.87 -15.21
CA ALA E 129 -36.99 33.14 -14.12
C ALA E 129 -36.88 34.56 -13.59
N SER E 130 -35.87 35.30 -13.96
CA SER E 130 -35.70 36.64 -13.38
C SER E 130 -35.04 37.58 -14.37
N HIS E 131 -34.63 38.73 -13.88
CA HIS E 131 -34.17 39.83 -14.69
C HIS E 131 -32.62 39.86 -14.79
N TYR E 132 -32.09 38.90 -15.52
CA TYR E 132 -30.69 38.90 -15.93
C TYR E 132 -30.77 38.72 -17.44
N ARG E 133 -30.26 39.70 -18.19
CA ARG E 133 -30.37 39.73 -19.65
C ARG E 133 -29.14 39.18 -20.34
N HIS E 134 -27.97 39.34 -19.71
CA HIS E 134 -26.73 38.77 -20.27
C HIS E 134 -25.90 38.21 -19.14
N ALA E 135 -25.33 37.03 -19.37
CA ALA E 135 -24.52 36.38 -18.36
C ALA E 135 -23.18 35.98 -18.94
N LEU E 136 -22.19 35.90 -18.06
CA LEU E 136 -20.87 35.39 -18.42
C LEU E 136 -20.64 34.19 -17.55
N VAL E 137 -20.41 33.04 -18.20
CA VAL E 137 -20.17 31.78 -17.46
C VAL E 137 -18.81 31.26 -17.89
N ILE E 138 -17.95 31.03 -16.91
CA ILE E 138 -16.55 30.74 -17.13
C ILE E 138 -16.19 29.50 -16.34
N GLY E 139 -15.53 28.55 -17.00
CA GLY E 139 -14.89 27.47 -16.30
C GLY E 139 -13.40 27.72 -16.35
N ALA E 140 -12.75 27.75 -15.19
CA ALA E 140 -11.33 28.13 -15.11
C ALA E 140 -10.62 27.36 -14.03
N GLU E 141 -9.47 26.81 -14.37
CA GLU E 141 -8.73 25.99 -13.43
C GLU E 141 -7.23 26.13 -13.57
N ARG E 142 -6.57 26.02 -12.43
CA ARG E 142 -5.12 25.89 -12.35
C ARG E 142 -4.86 24.70 -11.42
N LEU E 143 -5.15 23.51 -11.93
CA LEU E 143 -5.05 22.28 -11.17
C LEU E 143 -3.59 21.91 -10.87
N SER E 144 -2.65 22.48 -11.63
CA SER E 144 -1.23 22.22 -11.37
C SER E 144 -0.84 22.63 -9.96
N PHE E 145 -1.53 23.62 -9.38
CA PHE E 145 -1.35 23.97 -7.96
C PHE E 145 -1.44 22.77 -7.00
N TYR E 146 -2.35 21.85 -7.30
CA TYR E 146 -2.71 20.77 -6.37
C TYR E 146 -1.87 19.49 -6.45
N LEU E 147 -1.18 19.28 -7.56
CA LEU E 147 -0.68 17.94 -7.86
C LEU E 147 0.46 17.47 -6.94
N ASP E 148 0.46 16.16 -6.67
CA ASP E 148 1.52 15.49 -5.93
C ASP E 148 2.48 14.95 -6.98
N TRP E 149 3.62 15.60 -7.12
CA TRP E 149 4.56 15.29 -8.19
C TRP E 149 5.34 13.98 -7.97
N THR E 150 5.07 13.26 -6.88
CA THR E 150 5.57 11.91 -6.67
C THR E 150 4.54 10.83 -7.03
N LYS E 151 3.32 11.24 -7.35
CA LYS E 151 2.20 10.32 -7.57
C LYS E 151 1.76 10.30 -9.03
N ARG E 152 2.24 9.29 -9.75
CA ARG E 152 1.99 9.15 -11.18
C ARG E 152 0.51 8.97 -11.56
N ASP E 153 -0.28 8.40 -10.65
CA ASP E 153 -1.69 8.11 -10.96
C ASP E 153 -2.47 9.36 -11.32
N THR E 154 -2.19 10.45 -10.62
CA THR E 154 -2.92 11.71 -10.81
C THR E 154 -2.11 12.80 -11.51
N ALA E 155 -0.79 12.77 -11.34
CA ALA E 155 0.08 13.82 -11.87
C ALA E 155 0.08 13.95 -13.40
N VAL E 156 -0.31 12.88 -14.11
CA VAL E 156 -0.35 12.87 -15.56
C VAL E 156 -1.72 13.20 -16.18
N LEU E 157 -2.73 13.41 -15.34
CA LEU E 157 -4.12 13.52 -15.83
C LEU E 157 -4.60 14.95 -16.04
N PHE E 158 -4.02 15.90 -15.31
CA PHE E 158 -4.63 17.19 -15.11
C PHE E 158 -3.83 18.34 -15.71
N GLY E 159 -4.55 19.34 -16.19
CA GLY E 159 -3.92 20.54 -16.74
C GLY E 159 -4.62 21.82 -16.33
N ASP E 160 -4.14 22.93 -16.87
CA ASP E 160 -4.65 24.26 -16.51
C ASP E 160 -5.32 24.87 -17.73
N GLY E 161 -6.29 25.75 -17.50
CA GLY E 161 -6.95 26.48 -18.57
C GLY E 161 -8.28 27.09 -18.17
N ALA E 162 -8.84 27.89 -19.08
CA ALA E 162 -10.15 28.51 -18.91
C ALA E 162 -10.95 28.52 -20.21
N GLY E 163 -12.27 28.37 -20.07
CA GLY E 163 -13.20 28.60 -21.19
C GLY E 163 -14.39 29.39 -20.71
N ALA E 164 -14.97 30.21 -21.59
CA ALA E 164 -16.08 31.07 -21.22
C ALA E 164 -17.17 31.09 -22.26
N VAL E 165 -18.40 31.34 -21.82
CA VAL E 165 -19.48 31.73 -22.73
C VAL E 165 -20.17 33.01 -22.28
N VAL E 166 -20.75 33.71 -23.23
CA VAL E 166 -21.67 34.78 -22.95
C VAL E 166 -23.05 34.30 -23.35
N LEU E 167 -24.01 34.52 -22.46
CA LEU E 167 -25.39 34.13 -22.70
C LEU E 167 -26.24 35.37 -22.85
N SER E 168 -27.18 35.34 -23.80
CA SER E 168 -28.06 36.47 -24.08
C SER E 168 -29.51 36.01 -24.09
N LYS E 169 -30.34 36.76 -23.37
CA LYS E 169 -31.74 36.38 -23.21
C LYS E 169 -32.49 36.58 -24.53
N THR E 170 -33.35 35.64 -24.88
CA THR E 170 -34.12 35.71 -26.11
C THR E 170 -35.41 34.90 -25.96
N GLU E 171 -36.36 35.13 -26.86
CA GLU E 171 -37.59 34.33 -26.95
C GLU E 171 -37.44 33.15 -27.90
N GLN E 172 -36.40 33.16 -28.74
CA GLN E 172 -36.13 31.99 -29.58
C GLN E 172 -35.70 30.80 -28.72
N LYS E 173 -36.12 29.62 -29.16
CA LYS E 173 -35.87 28.39 -28.43
C LYS E 173 -34.45 27.85 -28.68
N VAL E 174 -33.49 28.47 -28.03
CA VAL E 174 -32.06 28.20 -28.25
C VAL E 174 -31.34 28.18 -26.91
N GLY E 175 -30.07 27.83 -26.93
CA GLY E 175 -29.32 27.67 -25.69
C GLY E 175 -29.67 26.37 -25.00
N LEU E 176 -29.31 26.27 -23.73
CA LEU E 176 -29.59 25.10 -22.93
C LEU E 176 -31.09 24.89 -22.77
N GLN E 177 -31.54 23.70 -23.12
CA GLN E 177 -32.94 23.30 -23.06
C GLN E 177 -33.10 22.48 -21.78
N ASP E 178 -33.33 21.18 -21.86
CA ASP E 178 -33.39 20.39 -20.63
C ASP E 178 -31.98 20.08 -20.14
N ALA E 179 -31.82 19.97 -18.82
CA ALA E 179 -30.56 19.63 -18.22
C ALA E 179 -30.84 18.75 -17.02
N GLN E 180 -29.96 17.77 -16.80
CA GLN E 180 -30.04 16.92 -15.65
C GLN E 180 -28.69 16.93 -14.96
N ILE E 181 -28.62 17.58 -13.81
CA ILE E 181 -27.40 17.59 -13.02
C ILE E 181 -27.65 16.96 -11.69
N GLY E 182 -26.62 16.41 -11.07
CA GLY E 182 -26.80 15.77 -9.79
C GLY E 182 -25.47 15.45 -9.12
N CYS E 183 -25.54 14.62 -8.10
CA CYS E 183 -24.35 14.23 -7.35
C CYS E 183 -24.65 12.90 -6.64
N ASP E 184 -23.71 11.97 -6.79
CA ASP E 184 -23.73 10.68 -6.17
C ASP E 184 -22.73 10.78 -5.03
N ALA E 185 -23.25 11.18 -3.88
CA ALA E 185 -22.40 11.54 -2.75
C ALA E 185 -21.77 10.35 -2.02
N GLN E 186 -22.32 9.15 -2.19
CA GLN E 186 -21.78 8.00 -1.48
C GLN E 186 -20.37 7.66 -1.97
N GLY E 187 -20.04 8.04 -3.20
CA GLY E 187 -18.72 7.82 -3.76
C GLY E 187 -17.78 9.01 -3.64
N ARG E 188 -18.06 9.90 -2.69
CA ARG E 188 -17.32 11.14 -2.53
C ARG E 188 -15.83 10.96 -2.21
N ASP E 189 -15.49 9.88 -1.53
CA ASP E 189 -14.12 9.69 -1.03
C ASP E 189 -13.10 9.19 -2.06
N ILE E 190 -13.57 8.78 -3.24
CA ILE E 190 -12.68 8.18 -4.25
C ILE E 190 -11.97 9.21 -5.14
N LEU E 191 -12.32 10.49 -4.99
CA LEU E 191 -11.72 11.56 -5.75
C LEU E 191 -11.76 12.85 -4.95
N ALA E 192 -10.63 13.14 -4.27
CA ALA E 192 -10.60 14.12 -3.20
C ALA E 192 -9.19 14.59 -2.83
N VAL E 193 -9.08 15.87 -2.48
CA VAL E 193 -7.91 16.42 -1.82
C VAL E 193 -8.43 16.95 -0.48
N PRO E 194 -8.58 16.06 0.52
CA PRO E 194 -9.26 16.48 1.75
C PRO E 194 -8.55 17.57 2.58
N LYS E 195 -7.24 17.74 2.40
CA LYS E 195 -6.46 18.61 3.28
C LYS E 195 -5.93 19.87 2.59
N PHE E 196 -6.59 20.32 1.52
CA PHE E 196 -6.48 21.72 1.13
C PHE E 196 -7.82 22.41 1.30
N GLY E 197 -7.83 23.43 2.15
CA GLY E 197 -9.04 24.12 2.54
C GLY E 197 -8.97 24.33 4.04
N THR E 198 -10.10 24.66 4.65
CA THR E 198 -10.11 25.06 6.06
C THR E 198 -9.96 23.87 7.02
N ALA E 199 -10.01 22.66 6.47
CA ALA E 199 -9.71 21.44 7.22
C ALA E 199 -8.20 21.25 7.48
N MET E 200 -7.37 21.98 6.74
CA MET E 200 -5.92 21.82 6.84
C MET E 200 -5.38 22.53 8.09
N ASP E 201 -4.26 22.04 8.61
CA ASP E 201 -3.55 22.68 9.70
C ASP E 201 -2.79 23.86 9.12
N ARG E 202 -3.24 25.06 9.44
CA ARG E 202 -2.72 26.30 8.85
C ARG E 202 -1.25 26.58 9.19
N PHE E 203 -0.81 26.12 10.37
CA PHE E 203 0.53 26.44 10.86
C PHE E 203 1.47 25.25 10.88
N ASP E 204 1.06 24.13 10.27
CA ASP E 204 1.96 23.00 10.07
C ASP E 204 2.81 23.28 8.83
N ALA E 205 4.14 23.16 8.97
CA ALA E 205 5.06 23.41 7.87
C ALA E 205 4.98 22.33 6.76
N ASP E 206 4.48 21.15 7.11
CA ASP E 206 4.25 20.08 6.13
C ASP E 206 2.84 20.08 5.51
N ASN E 207 2.06 21.13 5.74
CA ASN E 207 0.65 21.12 5.29
C ASN E 207 0.49 21.17 3.76
N GLY E 208 1.58 21.47 3.06
CA GLY E 208 1.60 21.44 1.60
C GLY E 208 1.68 20.04 0.98
N TYR E 209 2.05 19.05 1.79
CA TYR E 209 2.29 17.71 1.27
C TYR E 209 1.03 16.84 1.46
N TRP E 210 -0.06 17.27 0.81
CA TRP E 210 -1.36 16.65 0.99
C TRP E 210 -1.59 15.47 0.04
N ALA E 211 -2.46 14.56 0.46
CA ALA E 211 -2.83 13.42 -0.38
C ALA E 211 -3.90 13.80 -1.42
N PHE E 212 -3.73 13.25 -2.63
CA PHE E 212 -4.71 13.34 -3.68
C PHE E 212 -5.28 11.92 -3.88
N ASP E 213 -6.32 11.61 -3.12
CA ASP E 213 -7.00 10.32 -3.21
C ASP E 213 -7.69 10.17 -4.56
N PHE E 214 -7.51 9.01 -5.18
CA PHE E 214 -7.92 8.80 -6.56
C PHE E 214 -7.99 7.31 -6.89
N VAL E 215 -9.21 6.76 -6.95
CA VAL E 215 -9.42 5.35 -7.28
C VAL E 215 -9.89 5.30 -8.73
N GLY E 216 -8.90 5.30 -9.64
CA GLY E 216 -9.16 5.45 -11.07
C GLY E 216 -10.26 4.57 -11.63
N LYS E 217 -10.26 3.31 -11.22
CA LYS E 217 -11.16 2.31 -11.79
C LYS E 217 -12.62 2.52 -11.37
N GLU E 218 -12.84 2.84 -10.10
CA GLU E 218 -14.19 3.16 -9.60
C GLU E 218 -14.71 4.44 -10.22
N ILE E 219 -13.82 5.44 -10.34
CA ILE E 219 -14.16 6.71 -10.97
C ILE E 219 -14.59 6.48 -12.41
N PHE E 220 -13.80 5.67 -13.13
CA PHE E 220 -14.10 5.35 -14.51
C PHE E 220 -15.51 4.79 -14.61
N LYS E 221 -15.80 3.78 -13.80
CA LYS E 221 -17.07 3.05 -13.85
C LYS E 221 -18.27 3.95 -13.52
N ARG E 222 -18.20 4.65 -12.39
CA ARG E 222 -19.26 5.54 -11.95
C ARG E 222 -19.51 6.72 -12.90
N ALA E 223 -18.46 7.21 -13.55
CA ALA E 223 -18.59 8.29 -14.51
C ALA E 223 -19.38 7.88 -15.75
N VAL E 224 -19.08 6.70 -16.27
CA VAL E 224 -19.79 6.17 -17.44
C VAL E 224 -21.28 6.05 -17.12
N ARG E 225 -21.58 5.47 -15.95
CA ARG E 225 -22.95 5.22 -15.50
C ARG E 225 -23.69 6.52 -15.16
N GLY E 226 -23.00 7.45 -14.52
CA GLY E 226 -23.60 8.73 -14.14
C GLY E 226 -23.92 9.63 -15.32
N MET E 227 -22.93 9.87 -16.16
CA MET E 227 -23.15 10.64 -17.37
C MET E 227 -24.16 9.97 -18.29
N GLY E 228 -24.04 8.65 -18.42
CA GLY E 228 -24.93 7.88 -19.29
C GLY E 228 -26.38 8.05 -18.91
N ALA E 229 -26.69 7.80 -17.64
CA ALA E 229 -28.05 7.96 -17.11
C ALA E 229 -28.58 9.39 -17.27
N ALA E 230 -27.71 10.36 -16.99
CA ALA E 230 -28.10 11.76 -17.12
C ALA E 230 -28.43 12.11 -18.57
N ALA E 231 -27.59 11.66 -19.49
CA ALA E 231 -27.82 11.89 -20.93
C ALA E 231 -29.13 11.27 -21.40
N GLN E 232 -29.38 10.04 -20.96
CA GLN E 232 -30.65 9.36 -21.28
C GLN E 232 -31.89 10.15 -20.81
N GLN E 233 -31.82 10.68 -19.58
CA GLN E 233 -32.91 11.51 -19.05
C GLN E 233 -33.11 12.74 -19.89
N VAL E 234 -32.01 13.38 -20.28
CA VAL E 234 -32.09 14.54 -21.12
C VAL E 234 -32.71 14.21 -22.47
N LEU E 235 -32.22 13.16 -23.12
CA LEU E 235 -32.75 12.79 -24.41
C LEU E 235 -34.22 12.40 -24.34
N ALA E 236 -34.57 11.64 -23.31
CA ALA E 236 -35.92 11.14 -23.13
C ALA E 236 -36.92 12.27 -22.93
N ARG E 237 -36.61 13.16 -21.99
CA ARG E 237 -37.50 14.29 -21.67
C ARG E 237 -37.71 15.22 -22.85
N SER E 238 -36.68 15.39 -23.67
CA SER E 238 -36.73 16.27 -24.82
C SER E 238 -37.37 15.68 -26.10
N GLY E 239 -37.70 14.39 -26.08
CA GLY E 239 -38.34 13.74 -27.22
C GLY E 239 -37.45 13.61 -28.44
N LEU E 240 -36.14 13.58 -28.23
CA LEU E 240 -35.17 13.52 -29.31
C LEU E 240 -34.77 12.08 -29.55
N SER E 241 -34.59 11.71 -30.81
CA SER E 241 -33.92 10.46 -31.13
C SER E 241 -32.43 10.73 -31.06
N THR E 242 -31.65 9.68 -30.85
CA THR E 242 -30.21 9.81 -30.67
C THR E 242 -29.52 10.30 -31.96
N GLU E 243 -30.01 9.88 -33.13
CA GLU E 243 -29.49 10.36 -34.41
C GLU E 243 -29.68 11.89 -34.60
N GLU E 244 -30.60 12.50 -33.87
CA GLU E 244 -30.82 13.94 -33.96
C GLU E 244 -29.74 14.76 -33.25
N ILE E 245 -28.94 14.13 -32.39
CA ILE E 245 -27.80 14.80 -31.75
C ILE E 245 -26.72 14.97 -32.79
N ASP E 246 -26.26 16.20 -32.97
CA ASP E 246 -25.29 16.48 -34.01
C ASP E 246 -23.86 16.49 -33.47
N VAL E 247 -23.68 16.92 -32.23
CA VAL E 247 -22.35 17.04 -31.65
C VAL E 247 -22.45 16.71 -30.16
N VAL E 248 -21.48 15.96 -29.67
CA VAL E 248 -21.31 15.74 -28.25
C VAL E 248 -20.10 16.53 -27.80
N ILE E 249 -20.29 17.37 -26.78
CA ILE E 249 -19.21 18.12 -26.17
C ILE E 249 -19.05 17.55 -24.76
N PRO E 250 -18.16 16.58 -24.58
CA PRO E 250 -18.07 15.98 -23.28
C PRO E 250 -16.94 16.54 -22.42
N HIS E 251 -17.05 16.30 -21.13
CA HIS E 251 -15.93 16.53 -20.23
C HIS E 251 -14.78 15.63 -20.71
N GLN E 252 -13.56 16.14 -20.56
CA GLN E 252 -12.40 15.50 -21.12
C GLN E 252 -11.52 14.97 -19.98
N ALA E 253 -11.92 13.84 -19.39
CA ALA E 253 -11.16 13.20 -18.31
C ALA E 253 -10.39 11.98 -18.79
N ASN E 254 -10.95 11.27 -19.76
CA ASN E 254 -10.34 10.07 -20.31
C ASN E 254 -11.02 9.77 -21.63
N ILE E 255 -10.24 9.56 -22.69
CA ILE E 255 -10.84 9.32 -24.00
C ILE E 255 -11.71 8.05 -23.98
N ARG E 256 -11.33 7.08 -23.17
CA ARG E 256 -12.06 5.81 -23.10
C ARG E 256 -13.41 5.96 -22.40
N ILE E 257 -13.51 6.92 -21.47
CA ILE E 257 -14.80 7.27 -20.88
C ILE E 257 -15.74 7.87 -21.92
N ILE E 258 -15.20 8.76 -22.75
CA ILE E 258 -15.96 9.42 -23.81
C ILE E 258 -16.44 8.42 -24.84
N GLN E 259 -15.56 7.52 -25.24
CA GLN E 259 -15.90 6.47 -26.21
C GLN E 259 -16.95 5.50 -25.66
N THR E 260 -16.80 5.11 -24.42
CA THR E 260 -17.75 4.19 -23.77
C THR E 260 -19.14 4.85 -23.67
N LEU E 261 -19.16 6.11 -23.25
CA LEU E 261 -20.40 6.89 -23.19
C LEU E 261 -21.14 6.92 -24.53
N CYS E 262 -20.42 7.19 -25.61
CA CYS E 262 -21.05 7.22 -26.92
C CYS E 262 -21.52 5.84 -27.33
N ASP E 263 -20.67 4.86 -27.10
CA ASP E 263 -20.97 3.47 -27.48
C ASP E 263 -22.26 2.97 -26.82
N LEU E 264 -22.38 3.17 -25.51
CA LEU E 264 -23.52 2.67 -24.79
C LEU E 264 -24.81 3.46 -25.12
N ALA E 265 -24.67 4.73 -25.49
CA ALA E 265 -25.83 5.53 -25.88
C ALA E 265 -26.22 5.30 -27.35
N GLY E 266 -25.33 4.67 -28.12
CA GLY E 266 -25.56 4.48 -29.55
C GLY E 266 -25.30 5.74 -30.35
N ILE E 267 -24.49 6.64 -29.82
CA ILE E 267 -24.08 7.84 -30.54
C ILE E 267 -22.79 7.53 -31.28
N ALA E 268 -22.72 7.93 -32.55
CA ALA E 268 -21.53 7.69 -33.40
C ALA E 268 -20.31 8.40 -32.85
N GLN E 269 -19.17 7.71 -32.81
CA GLN E 269 -17.96 8.21 -32.14
C GLN E 269 -17.48 9.53 -32.70
N ASP E 270 -17.64 9.69 -34.01
CA ASP E 270 -17.15 10.88 -34.68
C ASP E 270 -17.95 12.16 -34.38
N LYS E 271 -19.06 12.03 -33.63
CA LYS E 271 -19.81 13.20 -33.17
C LYS E 271 -19.25 13.81 -31.89
N ALA E 272 -18.38 13.07 -31.20
CA ALA E 272 -17.80 13.60 -29.97
C ALA E 272 -16.61 14.50 -30.29
N PHE E 273 -16.65 15.75 -29.81
CA PHE E 273 -15.48 16.61 -29.91
C PHE E 273 -14.49 16.24 -28.81
N VAL E 274 -13.24 16.00 -29.20
CA VAL E 274 -12.20 15.55 -28.27
C VAL E 274 -10.97 16.43 -28.47
N ASN E 275 -10.54 17.07 -27.40
CA ASN E 275 -9.26 17.76 -27.37
C ASN E 275 -8.43 17.39 -26.14
N ILE E 276 -8.76 16.27 -25.50
CA ILE E 276 -8.01 15.83 -24.33
C ILE E 276 -6.50 15.58 -24.61
N HIS E 277 -6.18 15.18 -25.83
CA HIS E 277 -4.80 14.92 -26.21
C HIS E 277 -3.89 16.15 -26.05
N ARG E 278 -4.45 17.33 -26.26
CA ARG E 278 -3.72 18.60 -26.16
C ARG E 278 -3.66 19.19 -24.74
N TYR E 279 -4.73 19.05 -23.98
CA TYR E 279 -4.91 19.84 -22.74
C TYR E 279 -5.04 19.01 -21.47
N GLY E 280 -5.36 17.72 -21.61
CA GLY E 280 -5.60 16.89 -20.45
C GLY E 280 -6.93 17.25 -19.82
N ASN E 281 -7.11 16.84 -18.56
CA ASN E 281 -8.29 17.18 -17.83
C ASN E 281 -8.10 18.53 -17.11
N THR E 282 -8.80 19.55 -17.61
CA THR E 282 -8.78 20.90 -17.04
C THR E 282 -10.04 21.23 -16.19
N SER E 283 -10.63 20.20 -15.61
CA SER E 283 -11.80 20.31 -14.76
C SER E 283 -12.93 21.17 -15.37
N ALA E 284 -13.37 22.22 -14.67
CA ALA E 284 -14.51 23.00 -15.13
C ALA E 284 -14.28 23.62 -16.50
N ALA E 285 -13.02 23.72 -16.92
CA ALA E 285 -12.71 24.34 -18.19
C ALA E 285 -12.93 23.43 -19.38
N THR E 286 -12.98 22.12 -19.18
CA THR E 286 -13.00 21.22 -20.33
C THR E 286 -14.12 21.52 -21.33
N VAL E 287 -15.34 21.66 -20.84
CA VAL E 287 -16.50 21.78 -21.71
C VAL E 287 -16.48 23.05 -22.52
N PRO E 288 -16.30 24.22 -21.87
CA PRO E 288 -16.31 25.43 -22.63
C PRO E 288 -15.10 25.63 -23.56
N ILE E 289 -13.95 25.06 -23.23
CA ILE E 289 -12.83 25.08 -24.17
C ILE E 289 -13.17 24.20 -25.37
N ALA E 290 -13.66 23.00 -25.10
CA ALA E 290 -14.07 22.09 -26.17
C ALA E 290 -15.17 22.70 -27.05
N LEU E 291 -16.14 23.39 -26.44
CA LEU E 291 -17.19 24.06 -27.20
C LEU E 291 -16.61 25.18 -28.05
N CYS E 292 -15.75 25.97 -27.44
CA CYS E 292 -15.07 27.05 -28.15
C CYS E 292 -14.33 26.52 -29.37
N GLU E 293 -13.57 25.45 -29.20
CA GLU E 293 -12.75 24.91 -30.30
C GLU E 293 -13.58 24.18 -31.33
N ALA E 294 -14.66 23.53 -30.92
CA ALA E 294 -15.59 22.94 -31.87
C ALA E 294 -16.11 24.01 -32.83
N LEU E 295 -16.46 25.17 -32.30
CA LEU E 295 -16.94 26.27 -33.09
C LEU E 295 -15.85 26.84 -34.02
N GLU E 296 -14.64 27.02 -33.46
CA GLU E 296 -13.47 27.48 -34.22
C GLU E 296 -13.15 26.54 -35.39
N GLN E 297 -13.33 25.24 -35.15
CA GLN E 297 -12.98 24.24 -36.17
C GLN E 297 -14.14 23.85 -37.09
N GLY E 298 -15.26 24.56 -36.99
CA GLY E 298 -16.38 24.34 -37.93
C GLY E 298 -17.16 23.05 -37.71
N LYS E 299 -17.18 22.57 -36.47
CA LYS E 299 -17.84 21.30 -36.16
C LYS E 299 -19.32 21.48 -35.84
N ILE E 300 -19.73 22.70 -35.55
CA ILE E 300 -21.10 23.00 -35.19
C ILE E 300 -21.73 23.87 -36.25
N LYS E 301 -22.97 23.53 -36.60
CA LYS E 301 -23.74 24.24 -37.60
C LYS E 301 -24.88 24.96 -36.94
N PRO E 302 -25.44 25.98 -37.61
CA PRO E 302 -26.64 26.62 -37.09
C PRO E 302 -27.76 25.63 -36.86
N HIS E 303 -28.47 25.80 -35.75
CA HIS E 303 -29.58 24.91 -35.35
C HIS E 303 -29.17 23.47 -34.95
N ASP E 304 -27.89 23.20 -34.74
CA ASP E 304 -27.48 21.87 -34.29
C ASP E 304 -27.99 21.56 -32.88
N ASP E 305 -28.19 20.28 -32.60
CA ASP E 305 -28.47 19.82 -31.24
C ASP E 305 -27.19 19.30 -30.62
N LEU E 306 -26.79 19.86 -29.49
CA LEU E 306 -25.57 19.47 -28.81
C LEU E 306 -25.96 18.70 -27.56
N LEU E 307 -25.21 17.65 -27.28
CA LEU E 307 -25.28 16.97 -26.01
C LEU E 307 -24.02 17.30 -25.25
N VAL E 308 -24.21 17.82 -24.04
CA VAL E 308 -23.10 18.05 -23.14
C VAL E 308 -23.23 17.07 -21.98
N ALA E 309 -22.10 16.65 -21.45
CA ALA E 309 -22.05 15.69 -20.38
C ALA E 309 -20.77 15.88 -19.59
N ALA E 310 -20.86 15.77 -18.28
CA ALA E 310 -19.68 15.93 -17.44
C ALA E 310 -19.82 15.15 -16.18
N PHE E 311 -18.69 14.98 -15.48
CA PHE E 311 -18.64 14.26 -14.23
C PHE E 311 -17.46 14.76 -13.42
N GLY E 312 -17.50 14.57 -12.11
CA GLY E 312 -16.42 15.09 -11.27
C GLY E 312 -16.46 14.68 -9.84
N ALA E 313 -15.48 15.20 -9.08
CA ALA E 313 -15.45 14.97 -7.64
C ALA E 313 -16.81 15.29 -7.02
N GLY E 314 -17.25 14.49 -6.06
CA GLY E 314 -18.54 14.75 -5.46
C GLY E 314 -19.32 13.54 -5.00
N LEU E 315 -19.57 12.56 -5.87
CA LEU E 315 -19.30 12.59 -7.31
C LEU E 315 -20.38 13.35 -8.09
N THR E 316 -20.05 14.54 -8.59
CA THR E 316 -21.01 15.35 -9.33
C THR E 316 -21.15 14.81 -10.73
N TRP E 317 -22.30 15.06 -11.33
CA TRP E 317 -22.57 14.62 -12.67
C TRP E 317 -23.62 15.48 -13.33
N GLY E 318 -23.65 15.40 -14.64
CA GLY E 318 -24.60 16.17 -15.39
C GLY E 318 -24.59 15.92 -16.88
N ALA E 319 -25.73 16.22 -17.50
CA ALA E 319 -25.85 16.27 -18.94
C ALA E 319 -26.83 17.38 -19.31
N GLY E 320 -26.72 17.85 -20.56
CA GLY E 320 -27.60 18.89 -21.04
C GLY E 320 -27.76 18.85 -22.54
N HIS E 321 -28.89 19.36 -23.00
CA HIS E 321 -29.15 19.55 -24.42
C HIS E 321 -29.11 21.03 -24.71
N ILE E 322 -28.24 21.42 -25.63
CA ILE E 322 -28.19 22.80 -26.12
C ILE E 322 -28.64 22.78 -27.58
N ARG E 323 -29.58 23.67 -27.90
CA ARG E 323 -30.02 23.89 -29.27
C ARG E 323 -29.30 25.14 -29.74
N TRP E 324 -28.44 25.02 -30.75
CA TRP E 324 -27.71 26.17 -31.23
C TRP E 324 -28.61 27.07 -32.07
N GLY E 325 -28.26 28.35 -32.10
CA GLY E 325 -28.99 29.34 -32.86
C GLY E 325 -28.43 29.52 -34.26
N GLU E 326 -28.49 30.73 -34.76
CA GLU E 326 -28.13 31.04 -36.16
C GLU E 326 -26.64 31.26 -36.41
N ARG E 327 -25.90 31.67 -35.39
CA ARG E 327 -24.57 32.20 -35.64
C ARG E 327 -23.49 31.34 -35.01
N ILE E 328 -22.55 30.90 -35.83
CA ILE E 328 -21.41 30.10 -35.39
C ILE E 328 -20.07 30.84 -35.56
N THR E 329 -20.17 32.13 -35.87
CA THR E 329 -19.02 33.00 -36.12
C THR E 329 -18.99 34.10 -35.06
N PRO E 330 -17.80 34.52 -34.61
CA PRO E 330 -17.68 35.66 -33.69
C PRO E 330 -18.09 36.99 -34.31
N LEU E 331 -18.71 37.86 -33.53
CA LEU E 331 -18.97 39.20 -34.03
C LEU E 331 -17.67 39.98 -34.04
N GLY E 332 -16.85 39.82 -33.01
CA GLY E 332 -15.57 40.48 -32.96
C GLY E 332 -14.48 39.62 -32.39
N LYS E 333 -13.24 40.05 -32.59
CA LYS E 333 -12.06 39.40 -32.02
C LYS E 333 -11.46 40.27 -30.93
N SER E 334 -10.76 39.62 -30.02
CA SER E 334 -10.07 40.28 -28.92
C SER E 334 -8.59 39.97 -29.07
N ASP E 335 -7.75 40.99 -28.93
CA ASP E 335 -6.30 40.78 -28.91
C ASP E 335 -5.79 40.50 -27.48
N ALA E 336 -6.71 40.27 -26.54
CA ALA E 336 -6.36 39.96 -25.17
C ALA E 336 -5.50 38.71 -25.06
N GLN E 337 -4.41 38.83 -24.32
CA GLN E 337 -3.41 37.77 -24.19
C GLN E 337 -2.91 37.71 -22.77
N LEU E 338 -2.39 36.55 -22.39
CA LEU E 338 -1.61 36.43 -21.17
C LEU E 338 -0.25 37.10 -21.35
N PRO E 339 0.36 37.54 -20.23
CA PRO E 339 1.76 38.00 -20.32
C PRO E 339 2.67 36.86 -20.81
N SER E 340 3.69 37.22 -21.57
CA SER E 340 4.63 36.26 -22.13
C SER E 340 5.28 35.43 -21.03
N CYS E 341 5.62 34.20 -21.40
CA CYS E 341 6.20 33.24 -20.48
C CYS E 341 7.47 32.69 -21.11
N ASP E 342 8.60 33.05 -20.52
CA ASP E 342 9.89 32.64 -21.05
C ASP E 342 10.42 31.43 -20.27
N HIS E 343 9.52 30.50 -19.97
CA HIS E 343 9.84 29.31 -19.19
C HIS E 343 9.14 28.09 -19.77
N THR E 344 9.75 26.92 -19.58
CA THR E 344 9.12 25.64 -19.94
C THR E 344 8.19 25.22 -18.81
N ALA E 345 7.40 24.18 -19.07
CA ALA E 345 6.52 23.63 -18.04
C ALA E 345 7.32 23.00 -16.91
N LEU E 346 8.39 22.29 -17.26
CA LEU E 346 9.34 21.77 -16.25
C LEU E 346 9.96 22.87 -15.39
N ASP E 347 10.42 23.95 -16.04
CA ASP E 347 10.89 25.15 -15.32
C ASP E 347 9.89 25.65 -14.27
N LEU E 348 8.62 25.80 -14.68
CA LEU E 348 7.55 26.28 -13.78
C LEU E 348 7.27 25.33 -12.60
N LEU E 349 7.33 24.04 -12.86
CA LEU E 349 7.06 23.05 -11.82
C LEU E 349 8.30 22.69 -11.00
N SER E 350 9.47 23.15 -11.44
CA SER E 350 10.77 22.83 -10.81
C SER E 350 10.73 22.80 -9.28
N LYS E 351 10.37 23.94 -8.68
CA LYS E 351 10.32 24.05 -7.21
C LYS E 351 9.38 23.03 -6.58
N ALA E 352 8.14 22.97 -7.09
CA ALA E 352 7.13 22.05 -6.58
C ALA E 352 7.58 20.59 -6.65
N ILE E 353 8.12 20.20 -7.81
CA ILE E 353 8.64 18.84 -7.99
C ILE E 353 9.77 18.54 -6.99
N GLU E 354 10.72 19.47 -6.87
CA GLU E 354 11.85 19.34 -5.91
C GLU E 354 11.38 19.13 -4.47
N HIS E 355 10.39 19.90 -4.05
CA HIS E 355 9.84 19.80 -2.70
C HIS E 355 9.10 18.49 -2.47
N CYS E 356 8.31 18.08 -3.46
CA CYS E 356 7.58 16.81 -3.37
C CYS E 356 8.54 15.61 -3.28
N LYS E 357 9.62 15.63 -4.06
CA LYS E 357 10.60 14.55 -4.04
C LYS E 357 11.43 14.54 -2.76
N ARG E 358 11.87 15.73 -2.32
CA ARG E 358 12.66 15.88 -1.09
C ARG E 358 11.90 15.44 0.16
N HIS E 359 10.60 15.69 0.18
CA HIS E 359 9.76 15.33 1.33
C HIS E 359 9.51 13.81 1.43
N GLN E 360 9.41 13.13 0.29
CA GLN E 360 9.51 11.67 0.27
C GLN E 360 10.99 11.29 0.41
N THR F 2 23.85 26.00 19.02
CA THR F 2 24.43 25.83 17.65
C THR F 2 25.78 25.09 17.70
N GLN F 3 25.91 24.03 16.89
CA GLN F 3 27.06 23.13 16.94
C GLN F 3 28.31 23.76 16.31
N CYS F 4 29.42 23.73 17.05
CA CYS F 4 30.67 24.33 16.60
C CYS F 4 31.79 23.32 16.64
N TYR F 5 32.91 23.67 16.02
CA TYR F 5 34.02 22.76 15.85
C TYR F 5 35.34 23.47 15.98
N ALA F 6 36.40 22.73 16.33
CA ALA F 6 37.74 23.32 16.46
C ALA F 6 38.63 22.80 15.35
N GLU F 7 38.76 23.58 14.31
CA GLU F 7 39.55 23.20 13.14
C GLU F 7 41.04 23.37 13.41
N ILE F 8 41.83 22.41 12.94
CA ILE F 8 43.27 22.52 13.06
C ILE F 8 43.76 23.34 11.91
N THR F 9 44.09 24.60 12.20
CA THR F 9 44.46 25.56 11.16
C THR F 9 45.98 25.87 11.14
N GLY F 10 46.71 25.38 12.13
CA GLY F 10 48.14 25.60 12.20
C GLY F 10 48.84 24.40 12.82
N TRP F 11 50.04 24.11 12.36
CA TRP F 11 50.85 22.99 12.84
C TRP F 11 52.31 23.41 12.83
N GLY F 12 53.10 22.85 13.73
CA GLY F 12 54.51 23.23 13.85
C GLY F 12 55.27 22.29 14.75
N LYS F 13 56.59 22.28 14.61
CA LYS F 13 57.41 21.35 15.37
C LYS F 13 58.73 22.03 15.75
N CYS F 14 59.38 21.48 16.78
CA CYS F 14 60.72 21.91 17.11
C CYS F 14 61.47 20.71 17.59
N LEU F 15 62.45 20.31 16.79
CA LEU F 15 63.37 19.25 17.15
C LEU F 15 64.72 19.87 17.42
N PRO F 16 65.29 19.60 18.60
CA PRO F 16 66.64 20.14 18.84
C PRO F 16 67.67 19.42 17.98
N PRO F 17 68.77 20.10 17.64
CA PRO F 17 69.71 19.55 16.64
C PRO F 17 70.63 18.40 17.10
N ALA F 18 71.02 18.38 18.37
CA ALA F 18 71.97 17.35 18.85
C ALA F 18 71.34 15.96 18.79
N THR F 19 71.99 15.05 18.08
CA THR F 19 71.44 13.75 17.74
C THR F 19 72.19 12.62 18.45
N LEU F 20 71.45 11.79 19.19
CA LEU F 20 72.00 10.62 19.86
C LEU F 20 71.68 9.36 19.05
N SER F 21 72.71 8.75 18.47
CA SER F 21 72.56 7.56 17.63
C SER F 21 72.56 6.32 18.49
N ASN F 22 72.14 5.21 17.90
CA ASN F 22 72.17 3.92 18.60
C ASN F 22 73.61 3.50 18.93
N HIS F 23 74.53 3.78 18.02
CA HIS F 23 75.94 3.53 18.27
C HIS F 23 76.45 4.36 19.44
N ASP F 24 76.03 5.64 19.53
CA ASP F 24 76.42 6.50 20.65
C ASP F 24 76.09 5.84 21.99
N LEU F 25 74.88 5.30 22.08
CA LEU F 25 74.44 4.60 23.28
C LEU F 25 75.25 3.34 23.53
N SER F 26 75.68 2.71 22.45
CA SER F 26 76.44 1.47 22.50
C SER F 26 77.82 1.61 23.16
N THR F 27 78.34 2.83 23.21
CA THR F 27 79.66 3.06 23.76
C THR F 27 79.70 3.05 25.29
N PHE F 28 78.58 3.37 25.95
CA PHE F 28 78.53 3.41 27.41
C PHE F 28 77.49 2.48 28.02
N LEU F 29 76.96 1.56 27.21
CA LEU F 29 75.82 0.72 27.61
C LEU F 29 75.86 -0.65 26.89
N ASP F 30 75.44 -1.71 27.58
CA ASP F 30 75.40 -3.05 27.00
C ASP F 30 74.22 -3.22 26.03
N THR F 31 74.30 -2.52 24.90
CA THR F 31 73.25 -2.57 23.88
C THR F 31 73.85 -2.35 22.49
N SER F 32 73.02 -2.45 21.46
CA SER F 32 73.49 -2.36 20.07
C SER F 32 72.43 -1.74 19.16
N ASP F 33 72.88 -1.17 18.06
CA ASP F 33 72.01 -0.66 17.00
C ASP F 33 71.09 -1.77 16.49
N GLU F 34 71.62 -2.99 16.36
CA GLU F 34 70.85 -4.11 15.88
C GLU F 34 69.66 -4.41 16.79
N TRP F 35 69.90 -4.48 18.10
CA TRP F 35 68.85 -4.80 19.05
C TRP F 35 67.80 -3.69 19.07
N ILE F 36 68.26 -2.45 19.16
CA ILE F 36 67.38 -1.31 19.31
C ILE F 36 66.50 -1.12 18.08
N GLN F 37 67.11 -1.14 16.90
CA GLN F 37 66.38 -0.91 15.67
C GLN F 37 65.37 -2.04 15.38
N SER F 38 65.75 -3.28 15.67
CA SER F 38 64.85 -4.41 15.41
C SER F 38 63.68 -4.50 16.41
N ARG F 39 63.94 -4.18 17.69
CA ARG F 39 62.91 -4.30 18.73
C ARG F 39 61.99 -3.07 18.75
N THR F 40 62.54 -1.87 18.48
CA THR F 40 61.84 -0.61 18.66
C THR F 40 61.61 0.21 17.39
N GLY F 41 62.46 0.02 16.38
CA GLY F 41 62.47 0.86 15.18
C GLY F 41 63.31 2.11 15.29
N ILE F 42 63.77 2.44 16.50
CA ILE F 42 64.45 3.74 16.73
C ILE F 42 65.90 3.63 16.25
N GLU F 43 66.37 4.64 15.53
CA GLU F 43 67.76 4.75 15.10
C GLU F 43 68.44 5.96 15.71
N GLN F 44 67.70 7.06 15.86
CA GLN F 44 68.21 8.28 16.45
C GLN F 44 67.16 8.89 17.36
N ARG F 45 67.61 9.72 18.30
CA ARG F 45 66.73 10.66 19.00
C ARG F 45 67.45 11.99 19.16
N ARG F 46 66.67 13.02 19.49
CA ARG F 46 67.23 14.34 19.71
C ARG F 46 67.36 14.61 21.20
N ILE F 47 68.37 15.37 21.54
CA ILE F 47 68.68 15.69 22.93
C ILE F 47 68.77 17.21 22.99
N SER F 48 67.95 17.80 23.85
CA SER F 48 67.81 19.25 23.89
C SER F 48 68.89 19.90 24.72
N HIS F 49 69.38 21.03 24.22
CA HIS F 49 70.33 21.88 24.91
C HIS F 49 69.60 23.06 25.58
N VAL F 50 68.27 23.09 25.41
CA VAL F 50 67.43 24.14 25.96
C VAL F 50 66.30 23.50 26.78
N ASN F 51 65.59 24.33 27.51
CA ASN F 51 64.47 23.88 28.34
C ASN F 51 63.22 23.52 27.55
N THR F 52 62.32 22.78 28.20
CA THR F 52 61.09 22.35 27.55
C THR F 52 60.32 23.55 26.98
N SER F 53 60.18 24.61 27.77
CA SER F 53 59.45 25.79 27.35
C SER F 53 60.00 26.41 26.06
N ASP F 54 61.32 26.32 25.85
CA ASP F 54 61.94 26.87 24.64
C ASP F 54 61.56 26.05 23.41
N LEU F 55 61.60 24.71 23.52
CA LEU F 55 61.13 23.83 22.43
C LEU F 55 59.66 24.11 22.13
N ALA F 56 58.84 24.22 23.19
CA ALA F 56 57.41 24.50 23.04
C ALA F 56 57.14 25.86 22.35
N THR F 57 57.97 26.85 22.66
CA THR F 57 57.83 28.21 22.12
C THR F 57 58.11 28.25 20.61
N VAL F 58 59.15 27.55 20.16
CA VAL F 58 59.48 27.52 18.73
C VAL F 58 58.42 26.77 17.91
N ALA F 59 57.91 25.67 18.42
CA ALA F 59 56.87 24.92 17.74
C ALA F 59 55.59 25.76 17.62
N ALA F 60 55.25 26.47 18.67
CA ALA F 60 54.07 27.35 18.71
C ALA F 60 54.21 28.47 17.73
N GLN F 61 55.38 29.10 17.71
CA GLN F 61 55.69 30.10 16.70
C GLN F 61 55.50 29.61 15.26
N HIS F 62 55.93 28.38 14.98
CA HIS F 62 55.72 27.84 13.64
C HIS F 62 54.23 27.63 13.38
N ALA F 63 53.50 27.19 14.39
CA ALA F 63 52.08 26.86 14.21
C ALA F 63 51.24 28.09 13.96
N ILE F 64 51.57 29.17 14.70
CA ILE F 64 50.88 30.45 14.59
C ILE F 64 51.08 31.05 13.22
N ALA F 65 52.33 31.05 12.74
CA ALA F 65 52.62 31.47 11.39
C ALA F 65 51.89 30.60 10.39
N CYS F 66 51.84 29.29 10.66
CA CYS F 66 51.18 28.39 9.74
C CYS F 66 49.67 28.67 9.69
N ALA F 67 49.07 29.02 10.82
CA ALA F 67 47.63 29.37 10.88
C ALA F 67 47.33 30.81 10.44
N GLY F 68 48.34 31.68 10.42
CA GLY F 68 48.14 33.07 10.04
C GLY F 68 47.35 33.87 11.10
N VAL F 69 47.33 33.37 12.32
CA VAL F 69 46.63 34.02 13.42
C VAL F 69 47.57 34.98 14.14
N SER F 70 47.00 36.06 14.68
CA SER F 70 47.77 37.00 15.46
C SER F 70 47.72 36.56 16.91
N VAL F 71 48.80 36.88 17.63
CA VAL F 71 48.92 36.50 19.03
C VAL F 71 47.76 37.01 19.91
N GLU F 72 47.15 38.14 19.53
CA GLU F 72 46.00 38.68 20.26
C GLU F 72 44.68 37.91 20.04
N GLU F 73 44.65 36.99 19.09
CA GLU F 73 43.47 36.15 18.83
C GLU F 73 43.48 34.84 19.67
N ILE F 74 44.63 34.49 20.23
CA ILE F 74 44.77 33.24 20.99
C ILE F 74 44.12 33.42 22.37
N ASP F 75 43.16 32.53 22.69
CA ASP F 75 42.36 32.60 23.90
C ASP F 75 42.70 31.52 24.92
N LEU F 76 43.50 30.53 24.50
CA LEU F 76 43.73 29.35 25.29
C LEU F 76 45.02 28.69 24.88
N ILE F 77 45.85 28.36 25.86
CA ILE F 77 47.13 27.74 25.59
C ILE F 77 47.23 26.56 26.51
N ILE F 78 47.33 25.36 25.93
CA ILE F 78 47.53 24.16 26.70
C ILE F 78 48.90 23.57 26.29
N VAL F 79 49.76 23.36 27.27
CA VAL F 79 51.02 22.67 27.04
C VAL F 79 50.88 21.31 27.71
N ALA F 80 50.91 20.27 26.89
CA ALA F 80 50.98 18.90 27.39
C ALA F 80 52.46 18.51 27.58
N THR F 81 52.81 18.20 28.82
CA THR F 81 54.17 17.84 29.17
C THR F 81 54.19 17.13 30.50
N CYS F 82 55.16 16.24 30.66
CA CYS F 82 55.50 15.68 31.95
C CYS F 82 56.95 16.02 32.31
N SER F 83 57.54 17.01 31.61
CA SER F 83 58.91 17.44 31.90
C SER F 83 58.98 18.96 31.88
N PRO F 84 58.10 19.62 32.62
CA PRO F 84 58.13 21.09 32.64
C PRO F 84 59.36 21.69 33.33
N ASP F 85 59.87 22.80 32.79
CA ASP F 85 60.97 23.58 33.38
C ASP F 85 60.72 23.79 34.86
N SER F 86 59.50 24.20 35.18
CA SER F 86 59.09 24.54 36.53
C SER F 86 57.66 24.15 36.75
N LEU F 87 57.27 24.03 38.02
CA LEU F 87 55.90 23.75 38.43
C LEU F 87 55.20 25.00 38.94
N ILE F 88 55.98 25.90 39.55
CA ILE F 88 55.53 27.24 39.89
C ILE F 88 56.42 28.27 39.19
N PRO F 89 55.91 28.95 38.15
CA PRO F 89 54.59 28.81 37.52
C PRO F 89 54.61 27.70 36.48
N ASN F 90 53.49 27.54 35.78
CA ASN F 90 53.39 26.58 34.74
C ASN F 90 54.17 27.08 33.50
N ILE F 91 54.54 26.15 32.61
CA ILE F 91 55.24 26.57 31.41
C ILE F 91 54.34 26.98 30.23
N ALA F 92 53.03 26.73 30.28
CA ALA F 92 52.12 27.38 29.34
C ALA F 92 52.20 28.92 29.47
N SER F 93 52.32 29.42 30.70
CA SER F 93 52.54 30.88 30.90
C SER F 93 53.88 31.43 30.41
N ARG F 94 54.92 30.61 30.44
CA ARG F 94 56.21 30.99 29.88
C ARG F 94 56.11 31.09 28.37
N VAL F 95 55.48 30.11 27.73
CA VAL F 95 55.23 30.19 26.30
C VAL F 95 54.41 31.44 25.95
N GLN F 96 53.39 31.71 26.74
CA GLN F 96 52.58 32.92 26.60
C GLN F 96 53.40 34.19 26.71
N GLN F 97 54.27 34.23 27.71
CA GLN F 97 55.15 35.37 27.93
C GLN F 97 56.11 35.52 26.75
N ASN F 98 56.69 34.43 26.27
CA ASN F 98 57.63 34.51 25.15
C ASN F 98 56.96 35.03 23.89
N LEU F 99 55.71 34.64 23.65
CA LEU F 99 55.04 35.02 22.42
C LEU F 99 54.33 36.35 22.51
N GLY F 100 54.21 36.92 23.71
CA GLY F 100 53.46 38.16 23.86
C GLY F 100 51.95 37.98 23.65
N ILE F 101 51.40 36.81 23.98
CA ILE F 101 49.94 36.60 23.93
C ILE F 101 49.29 37.19 25.18
N PRO F 102 48.38 38.17 25.02
CA PRO F 102 47.72 38.74 26.19
C PRO F 102 46.53 37.90 26.68
N SER F 103 46.38 37.80 28.00
CA SER F 103 45.14 37.37 28.67
C SER F 103 44.68 35.90 28.55
N ALA F 104 45.14 35.16 27.55
CA ALA F 104 44.68 33.78 27.33
C ALA F 104 44.76 32.90 28.57
N ALA F 105 43.77 32.03 28.74
CA ALA F 105 43.89 30.95 29.68
C ALA F 105 45.12 30.10 29.29
N ALA F 106 45.90 29.71 30.28
CA ALA F 106 47.14 29.00 30.05
C ALA F 106 47.39 27.99 31.17
N PHE F 107 47.39 26.69 30.81
CA PHE F 107 47.73 25.65 31.76
C PHE F 107 48.53 24.52 31.16
N ASP F 108 49.23 23.84 32.04
CA ASP F 108 49.94 22.63 31.70
C ASP F 108 49.03 21.46 32.00
N LEU F 109 49.10 20.45 31.15
CA LEU F 109 48.33 19.26 31.33
C LEU F 109 49.31 18.08 31.36
N ASN F 110 49.16 17.21 32.34
CA ASN F 110 49.97 16.04 32.44
C ASN F 110 49.17 14.73 32.37
N ALA F 111 49.26 14.08 31.21
CA ALA F 111 48.78 12.71 31.01
C ALA F 111 49.87 11.91 30.31
N ALA F 112 51.13 12.25 30.61
CA ALA F 112 52.30 11.55 30.03
C ALA F 112 52.20 11.51 28.51
N SCY F 113 52.45 10.35 27.91
CA SCY F 113 52.53 10.26 26.47
CB SCY F 113 53.12 8.86 26.11
SG SCY F 113 54.86 8.66 26.49
CD SCY F 113 54.97 8.05 28.02
OCD SCY F 113 54.01 8.01 28.75
CE SCY F 113 56.32 7.55 28.50
C SCY F 113 51.22 10.49 25.77
O SCY F 113 51.21 10.77 24.57
N THR F 114 50.10 10.35 26.49
CA THR F 114 48.81 10.59 25.88
C THR F 114 48.42 12.08 25.96
N GLY F 115 49.32 12.90 26.52
CA GLY F 115 49.06 14.32 26.82
C GLY F 115 48.57 15.20 25.69
N PHE F 116 49.05 14.97 24.47
CA PHE F 116 48.58 15.76 23.34
C PHE F 116 47.13 15.45 22.98
N LEU F 117 46.78 14.18 23.01
CA LEU F 117 45.40 13.78 22.79
C LEU F 117 44.43 14.32 23.80
N TYR F 118 44.81 14.19 25.05
CA TYR F 118 44.07 14.81 26.16
C TYR F 118 43.91 16.31 25.96
N GLY F 119 44.97 16.94 25.48
CA GLY F 119 45.00 18.39 25.30
C GLY F 119 44.15 18.85 24.11
N LEU F 120 44.16 18.05 23.05
CA LEU F 120 43.38 18.33 21.88
C LEU F 120 41.88 18.20 22.23
N GLU F 121 41.55 17.11 22.90
CA GLU F 121 40.18 16.85 23.38
C GLU F 121 39.72 17.99 24.25
N THR F 122 40.54 18.34 25.23
CA THR F 122 40.19 19.38 26.18
C THR F 122 39.97 20.73 25.52
N ALA F 123 40.90 21.15 24.66
CA ALA F 123 40.80 22.38 23.97
C ALA F 123 39.57 22.35 23.07
N THR F 124 39.33 21.25 22.38
CA THR F 124 38.20 21.16 21.47
C THR F 124 36.89 21.31 22.20
N ARG F 125 36.75 20.68 23.37
CA ARG F 125 35.54 20.74 24.11
C ARG F 125 35.35 22.09 24.80
N LEU F 126 36.44 22.69 25.26
CA LEU F 126 36.38 24.09 25.75
C LEU F 126 35.86 25.04 24.68
N MET F 127 36.39 24.93 23.47
CA MET F 127 35.95 25.75 22.34
C MET F 127 34.49 25.52 21.92
N GLN F 128 34.00 24.29 22.00
CA GLN F 128 32.66 23.95 21.56
C GLN F 128 31.61 24.36 22.56
N ALA F 129 31.95 24.30 23.84
CA ALA F 129 31.03 24.58 24.90
C ALA F 129 31.12 26.01 25.43
N SER F 130 32.14 26.76 25.04
CA SER F 130 32.30 28.09 25.63
C SER F 130 32.98 29.02 24.69
N HIS F 131 33.41 30.17 25.19
CA HIS F 131 33.91 31.27 24.38
C HIS F 131 35.43 31.27 24.33
N TYR F 132 35.99 30.33 23.58
CA TYR F 132 37.38 30.33 23.21
C TYR F 132 37.35 30.15 21.71
N ARG F 133 37.91 31.10 20.96
CA ARG F 133 37.83 31.11 19.50
C ARG F 133 39.07 30.54 18.86
N HIS F 134 40.22 30.69 19.50
CA HIS F 134 41.47 30.15 18.98
C HIS F 134 42.29 29.60 20.11
N ALA F 135 42.84 28.40 19.90
CA ALA F 135 43.61 27.72 20.94
C ALA F 135 44.97 27.32 20.40
N LEU F 136 45.94 27.25 21.29
CA LEU F 136 47.26 26.72 20.98
C LEU F 136 47.45 25.51 21.85
N VAL F 137 47.68 24.34 21.23
CA VAL F 137 47.87 23.09 21.96
C VAL F 137 49.23 22.52 21.58
N ILE F 138 50.06 22.28 22.58
CA ILE F 138 51.47 22.01 22.37
C ILE F 138 51.82 20.77 23.17
N GLY F 139 52.48 19.83 22.54
CA GLY F 139 53.11 18.74 23.25
C GLY F 139 54.59 19.01 23.23
N ALA F 140 55.19 19.05 24.41
CA ALA F 140 56.62 19.40 24.52
C ALA F 140 57.28 18.62 25.62
N GLU F 141 58.45 18.06 25.32
CA GLU F 141 59.15 17.24 26.29
C GLU F 141 60.67 17.38 26.19
N ARG F 142 61.29 17.28 27.36
CA ARG F 142 62.72 17.12 27.48
C ARG F 142 62.92 15.92 28.42
N LEU F 143 62.62 14.73 27.88
CA LEU F 143 62.73 13.50 28.66
C LEU F 143 64.17 13.13 29.00
N SER F 144 65.14 13.67 28.27
CA SER F 144 66.55 13.41 28.58
C SER F 144 66.91 13.82 29.98
N PHE F 145 66.22 14.81 30.55
CA PHE F 145 66.35 15.15 31.97
C PHE F 145 66.22 13.96 32.92
N TYR F 146 65.32 13.04 32.60
CA TYR F 146 64.91 11.98 33.53
C TYR F 146 65.75 10.69 33.47
N LEU F 147 66.46 10.48 32.38
CA LEU F 147 66.96 9.11 32.11
C LEU F 147 68.07 8.64 33.06
N ASP F 148 68.04 7.35 33.34
CA ASP F 148 69.07 6.67 34.11
C ASP F 148 70.04 6.11 33.08
N TRP F 149 71.21 6.73 32.99
CA TRP F 149 72.18 6.40 31.94
C TRP F 149 72.92 5.08 32.19
N THR F 150 72.61 4.37 33.28
CA THR F 150 73.09 3.01 33.51
C THR F 150 72.05 1.94 33.12
N LYS F 151 70.85 2.38 32.75
CA LYS F 151 69.73 1.48 32.50
C LYS F 151 69.34 1.46 31.04
N ARG F 152 69.81 0.44 30.34
CA ARG F 152 69.59 0.30 28.91
C ARG F 152 68.12 0.17 28.49
N ASP F 153 67.30 -0.39 29.39
CA ASP F 153 65.90 -0.70 29.07
C ASP F 153 65.11 0.55 28.65
N THR F 154 65.39 1.66 29.34
CA THR F 154 64.72 2.92 29.11
C THR F 154 65.57 3.98 28.42
N ALA F 155 66.88 3.94 28.63
CA ALA F 155 67.78 4.99 28.13
C ALA F 155 67.80 5.11 26.60
N VAL F 156 67.42 4.04 25.89
CA VAL F 156 67.43 4.03 24.43
C VAL F 156 66.08 4.36 23.76
N LEU F 157 65.06 4.58 24.56
CA LEU F 157 63.69 4.69 24.04
C LEU F 157 63.22 6.14 23.83
N PHE F 158 63.80 7.07 24.56
CA PHE F 158 63.20 8.39 24.73
C PHE F 158 64.04 9.51 24.16
N GLY F 159 63.35 10.52 23.63
CA GLY F 159 63.99 11.72 23.11
C GLY F 159 63.31 13.01 23.52
N ASP F 160 63.81 14.11 22.99
CA ASP F 160 63.31 15.46 23.31
C ASP F 160 62.68 16.08 22.08
N GLY F 161 61.72 16.97 22.30
CA GLY F 161 61.07 17.69 21.19
C GLY F 161 59.73 18.31 21.55
N ALA F 162 59.21 19.12 20.63
CA ALA F 162 57.90 19.73 20.77
C ALA F 162 57.15 19.77 19.46
N GLY F 163 55.83 19.63 19.56
CA GLY F 163 54.93 19.84 18.43
C GLY F 163 53.72 20.64 18.87
N ALA F 164 53.17 21.46 17.97
CA ALA F 164 52.06 22.33 18.31
C ALA F 164 50.99 22.34 17.23
N VAL F 165 49.74 22.61 17.65
CA VAL F 165 48.69 23.01 16.72
C VAL F 165 48.00 24.30 17.16
N VAL F 166 47.46 25.00 16.18
CA VAL F 166 46.55 26.10 16.42
C VAL F 166 45.17 25.61 16.01
N LEU F 167 44.19 25.85 16.85
CA LEU F 167 42.83 25.49 16.59
C LEU F 167 42.00 26.73 16.40
N SER F 168 41.08 26.70 15.45
CA SER F 168 40.21 27.86 15.15
C SER F 168 38.75 27.42 15.10
N LYS F 169 37.91 28.18 15.79
CA LYS F 169 36.50 27.80 15.93
C LYS F 169 35.77 28.01 14.61
N THR F 170 34.91 27.06 14.25
CA THR F 170 34.16 27.14 12.99
C THR F 170 32.85 26.36 13.12
N GLU F 171 31.93 26.61 12.19
CA GLU F 171 30.72 25.80 12.06
C GLU F 171 30.89 24.59 11.12
N GLN F 172 31.95 24.58 10.33
CA GLN F 172 32.23 23.43 9.47
C GLN F 172 32.66 22.23 10.32
N LYS F 173 32.25 21.04 9.88
CA LYS F 173 32.43 19.83 10.62
C LYS F 173 33.85 19.28 10.43
N VAL F 174 34.80 19.90 11.11
CA VAL F 174 36.23 19.61 10.91
C VAL F 174 36.91 19.56 12.26
N GLY F 175 38.18 19.18 12.26
CA GLY F 175 38.91 19.04 13.52
C GLY F 175 38.55 17.76 14.20
N LEU F 176 38.85 17.67 15.49
CA LEU F 176 38.55 16.50 16.29
C LEU F 176 37.04 16.31 16.41
N GLN F 177 36.58 15.12 16.05
CA GLN F 177 35.18 14.73 16.08
C GLN F 177 34.97 13.93 17.36
N ASP F 178 34.73 12.62 17.27
N ASP F 178 34.74 12.62 17.26
CA ASP F 178 34.64 11.85 18.50
CA ASP F 178 34.62 11.85 18.46
C ASP F 178 36.04 11.52 19.00
C ASP F 178 36.03 11.50 19.00
N ALA F 179 36.17 11.41 20.33
CA ALA F 179 37.41 11.06 20.96
C ALA F 179 37.10 10.18 22.15
N GLN F 180 37.96 9.20 22.39
CA GLN F 180 37.84 8.33 23.54
C GLN F 180 39.16 8.32 24.28
N ILE F 181 39.20 8.97 25.44
CA ILE F 181 40.40 8.99 26.25
C ILE F 181 40.12 8.38 27.60
N GLY F 182 41.14 7.82 28.23
CA GLY F 182 40.94 7.13 29.48
C GLY F 182 42.24 6.79 30.18
N CYS F 183 42.13 5.97 31.21
CA CYS F 183 43.28 5.59 32.00
C CYS F 183 42.98 4.28 32.70
N ASP F 184 43.91 3.34 32.56
CA ASP F 184 43.84 2.04 33.18
C ASP F 184 44.81 2.12 34.36
N ALA F 185 44.28 2.54 35.49
CA ALA F 185 45.10 2.93 36.63
C ALA F 185 45.68 1.73 37.40
N GLN F 186 45.11 0.53 37.22
CA GLN F 186 45.62 -0.63 37.95
C GLN F 186 47.05 -1.01 37.47
N GLY F 187 47.40 -0.63 36.25
CA GLY F 187 48.75 -0.86 35.72
C GLY F 187 49.71 0.31 35.87
N ARG F 188 49.40 1.22 36.79
CA ARG F 188 50.15 2.44 36.98
C ARG F 188 51.64 2.23 37.32
N ASP F 189 51.96 1.15 38.01
CA ASP F 189 53.30 0.96 38.56
C ASP F 189 54.34 0.47 37.56
N ILE F 190 53.91 0.03 36.37
CA ILE F 190 54.82 -0.57 35.39
C ILE F 190 55.55 0.47 34.53
N LEU F 191 55.21 1.75 34.67
CA LEU F 191 55.83 2.82 33.92
C LEU F 191 55.79 4.12 34.74
N ALA F 192 56.89 4.40 35.45
CA ALA F 192 56.90 5.38 36.52
C ALA F 192 58.29 5.84 36.92
N VAL F 193 58.41 7.13 37.26
CA VAL F 193 59.56 7.68 37.95
C VAL F 193 59.02 8.21 39.27
N PRO F 194 58.86 7.33 40.27
CA PRO F 194 58.13 7.74 41.48
C PRO F 194 58.82 8.84 42.33
N LYS F 195 60.13 9.00 42.18
CA LYS F 195 60.90 9.87 43.07
C LYS F 195 61.46 11.11 42.41
N PHE F 196 60.83 11.55 41.32
CA PHE F 196 60.95 12.95 40.94
C PHE F 196 59.60 13.65 41.08
N GLY F 197 59.57 14.65 41.94
CA GLY F 197 58.37 15.37 42.29
C GLY F 197 58.40 15.59 43.78
N THR F 198 57.24 15.91 44.36
CA THR F 198 57.20 16.30 45.77
C THR F 198 57.34 15.12 46.73
N ALA F 199 57.30 13.90 46.18
CA ALA F 199 57.58 12.69 46.96
C ALA F 199 59.09 12.49 47.23
N MET F 200 59.94 13.22 46.52
CA MET F 200 61.38 13.08 46.67
C MET F 200 61.88 13.79 47.92
N ASP F 201 62.99 13.29 48.47
CA ASP F 201 63.67 13.93 49.58
C ASP F 201 64.47 15.10 49.02
N ARG F 202 64.03 16.31 49.34
CA ARG F 202 64.55 17.53 48.75
C ARG F 202 66.01 17.80 49.12
N PHE F 203 66.43 17.35 50.29
CA PHE F 203 67.76 17.64 50.83
C PHE F 203 68.70 16.45 50.88
N ASP F 204 68.30 15.35 50.26
CA ASP F 204 69.19 14.22 50.09
C ASP F 204 70.07 14.48 48.85
N ALA F 205 71.38 14.36 49.02
CA ALA F 205 72.34 14.60 47.93
C ALA F 205 72.28 13.53 46.84
N ASP F 206 71.77 12.35 47.17
CA ASP F 206 71.54 11.26 46.20
C ASP F 206 70.15 11.28 45.55
N ASN F 207 69.36 12.33 45.76
CA ASN F 207 67.98 12.34 45.27
C ASN F 207 67.85 12.39 43.73
N GLY F 208 68.96 12.69 43.06
CA GLY F 208 69.01 12.64 41.59
C GLY F 208 69.11 11.24 41.00
N TYR F 209 69.44 10.24 41.80
CA TYR F 209 69.67 8.88 41.30
C TYR F 209 68.42 8.03 41.44
N TRP F 210 67.36 8.46 40.77
CA TRP F 210 66.02 7.85 40.94
C TRP F 210 65.83 6.67 39.99
N ALA F 211 64.94 5.76 40.37
CA ALA F 211 64.59 4.63 39.52
C ALA F 211 63.54 5.01 38.45
N PHE F 212 63.74 4.49 37.25
CA PHE F 212 62.79 4.57 36.17
C PHE F 212 62.22 3.14 35.96
N ASP F 213 61.15 2.84 36.71
CA ASP F 213 60.47 1.55 36.59
C ASP F 213 59.81 1.42 35.22
N PHE F 214 60.02 0.26 34.59
CA PHE F 214 59.63 0.06 33.20
C PHE F 214 59.56 -1.43 32.86
N VAL F 215 58.34 -1.96 32.77
CA VAL F 215 58.14 -3.38 32.43
C VAL F 215 57.72 -3.43 30.96
N GLY F 216 58.72 -3.45 30.09
CA GLY F 216 58.52 -3.30 28.64
C GLY F 216 57.43 -4.16 28.04
N LYS F 217 57.41 -5.43 28.46
CA LYS F 217 56.52 -6.44 27.88
C LYS F 217 55.05 -6.20 28.25
N GLU F 218 54.78 -5.88 29.52
CA GLU F 218 53.43 -5.56 29.97
C GLU F 218 52.94 -4.26 29.35
N ILE F 219 53.83 -3.29 29.25
CA ILE F 219 53.52 -2.00 28.60
C ILE F 219 53.13 -2.24 27.15
N PHE F 220 53.93 -3.05 26.47
CA PHE F 220 53.68 -3.36 25.06
C PHE F 220 52.26 -3.92 24.91
N LYS F 221 51.95 -4.93 25.70
CA LYS F 221 50.68 -5.61 25.63
C LYS F 221 49.50 -4.69 25.91
N ARG F 222 49.54 -4.00 27.04
CA ARG F 222 48.46 -3.11 27.48
C ARG F 222 48.23 -1.93 26.52
N ALA F 223 49.29 -1.45 25.89
CA ALA F 223 49.22 -0.37 24.93
C ALA F 223 48.48 -0.78 23.67
N VAL F 224 48.78 -1.96 23.13
CA VAL F 224 48.08 -2.47 21.97
C VAL F 224 46.58 -2.59 22.25
N ARG F 225 46.26 -3.16 23.40
CA ARG F 225 44.87 -3.37 23.83
C ARG F 225 44.13 -2.09 24.11
N GLY F 226 44.81 -1.17 24.81
CA GLY F 226 44.20 0.09 25.20
C GLY F 226 43.90 0.97 23.99
N MET F 227 44.92 1.19 23.17
CA MET F 227 44.74 1.98 21.97
C MET F 227 43.75 1.33 21.03
N GLY F 228 43.85 0.01 20.89
CA GLY F 228 42.99 -0.74 20.02
C GLY F 228 41.53 -0.58 20.37
N ALA F 229 41.18 -0.84 21.63
CA ALA F 229 39.83 -0.65 22.13
C ALA F 229 39.32 0.79 21.97
N ALA F 230 40.18 1.74 22.24
CA ALA F 230 39.80 3.16 22.13
C ALA F 230 39.51 3.52 20.67
N ALA F 231 40.36 3.04 19.76
CA ALA F 231 40.18 3.28 18.32
C ALA F 231 38.87 2.66 17.81
N GLN F 232 38.61 1.44 18.24
CA GLN F 232 37.33 0.77 17.92
C GLN F 232 36.10 1.55 18.35
N GLN F 233 36.14 2.06 19.58
CA GLN F 233 35.05 2.92 20.11
C GLN F 233 34.88 4.17 19.26
N VAL F 234 35.98 4.79 18.89
CA VAL F 234 35.92 5.97 18.05
C VAL F 234 35.32 5.63 16.69
N LEU F 235 35.81 4.55 16.07
CA LEU F 235 35.32 4.20 14.76
C LEU F 235 33.84 3.83 14.80
N ALA F 236 33.46 3.10 15.84
CA ALA F 236 32.10 2.59 15.98
C ALA F 236 31.11 3.72 16.16
N ARG F 237 31.40 4.62 17.10
CA ARG F 237 30.52 5.74 17.39
C ARG F 237 30.34 6.66 16.20
N SER F 238 31.39 6.84 15.41
CA SER F 238 31.36 7.71 14.26
C SER F 238 30.75 7.12 12.98
N GLY F 239 30.41 5.83 12.99
CA GLY F 239 29.79 5.18 11.83
C GLY F 239 30.71 5.07 10.63
N LEU F 240 32.01 5.05 10.88
CA LEU F 240 32.99 4.98 9.80
C LEU F 240 33.37 3.50 9.57
N SER F 241 33.56 3.13 8.32
CA SER F 241 34.25 1.87 8.01
C SER F 241 35.75 2.14 8.10
N THR F 242 36.52 1.09 8.34
CA THR F 242 37.96 1.21 8.55
C THR F 242 38.69 1.68 7.28
N GLU F 243 38.21 1.26 6.10
CA GLU F 243 38.75 1.74 4.83
C GLU F 243 38.57 3.26 4.61
N GLU F 244 37.65 3.89 5.34
CA GLU F 244 37.45 5.33 5.27
C GLU F 244 38.51 6.15 6.00
N ILE F 245 39.27 5.53 6.88
CA ILE F 245 40.42 6.17 7.52
C ILE F 245 41.52 6.33 6.48
N ASP F 246 42.00 7.57 6.33
CA ASP F 246 43.02 7.82 5.30
C ASP F 246 44.44 7.82 5.88
N VAL F 247 44.60 8.27 7.12
CA VAL F 247 45.92 8.36 7.72
C VAL F 247 45.76 8.03 9.20
N VAL F 248 46.72 7.27 9.72
CA VAL F 248 46.86 7.07 11.14
C VAL F 248 48.07 7.86 11.61
N ILE F 249 47.86 8.70 12.62
CA ILE F 249 48.93 9.43 13.27
C ILE F 249 49.06 8.86 14.69
N PRO F 250 49.98 7.92 14.90
CA PRO F 250 49.99 7.31 16.20
C PRO F 250 51.09 7.87 17.10
N HIS F 251 50.95 7.63 18.40
CA HIS F 251 52.04 7.82 19.32
C HIS F 251 53.20 6.93 18.87
N GLN F 252 54.41 7.42 19.04
CA GLN F 252 55.60 6.77 18.50
C GLN F 252 56.44 6.23 19.66
N ALA F 253 56.01 5.11 20.24
CA ALA F 253 56.73 4.48 21.34
C ALA F 253 57.52 3.25 20.87
N ASN F 254 56.97 2.53 19.90
CA ASN F 254 57.58 1.32 19.36
C ASN F 254 56.95 1.04 18.01
N ILE F 255 57.75 0.84 16.98
CA ILE F 255 57.18 0.58 15.64
C ILE F 255 56.32 -0.70 15.62
N ARG F 256 56.67 -1.67 16.45
CA ARG F 256 55.91 -2.93 16.52
C ARG F 256 54.54 -2.74 17.16
N ILE F 257 54.42 -1.77 18.07
CA ILE F 257 53.12 -1.42 18.66
C ILE F 257 52.21 -0.82 17.60
N ILE F 258 52.78 0.06 16.77
CA ILE F 258 52.06 0.71 15.71
C ILE F 258 51.58 -0.29 14.68
N GLN F 259 52.47 -1.20 14.29
CA GLN F 259 52.15 -2.24 13.31
C GLN F 259 51.06 -3.18 13.82
N THR F 260 51.17 -3.56 15.09
CA THR F 260 50.22 -4.47 15.68
C THR F 260 48.84 -3.81 15.75
N LEU F 261 48.81 -2.55 16.17
CA LEU F 261 47.59 -1.77 16.20
C LEU F 261 46.88 -1.76 14.84
N CYS F 262 47.61 -1.49 13.79
CA CYS F 262 47.01 -1.43 12.46
C CYS F 262 46.57 -2.80 12.02
N ASP F 263 47.41 -3.80 12.25
CA ASP F 263 47.09 -5.17 11.90
C ASP F 263 45.77 -5.65 12.53
N LEU F 264 45.62 -5.45 13.83
CA LEU F 264 44.46 -5.98 14.54
C LEU F 264 43.20 -5.18 14.20
N ALA F 265 43.36 -3.91 13.84
CA ALA F 265 42.22 -3.10 13.40
C ALA F 265 41.87 -3.33 11.92
N GLY F 266 42.74 -3.96 11.17
CA GLY F 266 42.56 -4.16 9.73
C GLY F 266 42.83 -2.88 8.94
N ILE F 267 43.64 -2.00 9.50
CA ILE F 267 44.07 -0.80 8.78
C ILE F 267 45.38 -1.13 8.07
N ALA F 268 45.48 -0.73 6.80
CA ALA F 268 46.68 -0.96 5.99
C ALA F 268 47.91 -0.25 6.58
N GLN F 269 49.03 -0.96 6.64
CA GLN F 269 50.24 -0.46 7.33
C GLN F 269 50.73 0.85 6.76
N ASP F 270 50.58 1.02 5.46
CA ASP F 270 51.11 2.21 4.79
C ASP F 270 50.31 3.48 5.07
N LYS F 271 49.19 3.36 5.80
CA LYS F 271 48.46 4.52 6.25
C LYS F 271 49.02 5.14 7.54
N ALA F 272 49.88 4.41 8.24
CA ALA F 272 50.44 4.90 9.50
C ALA F 272 51.63 5.78 9.22
N PHE F 273 51.60 7.03 9.70
CA PHE F 273 52.78 7.87 9.63
C PHE F 273 53.72 7.49 10.75
N VAL F 274 54.97 7.25 10.41
CA VAL F 274 55.98 6.81 11.34
C VAL F 274 57.22 7.68 11.18
N ASN F 275 57.64 8.30 12.27
CA ASN F 275 58.93 8.98 12.33
C ASN F 275 59.73 8.58 13.58
N ILE F 276 59.37 7.47 14.20
CA ILE F 276 60.07 7.03 15.41
C ILE F 276 61.58 6.75 15.18
N HIS F 277 61.93 6.35 13.97
CA HIS F 277 63.34 6.09 13.61
C HIS F 277 64.25 7.31 13.81
N ARG F 278 63.69 8.51 13.61
CA ARG F 278 64.43 9.75 13.72
C ARG F 278 64.45 10.36 15.12
N TYR F 279 63.35 10.25 15.86
CA TYR F 279 63.16 11.03 17.09
C TYR F 279 63.00 10.20 18.36
N GLY F 280 62.69 8.91 18.20
CA GLY F 280 62.39 8.09 19.36
C GLY F 280 61.05 8.45 19.96
N ASN F 281 60.84 8.06 21.21
CA ASN F 281 59.63 8.40 21.92
C ASN F 281 59.80 9.75 22.64
N THR F 282 59.13 10.76 22.11
CA THR F 282 59.15 12.15 22.68
C THR F 282 57.89 12.48 23.50
N SER F 283 57.27 11.44 24.05
CA SER F 283 56.07 11.57 24.89
C SER F 283 54.96 12.44 24.25
N ALA F 284 54.52 13.48 24.94
CA ALA F 284 53.41 14.29 24.45
C ALA F 284 53.67 14.88 23.09
N ALA F 285 54.94 14.97 22.70
CA ALA F 285 55.29 15.59 21.43
C ALA F 285 55.12 14.67 20.22
N THR F 286 55.04 13.37 20.42
CA THR F 286 55.05 12.47 19.27
C THR F 286 53.95 12.79 18.24
N VAL F 287 52.72 12.95 18.70
CA VAL F 287 51.58 13.06 17.79
C VAL F 287 51.61 14.32 16.99
N PRO F 288 51.81 15.49 17.64
CA PRO F 288 51.83 16.69 16.87
C PRO F 288 53.05 16.83 15.96
N ILE F 289 54.20 16.27 16.33
CA ILE F 289 55.34 16.31 15.43
C ILE F 289 55.02 15.45 14.22
N ALA F 290 54.53 14.25 14.47
CA ALA F 290 54.14 13.34 13.40
C ALA F 290 53.07 13.95 12.49
N LEU F 291 52.09 14.65 13.07
CA LEU F 291 51.07 15.33 12.29
C LEU F 291 51.69 16.43 11.44
N CYS F 292 52.55 17.22 12.09
CA CYS F 292 53.24 18.31 11.38
C CYS F 292 54.00 17.77 10.18
N GLU F 293 54.75 16.68 10.38
CA GLU F 293 55.60 16.14 9.30
C GLU F 293 54.79 15.42 8.26
N ALA F 294 53.68 14.80 8.65
CA ALA F 294 52.76 14.21 7.66
C ALA F 294 52.29 15.30 6.69
N LEU F 295 51.93 16.46 7.23
CA LEU F 295 51.46 17.58 6.42
C LEU F 295 52.58 18.17 5.53
N GLU F 296 53.78 18.32 6.09
CA GLU F 296 54.99 18.76 5.36
C GLU F 296 55.33 17.81 4.21
N GLN F 297 55.14 16.51 4.43
CA GLN F 297 55.50 15.51 3.43
C GLN F 297 54.35 15.12 2.50
N GLY F 298 53.22 15.82 2.55
CA GLY F 298 52.15 15.62 1.58
C GLY F 298 51.36 14.34 1.78
N LYS F 299 51.28 13.85 3.02
CA LYS F 299 50.60 12.59 3.33
C LYS F 299 49.10 12.78 3.59
N ILE F 300 48.70 14.02 3.87
CA ILE F 300 47.32 14.32 4.23
C ILE F 300 46.69 15.20 3.18
N LYS F 301 45.46 14.87 2.79
CA LYS F 301 44.75 15.56 1.74
C LYS F 301 43.57 16.26 2.37
N PRO F 302 43.04 17.29 1.68
CA PRO F 302 41.86 17.98 2.20
C PRO F 302 40.73 16.98 2.42
N HIS F 303 39.99 17.17 3.50
CA HIS F 303 38.87 16.28 3.88
C HIS F 303 39.24 14.86 4.31
N ASP F 304 40.53 14.58 4.52
CA ASP F 304 40.91 13.23 4.97
C ASP F 304 40.37 12.94 6.38
N ASP F 305 40.14 11.66 6.66
CA ASP F 305 39.82 11.20 8.01
C ASP F 305 41.07 10.66 8.67
N LEU F 306 41.44 11.22 9.80
CA LEU F 306 42.66 10.84 10.51
C LEU F 306 42.24 10.06 11.73
N LEU F 307 42.98 9.00 12.03
CA LEU F 307 42.86 8.33 13.31
C LEU F 307 44.11 8.66 14.09
N VAL F 308 43.90 9.15 15.32
CA VAL F 308 44.98 9.38 16.23
C VAL F 308 44.81 8.42 17.38
N ALA F 309 45.93 8.01 17.97
CA ALA F 309 45.94 7.06 19.03
C ALA F 309 47.20 7.23 19.84
N ALA F 310 47.07 7.10 21.15
CA ALA F 310 48.23 7.26 22.01
C ALA F 310 48.05 6.49 23.28
N PHE F 311 49.15 6.34 24.00
CA PHE F 311 49.18 5.61 25.25
C PHE F 311 50.35 6.08 26.07
N GLY F 312 50.28 5.89 27.39
CA GLY F 312 51.33 6.40 28.26
C GLY F 312 51.24 6.00 29.70
N ALA F 313 52.19 6.50 30.48
CA ALA F 313 52.20 6.27 31.94
C ALA F 313 50.83 6.61 32.52
N GLY F 314 50.35 5.81 33.48
CA GLY F 314 49.05 6.06 34.04
C GLY F 314 48.28 4.87 34.47
N LEU F 315 48.03 3.89 33.59
CA LEU F 315 48.34 3.92 32.17
C LEU F 315 47.26 4.70 31.35
N THR F 316 47.62 5.88 30.85
CA THR F 316 46.68 6.69 30.09
C THR F 316 46.57 6.15 28.69
N TRP F 317 45.43 6.41 28.06
CA TRP F 317 45.21 5.97 26.72
C TRP F 317 44.18 6.84 26.02
N GLY F 318 44.20 6.78 24.70
CA GLY F 318 43.27 7.54 23.93
C GLY F 318 43.33 7.31 22.45
N ALA F 319 42.20 7.61 21.81
CA ALA F 319 42.11 7.65 20.37
C ALA F 319 41.12 8.73 19.95
N GLY F 320 41.24 9.18 18.71
CA GLY F 320 40.42 10.26 18.22
C GLY F 320 40.32 10.24 16.71
N HIS F 321 39.20 10.75 16.22
CA HIS F 321 38.97 10.94 14.82
C HIS F 321 39.04 12.43 14.52
N ILE F 322 39.93 12.80 13.60
CA ILE F 322 40.01 14.18 13.11
C ILE F 322 39.60 14.18 11.65
N ARG F 323 38.66 15.05 11.31
CA ARG F 323 38.28 15.27 9.95
C ARG F 323 39.04 16.52 9.50
N TRP F 324 39.91 16.39 8.52
CA TRP F 324 40.66 17.53 8.03
C TRP F 324 39.79 18.43 7.16
N GLY F 325 40.15 19.72 7.14
CA GLY F 325 39.43 20.74 6.36
C GLY F 325 40.05 20.91 4.99
N GLU F 326 40.01 22.13 4.48
CA GLU F 326 40.38 22.43 3.08
C GLU F 326 41.88 22.63 2.87
N ARG F 327 42.61 23.01 3.90
CA ARG F 327 43.95 23.52 3.68
C ARG F 327 45.01 22.65 4.33
N ILE F 328 45.97 22.20 3.53
CA ILE F 328 47.10 21.41 4.02
C ILE F 328 48.43 22.15 3.88
N THR F 329 48.36 23.42 3.57
CA THR F 329 49.50 24.28 3.34
C THR F 329 49.52 25.40 4.37
N PRO F 330 50.71 25.80 4.85
CA PRO F 330 50.80 26.92 5.77
C PRO F 330 50.40 28.23 5.13
N LEU F 331 49.77 29.11 5.89
CA LEU F 331 49.56 30.46 5.40
C LEU F 331 50.89 31.22 5.41
N GLY F 332 51.68 31.06 6.47
CA GLY F 332 52.97 31.74 6.55
C GLY F 332 54.03 30.88 7.14
N LYS F 333 55.28 31.30 6.98
CA LYS F 333 56.43 30.63 7.58
C LYS F 333 57.03 31.50 8.69
N SER F 334 57.70 30.83 9.62
CA SER F 334 58.37 31.49 10.73
C SER F 334 59.84 31.15 10.61
N ASP F 335 60.69 32.17 10.76
CA ASP F 335 62.14 31.92 10.83
C ASP F 335 62.60 31.63 12.28
N ALA F 336 61.65 31.42 13.20
CA ALA F 336 61.96 31.13 14.59
C ALA F 336 62.81 29.87 14.73
N GLN F 337 63.88 29.97 15.50
CA GLN F 337 64.87 28.91 15.65
C GLN F 337 65.32 28.86 17.08
N LEU F 338 65.84 27.71 17.47
CA LEU F 338 66.58 27.59 18.71
C LEU F 338 67.94 28.25 18.58
N PRO F 339 68.54 28.68 19.71
CA PRO F 339 69.93 29.09 19.67
C PRO F 339 70.83 27.95 19.20
N SER F 340 71.89 28.30 18.48
CA SER F 340 72.84 27.32 17.95
C SER F 340 73.46 26.48 19.07
N CYS F 341 73.79 25.25 18.72
CA CYS F 341 74.34 24.29 19.66
C CYS F 341 75.62 23.72 19.06
N ASP F 342 76.75 24.06 19.68
CA ASP F 342 78.04 23.63 19.16
C ASP F 342 78.54 22.43 19.97
N HIS F 343 77.62 21.52 20.26
CA HIS F 343 77.91 20.32 21.06
C HIS F 343 77.22 19.11 20.46
N THR F 344 77.81 17.93 20.68
CA THR F 344 77.18 16.67 20.30
C THR F 344 76.21 16.27 21.40
N ALA F 345 75.42 15.23 21.12
CA ALA F 345 74.50 14.70 22.13
C ALA F 345 75.27 14.06 23.29
N LEU F 346 76.33 13.33 22.97
CA LEU F 346 77.25 12.80 24.00
C LEU F 346 77.86 13.90 24.86
N ASP F 347 78.34 14.97 24.23
CA ASP F 347 78.80 16.17 24.96
C ASP F 347 77.76 16.66 26.00
N LEU F 348 76.51 16.82 25.56
CA LEU F 348 75.43 17.33 26.41
C LEU F 348 75.11 16.40 27.58
N LEU F 349 75.15 15.10 27.33
CA LEU F 349 74.85 14.13 28.37
C LEU F 349 76.06 13.77 29.24
N SER F 350 77.24 14.20 28.81
CA SER F 350 78.52 13.86 29.47
C SER F 350 78.45 13.84 30.99
N LYS F 351 78.09 14.98 31.59
CA LYS F 351 78.01 15.10 33.04
C LYS F 351 77.04 14.08 33.65
N ALA F 352 75.81 14.04 33.12
CA ALA F 352 74.77 13.14 33.61
C ALA F 352 75.20 11.68 33.54
N ILE F 353 75.76 11.29 32.42
CA ILE F 353 76.29 9.92 32.24
C ILE F 353 77.39 9.59 33.27
N GLU F 354 78.36 10.51 33.41
CA GLU F 354 79.46 10.36 34.39
C GLU F 354 78.95 10.18 35.82
N HIS F 355 77.97 10.98 36.22
CA HIS F 355 77.37 10.87 37.55
C HIS F 355 76.61 9.55 37.76
N CYS F 356 75.86 9.14 36.75
CA CYS F 356 75.09 7.90 36.84
C CYS F 356 76.02 6.69 36.95
N LYS F 357 77.12 6.69 36.19
CA LYS F 357 78.09 5.60 36.24
C LYS F 357 78.89 5.60 37.55
N ARG F 358 79.34 6.77 37.99
CA ARG F 358 80.11 6.90 39.22
C ARG F 358 79.31 6.51 40.47
N HIS F 359 78.01 6.79 40.46
CA HIS F 359 77.15 6.44 41.58
C HIS F 359 76.86 4.93 41.69
N GLN F 360 76.81 4.25 40.55
CA GLN F 360 76.55 2.81 40.52
C GLN F 360 77.66 2.00 41.19
N THR G 2 -46.71 27.88 -16.42
CA THR G 2 -47.42 28.08 -15.11
C THR G 2 -46.46 28.56 -14.00
N GLN G 3 -46.82 29.65 -13.32
CA GLN G 3 -45.94 30.33 -12.36
C GLN G 3 -45.83 29.55 -11.06
N CYS G 4 -44.59 29.33 -10.62
CA CYS G 4 -44.32 28.56 -9.41
C CYS G 4 -43.47 29.36 -8.46
N TYR G 5 -43.38 28.88 -7.22
CA TYR G 5 -42.67 29.56 -6.16
C TYR G 5 -41.95 28.59 -5.24
N ALA G 6 -40.94 29.11 -4.54
CA ALA G 6 -40.14 28.27 -3.62
C ALA G 6 -40.39 28.73 -2.20
N GLU G 7 -41.30 28.05 -1.54
CA GLU G 7 -41.69 28.39 -0.18
C GLU G 7 -40.65 27.94 0.82
N ILE G 8 -40.40 28.77 1.83
CA ILE G 8 -39.48 28.38 2.88
C ILE G 8 -40.26 27.56 3.87
N THR G 9 -40.06 26.24 3.83
CA THR G 9 -40.84 25.34 4.67
C THR G 9 -40.03 24.80 5.86
N GLY G 10 -38.74 25.06 5.89
CA GLY G 10 -37.88 24.55 6.96
C GLY G 10 -36.75 25.53 7.24
N TRP G 11 -36.37 25.63 8.51
CA TRP G 11 -35.32 26.52 8.96
C TRP G 11 -34.57 25.85 10.11
N GLY G 12 -33.29 26.18 10.24
CA GLY G 12 -32.44 25.53 11.24
C GLY G 12 -31.12 26.24 11.39
N LYS G 13 -30.46 26.04 12.53
CA LYS G 13 -29.21 26.71 12.81
C LYS G 13 -28.25 25.76 13.53
N CYS G 14 -26.96 26.07 13.47
CA CYS G 14 -25.99 25.37 14.29
C CYS G 14 -24.97 26.41 14.71
N LEU G 15 -24.97 26.70 16.01
CA LEU G 15 -23.94 27.52 16.63
C LEU G 15 -23.04 26.60 17.48
N PRO G 16 -21.72 26.64 17.25
CA PRO G 16 -20.84 25.86 18.13
C PRO G 16 -20.79 26.47 19.53
N PRO G 17 -20.53 25.64 20.56
CA PRO G 17 -20.71 26.09 21.94
C PRO G 17 -19.60 27.01 22.50
N ALA G 18 -18.36 26.85 22.04
CA ALA G 18 -17.24 27.63 22.60
C ALA G 18 -17.38 29.11 22.27
N THR G 19 -17.39 29.94 23.31
CA THR G 19 -17.76 31.35 23.19
C THR G 19 -16.55 32.25 23.47
N LEU G 20 -16.24 33.12 22.51
CA LEU G 20 -15.16 34.09 22.66
C LEU G 20 -15.77 35.46 23.01
N SER G 21 -15.52 35.92 24.23
CA SER G 21 -16.06 37.18 24.72
C SER G 21 -15.15 38.32 24.34
N ASN G 22 -15.65 39.55 24.46
CA ASN G 22 -14.84 40.72 24.18
C ASN G 22 -13.67 40.84 25.14
N HIS G 23 -13.91 40.48 26.40
CA HIS G 23 -12.86 40.45 27.41
C HIS G 23 -11.78 39.43 27.04
N ASP G 24 -12.19 38.25 26.55
CA ASP G 24 -11.22 37.23 26.08
C ASP G 24 -10.23 37.81 25.07
N LEU G 25 -10.76 38.55 24.10
CA LEU G 25 -9.93 39.21 23.09
C LEU G 25 -9.05 40.28 23.71
N SER G 26 -9.54 40.91 24.77
CA SER G 26 -8.83 41.98 25.46
C SER G 26 -7.54 41.53 26.15
N THR G 27 -7.41 40.23 26.41
CA THR G 27 -6.25 39.70 27.12
C THR G 27 -5.01 39.57 26.23
N PHE G 28 -5.21 39.41 24.91
CA PHE G 28 -4.07 39.23 23.99
C PHE G 28 -4.02 40.30 22.88
N LEU G 29 -4.81 41.36 23.03
CA LEU G 29 -4.99 42.35 21.97
C LEU G 29 -5.29 43.74 22.56
N ASP G 30 -4.77 44.79 21.91
CA ASP G 30 -5.01 46.16 22.38
C ASP G 30 -6.43 46.64 22.03
N THR G 31 -7.42 46.05 22.69
CA THR G 31 -8.82 46.39 22.47
C THR G 31 -9.62 46.20 23.78
N SER G 32 -10.91 46.56 23.74
CA SER G 32 -11.76 46.51 24.92
C SER G 32 -13.19 46.17 24.57
N ASP G 33 -13.92 45.61 25.54
CA ASP G 33 -15.36 45.40 25.42
C ASP G 33 -16.10 46.71 25.12
N GLU G 34 -15.66 47.81 25.72
CA GLU G 34 -16.28 49.11 25.52
C GLU G 34 -16.18 49.56 24.06
N TRP G 35 -14.99 49.45 23.47
CA TRP G 35 -14.79 49.86 22.08
C TRP G 35 -15.58 48.96 21.12
N ILE G 36 -15.48 47.65 21.33
CA ILE G 36 -16.09 46.68 20.42
C ILE G 36 -17.60 46.76 20.44
N GLN G 37 -18.19 46.79 21.64
CA GLN G 37 -19.63 46.82 21.79
C GLN G 37 -20.23 48.13 21.26
N SER G 38 -19.54 49.24 21.49
CA SER G 38 -20.06 50.55 21.06
C SER G 38 -19.92 50.78 19.54
N ARG G 39 -18.82 50.29 18.95
CA ARG G 39 -18.57 50.47 17.51
C ARG G 39 -19.32 49.44 16.65
N THR G 40 -19.42 48.21 17.15
CA THR G 40 -19.94 47.08 16.34
C THR G 40 -21.25 46.45 16.86
N GLY G 41 -21.51 46.57 18.15
CA GLY G 41 -22.61 45.85 18.79
C GLY G 41 -22.28 44.45 19.28
N ILE G 42 -21.11 43.93 18.89
CA ILE G 42 -20.76 42.54 19.19
C ILE G 42 -20.30 42.44 20.63
N GLU G 43 -20.78 41.40 21.34
CA GLU G 43 -20.34 41.09 22.69
C GLU G 43 -19.66 39.71 22.76
N GLN G 44 -20.19 38.76 21.98
CA GLN G 44 -19.66 37.40 21.93
C GLN G 44 -19.66 36.91 20.48
N ARG G 45 -18.81 35.92 20.21
CA ARG G 45 -18.92 35.10 18.99
C ARG G 45 -18.61 33.67 19.34
N ARG G 46 -18.98 32.78 18.43
CA ARG G 46 -18.73 31.37 18.62
C ARG G 46 -17.52 30.95 17.81
N ILE G 47 -16.78 30.00 18.34
CA ILE G 47 -15.56 29.48 17.71
C ILE G 47 -15.73 27.98 17.59
N SER G 48 -15.67 27.49 16.37
CA SER G 48 -15.99 26.09 16.09
C SER G 48 -14.81 25.16 16.42
N HIS G 49 -15.14 24.02 17.01
CA HIS G 49 -14.20 22.93 17.25
C HIS G 49 -14.33 21.86 16.16
N VAL G 50 -15.24 22.09 15.20
CA VAL G 50 -15.46 21.17 14.08
C VAL G 50 -15.35 21.92 12.77
N ASN G 51 -15.32 21.17 11.67
CA ASN G 51 -15.24 21.75 10.33
C ASN G 51 -16.53 22.40 9.85
N THR G 52 -16.41 23.23 8.80
CA THR G 52 -17.57 23.94 8.27
C THR G 52 -18.70 22.98 7.87
N SER G 53 -18.33 21.90 7.17
CA SER G 53 -19.32 20.90 6.75
C SER G 53 -20.12 20.31 7.93
N ASP G 54 -19.51 20.17 9.11
CA ASP G 54 -20.21 19.63 10.29
C ASP G 54 -21.26 20.62 10.81
N LEU G 55 -20.91 21.90 10.90
CA LEU G 55 -21.87 22.94 11.25
C LEU G 55 -23.01 22.94 10.23
N ALA G 56 -22.68 22.90 8.95
CA ALA G 56 -23.68 22.91 7.88
C ALA G 56 -24.63 21.71 7.96
N THR G 57 -24.09 20.56 8.37
CA THR G 57 -24.85 19.31 8.45
C THR G 57 -25.91 19.35 9.55
N VAL G 58 -25.53 19.90 10.69
CA VAL G 58 -26.46 19.99 11.82
C VAL G 58 -27.59 20.97 11.51
N ALA G 59 -27.27 22.11 10.93
CA ALA G 59 -28.30 23.10 10.59
C ALA G 59 -29.28 22.53 9.58
N ALA G 60 -28.76 21.82 8.58
CA ALA G 60 -29.58 21.18 7.58
C ALA G 60 -30.50 20.15 8.20
N GLN G 61 -29.96 19.31 9.07
CA GLN G 61 -30.75 18.34 9.82
C GLN G 61 -31.91 19.00 10.57
N HIS G 62 -31.66 20.14 11.20
CA HIS G 62 -32.75 20.84 11.88
C HIS G 62 -33.79 21.36 10.89
N ALA G 63 -33.34 21.84 9.75
CA ALA G 63 -34.22 22.42 8.74
C ALA G 63 -35.12 21.38 8.08
N ILE G 64 -34.54 20.20 7.81
CA ILE G 64 -35.27 19.08 7.23
C ILE G 64 -36.36 18.56 8.17
N ALA G 65 -36.02 18.40 9.45
CA ALA G 65 -37.00 18.05 10.47
C ALA G 65 -38.07 19.13 10.57
N CYS G 66 -37.64 20.39 10.48
CA CYS G 66 -38.58 21.49 10.58
C CYS G 66 -39.55 21.50 9.39
N ALA G 67 -39.07 21.17 8.20
CA ALA G 67 -39.93 21.05 7.01
C ALA G 67 -40.72 19.76 6.90
N GLY G 68 -40.29 18.71 7.62
CA GLY G 68 -40.96 17.43 7.55
C GLY G 68 -40.74 16.72 6.23
N VAL G 69 -39.68 17.10 5.51
CA VAL G 69 -39.34 16.48 4.24
C VAL G 69 -38.39 15.30 4.46
N SER G 70 -38.49 14.30 3.60
CA SER G 70 -37.59 13.18 3.65
C SER G 70 -36.38 13.47 2.79
N VAL G 71 -35.25 12.90 3.17
CA VAL G 71 -33.99 13.09 2.46
C VAL G 71 -34.07 12.72 0.97
N GLU G 72 -34.93 11.77 0.61
CA GLU G 72 -35.13 11.41 -0.81
C GLU G 72 -35.90 12.43 -1.65
N GLU G 73 -36.52 13.42 -1.01
CA GLU G 73 -37.24 14.47 -1.71
C GLU G 73 -36.34 15.65 -2.11
N ILE G 74 -35.16 15.74 -1.50
CA ILE G 74 -34.26 16.87 -1.72
C ILE G 74 -33.59 16.68 -3.09
N ASP G 75 -33.75 17.68 -3.96
CA ASP G 75 -33.25 17.67 -5.33
C ASP G 75 -32.04 18.57 -5.56
N LEU G 76 -31.74 19.41 -4.59
CA LEU G 76 -30.75 20.45 -4.77
C LEU G 76 -30.20 20.89 -3.43
N ILE G 77 -28.88 20.99 -3.34
CA ILE G 77 -28.23 21.41 -2.11
C ILE G 77 -27.23 22.47 -2.47
N ILE G 78 -27.40 23.67 -1.91
CA ILE G 78 -26.44 24.73 -2.11
C ILE G 78 -25.86 25.08 -0.74
N VAL G 79 -24.54 25.10 -0.66
CA VAL G 79 -23.88 25.54 0.55
C VAL G 79 -23.16 26.82 0.21
N ALA G 80 -23.61 27.91 0.82
CA ALA G 80 -22.93 29.17 0.69
C ALA G 80 -21.85 29.26 1.76
N THR G 81 -20.61 29.38 1.31
CA THR G 81 -19.47 29.46 2.23
C THR G 81 -18.29 30.05 1.50
N CYS G 82 -17.43 30.73 2.27
CA CYS G 82 -16.11 31.10 1.81
C CYS G 82 -15.04 30.46 2.72
N SER G 83 -15.43 29.45 3.51
CA SER G 83 -14.49 28.74 4.37
C SER G 83 -14.72 27.25 4.32
N PRO G 84 -14.75 26.68 3.11
CA PRO G 84 -15.02 25.24 2.99
C PRO G 84 -13.86 24.38 3.50
N ASP G 85 -14.20 23.25 4.11
CA ASP G 85 -13.24 22.23 4.53
C ASP G 85 -12.23 21.92 3.43
N SER G 86 -12.78 21.71 2.23
CA SER G 86 -12.01 21.32 1.08
C SER G 86 -12.60 21.95 -0.17
N LEU G 87 -11.78 22.04 -1.22
CA LEU G 87 -12.20 22.52 -2.53
C LEU G 87 -12.44 21.38 -3.49
N ILE G 88 -11.69 20.29 -3.32
CA ILE G 88 -11.95 19.04 -4.03
C ILE G 88 -12.16 17.93 -3.01
N PRO G 89 -13.40 17.43 -2.86
CA PRO G 89 -14.64 17.88 -3.51
C PRO G 89 -15.22 19.06 -2.78
N ASN G 90 -16.40 19.51 -3.23
CA ASN G 90 -17.13 20.57 -2.57
C ASN G 90 -17.74 20.04 -1.27
N ILE G 91 -18.05 20.93 -0.34
CA ILE G 91 -18.67 20.50 0.91
C ILE G 91 -20.19 20.34 0.86
N ALA G 92 -20.87 20.84 -0.17
CA ALA G 92 -22.28 20.48 -0.37
C ALA G 92 -22.41 18.96 -0.52
N SER G 93 -21.44 18.32 -1.17
CA SER G 93 -21.45 16.84 -1.31
C SER G 93 -21.16 16.11 0.01
N ARG G 94 -20.39 16.73 0.89
CA ARG G 94 -20.15 16.17 2.22
C ARG G 94 -21.43 16.21 3.05
N VAL G 95 -22.11 17.35 3.02
CA VAL G 95 -23.43 17.46 3.66
C VAL G 95 -24.40 16.42 3.11
N GLN G 96 -24.43 16.29 1.80
CA GLN G 96 -25.22 15.26 1.13
C GLN G 96 -24.88 13.85 1.61
N GLN G 97 -23.58 13.56 1.70
CA GLN G 97 -23.10 12.26 2.14
C GLN G 97 -23.50 12.02 3.61
N ASN G 98 -23.32 13.02 4.46
CA ASN G 98 -23.70 12.89 5.87
C ASN G 98 -25.21 12.62 6.06
N LEU G 99 -26.05 13.26 5.25
CA LEU G 99 -27.49 13.11 5.40
C LEU G 99 -28.07 11.93 4.64
N GLY G 100 -27.30 11.30 3.77
CA GLY G 100 -27.83 10.22 2.96
C GLY G 100 -28.85 10.68 1.92
N ILE G 101 -28.70 11.90 1.40
CA ILE G 101 -29.54 12.38 0.30
C ILE G 101 -29.04 11.82 -1.02
N PRO G 102 -29.89 11.07 -1.76
CA PRO G 102 -29.44 10.50 -3.02
C PRO G 102 -29.58 11.49 -4.17
N SER G 103 -28.62 11.49 -5.08
CA SER G 103 -28.73 12.06 -6.43
C SER G 103 -28.82 13.59 -6.58
N ALA G 104 -29.22 14.31 -5.54
CA ALA G 104 -29.39 15.77 -5.64
C ALA G 104 -28.20 16.51 -6.23
N ALA G 105 -28.47 17.53 -7.03
CA ALA G 105 -27.46 18.47 -7.41
C ALA G 105 -26.90 19.11 -6.13
N ALA G 106 -25.58 19.26 -6.07
CA ALA G 106 -24.92 19.78 -4.90
C ALA G 106 -23.70 20.62 -5.28
N PHE G 107 -23.75 21.91 -4.96
CA PHE G 107 -22.61 22.76 -5.15
C PHE G 107 -22.41 23.77 -4.04
N ASP G 108 -21.17 24.26 -3.97
CA ASP G 108 -20.81 25.35 -3.09
C ASP G 108 -20.87 26.64 -3.87
N LEU G 109 -21.32 27.69 -3.21
CA LEU G 109 -21.42 28.98 -3.81
C LEU G 109 -20.62 29.93 -2.97
N ASN G 110 -19.77 30.72 -3.61
CA ASN G 110 -18.99 31.74 -2.91
C ASN G 110 -19.32 33.14 -3.39
N ALA G 111 -20.03 33.88 -2.54
CA ALA G 111 -20.22 35.31 -2.67
C ALA G 111 -19.97 35.99 -1.32
N ALA G 112 -19.06 35.40 -0.53
CA ALA G 112 -18.73 35.90 0.78
C ALA G 112 -20.00 36.11 1.64
N SCY G 113 -20.11 37.24 2.32
CA SCY G 113 -21.19 37.45 3.28
CB SCY G 113 -20.86 38.73 4.09
SG SCY G 113 -19.52 38.57 5.25
CD SCY G 113 -18.11 39.01 4.48
OCD SCY G 113 -18.10 39.15 3.28
CE SCY G 113 -16.86 39.18 5.29
C SCY G 113 -22.55 37.54 2.64
O SCY G 113 -23.57 37.37 3.32
N THR G 114 -22.62 37.82 1.35
CA THR G 114 -23.89 37.86 0.65
C THR G 114 -24.30 36.48 0.12
N GLY G 115 -23.49 35.48 0.42
CA GLY G 115 -23.69 34.12 -0.09
C GLY G 115 -25.05 33.48 0.12
N PHE G 116 -25.68 33.71 1.26
CA PHE G 116 -26.99 33.09 1.50
C PHE G 116 -28.07 33.69 0.59
N LEU G 117 -28.02 34.99 0.40
CA LEU G 117 -28.94 35.66 -0.51
C LEU G 117 -28.79 35.18 -1.92
N TYR G 118 -27.54 35.12 -2.37
CA TYR G 118 -27.20 34.57 -3.68
C TYR G 118 -27.75 33.17 -3.82
N GLY G 119 -27.63 32.39 -2.75
CA GLY G 119 -28.02 30.99 -2.77
C GLY G 119 -29.53 30.80 -2.77
N LEU G 120 -30.22 31.67 -2.04
CA LEU G 120 -31.67 31.66 -1.97
C LEU G 120 -32.25 32.05 -3.32
N GLU G 121 -31.70 33.10 -3.91
CA GLU G 121 -32.05 33.54 -5.26
C GLU G 121 -31.82 32.44 -6.30
N THR G 122 -30.63 31.88 -6.29
CA THR G 122 -30.29 30.82 -7.22
C THR G 122 -31.17 29.58 -7.10
N ALA G 123 -31.37 29.10 -5.88
CA ALA G 123 -32.22 27.96 -5.64
C ALA G 123 -33.65 28.29 -6.08
N THR G 124 -34.12 29.48 -5.74
CA THR G 124 -35.49 29.88 -6.07
C THR G 124 -35.71 29.90 -7.57
N ARG G 125 -34.76 30.44 -8.32
CA ARG G 125 -34.87 30.49 -9.76
C ARG G 125 -34.70 29.14 -10.44
N LEU G 126 -33.79 28.31 -9.92
CA LEU G 126 -33.69 26.94 -10.39
C LEU G 126 -35.01 26.18 -10.24
N MET G 127 -35.67 26.32 -9.09
CA MET G 127 -36.95 25.68 -8.84
C MET G 127 -38.08 26.21 -9.73
N GLN G 128 -38.08 27.50 -10.04
CA GLN G 128 -39.16 28.10 -10.80
C GLN G 128 -39.04 27.74 -12.28
N ALA G 129 -37.82 27.65 -12.77
CA ALA G 129 -37.56 27.48 -14.18
C ALA G 129 -37.35 26.02 -14.55
N SER G 130 -37.18 25.14 -13.58
CA SER G 130 -36.87 23.77 -13.92
C SER G 130 -37.40 22.82 -12.89
N HIS G 131 -36.96 21.57 -12.98
CA HIS G 131 -37.51 20.45 -12.20
C HIS G 131 -36.67 20.19 -10.93
N TYR G 132 -36.77 21.08 -9.97
CA TYR G 132 -36.25 20.87 -8.63
C TYR G 132 -37.43 21.19 -7.73
N ARG G 133 -37.88 20.22 -6.94
CA ARG G 133 -39.09 20.35 -6.12
C ARG G 133 -38.78 20.73 -4.70
N HIS G 134 -37.64 20.32 -4.18
CA HIS G 134 -37.22 20.69 -2.84
C HIS G 134 -35.74 21.01 -2.85
N ALA G 135 -35.37 22.07 -2.15
CA ALA G 135 -33.99 22.46 -2.09
C ALA G 135 -33.55 22.62 -0.65
N LEU G 136 -32.26 22.46 -0.41
CA LEU G 136 -31.65 22.79 0.86
C LEU G 136 -30.62 23.87 0.59
N VAL G 137 -30.77 25.02 1.26
CA VAL G 137 -29.84 26.14 1.09
C VAL G 137 -29.26 26.47 2.46
N ILE G 138 -27.92 26.48 2.54
CA ILE G 138 -27.22 26.52 3.81
C ILE G 138 -26.16 27.58 3.71
N GLY G 139 -26.09 28.45 4.70
CA GLY G 139 -24.96 29.34 4.86
C GLY G 139 -24.15 28.82 6.02
N ALA G 140 -22.87 28.54 5.80
CA ALA G 140 -22.02 27.90 6.83
C ALA G 140 -20.60 28.41 6.77
N GLU G 141 -20.08 28.79 7.94
CA GLU G 141 -18.76 29.39 7.98
C GLU G 141 -17.98 28.99 9.21
N ARG G 142 -16.67 28.87 9.02
CA ARG G 142 -15.72 28.75 10.09
C ARG G 142 -14.64 29.80 9.82
N LEU G 143 -15.01 31.06 10.02
CA LEU G 143 -14.11 32.18 9.74
C LEU G 143 -12.92 32.24 10.70
N SER G 144 -13.04 31.61 11.86
CA SER G 144 -11.92 31.59 12.82
C SER G 144 -10.66 30.99 12.19
N PHE G 145 -10.81 30.10 11.22
CA PHE G 145 -9.67 29.60 10.44
C PHE G 145 -8.78 30.71 9.87
N TYR G 146 -9.39 31.81 9.43
CA TYR G 146 -8.69 32.85 8.67
C TYR G 146 -8.02 33.94 9.49
N LEU G 147 -8.42 34.12 10.73
CA LEU G 147 -8.09 35.38 11.42
C LEU G 147 -6.62 35.55 11.78
N ASP G 148 -6.17 36.80 11.71
CA ASP G 148 -4.84 37.21 12.13
C ASP G 148 -4.98 37.68 13.57
N TRP G 149 -4.48 36.85 14.49
CA TRP G 149 -4.69 37.09 15.92
C TRP G 149 -3.82 38.22 16.50
N THR G 150 -3.01 38.86 15.66
CA THR G 150 -2.30 40.08 16.03
C THR G 150 -3.01 41.36 15.54
N LYS G 151 -4.09 41.19 14.77
CA LYS G 151 -4.77 42.30 14.11
C LYS G 151 -6.17 42.54 14.67
N ARG G 152 -6.26 43.51 15.57
CA ARG G 152 -7.49 43.82 16.28
C ARG G 152 -8.64 44.27 15.38
N ASP G 153 -8.32 44.89 14.25
CA ASP G 153 -9.32 45.47 13.36
C ASP G 153 -10.34 44.42 12.88
N THR G 154 -9.83 43.22 12.59
CA THR G 154 -10.64 42.13 12.04
C THR G 154 -10.89 41.00 13.02
N ALA G 155 -9.95 40.77 13.94
CA ALA G 155 -10.03 39.64 14.87
C ALA G 155 -11.24 39.66 15.80
N VAL G 156 -11.83 40.82 16.02
CA VAL G 156 -12.98 40.97 16.92
C VAL G 156 -14.35 40.96 16.21
N LEU G 157 -14.35 40.84 14.88
CA LEU G 157 -15.59 41.03 14.10
C LEU G 157 -16.30 39.74 13.71
N PHE G 158 -15.54 38.65 13.63
CA PHE G 158 -15.99 37.46 12.93
C PHE G 158 -16.17 36.26 13.84
N GLY G 159 -17.16 35.44 13.51
CA GLY G 159 -17.43 34.21 14.23
C GLY G 159 -17.74 33.04 13.33
N ASP G 160 -18.09 31.91 13.95
CA ASP G 160 -18.37 30.67 13.23
C ASP G 160 -19.83 30.29 13.42
N GLY G 161 -20.39 29.59 12.44
CA GLY G 161 -21.78 29.09 12.54
C GLY G 161 -22.37 28.68 11.19
N ALA G 162 -23.56 28.06 11.25
CA ALA G 162 -24.32 27.68 10.07
C ALA G 162 -25.82 27.90 10.25
N GLY G 163 -26.49 28.29 9.17
CA GLY G 163 -27.95 28.36 9.12
C GLY G 163 -28.45 27.76 7.82
N ALA G 164 -29.62 27.13 7.86
CA ALA G 164 -30.16 26.44 6.69
C ALA G 164 -31.64 26.71 6.49
N VAL G 165 -32.08 26.65 5.24
CA VAL G 165 -33.50 26.55 4.93
C VAL G 165 -33.80 25.40 4.00
N VAL G 166 -35.03 24.91 4.08
CA VAL G 166 -35.54 23.97 3.11
C VAL G 166 -36.59 24.74 2.31
N LEU G 167 -36.53 24.61 0.99
CA LEU G 167 -37.46 25.24 0.09
C LEU G 167 -38.33 24.17 -0.56
N SER G 168 -39.62 24.46 -0.70
CA SER G 168 -40.58 23.52 -1.31
C SER G 168 -41.38 24.22 -2.39
N LYS G 169 -41.44 23.57 -3.55
CA LYS G 169 -42.08 24.17 -4.71
C LYS G 169 -43.60 24.21 -4.53
N THR G 170 -44.21 25.32 -4.91
CA THR G 170 -45.66 25.52 -4.71
C THR G 170 -46.18 26.53 -5.73
N GLU G 171 -47.51 26.54 -5.92
CA GLU G 171 -48.16 27.55 -6.76
C GLU G 171 -48.57 28.78 -5.96
N GLN G 172 -48.58 28.67 -4.63
CA GLN G 172 -48.89 29.82 -3.79
C GLN G 172 -47.75 30.84 -3.87
N LYS G 173 -48.12 32.10 -3.82
CA LYS G 173 -47.18 33.21 -4.01
C LYS G 173 -46.44 33.51 -2.70
N VAL G 174 -45.46 32.66 -2.41
CA VAL G 174 -44.73 32.71 -1.14
C VAL G 174 -43.25 32.52 -1.41
N GLY G 175 -42.44 32.68 -0.39
CA GLY G 175 -41.00 32.54 -0.53
C GLY G 175 -40.44 33.80 -1.13
N LEU G 176 -39.23 33.71 -1.66
CA LEU G 176 -38.55 34.84 -2.26
C LEU G 176 -39.31 35.29 -3.51
N GLN G 177 -39.65 36.58 -3.52
CA GLN G 177 -40.35 37.21 -4.63
C GLN G 177 -39.29 37.92 -5.47
N ASP G 178 -39.26 39.25 -5.49
CA ASP G 178 -38.20 39.91 -6.25
C ASP G 178 -36.92 39.93 -5.43
N ALA G 179 -35.79 39.91 -6.12
CA ALA G 179 -34.50 39.96 -5.48
C ALA G 179 -33.57 40.75 -6.36
N GLN G 180 -32.68 41.51 -5.73
CA GLN G 180 -31.68 42.28 -6.45
C GLN G 180 -30.34 41.98 -5.84
N ILE G 181 -29.52 41.22 -6.57
CA ILE G 181 -28.17 40.91 -6.09
C ILE G 181 -27.16 41.45 -7.07
N GLY G 182 -25.97 41.74 -6.59
CA GLY G 182 -24.97 42.35 -7.43
C GLY G 182 -23.60 42.37 -6.80
N CYS G 183 -22.69 43.11 -7.41
CA CYS G 183 -21.33 43.21 -6.94
C CYS G 183 -20.72 44.49 -7.48
N ASP G 184 -20.13 45.26 -6.57
CA ASP G 184 -19.41 46.49 -6.92
C ASP G 184 -17.93 46.14 -6.86
N ALA G 185 -17.42 45.70 -8.00
CA ALA G 185 -16.10 45.05 -8.06
C ALA G 185 -14.94 46.03 -7.96
N GLN G 186 -15.18 47.32 -8.19
CA GLN G 186 -14.08 48.28 -8.11
C GLN G 186 -13.56 48.42 -6.67
N GLY G 187 -14.38 48.10 -5.68
CA GLY G 187 -13.97 48.15 -4.28
C GLY G 187 -13.52 46.82 -3.71
N ARG G 188 -13.13 45.90 -4.59
CA ARG G 188 -12.79 44.53 -4.23
C ARG G 188 -11.62 44.42 -3.25
N ASP G 189 -10.70 45.38 -3.30
CA ASP G 189 -9.44 45.26 -2.55
C ASP G 189 -9.55 45.65 -1.06
N ILE G 190 -10.66 46.25 -0.66
CA ILE G 190 -10.79 46.77 0.71
C ILE G 190 -11.23 45.71 1.72
N LEU G 191 -11.53 44.51 1.24
CA LEU G 191 -11.98 43.42 2.10
C LEU G 191 -11.60 42.09 1.44
N ALA G 192 -10.45 41.56 1.87
CA ALA G 192 -9.77 40.50 1.15
C ALA G 192 -8.73 39.76 1.99
N VAL G 193 -8.63 38.45 1.76
CA VAL G 193 -7.50 37.63 2.19
C VAL G 193 -6.84 37.10 0.92
N PRO G 194 -5.98 37.91 0.28
CA PRO G 194 -5.54 37.52 -1.07
C PRO G 194 -4.66 36.27 -1.15
N LYS G 195 -4.05 35.87 -0.04
CA LYS G 195 -3.06 34.80 -0.04
C LYS G 195 -3.50 33.54 0.70
N PHE G 196 -4.82 33.32 0.81
CA PHE G 196 -5.30 31.96 0.98
C PHE G 196 -6.11 31.53 -0.25
N GLY G 197 -5.63 30.47 -0.89
CA GLY G 197 -6.17 29.97 -2.15
C GLY G 197 -5.01 29.61 -3.04
N THR G 198 -5.26 29.46 -4.34
CA THR G 198 -4.24 28.98 -5.26
C THR G 198 -3.19 30.03 -5.60
N ALA G 199 -3.42 31.28 -5.17
CA ALA G 199 -2.42 32.33 -5.30
C ALA G 199 -1.30 32.21 -4.27
N MET G 200 -1.51 31.41 -3.24
CA MET G 200 -0.53 31.27 -2.16
C MET G 200 0.62 30.36 -2.59
N ASP G 201 1.79 30.58 -1.99
CA ASP G 201 2.96 29.71 -2.18
C ASP G 201 2.77 28.46 -1.33
N ARG G 202 2.53 27.34 -1.99
CA ARG G 202 2.12 26.10 -1.34
C ARG G 202 3.20 25.51 -0.44
N PHE G 203 4.46 25.78 -0.77
CA PHE G 203 5.59 25.18 -0.06
C PHE G 203 6.39 26.16 0.78
N ASP G 204 5.89 27.39 0.93
CA ASP G 204 6.48 28.34 1.86
C ASP G 204 5.96 28.03 3.27
N ALA G 205 6.89 27.89 4.21
CA ALA G 205 6.54 27.57 5.60
C ALA G 205 5.85 28.73 6.33
N ASP G 206 6.03 29.96 5.83
CA ASP G 206 5.34 31.14 6.34
C ASP G 206 4.00 31.45 5.63
N ASN G 207 3.51 30.55 4.78
CA ASN G 207 2.32 30.85 3.98
C ASN G 207 1.03 30.97 4.80
N GLY G 208 1.08 30.53 6.06
CA GLY G 208 -0.04 30.70 6.99
C GLY G 208 -0.20 32.09 7.56
N TYR G 209 0.82 32.94 7.44
CA TYR G 209 0.80 34.26 8.07
C TYR G 209 0.35 35.33 7.07
N TRP G 210 -0.88 35.16 6.59
CA TRP G 210 -1.43 35.99 5.49
C TRP G 210 -2.08 37.28 6.02
N ALA G 211 -2.13 38.30 5.17
CA ALA G 211 -2.78 39.55 5.50
C ALA G 211 -4.30 39.47 5.29
N PHE G 212 -5.04 40.07 6.22
CA PHE G 212 -6.46 40.26 6.10
C PHE G 212 -6.71 41.76 5.90
N ASP G 213 -6.70 42.19 4.64
CA ASP G 213 -6.94 43.59 4.28
C ASP G 213 -8.39 43.97 4.59
N PHE G 214 -8.55 45.12 5.23
CA PHE G 214 -9.83 45.51 5.79
C PHE G 214 -9.85 47.01 6.06
N VAL G 215 -10.53 47.76 5.18
CA VAL G 215 -10.67 49.20 5.36
C VAL G 215 -12.08 49.44 5.92
N GLY G 216 -12.19 49.36 7.24
CA GLY G 216 -13.48 49.39 7.94
C GLY G 216 -14.43 50.50 7.53
N LYS G 217 -13.88 51.70 7.37
CA LYS G 217 -14.66 52.89 7.11
C LYS G 217 -15.28 52.89 5.70
N GLU G 218 -14.48 52.52 4.70
CA GLU G 218 -14.96 52.42 3.32
C GLU G 218 -15.99 51.30 3.18
N ILE G 219 -15.73 50.20 3.86
CA ILE G 219 -16.66 49.07 3.89
C ILE G 219 -18.00 49.50 4.48
N PHE G 220 -17.93 50.21 5.60
CA PHE G 220 -19.13 50.68 6.27
C PHE G 220 -19.97 51.50 5.29
N LYS G 221 -19.33 52.47 4.65
CA LYS G 221 -20.01 53.40 3.77
C LYS G 221 -20.64 52.69 2.56
N ARG G 222 -19.85 51.89 1.86
CA ARG G 222 -20.31 51.19 0.66
C ARG G 222 -21.41 50.17 0.95
N ALA G 223 -21.38 49.58 2.13
CA ALA G 223 -22.38 48.60 2.55
C ALA G 223 -23.74 49.24 2.75
N VAL G 224 -23.77 50.39 3.43
CA VAL G 224 -25.00 51.14 3.61
C VAL G 224 -25.63 51.51 2.26
N ARG G 225 -24.79 52.00 1.35
CA ARG G 225 -25.23 52.44 0.02
C ARG G 225 -25.67 51.28 -0.84
N GLY G 226 -24.91 50.20 -0.80
CA GLY G 226 -25.17 49.04 -1.64
C GLY G 226 -26.45 48.34 -1.24
N MET G 227 -26.56 48.01 0.04
CA MET G 227 -27.76 47.37 0.55
C MET G 227 -28.96 48.28 0.39
N GLY G 228 -28.76 49.58 0.67
CA GLY G 228 -29.83 50.57 0.59
C GLY G 228 -30.43 50.63 -0.79
N ALA G 229 -29.58 50.80 -1.79
CA ALA G 229 -30.02 50.85 -3.18
C ALA G 229 -30.71 49.57 -3.60
N ALA G 230 -30.18 48.45 -3.18
CA ALA G 230 -30.74 47.13 -3.55
C ALA G 230 -32.13 46.95 -2.95
N ALA G 231 -32.26 47.32 -1.68
CA ALA G 231 -33.55 47.27 -0.98
C ALA G 231 -34.60 48.18 -1.65
N GLN G 232 -34.18 49.38 -2.02
CA GLN G 232 -35.07 50.30 -2.75
C GLN G 232 -35.58 49.72 -4.07
N GLN G 233 -34.68 49.10 -4.83
CA GLN G 233 -35.07 48.44 -6.08
C GLN G 233 -36.08 47.34 -5.81
N VAL G 234 -35.84 46.56 -4.78
CA VAL G 234 -36.75 45.48 -4.44
C VAL G 234 -38.11 46.04 -4.08
N LEU G 235 -38.13 47.03 -3.20
CA LEU G 235 -39.38 47.59 -2.76
C LEU G 235 -40.12 48.24 -3.92
N ALA G 236 -39.40 48.96 -4.77
CA ALA G 236 -39.99 49.67 -5.88
C ALA G 236 -40.63 48.73 -6.88
N ARG G 237 -39.88 47.72 -7.30
CA ARG G 237 -40.37 46.77 -8.29
C ARG G 237 -41.59 45.99 -7.80
N SER G 238 -41.63 45.69 -6.51
CA SER G 238 -42.71 44.94 -5.91
C SER G 238 -43.98 45.75 -5.57
N GLY G 239 -43.94 47.07 -5.73
CA GLY G 239 -45.10 47.93 -5.47
C GLY G 239 -45.50 47.97 -4.00
N LEU G 240 -44.54 47.74 -3.11
CA LEU G 240 -44.79 47.74 -1.68
C LEU G 240 -44.50 49.12 -1.11
N SER G 241 -45.31 49.56 -0.15
CA SER G 241 -44.91 50.69 0.68
C SER G 241 -44.00 50.14 1.78
N THR G 242 -43.17 51.00 2.34
CA THR G 242 -42.19 50.61 3.36
C THR G 242 -42.87 50.13 4.66
N GLU G 243 -43.99 50.74 5.03
CA GLU G 243 -44.77 50.28 6.18
C GLU G 243 -45.31 48.84 6.03
N GLU G 244 -45.40 48.34 4.81
CA GLU G 244 -45.85 46.98 4.57
C GLU G 244 -44.79 45.90 4.87
N ILE G 245 -43.53 46.30 5.00
CA ILE G 245 -42.48 45.39 5.47
C ILE G 245 -42.69 45.13 6.97
N ASP G 246 -42.79 43.87 7.33
CA ASP G 246 -43.07 43.53 8.72
C ASP G 246 -41.78 43.20 9.49
N VAL G 247 -40.79 42.63 8.82
CA VAL G 247 -39.54 42.23 9.48
C VAL G 247 -38.40 42.46 8.50
N VAL G 248 -37.30 42.99 9.03
CA VAL G 248 -36.05 43.01 8.29
C VAL G 248 -35.12 41.96 8.90
N ILE G 249 -34.59 41.08 8.05
CA ILE G 249 -33.58 40.11 8.44
C ILE G 249 -32.27 40.50 7.74
N PRO G 250 -31.42 41.27 8.42
CA PRO G 250 -30.26 41.73 7.70
C PRO G 250 -29.02 40.89 7.98
N HIS G 251 -28.03 41.03 7.10
CA HIS G 251 -26.68 40.57 7.41
C HIS G 251 -26.19 41.28 8.68
N GLN G 252 -25.44 40.56 9.50
CA GLN G 252 -25.06 41.03 10.83
C GLN G 252 -23.57 41.30 10.85
N ALA G 253 -23.15 42.41 10.25
CA ALA G 253 -21.73 42.81 10.22
C ALA G 253 -21.42 43.90 11.23
N ASN G 254 -22.39 44.79 11.44
CA ASN G 254 -22.23 45.91 12.38
C ASN G 254 -23.62 46.45 12.70
N ILE G 255 -23.94 46.61 13.98
CA ILE G 255 -25.27 47.07 14.37
C ILE G 255 -25.56 48.46 13.80
N ARG G 256 -24.52 49.28 13.68
CA ARG G 256 -24.68 50.64 13.15
C ARG G 256 -24.98 50.66 11.66
N ILE G 257 -24.49 49.66 10.93
CA ILE G 257 -24.86 49.49 9.52
C ILE G 257 -26.35 49.18 9.40
N ILE G 258 -26.83 48.29 10.26
CA ILE G 258 -28.23 47.86 10.25
C ILE G 258 -29.15 49.01 10.60
N GLN G 259 -28.76 49.78 11.61
CA GLN G 259 -29.53 50.94 12.03
C GLN G 259 -29.58 52.01 10.96
N THR G 260 -28.44 52.28 10.34
CA THR G 260 -28.36 53.29 9.30
C THR G 260 -29.22 52.89 8.09
N LEU G 261 -29.16 51.61 7.71
CA LEU G 261 -29.99 51.06 6.64
C LEU G 261 -31.47 51.29 6.89
N CYS G 262 -31.93 50.98 8.09
CA CYS G 262 -33.34 51.17 8.41
C CYS G 262 -33.70 52.64 8.45
N ASP G 263 -32.83 53.44 9.06
CA ASP G 263 -33.04 54.89 9.16
C ASP G 263 -33.22 55.54 7.78
N LEU G 264 -32.31 55.26 6.87
CA LEU G 264 -32.33 55.91 5.56
C LEU G 264 -33.50 55.41 4.70
N ALA G 265 -33.93 54.17 4.94
CA ALA G 265 -35.08 53.62 4.22
C ALA G 265 -36.43 54.03 4.83
N GLY G 266 -36.39 54.55 6.05
CA GLY G 266 -37.59 54.91 6.80
C GLY G 266 -38.29 53.69 7.38
N ILE G 267 -37.54 52.61 7.61
CA ILE G 267 -38.08 51.41 8.25
C ILE G 267 -37.81 51.54 9.74
N ALA G 268 -38.84 51.27 10.56
CA ALA G 268 -38.74 51.39 12.02
C ALA G 268 -37.69 50.40 12.56
N GLN G 269 -36.86 50.87 13.50
CA GLN G 269 -35.70 50.11 13.97
C GLN G 269 -36.11 48.79 14.59
N ASP G 270 -37.24 48.77 15.26
CA ASP G 270 -37.70 47.59 15.96
C ASP G 270 -38.18 46.46 15.04
N LYS G 271 -38.24 46.72 13.73
CA LYS G 271 -38.51 45.66 12.75
C LYS G 271 -37.28 44.85 12.35
N ALA G 272 -36.09 45.35 12.65
CA ALA G 272 -34.86 44.63 12.30
C ALA G 272 -34.56 43.57 13.34
N PHE G 273 -34.44 42.32 12.91
CA PHE G 273 -33.96 41.28 13.82
C PHE G 273 -32.44 41.37 13.93
N VAL G 274 -31.95 41.42 15.15
CA VAL G 274 -30.52 41.59 15.42
C VAL G 274 -30.09 40.53 16.42
N ASN G 275 -29.10 39.73 16.03
CA ASN G 275 -28.42 38.81 16.97
C ASN G 275 -26.89 38.94 16.89
N ILE G 276 -26.40 40.04 16.35
CA ILE G 276 -24.94 40.22 16.21
C ILE G 276 -24.21 40.23 17.56
N HIS G 277 -24.90 40.66 18.61
CA HIS G 277 -24.32 40.70 19.95
C HIS G 277 -23.85 39.33 20.44
N ARG G 278 -24.57 38.29 20.02
CA ARG G 278 -24.28 36.90 20.43
C ARG G 278 -23.26 36.18 19.54
N TYR G 279 -23.30 36.43 18.24
CA TYR G 279 -22.58 35.59 17.28
C TYR G 279 -21.52 36.32 16.45
N GLY G 280 -21.59 37.65 16.40
CA GLY G 280 -20.68 38.41 15.57
C GLY G 280 -21.05 38.25 14.12
N ASN G 281 -20.11 38.57 13.23
CA ASN G 281 -20.31 38.37 11.81
C ASN G 281 -19.89 36.95 11.41
N THR G 282 -20.89 36.12 11.09
CA THR G 282 -20.67 34.73 10.62
C THR G 282 -20.82 34.56 9.11
N SER G 283 -20.56 35.63 8.38
CA SER G 283 -20.62 35.65 6.91
C SER G 283 -21.93 35.07 6.32
N ALA G 284 -21.84 34.05 5.47
CA ALA G 284 -23.02 33.52 4.79
C ALA G 284 -24.06 32.98 5.77
N ALA G 285 -23.64 32.68 6.99
CA ALA G 285 -24.56 32.15 7.98
C ALA G 285 -25.45 33.21 8.63
N THR G 286 -25.09 34.49 8.58
CA THR G 286 -25.83 35.47 9.38
C THR G 286 -27.34 35.50 9.10
N VAL G 287 -27.72 35.53 7.83
CA VAL G 287 -29.12 35.68 7.47
C VAL G 287 -29.96 34.50 7.87
N PRO G 288 -29.55 33.27 7.50
CA PRO G 288 -30.39 32.12 7.87
C PRO G 288 -30.41 31.79 9.37
N ILE G 289 -29.35 32.12 10.10
CA ILE G 289 -29.42 32.01 11.57
C ILE G 289 -30.41 33.02 12.12
N ALA G 290 -30.27 34.25 11.68
CA ALA G 290 -31.18 35.32 12.11
C ALA G 290 -32.65 35.01 11.76
N LEU G 291 -32.88 34.46 10.58
CA LEU G 291 -34.21 34.04 10.18
C LEU G 291 -34.71 32.95 11.10
N CYS G 292 -33.85 31.95 11.34
CA CYS G 292 -34.22 30.83 12.16
C CYS G 292 -34.61 31.30 13.56
N GLU G 293 -33.83 32.20 14.14
CA GLU G 293 -34.10 32.68 15.47
C GLU G 293 -35.28 33.65 15.53
N ALA G 294 -35.50 34.43 14.46
CA ALA G 294 -36.69 35.27 14.39
C ALA G 294 -37.95 34.41 14.48
N LEU G 295 -37.95 33.29 13.77
CA LEU G 295 -39.06 32.35 13.80
C LEU G 295 -39.22 31.67 15.18
N GLU G 296 -38.10 31.22 15.77
CA GLU G 296 -38.07 30.63 17.13
C GLU G 296 -38.62 31.60 18.18
N GLN G 297 -38.31 32.89 18.02
CA GLN G 297 -38.70 33.89 19.01
C GLN G 297 -40.02 34.57 18.69
N GLY G 298 -40.77 34.09 17.69
CA GLY G 298 -42.14 34.56 17.43
C GLY G 298 -42.21 35.94 16.79
N LYS G 299 -41.18 36.32 16.04
CA LYS G 299 -41.10 37.65 15.45
C LYS G 299 -41.79 37.70 14.10
N ILE G 300 -42.04 36.54 13.50
CA ILE G 300 -42.61 36.46 12.15
C ILE G 300 -43.98 35.83 12.23
N LYS G 301 -44.94 36.42 11.51
CA LYS G 301 -46.30 35.95 11.48
C LYS G 301 -46.60 35.41 10.11
N PRO G 302 -47.66 34.58 10.01
CA PRO G 302 -48.07 34.10 8.71
C PRO G 302 -48.37 35.26 7.76
N HIS G 303 -47.98 35.13 6.51
CA HIS G 303 -48.16 36.15 5.48
C HIS G 303 -47.34 37.46 5.68
N ASP G 304 -46.39 37.48 6.60
CA ASP G 304 -45.54 38.66 6.75
C ASP G 304 -44.69 38.91 5.50
N ASP G 305 -44.35 40.17 5.27
CA ASP G 305 -43.39 40.55 4.22
C ASP G 305 -42.03 40.80 4.85
N LEU G 306 -41.02 40.07 4.41
CA LEU G 306 -39.68 40.15 4.99
C LEU G 306 -38.80 40.87 3.99
N LEU G 307 -37.96 41.77 4.50
CA LEU G 307 -36.90 42.33 3.72
C LEU G 307 -35.60 41.69 4.20
N VAL G 308 -34.85 41.12 3.26
CA VAL G 308 -33.54 40.60 3.53
C VAL G 308 -32.53 41.46 2.77
N ALA G 309 -31.37 41.65 3.37
CA ALA G 309 -30.34 42.49 2.84
C ALA G 309 -28.99 42.02 3.32
N ALA G 310 -28.01 42.02 2.43
CA ALA G 310 -26.68 41.57 2.82
C ALA G 310 -25.63 42.26 2.01
N PHE G 311 -24.39 42.16 2.47
CA PHE G 311 -23.25 42.74 1.79
CA PHE G 311 -23.25 42.79 1.81
C PHE G 311 -22.00 41.99 2.17
N GLY G 312 -20.96 42.06 1.34
CA GLY G 312 -19.76 41.28 1.60
C GLY G 312 -18.58 41.56 0.71
N ALA G 313 -17.50 40.82 0.94
CA ALA G 313 -16.32 40.90 0.09
C ALA G 313 -16.73 40.78 -1.36
N GLY G 314 -16.09 41.54 -2.24
CA GLY G 314 -16.43 41.47 -3.65
C GLY G 314 -16.32 42.75 -4.43
N LEU G 315 -16.99 43.82 -4.01
CA LEU G 315 -17.95 43.85 -2.94
C LEU G 315 -19.34 43.37 -3.35
N THR G 316 -19.75 42.20 -2.87
CA THR G 316 -21.04 41.66 -3.21
C THR G 316 -22.13 42.32 -2.39
N TRP G 317 -23.34 42.34 -2.96
CA TRP G 317 -24.46 42.95 -2.29
C TRP G 317 -25.77 42.33 -2.76
N GLY G 318 -26.80 42.54 -1.96
CA GLY G 318 -28.09 42.03 -2.31
C GLY G 318 -29.17 42.42 -1.36
N ALA G 319 -30.40 42.38 -1.89
CA ALA G 319 -31.61 42.46 -1.08
C ALA G 319 -32.71 41.61 -1.72
N GLY G 320 -33.70 41.26 -0.91
CA GLY G 320 -34.77 40.42 -1.35
C GLY G 320 -36.02 40.60 -0.54
N HIS G 321 -37.15 40.35 -1.19
CA HIS G 321 -38.46 40.34 -0.52
C HIS G 321 -38.96 38.89 -0.44
N ILE G 322 -39.23 38.44 0.78
CA ILE G 322 -39.80 37.13 1.01
C ILE G 322 -41.20 37.34 1.57
N ARG G 323 -42.16 36.69 0.97
CA ARG G 323 -43.52 36.67 1.47
C ARG G 323 -43.65 35.33 2.21
N TRP G 324 -43.88 35.38 3.52
CA TRP G 324 -44.05 34.18 4.29
C TRP G 324 -45.42 33.55 4.05
N GLY G 325 -45.46 32.24 4.24
CA GLY G 325 -46.68 31.46 4.04
C GLY G 325 -47.43 31.30 5.33
N GLU G 326 -48.07 30.15 5.49
CA GLU G 326 -49.02 29.92 6.59
C GLU G 326 -48.39 29.46 7.89
N ARG G 327 -47.22 28.85 7.81
CA ARG G 327 -46.71 28.12 8.95
C ARG G 327 -45.41 28.74 9.48
N ILE G 328 -45.41 29.07 10.75
CA ILE G 328 -44.22 29.59 11.45
C ILE G 328 -43.71 28.64 12.53
N THR G 329 -44.22 27.43 12.54
CA THR G 329 -43.89 26.40 13.50
C THR G 329 -43.26 25.22 12.77
N PRO G 330 -42.26 24.57 13.39
CA PRO G 330 -41.67 23.35 12.82
C PRO G 330 -42.66 22.19 12.76
N LEU G 331 -42.59 21.38 11.72
CA LEU G 331 -43.35 20.15 11.72
C LEU G 331 -42.71 19.15 12.68
N GLY G 332 -41.38 19.05 12.70
CA GLY G 332 -40.69 18.18 13.64
C GLY G 332 -39.44 18.79 14.20
N LYS G 333 -38.92 18.15 15.26
CA LYS G 333 -37.65 18.54 15.86
C LYS G 333 -36.59 17.48 15.57
N SER G 334 -35.34 17.93 15.59
CA SER G 334 -34.18 17.07 15.40
C SER G 334 -33.36 17.14 16.67
N ASP G 335 -32.94 15.99 17.18
CA ASP G 335 -32.00 15.96 18.30
C ASP G 335 -30.53 16.02 17.83
N ALA G 336 -30.31 16.29 16.53
CA ALA G 336 -28.96 16.39 15.96
C ALA G 336 -28.13 17.46 16.66
N GLN G 337 -26.92 17.07 17.04
CA GLN G 337 -26.03 17.92 17.83
C GLN G 337 -24.61 17.77 17.34
N LEU G 338 -23.79 18.78 17.59
CA LEU G 338 -22.35 18.63 17.46
C LEU G 338 -21.79 17.74 18.57
N PRO G 339 -20.61 17.11 18.32
CA PRO G 339 -19.92 16.42 19.42
C PRO G 339 -19.55 17.42 20.51
N SER G 340 -19.59 16.95 21.75
CA SER G 340 -19.29 17.79 22.91
C SER G 340 -17.88 18.40 22.81
N CYS G 341 -17.73 19.57 23.40
CA CYS G 341 -16.49 20.33 23.36
C CYS G 341 -16.13 20.70 24.79
N ASP G 342 -15.06 20.11 25.30
CA ASP G 342 -14.64 20.34 26.68
C ASP G 342 -13.50 21.36 26.72
N HIS G 343 -13.60 22.38 25.86
CA HIS G 343 -12.59 23.40 25.72
C HIS G 343 -13.25 24.78 25.65
N THR G 344 -12.51 25.80 26.11
CA THR G 344 -12.93 27.19 25.94
C THR G 344 -12.54 27.66 24.54
N ALA G 345 -13.03 28.84 24.18
CA ALA G 345 -12.68 29.45 22.90
C ALA G 345 -11.20 29.83 22.87
N LEU G 346 -10.69 30.39 23.97
CA LEU G 346 -9.25 30.62 24.12
C LEU G 346 -8.41 29.34 23.98
N ASP G 347 -8.83 28.27 24.64
CA ASP G 347 -8.20 26.94 24.46
C ASP G 347 -8.07 26.55 22.98
N LEU G 348 -9.17 26.66 22.23
CA LEU G 348 -9.21 26.29 20.81
C LEU G 348 -8.31 27.15 19.95
N LEU G 349 -8.24 28.44 20.26
CA LEU G 349 -7.42 29.36 19.48
C LEU G 349 -5.97 29.41 19.94
N SER G 350 -5.69 28.81 21.10
CA SER G 350 -4.37 28.84 21.74
C SER G 350 -3.21 28.73 20.75
N LYS G 351 -3.15 27.63 20.00
CA LYS G 351 -2.07 27.40 19.04
C LYS G 351 -1.96 28.53 18.01
N ALA G 352 -3.09 28.85 17.38
CA ALA G 352 -3.13 29.88 16.34
C ALA G 352 -2.67 31.23 16.84
N ILE G 353 -3.16 31.62 18.02
CA ILE G 353 -2.73 32.86 18.66
C ILE G 353 -1.21 32.86 18.92
N GLU G 354 -0.70 31.78 19.52
CA GLU G 354 0.73 31.62 19.82
C GLU G 354 1.60 31.78 18.59
N HIS G 355 1.19 31.15 17.49
CA HIS G 355 1.92 31.23 16.23
C HIS G 355 1.90 32.64 15.64
N CYS G 356 0.73 33.29 15.67
CA CYS G 356 0.59 34.62 15.13
C CYS G 356 1.44 35.63 15.91
N LYS G 357 1.47 35.49 17.24
CA LYS G 357 2.28 36.37 18.08
C LYS G 357 3.78 36.11 17.92
N ARG G 358 4.17 34.84 17.91
CA ARG G 358 5.58 34.45 17.77
C ARG G 358 6.18 34.88 16.42
N HIS G 359 5.37 34.84 15.37
CA HIS G 359 5.82 35.23 14.04
C HIS G 359 6.02 36.74 13.89
N GLN G 360 5.22 37.53 14.62
CA GLN G 360 5.31 38.99 14.58
C GLN G 360 6.64 39.47 15.18
N THR H 2 21.32 19.51 22.36
CA THR H 2 20.58 19.71 23.65
C THR H 2 21.51 20.17 24.79
N GLN H 3 21.13 21.26 25.46
CA GLN H 3 21.99 21.92 26.44
C GLN H 3 22.06 21.15 27.75
N CYS H 4 23.27 20.91 28.23
CA CYS H 4 23.50 20.12 29.44
C CYS H 4 24.34 20.89 30.41
N TYR H 5 24.38 20.41 31.65
CA TYR H 5 25.06 21.10 32.73
C TYR H 5 25.77 20.13 33.64
N ALA H 6 26.76 20.64 34.38
CA ALA H 6 27.52 19.80 35.32
C ALA H 6 27.20 20.28 36.73
N GLU H 7 26.27 19.61 37.38
CA GLU H 7 25.89 19.93 38.72
C GLU H 7 26.90 19.45 39.75
N ILE H 8 27.15 20.26 40.77
CA ILE H 8 28.04 19.87 41.84
C ILE H 8 27.23 19.06 42.84
N THR H 9 27.41 17.74 42.80
CA THR H 9 26.60 16.84 43.61
C THR H 9 27.36 16.29 44.81
N GLY H 10 28.67 16.53 44.85
CA GLY H 10 29.50 16.02 45.93
C GLY H 10 30.61 17.01 46.26
N TRP H 11 30.95 17.09 47.53
CA TRP H 11 32.00 17.95 48.02
C TRP H 11 32.74 17.25 49.15
N GLY H 12 34.02 17.57 49.32
CA GLY H 12 34.82 16.93 50.35
C GLY H 12 36.15 17.60 50.53
N LYS H 13 36.77 17.37 51.68
CA LYS H 13 38.03 18.04 52.02
C LYS H 13 38.95 17.09 52.75
N CYS H 14 40.24 17.42 52.74
CA CYS H 14 41.18 16.72 53.59
C CYS H 14 42.19 17.73 54.03
N LEU H 15 42.16 18.03 55.32
CA LEU H 15 43.18 18.83 55.96
C LEU H 15 44.04 17.91 56.84
N PRO H 16 45.37 17.94 56.65
CA PRO H 16 46.21 17.15 57.56
C PRO H 16 46.23 17.76 58.97
N PRO H 17 46.44 16.93 59.99
CA PRO H 17 46.25 17.38 61.37
C PRO H 17 47.34 18.28 61.94
N ALA H 18 48.59 18.12 61.53
CA ALA H 18 49.70 18.88 62.12
C ALA H 18 49.58 20.35 61.79
N THR H 19 49.55 21.18 62.83
CA THR H 19 49.19 22.60 62.72
C THR H 19 50.39 23.49 63.02
N LEU H 20 50.74 24.35 62.08
CA LEU H 20 51.81 25.33 62.27
C LEU H 20 51.20 26.68 62.60
N SER H 21 51.40 27.13 63.83
CA SER H 21 50.89 28.42 64.31
C SER H 21 51.83 29.55 63.94
N ASN H 22 51.34 30.77 64.06
CA ASN H 22 52.16 31.94 63.81
C ASN H 22 53.29 32.03 64.80
N HIS H 23 53.00 31.68 66.06
CA HIS H 23 54.03 31.63 67.10
C HIS H 23 55.11 30.60 66.76
N ASP H 24 54.71 29.44 66.25
CA ASP H 24 55.67 28.41 65.81
C ASP H 24 56.69 28.97 64.82
N LEU H 25 56.19 29.72 63.85
CA LEU H 25 57.06 30.39 62.86
C LEU H 25 57.95 31.44 63.52
N SER H 26 57.44 32.08 64.57
CA SER H 26 58.13 33.14 65.28
C SER H 26 59.39 32.67 66.02
N THR H 27 59.50 31.37 66.27
CA THR H 27 60.64 30.82 67.00
C THR H 27 61.91 30.66 66.15
N PHE H 28 61.74 30.51 64.83
CA PHE H 28 62.90 30.35 63.94
C PHE H 28 63.00 31.41 62.83
N LEU H 29 62.21 32.48 62.96
CA LEU H 29 62.07 33.48 61.91
C LEU H 29 61.78 34.88 62.50
N ASP H 30 62.32 35.93 61.89
CA ASP H 30 62.07 37.30 62.35
C ASP H 30 60.66 37.77 61.94
N THR H 31 59.65 37.19 62.58
CA THR H 31 58.25 37.56 62.33
C THR H 31 57.42 37.36 63.60
N SER H 32 56.14 37.73 63.52
CA SER H 32 55.25 37.68 64.67
C SER H 32 53.81 37.36 64.27
N ASP H 33 53.05 36.82 65.22
CA ASP H 33 51.61 36.62 65.07
C ASP H 33 50.90 37.93 64.73
N GLU H 34 51.34 39.03 65.37
CA GLU H 34 50.73 40.33 65.13
C GLU H 34 50.88 40.77 63.67
N TRP H 35 52.08 40.66 63.13
CA TRP H 35 52.33 41.07 61.74
C TRP H 35 51.57 40.20 60.76
N ILE H 36 51.67 38.88 60.95
CA ILE H 36 51.08 37.92 60.03
C ILE H 36 49.56 38.01 60.01
N GLN H 37 48.94 38.04 61.18
CA GLN H 37 47.49 38.08 61.28
C GLN H 37 46.92 39.41 60.74
N SER H 38 47.62 40.52 60.99
CA SER H 38 47.12 41.83 60.55
C SER H 38 47.32 42.06 59.04
N ARG H 39 48.42 41.56 58.47
CA ARG H 39 48.70 41.75 57.04
C ARG H 39 47.99 40.72 56.16
N THR H 40 47.85 39.49 56.64
CA THR H 40 47.35 38.38 55.83
C THR H 40 46.02 37.76 56.31
N GLY H 41 45.72 37.88 57.60
CA GLY H 41 44.59 37.17 58.21
C GLY H 41 44.90 35.76 58.69
N ILE H 42 46.07 35.23 58.35
CA ILE H 42 46.40 33.83 58.65
C ILE H 42 46.81 33.71 60.10
N GLU H 43 46.30 32.69 60.79
CA GLU H 43 46.70 32.36 62.16
C GLU H 43 47.36 30.98 62.24
N GLN H 44 46.84 30.02 61.46
CA GLN H 44 47.37 28.67 61.42
C GLN H 44 47.40 28.16 59.97
N ARG H 45 48.26 27.18 59.71
CA ARG H 45 48.17 26.38 58.49
C ARG H 45 48.46 24.94 58.85
N ARG H 46 48.10 24.05 57.93
CA ARG H 46 48.35 22.65 58.12
C ARG H 46 49.59 22.24 57.35
N ILE H 47 50.29 21.26 57.90
CA ILE H 47 51.51 20.74 57.28
C ILE H 47 51.32 19.25 57.16
N SER H 48 51.43 18.74 55.94
CA SER H 48 51.11 17.34 55.66
C SER H 48 52.28 16.41 56.02
N HIS H 49 51.92 15.26 56.58
CA HIS H 49 52.85 14.16 56.84
C HIS H 49 52.75 13.08 55.75
N VAL H 50 51.86 13.33 54.77
CA VAL H 50 51.66 12.43 53.65
C VAL H 50 51.80 13.19 52.33
N ASN H 51 51.84 12.45 51.23
CA ASN H 51 51.99 13.02 49.91
C ASN H 51 50.72 13.69 49.38
N THR H 52 50.87 14.52 48.35
CA THR H 52 49.75 15.24 47.77
C THR H 52 48.64 14.29 47.33
N SER H 53 49.00 13.20 46.67
CA SER H 53 48.03 12.20 46.23
C SER H 53 47.17 11.60 47.37
N ASP H 54 47.77 11.45 48.56
CA ASP H 54 47.03 10.93 49.72
C ASP H 54 45.97 11.92 50.22
N LEU H 55 46.33 13.20 50.32
CA LEU H 55 45.36 14.26 50.65
C LEU H 55 44.23 14.25 49.60
N ALA H 56 44.60 14.20 48.31
CA ALA H 56 43.64 14.23 47.21
C ALA H 56 42.69 13.04 47.24
N THR H 57 43.20 11.89 47.66
CA THR H 57 42.43 10.67 47.75
C THR H 57 41.34 10.73 48.82
N VAL H 58 41.68 11.27 49.99
CA VAL H 58 40.73 11.35 51.10
C VAL H 58 39.62 12.34 50.80
N ALA H 59 39.96 13.47 50.21
CA ALA H 59 38.96 14.47 49.83
C ALA H 59 38.00 13.90 48.79
N ALA H 60 38.54 13.19 47.82
CA ALA H 60 37.75 12.54 46.77
C ALA H 60 36.81 11.51 47.34
N GLN H 61 37.34 10.68 48.24
CA GLN H 61 36.50 9.73 48.97
C GLN H 61 35.32 10.39 49.69
N HIS H 62 35.56 11.52 50.36
CA HIS H 62 34.46 12.22 50.99
C HIS H 62 33.45 12.77 49.97
N ALA H 63 33.93 13.24 48.83
CA ALA H 63 33.09 13.82 47.81
C ALA H 63 32.20 12.82 47.13
N ILE H 64 32.78 11.64 46.85
CA ILE H 64 32.06 10.51 46.26
C ILE H 64 30.93 10.04 47.17
N ALA H 65 31.22 9.88 48.47
CA ALA H 65 30.22 9.52 49.44
C ALA H 65 29.17 10.61 49.52
N CYS H 66 29.60 11.88 49.45
CA CYS H 66 28.68 12.97 49.53
C CYS H 66 27.74 13.02 48.30
N ALA H 67 28.24 12.71 47.13
CA ALA H 67 27.43 12.57 45.91
C ALA H 67 26.64 11.25 45.79
N GLY H 68 27.00 10.21 46.54
CA GLY H 68 26.33 8.91 46.44
C GLY H 68 26.61 8.18 45.13
N VAL H 69 27.67 8.55 44.44
CA VAL H 69 28.05 7.94 43.15
C VAL H 69 28.97 6.76 43.39
N SER H 70 28.88 5.76 42.54
CA SER H 70 29.77 4.61 42.61
C SER H 70 31.01 4.91 41.78
N VAL H 71 32.13 4.34 42.20
CA VAL H 71 33.38 4.55 41.52
C VAL H 71 33.34 4.19 40.01
N GLU H 72 32.50 3.23 39.62
CA GLU H 72 32.34 2.86 38.21
C GLU H 72 31.62 3.90 37.34
N GLU H 73 30.99 4.89 37.97
CA GLU H 73 30.28 5.95 37.27
C GLU H 73 31.19 7.13 36.91
N ILE H 74 32.36 7.20 37.55
CA ILE H 74 33.27 8.32 37.34
C ILE H 74 33.97 8.14 36.01
N ASP H 75 33.84 9.14 35.13
CA ASP H 75 34.37 9.12 33.76
C ASP H 75 35.59 10.01 33.55
N LEU H 76 35.90 10.85 34.53
CA LEU H 76 36.90 11.88 34.37
C LEU H 76 37.42 12.30 35.75
N ILE H 77 38.73 12.38 35.88
CA ILE H 77 39.34 12.79 37.13
C ILE H 77 40.37 13.85 36.80
N ILE H 78 40.19 15.04 37.35
CA ILE H 78 41.15 16.11 37.19
C ILE H 78 41.69 16.47 38.57
N VAL H 79 43.01 16.47 38.69
CA VAL H 79 43.65 16.91 39.90
C VAL H 79 44.38 18.18 39.58
N ALA H 80 43.93 19.29 40.19
CA ALA H 80 44.63 20.54 40.08
C ALA H 80 45.69 20.61 41.19
N THR H 81 46.94 20.70 40.77
CA THR H 81 48.04 20.77 41.73
C THR H 81 49.26 21.37 41.04
N CYS H 82 50.08 22.04 41.82
CA CYS H 82 51.42 22.41 41.42
C CYS H 82 52.46 21.76 42.36
N SER H 83 52.04 20.77 43.11
CA SER H 83 52.96 20.02 44.00
C SER H 83 52.70 18.53 43.92
N PRO H 84 52.70 17.98 42.71
CA PRO H 84 52.44 16.52 42.57
C PRO H 84 53.59 15.64 43.09
N ASP H 85 53.23 14.51 43.71
CA ASP H 85 54.17 13.48 44.16
C ASP H 85 55.18 13.14 43.08
N SER H 86 54.67 12.96 41.86
CA SER H 86 55.47 12.58 40.72
C SER H 86 54.93 13.24 39.47
N LEU H 87 55.78 13.32 38.45
CA LEU H 87 55.38 13.83 37.13
C LEU H 87 55.16 12.71 36.15
N ILE H 88 55.91 11.60 36.32
CA ILE H 88 55.68 10.35 35.59
C ILE H 88 55.44 9.20 36.58
N PRO H 89 54.19 8.70 36.68
CA PRO H 89 52.95 9.18 36.04
C PRO H 89 52.34 10.36 36.78
N ASN H 90 51.18 10.81 36.30
CA ASN H 90 50.44 11.88 36.95
C ASN H 90 49.78 11.36 38.23
N ILE H 91 49.45 12.27 39.13
CA ILE H 91 48.82 11.82 40.38
C ILE H 91 47.30 11.68 40.30
N ALA H 92 46.66 12.18 39.26
CA ALA H 92 45.25 11.82 39.02
C ALA H 92 45.12 10.30 38.88
N SER H 93 46.10 9.65 38.24
CA SER H 93 46.07 8.19 38.10
C SER H 93 46.31 7.44 39.41
N ARG H 94 47.08 8.06 40.31
CA ARG H 94 47.29 7.50 41.64
C ARG H 94 45.99 7.54 42.44
N VAL H 95 45.30 8.69 42.39
CA VAL H 95 43.98 8.80 43.01
C VAL H 95 43.05 7.73 42.42
N GLN H 96 43.06 7.59 41.12
CA GLN H 96 42.25 6.60 40.43
C GLN H 96 42.55 5.19 40.91
N GLN H 97 43.84 4.89 41.02
CA GLN H 97 44.30 3.58 41.50
C GLN H 97 43.86 3.36 42.94
N ASN H 98 44.00 4.38 43.79
CA ASN H 98 43.59 4.24 45.19
C ASN H 98 42.10 3.97 45.33
N LEU H 99 41.28 4.61 44.50
CA LEU H 99 39.83 4.47 44.64
C LEU H 99 39.26 3.30 43.87
N GLY H 100 40.04 2.67 43.02
CA GLY H 100 39.51 1.59 42.19
C GLY H 100 38.53 2.07 41.12
N ILE H 101 38.72 3.29 40.60
CA ILE H 101 37.90 3.77 39.47
C ILE H 101 38.43 3.20 38.17
N PRO H 102 37.59 2.46 37.41
CA PRO H 102 38.08 1.91 36.15
C PRO H 102 37.97 2.92 35.00
N SER H 103 38.96 2.93 34.11
CA SER H 103 38.87 3.49 32.76
C SER H 103 38.78 5.02 32.61
N ALA H 104 38.37 5.75 33.65
CA ALA H 104 38.22 7.18 33.56
C ALA H 104 39.45 7.91 32.98
N ALA H 105 39.20 8.93 32.17
CA ALA H 105 40.23 9.88 31.83
C ALA H 105 40.77 10.53 33.11
N ALA H 106 42.08 10.69 33.20
CA ALA H 106 42.71 11.16 34.41
C ALA H 106 43.95 11.97 34.09
N PHE H 107 43.89 13.26 34.39
CA PHE H 107 45.06 14.13 34.22
C PHE H 107 45.24 15.15 35.32
N ASP H 108 46.47 15.61 35.45
CA ASP H 108 46.82 16.69 36.33
C ASP H 108 46.79 17.99 35.55
N LEU H 109 46.34 19.04 36.21
CA LEU H 109 46.25 20.35 35.60
C LEU H 109 47.00 21.33 36.49
N ASN H 110 47.89 22.10 35.87
CA ASN H 110 48.68 23.07 36.60
C ASN H 110 48.40 24.48 36.11
N ALA H 111 47.66 25.22 36.92
CA ALA H 111 47.48 26.66 36.80
C ALA H 111 47.69 27.30 38.15
N ALA H 112 48.58 26.73 38.95
CA ALA H 112 48.86 27.22 40.29
C ALA H 112 47.58 27.44 41.10
N SCY H 113 47.47 28.57 41.79
CA SCY H 113 46.37 28.80 42.72
CB SCY H 113 46.69 30.05 43.55
SG SCY H 113 48.00 29.87 44.74
CD SCY H 113 49.44 30.30 44.00
OCD SCY H 113 49.46 30.45 42.82
CE SCY H 113 50.66 30.47 44.85
C SCY H 113 45.01 28.94 42.06
O SCY H 113 43.98 28.73 42.70
N THR H 114 44.99 29.23 40.76
CA THR H 114 43.74 29.24 40.01
C THR H 114 43.33 27.85 39.49
N GLY H 115 44.13 26.82 39.81
CA GLY H 115 43.92 25.48 39.29
C GLY H 115 42.55 24.86 39.45
N PHE H 116 41.89 25.07 40.57
CA PHE H 116 40.58 24.46 40.79
C PHE H 116 39.50 25.06 39.89
N LEU H 117 39.56 26.38 39.72
CA LEU H 117 38.70 27.04 38.76
C LEU H 117 38.88 26.57 37.33
N TYR H 118 40.14 26.52 36.91
CA TYR H 118 40.51 25.96 35.61
C TYR H 118 39.95 24.56 35.45
N GLY H 119 40.04 23.78 36.51
CA GLY H 119 39.64 22.37 36.49
C GLY H 119 38.14 22.19 36.48
N LEU H 120 37.44 23.04 37.22
CA LEU H 120 36.00 23.06 37.21
C LEU H 120 35.46 23.46 35.83
N GLU H 121 36.02 24.52 35.27
CA GLU H 121 35.71 24.99 33.90
C GLU H 121 35.94 23.87 32.88
N THR H 122 37.11 23.28 32.95
CA THR H 122 37.49 22.24 32.01
C THR H 122 36.60 21.00 32.10
N ALA H 123 36.38 20.51 33.29
CA ALA H 123 35.49 19.39 33.52
C ALA H 123 34.07 19.73 33.07
N THR H 124 33.61 20.92 33.39
CA THR H 124 32.26 21.32 33.01
C THR H 124 32.09 21.33 31.50
N ARG H 125 33.07 21.87 30.78
CA ARG H 125 32.97 21.97 29.32
C ARG H 125 33.15 20.63 28.64
N LEU H 126 34.04 19.78 29.18
CA LEU H 126 34.12 18.39 28.72
C LEU H 126 32.80 17.68 28.83
N MET H 127 32.12 17.82 29.98
CA MET H 127 30.83 17.18 30.20
C MET H 127 29.73 17.71 29.27
N GLN H 128 29.76 18.99 28.94
CA GLN H 128 28.68 19.61 28.16
C GLN H 128 28.82 19.30 26.70
N ALA H 129 30.06 19.14 26.23
CA ALA H 129 30.35 18.94 24.83
C ALA H 129 30.57 17.48 24.47
N SER H 130 30.72 16.59 25.45
CA SER H 130 31.01 15.23 25.11
C SER H 130 30.43 14.29 26.12
N HIS H 131 30.87 13.05 26.05
CA HIS H 131 30.27 11.96 26.83
C HIS H 131 31.09 11.67 28.09
N TYR H 132 31.02 12.59 29.04
CA TYR H 132 31.48 12.36 30.40
C TYR H 132 30.27 12.71 31.26
N ARG H 133 29.79 11.74 32.04
N ARG H 133 29.78 11.74 32.04
CA ARG H 133 28.57 11.88 32.83
CA ARG H 133 28.54 11.86 32.81
C ARG H 133 28.85 12.27 34.26
C ARG H 133 28.79 12.15 34.28
N HIS H 134 29.98 11.84 34.79
CA HIS H 134 30.36 12.19 36.15
C HIS H 134 31.85 12.47 36.19
N ALA H 135 32.23 13.53 36.91
CA ALA H 135 33.60 13.92 37.01
C ALA H 135 33.99 14.09 38.45
N LEU H 136 35.28 13.92 38.73
CA LEU H 136 35.85 14.21 40.02
C LEU H 136 36.91 15.26 39.80
N VAL H 137 36.75 16.42 40.47
CA VAL H 137 37.68 17.52 40.31
C VAL H 137 38.24 17.82 41.69
N ILE H 138 39.56 17.81 41.81
CA ILE H 138 40.25 17.87 43.08
C ILE H 138 41.32 18.94 43.01
N GLY H 139 41.37 19.82 44.01
CA GLY H 139 42.49 20.68 44.19
C GLY H 139 43.26 20.16 45.37
N ALA H 140 44.56 19.90 45.19
CA ALA H 140 45.38 19.25 46.24
C ALA H 140 46.80 19.76 46.22
N GLU H 141 47.30 20.14 47.39
CA GLU H 141 48.62 20.72 47.47
C GLU H 141 49.34 20.31 48.73
N ARG H 142 50.66 20.20 48.57
CA ARG H 142 51.58 20.04 49.68
C ARG H 142 52.69 21.08 49.44
N LEU H 143 52.32 22.35 49.64
CA LEU H 143 53.22 23.46 49.37
C LEU H 143 54.37 23.53 50.38
N SER H 144 54.22 22.88 51.54
CA SER H 144 55.30 22.84 52.52
C SER H 144 56.57 22.23 51.93
N PHE H 145 56.44 21.34 50.96
CA PHE H 145 57.62 20.82 50.20
C PHE H 145 58.54 21.92 49.65
N TYR H 146 57.95 23.01 49.18
CA TYR H 146 58.66 24.07 48.46
C TYR H 146 59.33 25.15 49.30
N LEU H 147 58.90 25.34 50.54
CA LEU H 147 59.21 26.59 51.23
C LEU H 147 60.67 26.77 51.64
N ASP H 148 61.13 28.01 51.58
CA ASP H 148 62.46 28.41 52.04
C ASP H 148 62.28 28.86 53.48
N TRP H 149 62.74 28.03 54.41
CA TRP H 149 62.49 28.26 55.82
C TRP H 149 63.35 29.37 56.43
N THR H 150 64.19 30.02 55.62
CA THR H 150 64.90 31.24 56.02
C THR H 150 64.20 32.52 55.53
N LYS H 151 63.15 32.37 54.72
CA LYS H 151 62.51 33.48 54.04
C LYS H 151 61.10 33.73 54.56
N ARG H 152 61.00 34.70 55.47
CA ARG H 152 59.75 35.02 56.14
C ARG H 152 58.63 35.49 55.21
N ASP H 153 58.99 36.11 54.09
CA ASP H 153 57.99 36.69 53.17
C ASP H 153 57.00 35.65 52.66
N THR H 154 57.51 34.47 52.36
CA THR H 154 56.71 33.39 51.78
C THR H 154 56.43 32.25 52.77
N ALA H 155 57.33 32.02 53.72
CA ALA H 155 57.22 30.87 54.63
C ALA H 155 55.98 30.89 55.53
N VAL H 156 55.39 32.06 55.72
CA VAL H 156 54.23 32.20 56.60
C VAL H 156 52.88 32.17 55.85
N LEU H 157 52.92 32.09 54.52
CA LEU H 157 51.71 32.30 53.71
C LEU H 157 51.00 31.02 53.31
N PHE H 158 51.75 29.91 53.24
CA PHE H 158 51.30 28.73 52.54
C PHE H 158 51.09 27.51 53.41
N GLY H 159 50.10 26.70 53.05
CA GLY H 159 49.80 25.48 53.78
C GLY H 159 49.47 24.32 52.86
N ASP H 160 49.11 23.20 53.46
CA ASP H 160 48.85 21.96 52.73
C ASP H 160 47.38 21.60 52.88
N GLY H 161 46.85 20.89 51.90
CA GLY H 161 45.48 20.39 51.95
C GLY H 161 44.91 20.00 50.59
N ALA H 162 43.72 19.40 50.63
CA ALA H 162 42.98 19.04 49.43
C ALA H 162 41.48 19.32 49.58
N GLY H 163 40.85 19.72 48.49
CA GLY H 163 39.38 19.76 48.40
C GLY H 163 38.92 19.15 47.08
N ALA H 164 37.74 18.52 47.07
CA ALA H 164 37.23 17.82 45.89
C ALA H 164 35.74 18.12 45.65
N VAL H 165 35.34 18.06 44.38
CA VAL H 165 33.92 17.97 44.04
C VAL H 165 33.66 16.80 43.08
N VAL H 166 32.43 16.32 43.13
CA VAL H 166 31.94 15.43 42.14
C VAL H 166 30.93 16.22 41.33
N LEU H 167 31.00 16.07 40.03
CA LEU H 167 30.08 16.70 39.11
C LEU H 167 29.23 15.66 38.44
N SER H 168 27.93 15.96 38.27
CA SER H 168 26.98 15.03 37.63
C SER H 168 26.21 15.74 36.52
N LYS H 169 26.14 15.09 35.37
CA LYS H 169 25.56 15.71 34.18
C LYS H 169 24.04 15.77 34.35
N THR H 170 23.44 16.89 33.98
CA THR H 170 22.00 17.08 34.11
C THR H 170 21.52 18.11 33.07
N GLU H 171 20.20 18.12 32.83
CA GLU H 171 19.58 19.14 31.98
C GLU H 171 19.14 20.36 32.79
N GLN H 172 19.08 20.24 34.12
CA GLN H 172 18.78 21.40 34.95
C GLN H 172 19.92 22.40 34.90
N LYS H 173 19.56 23.68 34.94
CA LYS H 173 20.51 24.77 34.80
C LYS H 173 21.23 25.06 36.12
N VAL H 174 22.19 24.21 36.43
CA VAL H 174 22.90 24.23 37.71
C VAL H 174 24.40 23.98 37.48
N GLY H 175 25.19 24.10 38.52
CA GLY H 175 26.62 24.02 38.41
C GLY H 175 27.23 25.29 37.84
N LEU H 176 28.46 25.20 37.38
CA LEU H 176 29.14 26.31 36.78
C LEU H 176 28.41 26.77 35.51
N GLN H 177 28.09 28.05 35.47
CA GLN H 177 27.41 28.70 34.36
C GLN H 177 28.49 29.40 33.53
N ASP H 178 28.53 30.73 33.52
CA ASP H 178 29.60 31.38 32.78
C ASP H 178 30.87 31.39 33.64
N ALA H 179 32.02 31.35 32.98
CA ALA H 179 33.31 31.39 33.64
C ALA H 179 34.27 32.18 32.77
N GLN H 180 35.13 32.97 33.41
CA GLN H 180 36.14 33.74 32.73
C GLN H 180 37.48 33.45 33.38
N ILE H 181 38.34 32.71 32.67
CA ILE H 181 39.65 32.37 33.18
C ILE H 181 40.68 32.90 32.23
N GLY H 182 41.87 33.17 32.72
CA GLY H 182 42.90 33.74 31.91
C GLY H 182 44.24 33.72 32.57
N CYS H 183 45.18 34.42 31.95
CA CYS H 183 46.53 34.52 32.48
C CYS H 183 47.14 35.82 31.95
N ASP H 184 47.73 36.57 32.89
N ASP H 184 47.68 36.61 32.87
CA ASP H 184 48.46 37.78 32.61
CA ASP H 184 48.40 37.81 32.50
C ASP H 184 49.94 37.42 32.69
C ASP H 184 49.91 37.49 32.65
N ALA H 185 50.47 36.99 31.55
CA ALA H 185 51.79 36.35 31.51
C ALA H 185 52.96 37.33 31.65
N GLN H 186 52.73 38.61 31.42
CA GLN H 186 53.83 39.56 31.53
C GLN H 186 54.32 39.71 32.98
N GLY H 187 53.46 39.39 33.94
CA GLY H 187 53.85 39.41 35.35
C GLY H 187 54.29 38.09 35.92
N ARG H 188 54.70 37.18 35.05
CA ARG H 188 55.01 35.80 35.43
C ARG H 188 56.17 35.66 36.44
N ASP H 189 57.10 36.60 36.40
CA ASP H 189 58.32 36.49 37.20
C ASP H 189 58.18 36.89 38.67
N ILE H 190 57.06 37.49 39.05
CA ILE H 190 56.90 38.02 40.42
C ILE H 190 56.41 36.96 41.42
N LEU H 191 56.11 35.76 40.94
CA LEU H 191 55.63 34.67 41.79
C LEU H 191 56.01 33.32 41.16
N ALA H 192 57.13 32.76 41.62
CA ALA H 192 57.83 31.72 40.91
C ALA H 192 58.85 30.98 41.78
N VAL H 193 58.94 29.67 41.56
CA VAL H 193 60.06 28.86 42.01
C VAL H 193 60.73 28.32 40.75
N PRO H 194 61.61 29.12 40.12
CA PRO H 194 62.10 28.72 38.79
C PRO H 194 62.96 27.46 38.75
N LYS H 195 63.55 27.07 39.88
CA LYS H 195 64.53 25.99 39.89
C LYS H 195 64.07 24.72 40.61
N PHE H 196 62.76 24.51 40.68
CA PHE H 196 62.24 23.15 40.85
C PHE H 196 61.47 22.73 39.62
N GLY H 197 61.96 21.67 38.98
CA GLY H 197 61.45 21.18 37.71
C GLY H 197 62.64 20.82 36.84
N THR H 198 62.42 20.68 35.53
CA THR H 198 63.45 20.18 34.64
C THR H 198 64.51 21.24 34.32
N ALA H 199 64.27 22.48 34.76
CA ALA H 199 65.28 23.54 34.66
C ALA H 199 66.37 23.42 35.72
N MET H 200 66.13 22.60 36.75
CA MET H 200 67.08 22.45 37.84
C MET H 200 68.25 21.55 37.45
N ASP H 201 69.39 21.76 38.08
CA ASP H 201 70.57 20.88 37.92
C ASP H 201 70.33 19.64 38.76
N ARG H 202 70.10 18.53 38.09
CA ARG H 202 69.68 17.28 38.71
C ARG H 202 70.73 16.67 39.63
N PHE H 203 72.01 16.93 39.34
CA PHE H 203 73.10 16.31 40.08
C PHE H 203 73.88 17.28 40.96
N ASP H 204 73.38 18.50 41.11
CA ASP H 204 73.97 19.44 42.05
C ASP H 204 73.42 19.13 43.44
N ALA H 205 74.31 18.98 44.41
CA ALA H 205 73.92 18.67 45.79
C ALA H 205 73.21 19.84 46.50
N ASP H 206 73.42 21.05 46.01
CA ASP H 206 72.73 22.24 46.52
C ASP H 206 71.41 22.57 45.78
N ASN H 207 70.94 21.66 44.91
CA ASN H 207 69.77 22.00 44.07
C ASN H 207 68.47 22.14 44.86
N GLY H 208 68.48 21.69 46.11
CA GLY H 208 67.34 21.87 47.00
C GLY H 208 67.18 23.27 47.59
N TYR H 209 68.21 24.10 47.49
CA TYR H 209 68.18 25.42 48.12
C TYR H 209 67.75 26.49 47.13
N TRP H 210 66.54 26.35 46.61
CA TRP H 210 66.02 27.17 45.50
C TRP H 210 65.37 28.46 45.99
N ALA H 211 65.36 29.47 45.14
CA ALA H 211 64.71 30.73 45.46
C ALA H 211 63.20 30.66 45.20
N PHE H 212 62.44 31.27 46.10
CA PHE H 212 61.02 31.47 45.94
C PHE H 212 60.79 32.99 45.75
N ASP H 213 60.83 33.40 44.49
CA ASP H 213 60.61 34.80 44.11
C ASP H 213 59.16 35.19 44.38
N PHE H 214 58.99 36.36 45.00
CA PHE H 214 57.70 36.76 45.53
C PHE H 214 57.68 38.26 45.80
N VAL H 215 57.03 39.02 44.92
CA VAL H 215 56.91 40.47 45.09
C VAL H 215 55.49 40.72 45.59
N GLY H 216 55.33 40.63 46.91
CA GLY H 216 54.03 40.67 47.56
C GLY H 216 53.11 41.79 47.10
N LYS H 217 53.67 42.97 46.96
CA LYS H 217 52.90 44.19 46.69
C LYS H 217 52.32 44.21 45.27
N GLU H 218 53.15 43.82 44.29
CA GLU H 218 52.69 43.72 42.90
C GLU H 218 51.68 42.61 42.72
N ILE H 219 51.91 41.49 43.40
CA ILE H 219 50.96 40.37 43.42
C ILE H 219 49.62 40.82 43.97
N PHE H 220 49.66 41.51 45.11
CA PHE H 220 48.45 42.01 45.75
C PHE H 220 47.65 42.82 44.73
N LYS H 221 48.31 43.80 44.10
CA LYS H 221 47.66 44.73 43.19
C LYS H 221 47.06 44.04 41.96
N ARG H 222 47.88 43.25 41.28
CA ARG H 222 47.44 42.54 40.07
C ARG H 222 46.31 41.51 40.35
N ALA H 223 46.33 40.91 41.53
CA ALA H 223 45.29 39.96 41.91
C ALA H 223 43.93 40.62 42.07
N VAL H 224 43.89 41.77 42.76
CA VAL H 224 42.66 42.52 42.92
C VAL H 224 42.07 42.91 41.57
N ARG H 225 42.92 43.40 40.69
CA ARG H 225 42.53 43.82 39.35
C ARG H 225 42.11 42.65 38.46
N GLY H 226 42.86 41.56 38.52
CA GLY H 226 42.59 40.39 37.69
C GLY H 226 41.30 39.68 38.06
N MET H 227 41.18 39.34 39.32
CA MET H 227 39.95 38.74 39.82
C MET H 227 38.76 39.68 39.62
N GLY H 228 38.97 40.96 39.91
CA GLY H 228 37.91 41.94 39.80
C GLY H 228 37.32 42.03 38.41
N ALA H 229 38.19 42.23 37.42
CA ALA H 229 37.78 42.27 36.03
C ALA H 229 37.09 40.98 35.60
N ALA H 230 37.61 39.85 36.05
CA ALA H 230 37.05 38.55 35.66
C ALA H 230 35.62 38.40 36.23
N ALA H 231 35.46 38.78 37.49
CA ALA H 231 34.18 38.71 38.15
C ALA H 231 33.15 39.62 37.46
N GLN H 232 33.57 40.82 37.09
CA GLN H 232 32.71 41.76 36.36
C GLN H 232 32.23 41.16 35.04
N GLN H 233 33.14 40.54 34.28
CA GLN H 233 32.77 39.87 33.02
C GLN H 233 31.78 38.76 33.24
N VAL H 234 31.98 37.97 34.30
CA VAL H 234 31.04 36.93 34.64
C VAL H 234 29.67 37.51 35.00
N LEU H 235 29.63 38.51 35.87
CA LEU H 235 28.38 39.07 36.28
C LEU H 235 27.65 39.74 35.13
N ALA H 236 28.40 40.44 34.29
CA ALA H 236 27.84 41.15 33.16
C ALA H 236 27.21 40.20 32.16
N ARG H 237 27.97 39.20 31.72
CA ARG H 237 27.51 38.25 30.73
C ARG H 237 26.28 37.47 31.19
N SER H 238 26.20 37.20 32.49
CA SER H 238 25.09 36.44 33.06
C SER H 238 23.82 37.25 33.38
N GLY H 239 23.87 38.56 33.23
CA GLY H 239 22.71 39.43 33.46
C GLY H 239 22.29 39.49 34.91
N LEU H 240 23.23 39.25 35.82
CA LEU H 240 22.95 39.25 37.25
C LEU H 240 23.25 40.62 37.84
N SER H 241 22.43 41.05 38.79
CA SER H 241 22.81 42.19 39.62
C SER H 241 23.68 41.64 40.73
N THR H 242 24.49 42.50 41.31
CA THR H 242 25.45 42.10 42.33
C THR H 242 24.75 41.62 43.61
N GLU H 243 23.62 42.23 43.97
CA GLU H 243 22.82 41.78 45.11
C GLU H 243 22.28 40.35 44.94
N GLU H 244 22.19 39.86 43.72
CA GLU H 244 21.74 38.48 43.46
C GLU H 244 22.78 37.42 43.80
N ILE H 245 24.03 37.80 43.97
CA ILE H 245 25.07 36.89 44.44
C ILE H 245 24.87 36.62 45.92
N ASP H 246 24.78 35.34 46.27
CA ASP H 246 24.43 34.99 47.66
C ASP H 246 25.69 34.66 48.45
N VAL H 247 26.70 34.07 47.80
CA VAL H 247 27.92 33.68 48.49
C VAL H 247 29.10 33.88 47.55
N VAL H 248 30.20 34.38 48.09
CA VAL H 248 31.46 34.44 47.37
C VAL H 248 32.39 33.42 47.99
N ILE H 249 32.95 32.54 47.15
CA ILE H 249 33.90 31.55 47.58
C ILE H 249 35.23 31.89 46.93
N PRO H 250 36.08 32.62 47.62
CA PRO H 250 37.24 33.10 46.91
C PRO H 250 38.46 32.25 47.22
N HIS H 251 39.47 32.37 46.38
CA HIS H 251 40.80 31.92 46.72
C HIS H 251 41.25 32.63 48.00
N GLN H 252 41.97 31.91 48.84
CA GLN H 252 42.34 32.38 50.16
C GLN H 252 43.84 32.64 50.23
N ALA H 253 44.28 33.75 49.66
CA ALA H 253 45.70 34.12 49.66
C ALA H 253 46.00 35.22 50.67
N ASN H 254 45.04 36.12 50.86
CA ASN H 254 45.17 37.25 51.79
C ASN H 254 43.79 37.78 52.07
N ILE H 255 43.43 37.93 53.35
CA ILE H 255 42.09 38.41 53.69
C ILE H 255 41.84 39.81 53.12
N ARG H 256 42.89 40.61 53.01
CA ARG H 256 42.76 41.98 52.49
C ARG H 256 42.51 42.02 50.98
N ILE H 257 42.99 41.01 50.26
CA ILE H 257 42.67 40.85 48.84
C ILE H 257 41.17 40.54 48.68
N ILE H 258 40.66 39.65 49.53
CA ILE H 258 39.25 39.24 49.50
C ILE H 258 38.34 40.41 49.82
N GLN H 259 38.70 41.16 50.85
CA GLN H 259 37.94 42.34 51.25
C GLN H 259 37.93 43.42 50.17
N THR H 260 39.08 43.65 49.56
CA THR H 260 39.20 44.66 48.51
C THR H 260 38.36 44.27 47.28
N LEU H 261 38.44 43.01 46.91
CA LEU H 261 37.62 42.45 45.83
C LEU H 261 36.13 42.68 46.05
N CYS H 262 35.64 42.37 47.24
CA CYS H 262 34.22 42.59 47.54
C CYS H 262 33.88 44.07 47.55
N ASP H 263 34.75 44.86 48.17
CA ASP H 263 34.54 46.33 48.27
C ASP H 263 34.39 46.97 46.90
N LEU H 264 35.32 46.67 45.99
CA LEU H 264 35.33 47.30 44.68
C LEU H 264 34.18 46.79 43.78
N ALA H 265 33.73 45.57 44.01
CA ALA H 265 32.58 45.03 43.29
C ALA H 265 31.23 45.47 43.90
N GLY H 266 31.26 45.98 45.12
CA GLY H 266 30.03 46.36 45.83
C GLY H 266 29.31 45.14 46.41
N ILE H 267 30.05 44.07 46.66
CA ILE H 267 29.49 42.88 47.29
C ILE H 267 29.72 43.01 48.78
N ALA H 268 28.67 42.76 49.57
CA ALA H 268 28.75 42.86 51.04
C ALA H 268 29.76 41.88 51.61
N GLN H 269 30.58 42.35 52.55
CA GLN H 269 31.73 41.58 53.07
C GLN H 269 31.32 40.25 53.68
N ASP H 270 30.16 40.24 54.33
CA ASP H 270 29.69 39.05 55.01
C ASP H 270 29.22 37.93 54.07
N LYS H 271 29.19 38.19 52.75
CA LYS H 271 28.91 37.14 51.77
C LYS H 271 30.14 36.32 51.40
N ALA H 272 31.33 36.80 51.73
CA ALA H 272 32.55 36.07 51.40
C ALA H 272 32.81 35.00 52.44
N PHE H 273 32.92 33.74 52.02
CA PHE H 273 33.38 32.70 52.93
C PHE H 273 34.89 32.76 53.08
N VAL H 274 35.35 32.80 54.32
CA VAL H 274 36.76 32.96 54.62
C VAL H 274 37.15 31.89 55.62
N ASN H 275 38.15 31.08 55.28
CA ASN H 275 38.79 30.17 56.20
C ASN H 275 40.32 30.28 56.17
N ILE H 276 40.84 31.36 55.61
CA ILE H 276 42.27 31.54 55.54
C ILE H 276 42.98 31.55 56.92
N HIS H 277 42.27 32.00 57.96
CA HIS H 277 42.82 32.04 59.32
C HIS H 277 43.25 30.64 59.82
N ARG H 278 42.53 29.61 59.40
CA ARG H 278 42.81 28.22 59.79
C ARG H 278 43.86 27.50 58.92
N TYR H 279 43.86 27.76 57.62
CA TYR H 279 44.58 26.90 56.67
C TYR H 279 45.68 27.61 55.89
N GLY H 280 45.63 28.95 55.84
CA GLY H 280 46.56 29.70 55.03
C GLY H 280 46.22 29.56 53.55
N ASN H 281 47.18 29.89 52.70
CA ASN H 281 47.02 29.69 51.27
C ASN H 281 47.45 28.27 50.87
N THR H 282 46.46 27.44 50.53
CA THR H 282 46.66 26.04 50.07
C THR H 282 46.56 25.86 48.55
N SER H 283 46.89 26.93 47.83
CA SER H 283 46.84 26.95 46.37
C SER H 283 45.54 26.37 45.77
N ALA H 284 45.64 25.36 44.92
CA ALA H 284 44.47 24.85 44.19
C ALA H 284 43.39 24.33 45.13
N ALA H 285 43.77 24.05 46.37
CA ALA H 285 42.83 23.51 47.34
C ALA H 285 41.93 24.55 47.97
N THR H 286 42.32 25.82 47.94
CA THR H 286 41.57 26.82 48.70
C THR H 286 40.06 26.85 48.38
N VAL H 287 39.71 26.88 47.10
CA VAL H 287 38.33 27.05 46.70
C VAL H 287 37.46 25.89 47.10
N PRO H 288 37.87 24.63 46.73
CA PRO H 288 37.03 23.50 47.09
C PRO H 288 36.97 23.15 48.58
N ILE H 289 38.01 23.45 49.34
CA ILE H 289 37.89 23.35 50.79
C ILE H 289 36.89 24.39 51.31
N ALA H 290 37.05 25.63 50.90
CA ALA H 290 36.13 26.71 51.30
C ALA H 290 34.68 26.43 50.90
N LEU H 291 34.47 25.90 49.69
CA LEU H 291 33.14 25.47 49.27
C LEU H 291 32.61 24.37 50.18
N CYS H 292 33.45 23.38 50.43
CA CYS H 292 33.08 22.25 51.26
C CYS H 292 32.62 22.73 52.63
N GLU H 293 33.41 23.61 53.22
CA GLU H 293 33.10 24.09 54.57
C GLU H 293 31.93 25.06 54.60
N ALA H 294 31.76 25.86 53.54
CA ALA H 294 30.57 26.70 53.44
C ALA H 294 29.30 25.83 53.50
N LEU H 295 29.31 24.73 52.78
CA LEU H 295 28.17 23.80 52.77
C LEU H 295 27.96 23.12 54.10
N GLU H 296 29.03 22.67 54.71
CA GLU H 296 28.78 22.02 55.97
C GLU H 296 28.47 23.02 57.11
N GLN H 297 28.83 24.30 56.99
CA GLN H 297 28.45 25.32 58.00
C GLN H 297 27.10 25.99 57.69
N GLY H 298 26.39 25.53 56.66
CA GLY H 298 25.05 26.05 56.36
C GLY H 298 25.01 27.43 55.71
N LYS H 299 26.06 27.79 55.00
CA LYS H 299 26.18 29.12 54.40
C LYS H 299 25.56 29.19 53.01
N ILE H 300 25.31 28.02 52.40
CA ILE H 300 24.75 27.97 51.07
C ILE H 300 23.36 27.31 51.11
N LYS H 301 22.44 27.91 50.37
CA LYS H 301 21.06 27.45 50.31
C LYS H 301 20.78 26.92 48.95
N PRO H 302 19.74 26.08 48.81
CA PRO H 302 19.32 25.62 47.50
C PRO H 302 19.04 26.78 46.55
N HIS H 303 19.46 26.64 45.30
CA HIS H 303 19.33 27.68 44.27
C HIS H 303 20.17 28.95 44.46
N ASP H 304 21.12 28.96 45.40
CA ASP H 304 21.93 30.17 45.60
C ASP H 304 22.82 30.41 44.37
N ASP H 305 23.17 31.67 44.17
CA ASP H 305 24.17 32.03 43.15
C ASP H 305 25.51 32.24 43.84
N LEU H 306 26.52 31.52 43.41
CA LEU H 306 27.86 31.62 43.99
C LEU H 306 28.76 32.32 43.02
N LEU H 307 29.60 33.21 43.54
CA LEU H 307 30.69 33.77 42.78
C LEU H 307 31.99 33.14 43.29
N VAL H 308 32.73 32.57 42.36
CA VAL H 308 34.05 32.05 42.67
C VAL H 308 35.06 32.92 41.95
N ALA H 309 36.22 33.08 42.56
CA ALA H 309 37.26 33.89 42.05
C ALA H 309 38.60 33.41 42.56
N ALA H 310 39.60 33.42 41.71
CA ALA H 310 40.92 32.94 42.14
C ALA H 310 42.00 33.61 41.32
N PHE H 311 43.23 33.51 41.82
N PHE H 311 43.22 33.47 41.80
CA PHE H 311 44.38 34.15 41.18
CA PHE H 311 44.37 34.03 41.12
C PHE H 311 45.62 33.33 41.58
C PHE H 311 45.60 33.25 41.54
N GLY H 312 46.66 33.35 40.77
CA GLY H 312 47.86 32.58 41.06
C GLY H 312 49.06 32.85 40.21
N ALA H 313 50.13 32.12 40.48
CA ALA H 313 51.33 32.19 39.67
C ALA H 313 50.97 32.06 38.19
N GLY H 314 51.62 32.83 37.33
CA GLY H 314 51.32 32.76 35.91
C GLY H 314 51.46 34.06 35.16
N LEU H 315 50.80 35.14 35.56
CA LEU H 315 49.81 35.19 36.63
C LEU H 315 48.42 34.73 36.17
N THR H 316 48.00 33.54 36.63
CA THR H 316 46.70 33.01 36.23
C THR H 316 45.60 33.69 37.02
N TRP H 317 44.40 33.74 36.42
CA TRP H 317 43.28 34.33 37.07
C TRP H 317 41.97 33.75 36.55
N GLY H 318 40.94 33.95 37.33
CA GLY H 318 39.65 33.45 36.97
C GLY H 318 38.53 33.82 37.90
N ALA H 319 37.31 33.82 37.34
CA ALA H 319 36.09 33.91 38.11
C ALA H 319 35.01 33.05 37.45
N GLY H 320 33.99 32.69 38.23
CA GLY H 320 32.92 31.86 37.75
C GLY H 320 31.66 32.04 38.54
N HIS H 321 30.54 31.78 37.88
CA HIS H 321 29.22 31.78 38.51
C HIS H 321 28.73 30.37 38.59
N ILE H 322 28.39 29.93 39.79
CA ILE H 322 27.79 28.61 40.01
C ILE H 322 26.40 28.81 40.56
N ARG H 323 25.44 28.16 39.93
CA ARG H 323 24.08 28.16 40.36
C ARG H 323 23.87 26.85 41.09
N TRP H 324 23.60 26.91 42.39
CA TRP H 324 23.43 25.70 43.18
C TRP H 324 22.08 25.07 42.90
N GLY H 325 22.02 23.75 43.07
CA GLY H 325 20.81 22.98 42.84
C GLY H 325 20.01 22.84 44.11
N GLU H 326 19.34 21.71 44.25
CA GLU H 326 18.37 21.49 45.34
C GLU H 326 19.00 21.01 46.65
N ARG H 327 20.18 20.40 46.59
CA ARG H 327 20.66 19.65 47.75
C ARG H 327 21.93 20.23 48.30
N ILE H 328 21.91 20.54 49.60
CA ILE H 328 23.08 21.08 50.30
C ILE H 328 23.59 20.13 51.38
N THR H 329 23.06 18.93 51.38
CA THR H 329 23.36 17.89 52.36
C THR H 329 23.99 16.73 51.64
N PRO H 330 24.98 16.06 52.29
CA PRO H 330 25.55 14.82 51.71
C PRO H 330 24.57 13.68 51.63
N LEU H 331 24.65 12.85 50.58
CA LEU H 331 23.87 11.61 50.56
C LEU H 331 24.48 10.60 51.52
N GLY H 332 25.81 10.51 51.56
CA GLY H 332 26.47 9.62 52.51
C GLY H 332 27.72 10.20 53.09
N LYS H 333 28.21 9.57 54.15
CA LYS H 333 29.46 9.95 54.80
C LYS H 333 30.52 8.88 54.55
N SER H 334 31.77 9.31 54.61
CA SER H 334 32.92 8.43 54.43
C SER H 334 33.72 8.49 55.72
N ASP H 335 34.14 7.33 56.22
CA ASP H 335 35.03 7.28 57.37
C ASP H 335 36.50 7.32 56.94
N ALA H 336 36.75 7.62 55.67
CA ALA H 336 38.11 7.72 55.14
C ALA H 336 38.93 8.78 55.88
N GLN H 337 40.13 8.39 56.29
CA GLN H 337 41.00 9.22 57.11
C GLN H 337 42.42 9.06 56.66
N LEU H 338 43.25 10.05 56.95
CA LEU H 338 44.70 9.92 56.82
C LEU H 338 45.22 9.03 57.94
N PRO H 339 46.38 8.38 57.73
CA PRO H 339 47.04 7.69 58.84
C PRO H 339 47.38 8.67 59.95
N SER H 340 47.32 8.20 61.19
CA SER H 340 47.59 9.03 62.36
C SER H 340 49.00 9.62 62.29
N CYS H 341 49.14 10.81 62.89
CA CYS H 341 50.38 11.54 62.89
C CYS H 341 50.71 11.89 64.33
N ASP H 342 51.77 11.28 64.86
CA ASP H 342 52.17 11.50 66.24
C ASP H 342 53.31 12.52 66.28
N HIS H 343 53.21 13.57 65.46
CA HIS H 343 54.23 14.61 65.35
C HIS H 343 53.59 15.98 65.26
N THR H 344 54.31 16.99 65.73
CA THR H 344 53.90 18.39 65.57
C THR H 344 54.33 18.86 64.19
N ALA H 345 53.87 20.04 63.81
CA ALA H 345 54.26 20.65 62.56
C ALA H 345 55.75 21.00 62.57
N LEU H 346 56.22 21.54 63.69
CA LEU H 346 57.66 21.78 63.88
C LEU H 346 58.51 20.51 63.76
N ASP H 347 58.06 19.43 64.40
CA ASP H 347 58.68 18.12 64.23
C ASP H 347 58.84 17.72 62.74
N LEU H 348 57.75 17.85 61.97
CA LEU H 348 57.76 17.49 60.54
C LEU H 348 58.70 18.34 59.71
N LEU H 349 58.78 19.63 60.03
CA LEU H 349 59.62 20.53 59.28
C LEU H 349 61.06 20.58 59.78
N SER H 350 61.29 19.95 60.94
CA SER H 350 62.60 19.97 61.62
C SER H 350 63.79 19.87 60.67
N LYS H 351 63.86 18.77 59.91
CA LYS H 351 64.97 18.53 59.00
C LYS H 351 65.11 19.65 57.97
N ALA H 352 64.00 20.00 57.31
CA ALA H 352 63.99 21.02 56.26
C ALA H 352 64.45 22.39 56.79
N ILE H 353 63.93 22.78 57.96
CA ILE H 353 64.33 24.01 58.61
C ILE H 353 65.83 24.00 58.92
N GLU H 354 66.32 22.92 59.52
CA GLU H 354 67.75 22.78 59.84
C GLU H 354 68.65 22.92 58.64
N HIS H 355 68.28 22.28 57.54
CA HIS H 355 69.04 22.36 56.30
C HIS H 355 69.05 23.76 55.71
N CYS H 356 67.89 24.40 55.70
CA CYS H 356 67.78 25.76 55.18
C CYS H 356 68.62 26.74 56.00
N LYS H 357 68.61 26.59 57.33
CA LYS H 357 69.39 27.47 58.20
C LYS H 357 70.90 27.19 58.10
N ARG H 358 71.27 25.92 58.08
CA ARG H 358 72.67 25.52 57.93
C ARG H 358 73.26 26.03 56.60
N HIS H 359 72.42 26.17 55.58
CA HIS H 359 72.84 26.67 54.28
C HIS H 359 72.74 28.20 54.22
N1A COA I . -52.87 -31.88 -63.42
C2A COA I . -53.36 -33.11 -63.71
N3A COA I . -53.31 -33.64 -64.94
C4A COA I . -52.74 -32.99 -65.98
C5A COA I . -52.18 -31.64 -65.74
C6A COA I . -52.27 -31.12 -64.36
N6A COA I . -51.79 -29.89 -64.05
N7A COA I . -51.69 -31.21 -66.91
C8A COA I . -51.91 -32.17 -67.83
N9A COA I . -52.56 -33.24 -67.29
C1B COA I . -52.92 -34.49 -68.03
C2B COA I . -54.40 -34.86 -67.91
O2B COA I . -54.55 -36.00 -67.04
C3B COA I . -54.90 -35.15 -69.32
O3B COA I . -55.26 -36.53 -69.50
P3B COA I . -55.91 -37.14 -70.86
O7A COA I . -56.58 -35.97 -71.54
O8A COA I . -56.87 -38.19 -70.37
O9A COA I . -54.74 -37.72 -71.62
C4B COA I . -53.75 -34.76 -70.24
O4B COA I . -52.65 -34.34 -69.43
C5B COA I . -54.11 -33.64 -71.22
O5B COA I . -53.51 -33.92 -72.48
P1A COA I . -52.13 -33.22 -72.93
O1A COA I . -52.36 -31.71 -72.90
O2A COA I . -51.68 -33.89 -74.22
O3A COA I . -51.07 -33.60 -71.79
NA NA J . -23.20 -41.16 -38.80
N1A COA K . 13.44 -40.35 -23.17
C2A COA K . 14.07 -39.22 -22.83
N3A COA K . 14.79 -38.48 -23.70
C4A COA K . 14.93 -38.84 -25.00
C5A COA K . 14.26 -40.08 -25.45
C6A COA K . 13.48 -40.83 -24.44
N6A COA K . 12.85 -41.97 -24.77
N7A COA K . 14.54 -40.23 -26.75
C8A COA K . 15.32 -39.17 -27.13
N9A COA K . 15.55 -38.36 -26.07
C1B COA K . 16.33 -37.10 -26.10
C2B COA K . 17.58 -37.18 -26.98
O2B COA K . 18.71 -36.68 -26.27
C3B COA K . 17.23 -36.36 -28.24
O3B COA K . 18.23 -35.38 -28.59
P3B COA K . 19.49 -35.76 -29.54
O7A COA K . 18.99 -36.95 -30.35
O8A COA K . 19.78 -34.54 -30.40
O9A COA K . 20.58 -36.08 -28.54
C4B COA K . 15.91 -35.67 -27.95
O4B COA K . 15.46 -36.11 -26.67
NA NA L . 43.43 -49.84 0.00
NA NA M . -34.12 -2.58 -9.21
N1A COA N . -3.69 -14.16 20.10
C2A COA N . -4.46 -14.88 20.93
N3A COA N . -5.45 -14.31 21.66
C4A COA N . -5.71 -12.98 21.60
C5A COA N . -4.90 -12.15 20.71
C6A COA N . -3.83 -12.82 19.93
N6A COA N . -3.04 -12.12 19.09
N7A COA N . -5.38 -10.90 20.83
C8A COA N . -6.40 -10.92 21.72
N9A COA N . -6.60 -12.17 22.17
C1B COA N . -7.64 -12.60 23.14
C2B COA N . -7.18 -12.46 24.57
O2B COA N . -6.53 -13.67 24.97
C3B COA N . -8.46 -12.11 25.33
O3B COA N . -8.99 -13.27 25.98
P3B COA N . -10.41 -13.24 26.78
O7A COA N . -11.43 -13.66 25.75
O8A COA N . -10.15 -14.23 27.89
O9A COA N . -10.55 -11.80 27.27
C4B COA N . -9.44 -11.60 24.30
O4B COA N . -8.86 -11.85 23.01
NA NA O . 34.08 -11.02 29.74
N1A COA P . 1.93 5.33 -15.87
C2A COA P . 2.25 4.02 -15.81
N3A COA P . 1.67 3.18 -14.92
C4A COA P . 0.76 3.63 -14.02
C5A COA P . 0.37 5.04 -14.01
C6A COA P . 1.04 5.91 -15.01
N6A COA P . 0.76 7.24 -15.11
N7A COA P . -0.54 5.21 -13.03
C8A COA P . -0.73 3.99 -12.45
N9A COA P . 0.04 3.04 -13.05
C1B COA P . 0.10 1.61 -12.65
C2B COA P . -1.05 0.78 -13.21
O2B COA P . -1.97 0.46 -12.16
C3B COA P . -0.38 -0.46 -13.80
O3B COA P . -1.10 -1.68 -13.57
P3B COA P . -1.53 -2.73 -14.74
O7A COA P . -3.02 -2.85 -14.51
O8A COA P . -1.14 -2.12 -16.06
O9A COA P . -0.76 -3.99 -14.42
C4B COA P . 0.95 -0.44 -13.06
O4B COA P . 1.31 0.96 -13.09
C5B COA P . 2.03 -1.38 -13.61
O5B COA P . 1.73 -2.76 -13.29
P1A COA P . 1.44 -3.33 -11.80
O1A COA P . -0.15 -3.61 -11.79
O2A COA P . 1.71 -2.26 -10.76
O3A COA P . 2.09 -4.69 -11.63
N1A COA Q . 67.10 -2.98 26.73
C2A COA Q . 66.73 -4.18 27.26
N3A COA Q . 67.39 -5.32 26.96
C4A COA Q . 68.47 -5.33 26.14
C5A COA Q . 68.92 -4.06 25.53
C6A COA Q . 68.15 -2.84 25.88
N6A COA Q . 68.50 -1.63 25.37
N7A COA Q . 69.98 -4.34 24.76
C8A COA Q . 70.20 -5.68 24.87
N9A COA Q . 69.30 -6.26 25.69
C1B COA Q . 69.23 -7.72 26.06
C2B COA Q . 68.04 -8.41 25.41
O2B COA Q . 67.13 -8.88 26.39
C3B COA Q . 68.64 -9.52 24.57
O3B COA Q . 67.86 -10.71 24.71
P3B COA Q . 66.46 -10.81 23.89
O7A COA Q . 66.58 -9.80 22.77
O8A COA Q . 65.43 -10.43 24.94
O9A COA Q . 66.38 -12.25 23.44
C4B COA Q . 70.08 -9.67 25.07
O4B COA Q . 70.42 -8.41 25.66
C5B COA Q . 71.11 -10.06 23.99
O5B COA Q . 70.79 -9.47 22.74
P1A COA Q . 71.90 -8.70 21.85
O1A COA Q . 71.37 -8.55 20.43
O2A COA Q . 72.35 -7.46 22.59
O3A COA Q . 73.12 -9.76 21.82
P2A COA Q . 73.02 -11.31 21.33
O4A COA Q . 71.51 -11.49 20.80
O5A COA Q . 73.93 -11.47 20.12
O6A COA Q . 73.22 -12.19 22.55
NA NA R . 37.90 9.09 4.50
N1A COA S . -10.11 47.76 16.00
C2A COA S . -9.64 48.89 15.45
N3A COA S . -9.25 49.96 16.19
C4A COA S . -9.30 49.92 17.54
C5A COA S . -9.81 48.70 18.21
C6A COA S . -10.22 47.57 17.33
N6A COA S . -10.70 46.41 17.85
N7A COA S . -9.77 48.94 19.54
C8A COA S . -9.27 50.19 19.71
N9A COA S . -8.99 50.78 18.52
C1B COA S . -8.42 52.14 18.28
C2B COA S . -9.45 53.17 17.83
O2B COA S . -8.95 53.86 16.68
C3B COA S . -9.60 54.07 19.05
O3B COA S . -9.98 55.41 18.72
P3B COA S . -11.50 55.94 18.93
O7A COA S . -12.05 55.91 17.51
O8A COA S . -11.34 57.31 19.55
O9A COA S . -12.18 54.95 19.85
C4B COA S . -8.22 54.01 19.70
O4B COA S . -7.80 52.67 19.47
C5B COA S . -8.17 54.35 21.19
O5B COA S . -9.50 54.42 21.74
P1A COA S . -10.07 53.35 22.81
O1A COA S . -11.58 53.43 22.82
O2A COA S . -9.41 52.00 22.59
O3A COA S . -9.52 53.91 24.22
P2A COA S . -9.51 55.47 24.60
O4A COA S . -10.94 56.01 24.03
O5A COA S . -9.55 55.56 26.11
O6A COA S . -8.36 56.10 23.83
NA NA T . -47.14 43.22 5.13
C1 MLI U . -19.40 7.21 6.92
C2 MLI U . -18.54 6.95 8.15
C3 MLI U . -18.63 7.98 5.87
O6 MLI U . -18.66 7.69 9.17
O7 MLI U . -17.73 6.01 8.10
O8 MLI U . -18.81 9.22 5.80
O9 MLI U . -17.84 7.37 5.12
N1A COA V . 57.17 39.41 58.73
C2A COA V . 57.51 40.69 58.93
N3A COA V . 57.79 41.53 57.92
C4A COA V . 57.74 41.13 56.62
C5A COA V . 57.36 39.74 56.33
C6A COA V . 57.07 38.86 57.49
N6A COA V . 56.73 37.56 57.30
N7A COA V . 57.40 39.61 55.00
C8A COA V . 57.74 40.81 54.47
N9A COA V . 57.94 41.72 55.44
C1B COA V . 58.35 43.15 55.28
C2B COA V . 58.65 43.56 53.84
O2B COA V . 59.80 42.89 53.30
C3B COA V . 58.78 45.06 54.01
O3B COA V . 60.04 45.45 54.60
P3B COA V . 61.13 46.40 53.87
O7A COA V . 62.08 46.82 54.98
O8A COA V . 60.31 47.55 53.32
O9A COA V . 61.76 45.49 52.85
C4B COA V . 57.64 45.36 55.00
O4B COA V . 57.36 44.11 55.67
C5B COA V . 56.41 45.95 54.30
O5B COA V . 55.20 45.30 54.70
P1A COA V . 53.85 46.14 55.04
O1A COA V . 53.89 47.46 54.33
O2A COA V . 53.68 46.13 56.55
O3A COA V . 52.69 45.21 54.41
P2A COA V . 51.74 45.63 53.18
O4A COA V . 50.46 46.20 53.75
O5A COA V . 52.54 46.43 52.17
O6A COA V . 51.39 44.19 52.51
CBP COA V . 53.00 42.39 52.02
CCP COA V . 52.19 43.60 51.49
CDP COA V . 53.62 41.77 50.78
CEP COA V . 54.12 42.86 52.94
CAP COA V . 52.06 41.45 52.82
OAP COA V . 50.73 41.98 52.79
C9P COA V . 51.98 40.05 52.27
O9P COA V . 52.89 39.25 52.38
N8P COA V . 50.86 39.78 51.62
C7P COA V . 50.72 38.63 50.78
C6P COA V . 51.13 39.13 49.41
C5P COA V . 50.30 38.54 48.31
O5P COA V . 49.93 39.29 47.43
N4P COA V . 50.05 37.23 48.38
C3P COA V . 49.30 36.50 47.37
C2P COA V . 50.07 35.25 46.94
S1P COA V . 49.01 34.16 45.98
NA NA W . 20.48 34.63 43.80
#